data_8HVR
#
_entry.id   8HVR
#
_cell.length_a   1.00
_cell.length_b   1.00
_cell.length_c   1.00
_cell.angle_alpha   90.00
_cell.angle_beta   90.00
_cell.angle_gamma   90.00
#
_symmetry.space_group_name_H-M   'P 1'
#
loop_
_entity.id
_entity.type
_entity.pdbx_description
1 polymer 'DNA-directed RNA polymerase subunit alpha'
2 polymer 'DNA-directed RNA polymerase subunit beta'
3 polymer "DNA-directed RNA polymerase subunit beta'"
4 polymer 'DNA-directed RNA polymerase subunit omega'
5 polymer 'RNA polymerase principal sigma factor HrdB'
6 polymer 'RNA polymerase-binding protein RbpA'
7 polymer 'Putative transcriptional factor regulator'
8 polymer 'Regulatory protein AfsR'
9 polymer 'DNA (65-MER)'
10 polymer 'DNA (65-MER)'
11 non-polymer 'MAGNESIUM ION'
12 non-polymer 'ZINC ION'
#
loop_
_entity_poly.entity_id
_entity_poly.type
_entity_poly.pdbx_seq_one_letter_code
_entity_poly.pdbx_strand_id
1 'polypeptide(L)'
;MLIAQRPSLTEEVVDEFRSRFVIEPLEPGFGYTLGNSLRRTLLSSIPGAAVTSIRIDGVLHEFTTVPGVKEDVTDLILNI
KQLVVSSEHDEPVVMYLRKQGPGLVTAADIAPPAGVEVHNPDLVLATLNGKGKLEMELTVERGRGYVSAVQNKQVGQEIG
RIPVDSIYSPVLKVTYKVEATRVEQRTDFDKLIVDVETKQAMRPRDAMASAGKTLVELFGLARELNIDAEGIDMGPSPTD
AALAADLALPIEELELTVRSYNCLKREGIHSVGELVARSEADLLDIRNFGAKSIDEVKAKLAGMGLALKDSPPGFDPTAA
ADAFGADDDADAGFVETEQY
;
A,B,K
2 'polypeptide(L)'
;MAASRNASTANTNNAASTAPLRISFAKIKEPLEVPNLLALQTESFDWLLGNDAWKARVESALESGQDVPTKSGLEEIFEE
ISPIEDFSGSMSLTFRDHRFEPPKNSIDECKDRDFTYAAPLFVTAEFTNNETGEIKSQTVFMGDFPLMTNKGTFVINGTE
RVVVSQLVRSPGVYFDSSIDKTSDKDIFSAKIIPSRGAWLEMEIDKRDMVGVRIDRKRKQSVTVLLKALGWTTEQILEEF
GEYESMRATLEKDHTQGQDDALLDIYRKLRPGEPPTREAAQTLLENLYFNPKRYDLAKVGRYKVNKKLGADEPLDAGVLT
TDDVIATIKYLVKLHAGETETVGESGREIVVETDDIDHFGNRRIRNVGELIQNQVRTGLARMERVVRERMTTQDVEAITP
QTLINIRPVVASIKEFFGTSQLSQFMDQNNPLSGLTHKRRLNALGPGGLSRERAGFEVRDVHPSHYGRMCPIETPEGPNI
GLIGSLASYGRINPFGFIETPYRKVVEGQVTDDVDYLTADEEDRFVIAQANAALGDDMRFAEARVLVRRRGGEVDYVPGD
DVDYMDVSPRQMVSVATAMIPFLEHDDANRALMGANMMRQAVPLIKSESPLVGTGMEYRSAADAGDVVKAEKAGVVQEVS
ADYITTTNDDGTYITYRLAKFSRSNQGTSVNQKVIVAEGDRIIEGQVLADGPATENGEMALGKNLLVAFMPWEGHNYEDA
IILSQRLVQDDVLSSIHIEEHEVDARDTKLGPEEITRDIPNVSEEVLADLDERGIIRIGAEVVAGDILVGKVTPKGETEL
TPEERLLRAIFGEKAREVRDTSLKVPHGEIGKVIGVRVFDREEGDELPPGVNQLVRVYVAQKRKITDGDKLAGRHGNKGV
ISKINPIEDMPFLEDGTPVDIILNPLAVPSRMNPGQVLEIHLGWLASRGWDVSGLAEEWAQRLQVIGADKVEPGTNVATP
VFDGAREDELAGLLQHTIPNRDGERMVLPSGKARLFDGRSGEPFPEPISVGYMYILKLHHLVDDKLHARSTGPYSMITQQ
PLGGKAQFGGQRFGEMEVWALEAYGAAYALQELLTIKSDDVTGRVKVYEAIVKGENIPEPGIPESFKVLIKEMQSLCLNV
EVLSSDGMSIEMRDTDEDVFRAAEELGIDLSRREPSSVEEV
;
C
3 'polypeptide(L)'
;MLDVNFFDELRIGLATADDIRQWSHGEVKKPETINYRTLKPEKDGLFCEKIFGPTRDWECYCGKYKRVRFKGIICERCGV
EVTRAKVRRERMGHIELAAPVTHIWYFKGVPSRLGYLLDLAPKDLEKVIYFAAYMITFVDEERRTRDLPSLEAHVSVERQ
QIEQRRDSDLEARAKKLETDLAELEAEGAKADVRRKVREGAEREMKQLRDRAQREIDRLDEVWNRFKNLKVQDLEGDELL
YRELRDRFGTYFDGSMGAAALQKRLESFDLDEEAERLREIIRTGKGQKKTRALKRLKVVSAFLQTSNSPKGMVLDCVPVI
PPDLRPMVQLDGGRFATSDLNDLYRRVINRNNRLKRLLDLGAPEIIVNNEKRMLQEAVDALFDNGRRGRPVTGPGNRPLK
SLSDMLKGKQGRFRQNLLGKRVDYSARSVIVVGPQLKLHQCGLPKAMALELFKPFVMKRLVDLNHAQNIKSAKRMVERGR
TVVYDVLEEVIAEHPVLLNRAPTLHRLGIQAFEPQLVEGKAIQIHPLVCTAFNADFDGDQMAVHLPLSAEAQAEARILML
SSNNILKPADGRPVTMPTQDMVLGLFFLTTDSEGRSPKGEGRAFGSSAEAIMAFDAGDLTLQAKIDIRFPVGTIPPRGFE
PPAREEGEPEWQQGDTFTLKTTLGRALFNELLPEDYPFVDYEVGKKQLSEIVNDLAERYPKVIVAATLDNLKAAGFFWAT
RSGVTVAISDIVVPDAKKEIVKGYEGQDEKVQKQYERGLITKEERTQELIAIWTKATNEVAEAMNDNFPKTNPVSMMVNS
GARGNMMQMRQIAGMRGLVSNAKNETIPRPIKASFREGLSVLEYFISTHGARKGLADTALRTADSGYLTRRLVDVSQDVI
IREEDCGTERGLKLPIATRDADGTLRKAEDVETSVYARMLAEDVVIDGKVIAPANVDLGDVLIDALVAHGVEEVKTRSIL
TCESQVGTCAMCYGRSLATGKLVDIGEAVGIIAAQSIGEPGTQLTMRTFHTGGVAGDDITQGLPRVVELFEARTPKGVAP
ISEASGRVRIEETEKTKKIVVTPDDGSDETAFPISKRARLLVGEGDHVEVGQKLTVGATNPHDVLRILGQRAVQVHLVGE
VQKVYNSQGVSIHDKHIEIIIRQMLRRVTIIESGDAELLPGELVERTKFETENRRVVQEGGHPASGRPQLMGITKASLAT
ESWLSAASFQETTRVLTDAAINAKSDSLIGLKENVIIGKLIPAGTGLSRYRNIRVEPTEEAKAAMYSAVGYDDIDYSPFG
TGSGQAVPLEDYDYGPYNQHHHHHHHH
;
D
4 'polypeptide(L)'
;MSSSISAPEGIINPPIDELLEATDSKYSLVIYAAKRARQINAYYSQLGEGLLEYVGPLVDTHVHEKPLSIALREINAGLL
TSEAIEGPAQ
;
E
5 'polypeptide(L)'
;MGSSHHHHHHSSGLVPRGSHMSASTSRTLPPEIAESVSVMALIERGKAEGQIAGDDVRRAFEADQIPATQWKNVLRSLNQ
ILEEEGVTLMVSAAEPKRTRKSVAAKSPAKRTATKAVAAKPVTSRKATAPAAPAAPATEPAAVEEEAPAKKAAAKKTTAK
KATAKKTTAKKAAAKKTTAKKEDGELLEDEATEEPKAATEEPEGTENAGFVLSDEDEDDAPAQQVAAAGATADPVKDYLK
QIGKVPLLNAEQEVELAKRIEAGLFAEDKLANSDKLAPKLKRELEIIAEDGRRAKNHLLEANLRLVVSLAKRYTGRGMLF
LDLIQEGNLGLIRAVEKFDYTKGYKFSTYATWWIRQAITRAMADQARTIRIPVHMVEVINKLARVQRQMLQDLGREPTPE
ELAKELDMTPEKVIEVQKYGREPISLHTPLGEDGDSEFGDLIEDSEAVVPADAVSFTLLQEQLHSVLDTLSEREAGVVSM
RFGLTDGQPKTLDEIGKVYGVTRERIRQIESKTMSKLRHPSRSQVLRDYLD
;
F
6 'polypeptide(L)'
;MSERALRGTRLVVTSYETDRGIDLAPRQAVEYACEKGHRFEMPFSVEAEIPPEWECKVCGAQALLVDGDGPEEKKAKPAR
THWDMLMERRTREELEEVLEERLAVLRSGAMNIAVHPRDSRKSA
;
G
7 'polypeptide(L)'
;MTFKVGDTVVYPHHGAALIEAIETRQIKGVDKTYLVLKVAQGDLTVRVPADNAEFVGVRDVVGQDGLDRVFEVLRAPYAE
EPTNWSRRYKANLEKLASGDVIKVAEVVRDLWRRERERGLSAGEKRMLAKARQILVSELALAENTNEDKAEALLDEVLAS
;
H
8 'polypeptide(L)'
;MGSSHHHHHHSSGLVPRGSHMDGGPRVPEQRRPGFPAEEEESGALRFGVLGPVRAWRDGETLATGSPQQRALLAALLLRE
GRTATAGELIDALWGEEPPSQALAAVRTYASRLRKVLDPGVLVSESGGYAVRGLAEGALDLARAQDLASAAEKARSAGDL
CHARDLLRRALDLWDGEVLAGVPGPYAQTQRVRLGEWRLQLLETRLDMDLDQGCHAEAVSELTALTAAHPLRERLRELLM
LALYRSGRQAEALAVYADTRRLLADELGVDPRPGLQELQQRILQADPALA
;
I,J
9 'polydeoxyribonucleotide'
;(DG)(DT)(DA)(DG)(DC)(DC)(DG)(DG)(DA)(DG)(DC)(DG)(DT)(DT)(DC)(DA)(DG)(DC)(DG)(DT)
(DT)(DC)(DG)(DT)(DT)(DT)(DA)(DT)(DC)(DT)(DC)(DC)(DC)(DC)(DC)(DT)(DG)(DG)(DC)(DA)
(DC)(DT)(DG)(DT)(DC)(DA)(DT)(DC)(DT)(DC)(DC)(DG)(DT)(DC)(DA)(DG)(DA)(DC)(DC)(DG)
(DT)(DC)(DG)(DC)(DA)
;
O
10 'polydeoxyribonucleotide'
;(DT)(DG)(DC)(DG)(DA)(DC)(DG)(DG)(DT)(DC)(DT)(DG)(DA)(DC)(DG)(DC)(DT)(DC)(DT)(DA)
(DC)(DA)(DC)(DA)(DG)(DT)(DG)(DC)(DC)(DA)(DG)(DG)(DG)(DG)(DG)(DA)(DG)(DA)(DT)(DA)
(DA)(DA)(DC)(DG)(DA)(DA)(DC)(DG)(DC)(DT)(DG)(DA)(DA)(DC)(DG)(DC)(DT)(DC)(DC)(DG)
(DG)(DC)(DT)(DA)(DC)
;
P
#
loop_
_chem_comp.id
_chem_comp.type
_chem_comp.name
_chem_comp.formula
DA DNA linking 2'-DEOXYADENOSINE-5'-MONOPHOSPHATE 'C10 H14 N5 O6 P'
DC DNA linking 2'-DEOXYCYTIDINE-5'-MONOPHOSPHATE 'C9 H14 N3 O7 P'
DG DNA linking 2'-DEOXYGUANOSINE-5'-MONOPHOSPHATE 'C10 H14 N5 O7 P'
DT DNA linking THYMIDINE-5'-MONOPHOSPHATE 'C10 H15 N2 O8 P'
MG non-polymer 'MAGNESIUM ION' 'Mg 2'
ZN non-polymer 'ZINC ION' 'Zn 2'
#
# COMPACT_ATOMS: atom_id res chain seq x y z
N LEU A 2 -46.07 34.96 41.91
CA LEU A 2 -46.58 34.57 43.23
C LEU A 2 -47.89 33.81 43.10
N ILE A 3 -48.60 34.04 42.00
CA ILE A 3 -49.89 33.39 41.77
C ILE A 3 -49.66 31.98 41.26
N ALA A 4 -50.51 31.05 41.69
CA ALA A 4 -50.42 29.65 41.30
C ALA A 4 -51.65 29.28 40.48
N GLN A 5 -51.43 28.95 39.21
CA GLN A 5 -52.48 28.45 38.32
C GLN A 5 -51.99 27.18 37.66
N ARG A 6 -52.80 26.14 37.69
CA ARG A 6 -52.40 24.88 37.07
C ARG A 6 -52.45 25.00 35.56
N PRO A 7 -51.40 24.59 34.85
CA PRO A 7 -51.42 24.68 33.39
C PRO A 7 -52.44 23.76 32.75
N SER A 8 -52.96 24.21 31.61
CA SER A 8 -53.97 23.48 30.87
C SER A 8 -53.57 23.39 29.40
N LEU A 9 -53.87 22.26 28.77
CA LEU A 9 -53.50 22.01 27.39
C LEU A 9 -54.75 21.97 26.53
N THR A 10 -54.76 22.75 25.46
CA THR A 10 -55.90 22.83 24.55
C THR A 10 -55.41 22.59 23.13
N GLU A 11 -56.08 21.69 22.42
CA GLU A 11 -55.68 21.31 21.07
C GLU A 11 -56.59 21.96 20.04
N GLU A 12 -55.99 22.59 19.03
CA GLU A 12 -56.71 23.03 17.84
C GLU A 12 -56.12 22.35 16.62
N VAL A 13 -56.95 22.10 15.62
CA VAL A 13 -56.55 21.35 14.43
C VAL A 13 -56.62 22.26 13.22
N VAL A 14 -55.61 22.15 12.36
CA VAL A 14 -55.59 22.89 11.11
C VAL A 14 -55.66 21.99 9.88
N ASP A 15 -55.19 20.74 9.97
CA ASP A 15 -55.30 19.77 8.89
C ASP A 15 -55.76 18.45 9.49
N GLU A 16 -55.72 17.39 8.68
CA GLU A 16 -56.09 16.07 9.19
C GLU A 16 -55.04 15.51 10.12
N PHE A 17 -53.75 15.74 9.82
CA PHE A 17 -52.65 15.17 10.60
C PHE A 17 -51.69 16.25 11.07
N ARG A 18 -52.20 17.43 11.42
CA ARG A 18 -51.38 18.51 11.95
C ARG A 18 -52.22 19.30 12.94
N SER A 19 -51.65 19.61 14.10
CA SER A 19 -52.41 20.31 15.13
C SER A 19 -51.47 21.07 16.05
N ARG A 20 -52.04 22.08 16.72
CA ARG A 20 -51.31 22.93 17.64
C ARG A 20 -51.88 22.79 19.04
N PHE A 21 -51.00 22.58 20.01
CA PHE A 21 -51.37 22.41 21.41
C PHE A 21 -50.90 23.62 22.20
N VAL A 22 -51.79 24.20 22.99
CA VAL A 22 -51.53 25.45 23.71
C VAL A 22 -51.53 25.15 25.21
N ILE A 23 -50.46 25.56 25.88
CA ILE A 23 -50.31 25.44 27.33
C ILE A 23 -50.01 26.84 27.85
N GLU A 24 -51.03 27.51 28.38
CA GLU A 24 -50.97 28.95 28.65
C GLU A 24 -50.28 29.39 29.95
N PRO A 25 -50.60 28.83 31.13
CA PRO A 25 -50.13 29.47 32.38
C PRO A 25 -48.70 29.13 32.79
N LEU A 26 -47.87 28.68 31.85
CA LEU A 26 -46.51 28.25 32.18
C LEU A 26 -45.68 29.35 32.82
N GLU A 27 -44.70 28.92 33.62
CA GLU A 27 -43.81 29.83 34.33
C GLU A 27 -42.91 30.57 33.34
N PRO A 28 -42.44 31.77 33.70
CA PRO A 28 -41.57 32.53 32.78
C PRO A 28 -40.25 31.80 32.51
N GLY A 29 -39.78 31.92 31.27
CA GLY A 29 -38.55 31.26 30.87
C GLY A 29 -38.63 29.75 30.83
N PHE A 30 -39.82 29.19 30.65
CA PHE A 30 -40.03 27.77 30.80
C PHE A 30 -40.78 27.14 29.63
N GLY A 31 -41.40 27.93 28.76
CA GLY A 31 -42.08 27.36 27.61
C GLY A 31 -41.14 26.72 26.61
N TYR A 32 -39.98 27.34 26.39
CA TYR A 32 -39.03 26.84 25.39
C TYR A 32 -38.51 25.46 25.76
N THR A 33 -38.17 25.24 27.03
CA THR A 33 -37.58 23.98 27.44
C THR A 33 -38.61 22.85 27.41
N LEU A 34 -39.84 23.14 27.85
CA LEU A 34 -40.90 22.13 27.77
C LEU A 34 -41.23 21.78 26.33
N GLY A 35 -41.30 22.79 25.46
CA GLY A 35 -41.52 22.54 24.05
C GLY A 35 -40.41 21.71 23.44
N ASN A 36 -39.17 21.95 23.87
CA ASN A 36 -38.04 21.18 23.34
C ASN A 36 -38.07 19.75 23.84
N SER A 37 -38.42 19.53 25.10
CA SER A 37 -38.54 18.17 25.61
C SER A 37 -39.62 17.41 24.87
N LEU A 38 -40.77 18.07 24.63
CA LEU A 38 -41.83 17.45 23.86
C LEU A 38 -41.39 17.15 22.43
N ARG A 39 -40.66 18.08 21.80
CA ARG A 39 -40.22 17.88 20.43
C ARG A 39 -39.22 16.76 20.32
N ARG A 40 -38.28 16.67 21.26
CA ARG A 40 -37.27 15.61 21.22
C ARG A 40 -37.87 14.25 21.55
N THR A 41 -38.91 14.21 22.39
CA THR A 41 -39.59 12.95 22.63
C THR A 41 -40.46 12.55 21.44
N LEU A 42 -41.03 13.53 20.73
CA LEU A 42 -41.89 13.23 19.60
C LEU A 42 -41.08 12.78 18.38
N LEU A 43 -39.94 13.42 18.13
CA LEU A 43 -39.22 13.17 16.89
C LEU A 43 -38.49 11.83 16.92
N SER A 44 -38.11 11.34 18.11
CA SER A 44 -37.26 10.16 18.21
C SER A 44 -37.98 8.95 18.78
N SER A 45 -38.48 9.03 20.01
CA SER A 45 -39.08 7.86 20.66
C SER A 45 -40.61 7.96 20.63
N ILE A 46 -41.17 7.52 19.51
CA ILE A 46 -42.60 7.33 19.36
C ILE A 46 -42.79 5.99 18.66
N PRO A 47 -43.54 5.06 19.23
CA PRO A 47 -43.70 3.74 18.60
C PRO A 47 -44.47 3.83 17.28
N GLY A 48 -44.14 2.92 16.37
CA GLY A 48 -44.78 2.85 15.08
C GLY A 48 -44.42 1.55 14.41
N ALA A 49 -44.74 1.45 13.13
CA ALA A 49 -44.47 0.25 12.35
C ALA A 49 -43.78 0.61 11.05
N ALA A 50 -42.97 -0.32 10.56
CA ALA A 50 -42.26 -0.09 9.31
C ALA A 50 -41.91 -1.43 8.67
N VAL A 51 -41.69 -1.40 7.36
CA VAL A 51 -41.19 -2.57 6.64
C VAL A 51 -39.72 -2.78 7.00
N THR A 52 -39.40 -3.97 7.46
CA THR A 52 -38.05 -4.28 7.91
C THR A 52 -37.27 -5.19 6.97
N SER A 53 -37.95 -5.99 6.14
CA SER A 53 -37.29 -6.84 5.16
C SER A 53 -38.30 -7.17 4.08
N ILE A 54 -37.79 -7.48 2.88
CA ILE A 54 -38.64 -7.88 1.77
C ILE A 54 -38.02 -9.10 1.09
N ARG A 55 -38.76 -9.62 0.11
CA ARG A 55 -38.30 -10.74 -0.70
C ARG A 55 -39.03 -10.67 -2.03
N ILE A 56 -38.28 -10.43 -3.11
CA ILE A 56 -38.84 -10.34 -4.46
C ILE A 56 -38.55 -11.66 -5.17
N ASP A 57 -39.56 -12.23 -5.80
CA ASP A 57 -39.40 -13.49 -6.49
C ASP A 57 -38.52 -13.31 -7.73
N GLY A 58 -37.51 -14.15 -7.87
CA GLY A 58 -36.54 -14.02 -8.94
C GLY A 58 -35.41 -13.06 -8.66
N VAL A 59 -35.27 -12.58 -7.43
CA VAL A 59 -34.24 -11.62 -7.05
C VAL A 59 -33.54 -12.13 -5.81
N LEU A 60 -32.20 -12.21 -5.87
CA LEU A 60 -31.41 -12.72 -4.76
C LEU A 60 -30.76 -11.63 -3.92
N HIS A 61 -30.60 -10.43 -4.45
CA HIS A 61 -29.97 -9.34 -3.72
C HIS A 61 -30.47 -8.02 -4.28
N GLU A 62 -30.22 -6.95 -3.53
CA GLU A 62 -30.75 -5.63 -3.85
C GLU A 62 -29.98 -4.91 -4.96
N PHE A 63 -29.12 -5.62 -5.70
CA PHE A 63 -28.37 -5.01 -6.79
C PHE A 63 -28.72 -5.58 -8.16
N THR A 64 -29.79 -6.37 -8.26
CA THR A 64 -30.25 -6.85 -9.55
C THR A 64 -31.34 -5.91 -10.08
N THR A 65 -31.97 -6.30 -11.17
CA THR A 65 -33.15 -5.62 -11.69
C THR A 65 -34.25 -6.65 -11.93
N VAL A 66 -35.45 -6.33 -11.48
CA VAL A 66 -36.59 -7.20 -11.76
C VAL A 66 -36.93 -7.10 -13.25
N PRO A 67 -37.05 -8.23 -13.97
CA PRO A 67 -37.33 -8.14 -15.41
C PRO A 67 -38.72 -7.59 -15.70
N GLY A 68 -38.79 -6.38 -16.23
CA GLY A 68 -40.04 -5.75 -16.55
C GLY A 68 -40.44 -4.55 -15.71
N VAL A 69 -39.51 -3.97 -14.95
CA VAL A 69 -39.76 -2.73 -14.23
C VAL A 69 -38.63 -1.76 -14.56
N LYS A 70 -38.98 -0.47 -14.64
CA LYS A 70 -37.99 0.53 -15.01
C LYS A 70 -37.11 0.96 -13.84
N GLU A 71 -37.48 0.60 -12.62
CA GLU A 71 -36.72 0.95 -11.43
C GLU A 71 -36.04 -0.29 -10.89
N ASP A 72 -34.73 -0.20 -10.65
CA ASP A 72 -33.98 -1.34 -10.13
C ASP A 72 -34.39 -1.62 -8.69
N VAL A 73 -33.82 -2.68 -8.11
CA VAL A 73 -34.25 -3.13 -6.80
C VAL A 73 -33.87 -2.14 -5.72
N THR A 74 -32.76 -1.42 -5.87
CA THR A 74 -32.39 -0.40 -4.89
C THR A 74 -33.38 0.76 -4.88
N ASP A 75 -33.84 1.17 -6.06
CA ASP A 75 -34.91 2.17 -6.12
C ASP A 75 -36.19 1.63 -5.50
N LEU A 76 -36.43 0.32 -5.63
CA LEU A 76 -37.57 -0.29 -4.94
C LEU A 76 -37.40 -0.21 -3.43
N ILE A 77 -36.18 -0.41 -2.93
CA ILE A 77 -35.91 -0.25 -1.50
C ILE A 77 -36.21 1.17 -1.07
N LEU A 78 -35.79 2.15 -1.88
CA LEU A 78 -36.04 3.55 -1.57
C LEU A 78 -37.53 3.86 -1.53
N ASN A 79 -38.29 3.30 -2.48
CA ASN A 79 -39.73 3.57 -2.52
C ASN A 79 -40.47 2.86 -1.39
N ILE A 80 -40.04 1.65 -1.01
CA ILE A 80 -40.64 0.95 0.11
C ILE A 80 -40.33 1.66 1.42
N LYS A 81 -39.14 2.25 1.53
CA LYS A 81 -38.74 2.90 2.78
C LYS A 81 -39.60 4.11 3.12
N GLN A 82 -40.31 4.67 2.15
CA GLN A 82 -41.23 5.78 2.40
C GLN A 82 -42.65 5.33 2.68
N LEU A 83 -42.91 4.02 2.61
CA LEU A 83 -44.24 3.49 2.85
C LEU A 83 -44.53 3.47 4.34
N VAL A 84 -45.50 4.27 4.78
CA VAL A 84 -45.85 4.35 6.19
C VAL A 84 -46.98 3.37 6.47
N VAL A 85 -46.80 2.54 7.50
CA VAL A 85 -47.71 1.46 7.83
C VAL A 85 -47.94 1.43 9.34
N SER A 86 -49.00 0.73 9.74
CA SER A 86 -49.29 0.48 11.14
C SER A 86 -49.55 -1.01 11.32
N SER A 87 -48.87 -1.62 12.29
CA SER A 87 -48.97 -3.05 12.53
C SER A 87 -49.40 -3.27 13.98
N GLU A 88 -50.59 -3.84 14.16
CA GLU A 88 -51.07 -4.15 15.51
C GLU A 88 -50.30 -5.32 16.12
N HIS A 89 -49.88 -6.28 15.29
CA HIS A 89 -49.18 -7.46 15.80
C HIS A 89 -47.77 -7.11 16.24
N ASP A 90 -47.39 -7.62 17.41
CA ASP A 90 -45.99 -7.50 17.84
C ASP A 90 -45.08 -8.34 16.95
N GLU A 91 -45.53 -9.51 16.54
CA GLU A 91 -44.77 -10.35 15.63
C GLU A 91 -44.76 -9.73 14.23
N PRO A 92 -43.72 -9.99 13.44
CA PRO A 92 -43.71 -9.50 12.06
C PRO A 92 -44.81 -10.12 11.22
N VAL A 93 -45.33 -9.35 10.28
CA VAL A 93 -46.43 -9.77 9.42
C VAL A 93 -45.97 -9.66 7.97
N VAL A 94 -46.35 -10.64 7.15
CA VAL A 94 -45.96 -10.67 5.75
C VAL A 94 -47.10 -10.12 4.91
N MET A 95 -46.85 -9.00 4.23
CA MET A 95 -47.78 -8.40 3.28
C MET A 95 -47.37 -8.80 1.87
N TYR A 96 -48.35 -8.88 0.98
CA TYR A 96 -48.12 -9.41 -0.36
C TYR A 96 -48.45 -8.34 -1.40
N LEU A 97 -47.57 -8.19 -2.39
CA LEU A 97 -47.80 -7.29 -3.51
C LEU A 97 -47.56 -8.05 -4.79
N ARG A 98 -48.63 -8.29 -5.56
CA ARG A 98 -48.56 -9.03 -6.81
C ARG A 98 -49.16 -8.17 -7.92
N LYS A 99 -48.38 -7.96 -8.99
CA LYS A 99 -48.85 -7.21 -10.14
C LYS A 99 -48.35 -7.83 -11.43
N GLN A 100 -49.27 -7.98 -12.38
CA GLN A 100 -48.98 -8.52 -13.70
C GLN A 100 -49.42 -7.52 -14.77
N GLY A 101 -48.65 -7.45 -15.85
CA GLY A 101 -49.01 -6.64 -16.98
C GLY A 101 -48.60 -5.19 -16.82
N PRO A 102 -48.80 -4.38 -17.86
CA PRO A 102 -48.40 -2.98 -17.79
C PRO A 102 -49.26 -2.19 -16.81
N GLY A 103 -48.66 -1.17 -16.24
CA GLY A 103 -49.35 -0.30 -15.31
C GLY A 103 -48.38 0.35 -14.35
N LEU A 104 -48.94 0.84 -13.25
CA LEU A 104 -48.21 1.62 -12.25
C LEU A 104 -48.50 1.01 -10.88
N VAL A 105 -47.59 0.21 -10.35
CA VAL A 105 -47.80 -0.39 -9.05
C VAL A 105 -47.52 0.63 -7.96
N THR A 106 -48.51 0.83 -7.09
CA THR A 106 -48.46 1.79 -5.99
C THR A 106 -48.80 1.07 -4.70
N ALA A 107 -48.93 1.84 -3.63
CA ALA A 107 -49.29 1.27 -2.34
C ALA A 107 -50.76 0.89 -2.26
N ALA A 108 -51.59 1.40 -3.16
CA ALA A 108 -53.00 1.00 -3.18
C ALA A 108 -53.18 -0.40 -3.74
N ASP A 109 -52.18 -0.91 -4.47
CA ASP A 109 -52.24 -2.24 -5.07
C ASP A 109 -51.73 -3.33 -4.14
N ILE A 110 -51.33 -2.97 -2.92
CA ILE A 110 -50.78 -3.95 -2.00
C ILE A 110 -51.91 -4.62 -1.23
N ALA A 111 -51.63 -5.80 -0.68
CA ALA A 111 -52.62 -6.56 0.07
C ALA A 111 -52.25 -6.57 1.55
N PRO A 112 -52.88 -5.74 2.38
CA PRO A 112 -52.54 -5.72 3.79
C PRO A 112 -53.34 -6.74 4.58
N PRO A 113 -52.68 -7.54 5.40
CA PRO A 113 -53.41 -8.52 6.22
C PRO A 113 -54.19 -7.82 7.33
N ALA A 114 -54.95 -8.62 8.06
CA ALA A 114 -55.73 -8.11 9.19
C ALA A 114 -54.79 -7.65 10.29
N GLY A 115 -54.99 -6.43 10.78
CA GLY A 115 -54.16 -5.85 11.80
C GLY A 115 -53.06 -4.96 11.28
N VAL A 116 -52.73 -5.04 9.99
CA VAL A 116 -51.71 -4.22 9.37
C VAL A 116 -52.37 -3.38 8.29
N GLU A 117 -52.12 -2.07 8.34
CA GLU A 117 -52.75 -1.15 7.41
C GLU A 117 -51.73 -0.19 6.82
N VAL A 118 -51.81 -0.01 5.51
CA VAL A 118 -51.05 1.05 4.83
C VAL A 118 -51.83 2.34 4.93
N HIS A 119 -51.11 3.47 4.93
CA HIS A 119 -51.74 4.76 5.16
C HIS A 119 -51.52 5.78 4.05
N ASN A 120 -50.66 5.50 3.08
CA ASN A 120 -50.47 6.37 1.91
C ASN A 120 -50.61 5.53 0.66
N PRO A 121 -51.85 5.23 0.25
CA PRO A 121 -52.06 4.40 -0.95
C PRO A 121 -51.64 5.09 -2.23
N ASP A 122 -51.40 6.40 -2.21
CA ASP A 122 -50.99 7.12 -3.41
C ASP A 122 -49.49 7.03 -3.68
N LEU A 123 -48.71 6.46 -2.77
CA LEU A 123 -47.27 6.38 -2.98
C LEU A 123 -46.95 5.41 -4.12
N VAL A 124 -46.32 5.93 -5.15
CA VAL A 124 -45.94 5.12 -6.30
C VAL A 124 -44.76 4.23 -5.92
N LEU A 125 -44.84 2.96 -6.28
CA LEU A 125 -43.78 2.00 -5.98
C LEU A 125 -42.92 1.68 -7.19
N ALA A 126 -43.53 1.30 -8.31
CA ALA A 126 -42.76 1.02 -9.52
C ALA A 126 -43.69 1.09 -10.74
N THR A 127 -43.10 0.91 -11.91
CA THR A 127 -43.82 0.87 -13.18
C THR A 127 -43.62 -0.50 -13.82
N LEU A 128 -44.58 -0.92 -14.63
CA LEU A 128 -44.52 -2.22 -15.29
C LEU A 128 -44.90 -2.06 -16.75
N ASN A 129 -44.10 -2.64 -17.65
CA ASN A 129 -44.46 -2.69 -19.06
C ASN A 129 -45.22 -4.00 -19.31
N GLY A 130 -45.37 -4.37 -20.59
CA GLY A 130 -46.22 -5.51 -20.93
C GLY A 130 -45.73 -6.83 -20.36
N LYS A 131 -44.40 -7.01 -20.31
CA LYS A 131 -43.83 -8.23 -19.76
C LYS A 131 -43.35 -8.05 -18.32
N GLY A 132 -43.87 -7.06 -17.61
CA GLY A 132 -43.49 -6.86 -16.22
C GLY A 132 -44.32 -7.70 -15.28
N LYS A 133 -43.67 -8.18 -14.22
CA LYS A 133 -44.32 -9.03 -13.22
C LYS A 133 -43.61 -8.83 -11.90
N LEU A 134 -44.31 -8.31 -10.91
CA LEU A 134 -43.73 -8.02 -9.61
C LEU A 134 -44.45 -8.81 -8.52
N GLU A 135 -43.67 -9.56 -7.73
CA GLU A 135 -44.20 -10.27 -6.57
C GLU A 135 -43.26 -10.00 -5.40
N MET A 136 -43.75 -9.31 -4.38
CA MET A 136 -42.97 -9.06 -3.18
C MET A 136 -43.73 -9.51 -1.93
N GLU A 137 -42.97 -9.98 -0.95
CA GLU A 137 -43.47 -10.41 0.35
C GLU A 137 -42.79 -9.52 1.39
N LEU A 138 -43.40 -8.38 1.69
CA LEU A 138 -42.82 -7.38 2.57
C LEU A 138 -43.07 -7.75 4.02
N THR A 139 -42.00 -7.91 4.79
CA THR A 139 -42.12 -8.17 6.22
C THR A 139 -42.22 -6.84 6.95
N VAL A 140 -43.27 -6.68 7.75
CA VAL A 140 -43.50 -5.45 8.52
C VAL A 140 -43.36 -5.78 10.00
N GLU A 141 -42.72 -4.87 10.73
CA GLU A 141 -42.47 -5.05 12.15
C GLU A 141 -42.78 -3.74 12.87
N ARG A 142 -42.73 -3.79 14.20
CA ARG A 142 -43.10 -2.68 15.06
C ARG A 142 -41.91 -2.29 15.92
N GLY A 143 -41.69 -0.99 16.05
CA GLY A 143 -40.57 -0.50 16.85
C GLY A 143 -40.58 1.01 16.91
N ARG A 144 -39.49 1.56 17.43
CA ARG A 144 -39.34 3.00 17.56
C ARG A 144 -37.96 3.43 17.06
N GLY A 145 -37.90 4.64 16.51
CA GLY A 145 -36.63 5.16 16.03
C GLY A 145 -36.31 4.69 14.62
N TYR A 146 -35.01 4.49 14.39
CA TYR A 146 -34.52 4.03 13.10
C TYR A 146 -33.56 2.86 13.32
N VAL A 147 -33.79 1.77 12.61
CA VAL A 147 -32.95 0.58 12.69
C VAL A 147 -32.43 0.28 11.29
N SER A 148 -31.10 0.22 11.16
CA SER A 148 -30.49 0.04 9.86
C SER A 148 -30.68 -1.39 9.36
N ALA A 149 -30.30 -1.61 8.10
CA ALA A 149 -30.47 -2.92 7.49
C ALA A 149 -29.54 -3.96 8.11
N VAL A 150 -28.38 -3.53 8.60
CA VAL A 150 -27.42 -4.47 9.20
C VAL A 150 -27.96 -5.07 10.49
N GLN A 151 -28.86 -4.38 11.18
CA GLN A 151 -29.50 -4.89 12.39
C GLN A 151 -30.81 -5.60 12.10
N ASN A 152 -31.24 -5.65 10.84
CA ASN A 152 -32.51 -6.26 10.47
C ASN A 152 -32.35 -7.64 9.85
N LYS A 153 -31.13 -8.14 9.73
CA LYS A 153 -30.90 -9.46 9.14
C LYS A 153 -30.83 -10.51 10.24
N GLN A 154 -31.58 -11.60 10.04
CA GLN A 154 -31.60 -12.69 11.01
C GLN A 154 -31.58 -14.08 10.38
N VAL A 155 -31.81 -14.22 9.08
CA VAL A 155 -31.88 -15.51 8.41
C VAL A 155 -30.77 -15.58 7.37
N GLY A 156 -30.06 -16.71 7.35
CA GLY A 156 -28.98 -16.91 6.41
C GLY A 156 -29.32 -17.91 5.33
N GLN A 157 -30.22 -18.85 5.63
CA GLN A 157 -30.60 -19.86 4.66
C GLN A 157 -31.47 -19.30 3.54
N GLU A 158 -32.18 -18.20 3.79
CA GLU A 158 -33.00 -17.55 2.77
C GLU A 158 -32.13 -16.54 2.03
N ILE A 159 -31.66 -16.91 0.84
CA ILE A 159 -30.83 -16.03 0.04
C ILE A 159 -31.66 -14.88 -0.51
N GLY A 160 -32.89 -15.16 -0.93
CA GLY A 160 -33.68 -14.17 -1.62
C GLY A 160 -34.17 -13.03 -0.75
N ARG A 161 -34.29 -13.27 0.56
CA ARG A 161 -34.77 -12.24 1.47
C ARG A 161 -33.68 -11.20 1.70
N ILE A 162 -34.04 -9.92 1.54
CA ILE A 162 -33.11 -8.82 1.71
C ILE A 162 -33.68 -7.88 2.77
N PRO A 163 -32.92 -7.50 3.78
CA PRO A 163 -33.43 -6.57 4.79
C PRO A 163 -33.28 -5.13 4.34
N VAL A 164 -34.23 -4.30 4.77
CA VAL A 164 -34.22 -2.87 4.49
C VAL A 164 -34.08 -2.13 5.81
N ASP A 165 -33.57 -0.91 5.73
CA ASP A 165 -33.48 -0.08 6.92
C ASP A 165 -34.82 0.60 7.15
N SER A 166 -35.36 0.42 8.35
CA SER A 166 -36.73 0.80 8.67
C SER A 166 -36.75 2.07 9.50
N ILE A 167 -37.62 3.00 9.11
CA ILE A 167 -37.84 4.23 9.87
C ILE A 167 -39.21 4.09 10.54
N TYR A 168 -39.20 4.01 11.87
CA TYR A 168 -40.41 3.71 12.61
C TYR A 168 -41.20 4.93 13.04
N SER A 169 -40.53 6.05 13.31
CA SER A 169 -41.19 7.21 13.88
C SER A 169 -42.15 7.83 12.87
N PRO A 170 -43.41 8.02 13.22
CA PRO A 170 -44.39 8.59 12.28
C PRO A 170 -44.57 10.10 12.35
N VAL A 171 -43.71 10.82 13.07
CA VAL A 171 -43.86 12.26 13.27
C VAL A 171 -43.01 12.98 12.24
N LEU A 172 -43.64 13.87 11.47
CA LEU A 172 -42.91 14.60 10.43
C LEU A 172 -42.10 15.74 11.03
N LYS A 173 -42.76 16.71 11.66
CA LYS A 173 -42.03 17.81 12.27
C LYS A 173 -42.80 18.42 13.44
N VAL A 174 -42.05 18.80 14.47
CA VAL A 174 -42.58 19.42 15.68
C VAL A 174 -41.90 20.77 15.86
N THR A 175 -42.69 21.76 16.27
CA THR A 175 -42.20 23.12 16.49
C THR A 175 -42.84 23.66 17.76
N TYR A 176 -42.19 24.62 18.41
CA TYR A 176 -42.78 25.29 19.54
C TYR A 176 -42.58 26.81 19.44
N LYS A 177 -43.47 27.53 20.10
CA LYS A 177 -43.49 28.99 20.06
C LYS A 177 -44.02 29.50 21.39
N VAL A 178 -43.48 30.63 21.85
CA VAL A 178 -43.93 31.24 23.10
C VAL A 178 -44.33 32.69 22.85
N GLU A 179 -45.18 33.20 23.74
CA GLU A 179 -45.64 34.58 23.71
C GLU A 179 -45.69 35.08 25.14
N ALA A 180 -46.39 36.20 25.36
CA ALA A 180 -46.63 36.73 26.69
C ALA A 180 -48.13 36.74 26.96
N THR A 181 -48.52 36.25 28.14
CA THR A 181 -49.92 36.19 28.50
C THR A 181 -50.47 37.60 28.75
N ARG A 182 -51.77 37.74 28.51
CA ARG A 182 -52.44 39.03 28.66
C ARG A 182 -52.66 39.44 30.11
N VAL A 183 -52.45 38.53 31.06
CA VAL A 183 -52.59 38.88 32.47
C VAL A 183 -51.46 39.82 32.87
N GLU A 184 -51.76 40.73 33.79
CA GLU A 184 -50.88 41.87 34.10
C GLU A 184 -50.13 41.62 35.40
N GLN A 185 -48.93 41.03 35.28
CA GLN A 185 -47.97 40.96 36.38
C GLN A 185 -46.58 41.18 35.80
N ARG A 186 -45.64 41.52 36.68
CA ARG A 186 -44.25 41.66 36.28
C ARG A 186 -43.59 40.31 35.99
N THR A 187 -44.23 39.20 36.35
CA THR A 187 -43.69 37.90 36.01
C THR A 187 -43.79 37.63 34.51
N ASP A 188 -44.92 37.99 33.90
CA ASP A 188 -45.17 37.84 32.46
C ASP A 188 -45.06 36.37 32.02
N PHE A 189 -46.02 35.59 32.51
CA PHE A 189 -46.11 34.18 32.14
C PHE A 189 -46.28 34.01 30.63
N ASP A 190 -45.87 32.85 30.13
CA ASP A 190 -45.80 32.59 28.71
C ASP A 190 -46.65 31.38 28.33
N LYS A 191 -47.33 31.48 27.19
CA LYS A 191 -48.08 30.36 26.63
C LYS A 191 -47.20 29.64 25.60
N LEU A 192 -47.35 28.33 25.53
CA LEU A 192 -46.54 27.49 24.64
C LEU A 192 -47.44 26.86 23.60
N ILE A 193 -47.15 27.11 22.34
CA ILE A 193 -47.87 26.50 21.22
C ILE A 193 -46.94 25.51 20.54
N VAL A 194 -47.34 24.24 20.55
CA VAL A 194 -46.58 23.15 19.95
C VAL A 194 -47.31 22.74 18.68
N ASP A 195 -46.69 22.97 17.54
CA ASP A 195 -47.20 22.52 16.24
C ASP A 195 -46.63 21.14 15.95
N VAL A 196 -47.48 20.12 15.96
CA VAL A 196 -47.07 18.75 15.68
C VAL A 196 -47.73 18.35 14.37
N GLU A 197 -46.91 17.94 13.41
CA GLU A 197 -47.38 17.37 12.15
C GLU A 197 -46.77 15.99 12.00
N THR A 198 -47.61 14.99 11.86
CA THR A 198 -47.18 13.60 11.73
C THR A 198 -47.51 13.09 10.34
N LYS A 199 -47.12 11.84 10.08
CA LYS A 199 -47.47 11.18 8.84
C LYS A 199 -48.90 10.68 8.94
N GLN A 200 -49.34 9.89 7.97
CA GLN A 200 -50.72 9.38 7.97
C GLN A 200 -50.91 8.20 8.91
N ALA A 201 -49.89 7.84 9.69
CA ALA A 201 -50.02 6.69 10.60
C ALA A 201 -51.02 6.98 11.71
N MET A 202 -50.95 8.15 12.33
CA MET A 202 -51.93 8.51 13.35
C MET A 202 -52.00 10.02 13.47
N ARG A 203 -53.07 10.48 14.11
CA ARG A 203 -53.24 11.90 14.39
C ARG A 203 -52.20 12.35 15.41
N PRO A 204 -51.79 13.63 15.38
CA PRO A 204 -50.77 14.10 16.32
C PRO A 204 -51.18 14.05 17.78
N ARG A 205 -52.49 13.95 18.07
CA ARG A 205 -52.94 13.82 19.45
C ARG A 205 -52.39 12.56 20.10
N ASP A 206 -52.42 11.43 19.38
CA ASP A 206 -51.89 10.19 19.90
C ASP A 206 -50.38 10.25 20.09
N ALA A 207 -49.68 10.91 19.15
CA ALA A 207 -48.23 11.04 19.27
C ALA A 207 -47.84 11.90 20.47
N MET A 208 -48.56 13.00 20.69
CA MET A 208 -48.30 13.82 21.87
C MET A 208 -48.64 13.05 23.14
N ALA A 209 -49.68 12.22 23.11
CA ALA A 209 -50.02 11.40 24.27
C ALA A 209 -48.90 10.42 24.59
N SER A 210 -48.33 9.78 23.57
CA SER A 210 -47.24 8.83 23.81
C SER A 210 -45.98 9.54 24.31
N ALA A 211 -45.67 10.72 23.75
CA ALA A 211 -44.53 11.48 24.23
C ALA A 211 -44.72 11.92 25.68
N GLY A 212 -45.93 12.36 26.02
CA GLY A 212 -46.22 12.72 27.40
C GLY A 212 -46.13 11.54 28.34
N LYS A 213 -46.57 10.36 27.88
CA LYS A 213 -46.45 9.15 28.69
C LYS A 213 -44.99 8.82 28.99
N THR A 214 -44.15 8.87 27.96
CA THR A 214 -42.72 8.58 28.16
C THR A 214 -42.08 9.59 29.09
N LEU A 215 -42.37 10.87 28.90
CA LEU A 215 -41.77 11.90 29.74
C LEU A 215 -42.24 11.82 31.18
N VAL A 216 -43.54 11.58 31.39
CA VAL A 216 -44.04 11.50 32.75
C VAL A 216 -43.54 10.24 33.43
N GLU A 217 -43.28 9.17 32.67
CA GLU A 217 -42.71 7.97 33.29
C GLU A 217 -41.26 8.20 33.72
N LEU A 218 -40.47 8.86 32.88
CA LEU A 218 -39.08 9.14 33.27
C LEU A 218 -39.01 10.12 34.43
N PHE A 219 -39.88 11.13 34.43
CA PHE A 219 -39.84 12.09 35.53
C PHE A 219 -40.43 11.51 36.81
N GLY A 220 -41.38 10.58 36.71
CA GLY A 220 -41.80 9.86 37.90
C GLY A 220 -40.75 8.89 38.40
N LEU A 221 -39.90 8.39 37.50
CA LEU A 221 -38.72 7.65 37.93
C LEU A 221 -37.77 8.55 38.70
N ALA A 222 -37.56 9.76 38.22
CA ALA A 222 -36.72 10.72 38.94
C ALA A 222 -37.35 11.20 40.24
N ARG A 223 -38.68 11.12 40.35
CA ARG A 223 -39.42 11.62 41.52
C ARG A 223 -39.54 10.56 42.61
N GLU A 224 -40.10 9.40 42.29
CA GLU A 224 -40.49 8.42 43.30
C GLU A 224 -39.29 7.83 44.02
N LEU A 225 -38.11 7.83 43.38
CA LEU A 225 -36.90 7.39 44.07
C LEU A 225 -36.44 8.38 45.13
N ASN A 226 -37.01 9.58 45.16
CA ASN A 226 -36.73 10.57 46.20
C ASN A 226 -37.89 10.61 47.18
N ILE A 227 -37.55 10.64 48.47
CA ILE A 227 -38.52 10.67 49.58
C ILE A 227 -39.48 9.49 49.51
N MET B 1 -38.47 -2.07 20.93
CA MET B 1 -39.65 -1.47 21.52
C MET B 1 -39.50 -1.41 23.03
N LEU B 2 -39.36 -2.59 23.65
CA LEU B 2 -39.18 -2.67 25.09
C LEU B 2 -37.82 -2.12 25.49
N ILE B 3 -37.81 -1.34 26.58
CA ILE B 3 -36.55 -0.78 27.09
C ILE B 3 -35.81 -1.88 27.85
N ALA B 4 -34.53 -2.06 27.50
CA ALA B 4 -33.75 -3.14 28.10
C ALA B 4 -33.39 -2.84 29.55
N GLN B 5 -32.95 -1.62 29.82
CA GLN B 5 -32.46 -1.22 31.14
C GLN B 5 -33.26 -0.04 31.65
N ARG B 6 -33.66 -0.12 32.91
CA ARG B 6 -34.41 0.96 33.56
C ARG B 6 -33.45 1.88 34.30
N PRO B 7 -33.57 3.19 34.13
CA PRO B 7 -32.69 4.12 34.87
C PRO B 7 -33.03 4.13 36.35
N SER B 8 -32.08 4.64 37.14
CA SER B 8 -32.31 4.80 38.56
C SER B 8 -31.50 5.99 39.07
N LEU B 9 -32.19 6.96 39.64
CA LEU B 9 -31.54 8.16 40.16
C LEU B 9 -30.75 7.82 41.41
N THR B 10 -29.50 8.28 41.48
CA THR B 10 -28.65 8.10 42.66
C THR B 10 -28.11 9.45 43.09
N GLU B 11 -27.98 9.65 44.39
CA GLU B 11 -27.51 10.91 44.95
C GLU B 11 -26.15 10.74 45.61
N GLU B 12 -25.21 11.60 45.23
CA GLU B 12 -23.91 11.72 45.88
C GLU B 12 -23.85 13.09 46.52
N VAL B 13 -23.79 13.13 47.83
CA VAL B 13 -23.83 14.39 48.58
C VAL B 13 -22.41 14.87 48.82
N VAL B 14 -22.21 16.18 48.74
CA VAL B 14 -20.89 16.77 48.94
C VAL B 14 -20.87 17.84 50.04
N ASP B 15 -22.00 18.44 50.38
CA ASP B 15 -22.06 19.43 51.45
C ASP B 15 -23.43 19.35 52.10
N GLU B 16 -23.73 20.32 52.97
CA GLU B 16 -25.05 20.36 53.59
C GLU B 16 -26.13 20.68 52.57
N PHE B 17 -25.83 21.55 51.61
CA PHE B 17 -26.81 21.95 50.61
C PHE B 17 -26.42 21.56 49.18
N ARG B 18 -25.14 21.45 48.87
CA ARG B 18 -24.73 21.01 47.54
C ARG B 18 -24.88 19.50 47.41
N SER B 19 -25.29 19.06 46.22
CA SER B 19 -25.44 17.63 45.95
C SER B 19 -25.29 17.39 44.46
N ARG B 20 -25.11 16.13 44.10
CA ARG B 20 -24.97 15.72 42.71
C ARG B 20 -25.85 14.49 42.49
N PHE B 21 -26.52 14.44 41.34
CA PHE B 21 -27.47 13.36 41.05
C PHE B 21 -27.13 12.74 39.72
N VAL B 22 -26.94 11.43 39.71
CA VAL B 22 -26.55 10.68 38.52
C VAL B 22 -27.72 9.81 38.09
N ILE B 23 -28.05 9.85 36.81
CA ILE B 23 -29.07 9.00 36.23
C ILE B 23 -28.40 7.84 35.50
N GLU B 24 -28.78 6.61 35.87
CA GLU B 24 -28.29 5.38 35.27
C GLU B 24 -28.73 5.35 33.81
N PRO B 25 -28.04 4.59 32.90
CA PRO B 25 -28.04 4.95 31.47
C PRO B 25 -29.39 5.11 30.81
N LEU B 26 -29.63 6.32 30.30
CA LEU B 26 -30.85 6.68 29.61
C LEU B 26 -30.80 6.24 28.15
N GLU B 27 -31.93 6.39 27.47
CA GLU B 27 -31.99 6.09 26.04
C GLU B 27 -31.17 7.12 25.27
N PRO B 28 -30.72 6.76 24.06
CA PRO B 28 -29.99 7.74 23.23
C PRO B 28 -30.81 8.98 22.97
N GLY B 29 -30.26 10.13 23.35
CA GLY B 29 -30.89 11.42 23.14
C GLY B 29 -31.79 11.89 24.26
N PHE B 30 -32.00 11.07 25.28
CA PHE B 30 -32.88 11.45 26.39
C PHE B 30 -32.14 12.13 27.53
N GLY B 31 -30.83 12.26 27.44
CA GLY B 31 -30.09 12.97 28.48
C GLY B 31 -30.42 14.45 28.52
N TYR B 32 -30.47 15.09 27.35
CA TYR B 32 -30.60 16.55 27.29
C TYR B 32 -32.00 17.03 27.61
N THR B 33 -33.03 16.28 27.20
CA THR B 33 -34.41 16.61 27.58
C THR B 33 -34.54 16.65 29.09
N LEU B 34 -34.13 15.56 29.75
CA LEU B 34 -34.22 15.48 31.20
C LEU B 34 -33.37 16.54 31.85
N GLY B 35 -32.15 16.76 31.35
CA GLY B 35 -31.25 17.74 31.92
C GLY B 35 -31.78 19.14 31.92
N ASN B 36 -32.16 19.67 30.74
CA ASN B 36 -32.60 21.06 30.71
C ASN B 36 -33.98 21.24 31.33
N SER B 37 -34.91 20.29 31.09
CA SER B 37 -36.23 20.42 31.70
C SER B 37 -36.14 20.38 33.21
N LEU B 38 -35.31 19.47 33.74
CA LEU B 38 -35.14 19.36 35.18
C LEU B 38 -34.45 20.59 35.75
N ARG B 39 -33.44 21.12 35.05
CA ARG B 39 -32.76 22.32 35.52
C ARG B 39 -33.70 23.52 35.57
N ARG B 40 -34.52 23.70 34.53
CA ARG B 40 -35.37 24.87 34.50
C ARG B 40 -36.56 24.74 35.44
N THR B 41 -37.10 23.53 35.60
CA THR B 41 -38.17 23.35 36.57
C THR B 41 -37.64 23.28 38.00
N LEU B 42 -36.33 23.11 38.18
CA LEU B 42 -35.74 23.17 39.50
C LEU B 42 -35.48 24.60 39.91
N LEU B 43 -34.88 25.39 39.01
CA LEU B 43 -34.50 26.76 39.31
C LEU B 43 -35.66 27.73 39.35
N SER B 44 -36.82 27.37 38.80
CA SER B 44 -37.90 28.34 38.65
C SER B 44 -39.24 27.86 39.19
N SER B 45 -39.55 26.57 39.12
CA SER B 45 -40.90 26.11 39.44
C SER B 45 -41.10 25.78 40.91
N ILE B 46 -40.06 25.83 41.73
CA ILE B 46 -40.21 25.53 43.16
C ILE B 46 -40.64 26.78 43.91
N PRO B 47 -41.76 26.74 44.63
CA PRO B 47 -42.19 27.92 45.39
C PRO B 47 -41.27 28.17 46.59
N GLY B 48 -41.22 29.43 46.98
CA GLY B 48 -40.41 29.81 48.12
C GLY B 48 -40.84 31.16 48.63
N ALA B 49 -40.05 31.70 49.57
CA ALA B 49 -40.34 33.00 50.15
C ALA B 49 -39.06 33.82 50.22
N ALA B 50 -39.21 35.12 50.03
CA ALA B 50 -38.07 36.04 50.08
C ALA B 50 -38.59 37.46 50.28
N VAL B 51 -37.65 38.38 50.45
CA VAL B 51 -37.98 39.78 50.62
C VAL B 51 -38.27 40.42 49.26
N THR B 52 -39.05 41.48 49.27
CA THR B 52 -39.46 42.18 48.06
C THR B 52 -39.17 43.67 48.11
N SER B 53 -39.32 44.30 49.26
CA SER B 53 -39.01 45.71 49.43
C SER B 53 -38.46 45.93 50.83
N ILE B 54 -37.76 47.05 51.01
CA ILE B 54 -37.22 47.42 52.31
C ILE B 54 -37.52 48.89 52.55
N ARG B 55 -37.46 49.29 53.83
CA ARG B 55 -37.70 50.68 54.21
C ARG B 55 -36.72 51.05 55.31
N ILE B 56 -35.93 52.09 55.08
CA ILE B 56 -34.94 52.57 56.04
C ILE B 56 -35.40 53.93 56.57
N ASP B 57 -35.33 54.11 57.88
CA ASP B 57 -35.80 55.33 58.49
C ASP B 57 -34.88 56.50 58.19
N GLY B 58 -35.48 57.65 57.90
CA GLY B 58 -34.74 58.89 57.70
C GLY B 58 -33.82 58.90 56.50
N VAL B 59 -34.20 58.23 55.42
CA VAL B 59 -33.43 58.22 54.19
C VAL B 59 -34.34 58.57 53.03
N LEU B 60 -33.73 58.91 51.90
CA LEU B 60 -34.44 59.19 50.66
C LEU B 60 -34.01 58.17 49.60
N HIS B 61 -34.83 58.07 48.54
CA HIS B 61 -34.50 57.16 47.45
C HIS B 61 -33.23 57.59 46.73
N GLU B 62 -33.05 58.90 46.54
CA GLU B 62 -31.83 59.41 45.93
C GLU B 62 -30.67 59.52 46.91
N PHE B 63 -30.93 59.41 48.21
CA PHE B 63 -29.89 59.51 49.23
C PHE B 63 -29.40 58.11 49.54
N THR B 64 -28.26 57.75 48.95
CA THR B 64 -27.69 56.41 49.12
C THR B 64 -26.90 56.26 50.40
N THR B 65 -26.63 57.33 51.13
CA THR B 65 -25.87 57.26 52.37
C THR B 65 -26.81 56.99 53.53
N VAL B 66 -26.48 56.00 54.35
CA VAL B 66 -27.24 55.64 55.55
C VAL B 66 -26.47 56.14 56.76
N PRO B 67 -27.12 56.80 57.72
CA PRO B 67 -26.40 57.30 58.89
C PRO B 67 -26.14 56.20 59.91
N GLY B 68 -24.93 56.21 60.48
CA GLY B 68 -24.56 55.30 61.53
C GLY B 68 -24.05 53.95 61.07
N VAL B 69 -24.08 53.65 59.77
CA VAL B 69 -23.64 52.37 59.24
C VAL B 69 -22.52 52.63 58.24
N LYS B 70 -21.39 51.93 58.43
CA LYS B 70 -20.27 52.08 57.51
C LYS B 70 -20.60 51.59 56.12
N GLU B 71 -21.34 50.48 56.03
CA GLU B 71 -21.70 49.93 54.74
C GLU B 71 -22.71 50.83 54.05
N ASP B 72 -22.52 51.05 52.75
CA ASP B 72 -23.44 51.84 51.97
C ASP B 72 -24.76 51.09 51.75
N VAL B 73 -25.71 51.74 51.09
CA VAL B 73 -27.03 51.14 50.92
C VAL B 73 -26.97 49.94 49.98
N THR B 74 -26.00 49.90 49.05
CA THR B 74 -25.90 48.78 48.13
C THR B 74 -25.51 47.50 48.86
N ASP B 75 -24.53 47.57 49.76
CA ASP B 75 -24.14 46.39 50.52
C ASP B 75 -25.26 45.93 51.46
N LEU B 76 -26.00 46.89 52.03
CA LEU B 76 -27.14 46.53 52.88
C LEU B 76 -28.22 45.81 52.07
N ILE B 77 -28.54 46.33 50.89
CA ILE B 77 -29.52 45.69 50.01
C ILE B 77 -29.05 44.30 49.63
N LEU B 78 -27.76 44.16 49.31
CA LEU B 78 -27.20 42.85 48.96
C LEU B 78 -27.32 41.86 50.11
N ASN B 79 -27.01 42.31 51.33
CA ASN B 79 -27.07 41.41 52.49
C ASN B 79 -28.50 41.03 52.83
N ILE B 80 -29.45 41.95 52.67
CA ILE B 80 -30.85 41.61 52.90
C ILE B 80 -31.34 40.61 51.85
N LYS B 81 -30.99 40.83 50.58
CA LYS B 81 -31.43 39.90 49.54
C LYS B 81 -30.70 38.57 49.62
N GLN B 82 -29.59 38.50 50.36
CA GLN B 82 -28.90 37.24 50.60
C GLN B 82 -29.48 36.46 51.77
N LEU B 83 -30.48 37.00 52.46
CA LEU B 83 -31.06 36.36 53.64
C LEU B 83 -32.24 35.49 53.24
N VAL B 84 -32.38 34.34 53.90
CA VAL B 84 -33.44 33.39 53.62
C VAL B 84 -34.59 33.59 54.62
N VAL B 85 -35.80 33.67 54.10
CA VAL B 85 -37.02 33.81 54.90
C VAL B 85 -38.03 32.78 54.39
N SER B 86 -38.77 32.16 55.31
CA SER B 86 -39.87 31.27 54.97
C SER B 86 -41.17 31.87 55.46
N SER B 87 -42.19 31.85 54.62
CA SER B 87 -43.48 32.44 54.93
C SER B 87 -44.60 31.48 54.54
N GLU B 88 -45.74 31.63 55.20
CA GLU B 88 -46.94 30.85 54.88
C GLU B 88 -48.19 31.73 54.79
N HIS B 89 -48.03 33.05 54.85
CA HIS B 89 -49.18 33.94 54.92
C HIS B 89 -49.90 34.03 53.58
N ASP B 90 -49.14 34.08 52.48
CA ASP B 90 -49.58 34.26 51.10
C ASP B 90 -50.07 35.67 50.79
N GLU B 91 -49.76 36.64 51.63
CA GLU B 91 -49.75 38.05 51.24
C GLU B 91 -48.50 38.68 51.84
N PRO B 92 -48.01 39.78 51.26
CA PRO B 92 -46.81 40.43 51.79
C PRO B 92 -47.00 40.86 53.25
N VAL B 93 -45.95 40.69 54.04
CA VAL B 93 -45.97 40.99 55.46
C VAL B 93 -44.74 41.83 55.81
N VAL B 94 -44.93 42.81 56.69
CA VAL B 94 -43.83 43.69 57.10
C VAL B 94 -43.15 43.09 58.33
N MET B 95 -41.83 42.93 58.25
CA MET B 95 -41.04 42.40 59.35
C MET B 95 -40.00 43.44 59.74
N TYR B 96 -39.81 43.60 61.04
CA TYR B 96 -39.05 44.72 61.61
C TYR B 96 -37.63 44.29 61.96
N LEU B 97 -36.76 45.29 62.06
CA LEU B 97 -35.43 45.09 62.65
C LEU B 97 -35.00 46.42 63.27
N ARG B 98 -34.73 46.40 64.58
CA ARG B 98 -34.36 47.58 65.32
C ARG B 98 -33.10 47.33 66.12
N LYS B 99 -32.21 48.31 66.15
CA LYS B 99 -30.99 48.26 66.94
C LYS B 99 -30.52 49.67 67.24
N GLN B 100 -30.07 49.88 68.47
CA GLN B 100 -29.48 51.14 68.92
C GLN B 100 -28.08 50.86 69.45
N GLY B 101 -27.23 51.88 69.36
CA GLY B 101 -25.87 51.77 69.82
C GLY B 101 -24.97 51.12 68.78
N PRO B 102 -23.67 51.02 69.09
CA PRO B 102 -22.73 50.46 68.13
C PRO B 102 -22.69 48.94 68.21
N GLY B 103 -21.90 48.35 67.32
CA GLY B 103 -21.72 46.91 67.30
C GLY B 103 -21.98 46.28 65.95
N LEU B 104 -22.36 45.00 65.96
CA LEU B 104 -22.67 44.26 64.75
C LEU B 104 -24.12 43.84 64.77
N VAL B 105 -24.86 44.15 63.70
CA VAL B 105 -26.23 43.69 63.55
C VAL B 105 -26.25 42.56 62.54
N THR B 106 -26.85 41.43 62.94
CA THR B 106 -26.99 40.24 62.14
C THR B 106 -28.48 39.92 61.99
N ALA B 107 -28.76 38.75 61.41
CA ALA B 107 -30.15 38.31 61.28
C ALA B 107 -30.70 37.73 62.57
N ALA B 108 -29.85 37.48 63.58
CA ALA B 108 -30.33 37.02 64.87
C ALA B 108 -31.15 38.09 65.57
N ASP B 109 -30.77 39.36 65.41
CA ASP B 109 -31.51 40.46 66.02
C ASP B 109 -32.84 40.72 65.32
N ILE B 110 -33.06 40.14 64.15
CA ILE B 110 -34.32 40.32 63.44
C ILE B 110 -35.44 39.60 64.20
N ALA B 111 -36.54 40.32 64.46
CA ALA B 111 -37.67 39.74 65.16
C ALA B 111 -38.74 39.36 64.15
N PRO B 112 -38.99 38.08 63.91
CA PRO B 112 -39.98 37.68 62.91
C PRO B 112 -41.36 37.55 63.53
N PRO B 113 -42.41 37.89 62.78
CA PRO B 113 -43.77 37.72 63.28
C PRO B 113 -44.20 36.26 63.22
N ALA B 114 -45.41 36.00 63.70
CA ALA B 114 -45.95 34.65 63.66
C ALA B 114 -46.24 34.22 62.23
N GLY B 115 -45.88 33.00 61.88
CA GLY B 115 -46.05 32.49 60.55
C GLY B 115 -44.92 32.84 59.59
N VAL B 116 -43.91 33.59 60.03
CA VAL B 116 -42.76 33.93 59.22
C VAL B 116 -41.52 33.57 60.02
N GLU B 117 -40.62 32.79 59.42
CA GLU B 117 -39.46 32.26 60.13
C GLU B 117 -38.21 32.55 59.32
N VAL B 118 -37.08 32.69 60.02
CA VAL B 118 -35.80 32.98 59.37
C VAL B 118 -34.85 31.83 59.65
N HIS B 119 -34.40 31.15 58.59
CA HIS B 119 -33.58 29.97 58.72
C HIS B 119 -32.10 30.27 58.93
N ASN B 120 -31.66 31.49 58.63
CA ASN B 120 -30.24 31.86 58.69
C ASN B 120 -30.07 32.96 59.73
N PRO B 121 -29.71 32.63 60.97
CA PRO B 121 -29.61 33.67 62.00
C PRO B 121 -28.20 34.21 62.22
N ASP B 122 -27.19 33.61 61.59
CA ASP B 122 -25.81 33.88 61.96
C ASP B 122 -25.06 34.75 60.95
N LEU B 123 -25.61 35.01 59.77
CA LEU B 123 -24.91 35.83 58.80
C LEU B 123 -24.94 37.29 59.24
N VAL B 124 -23.83 38.00 58.99
CA VAL B 124 -23.76 39.40 59.37
C VAL B 124 -24.60 40.25 58.42
N LEU B 125 -25.12 41.36 58.94
CA LEU B 125 -25.90 42.28 58.12
C LEU B 125 -25.24 43.65 57.99
N ALA B 126 -24.88 44.28 59.11
CA ALA B 126 -24.27 45.60 59.03
C ALA B 126 -23.51 45.91 60.31
N THR B 127 -22.79 47.04 60.28
CA THR B 127 -22.01 47.54 61.40
C THR B 127 -22.59 48.86 61.86
N LEU B 128 -22.49 49.12 63.17
CA LEU B 128 -22.98 50.35 63.78
C LEU B 128 -21.87 50.97 64.62
N ASN B 129 -21.77 52.30 64.57
CA ASN B 129 -20.80 53.04 65.35
C ASN B 129 -21.47 54.21 66.06
N GLY B 130 -21.12 54.42 67.32
CA GLY B 130 -21.70 55.52 68.07
C GLY B 130 -23.18 55.29 68.30
N LYS B 131 -23.98 56.31 68.00
CA LYS B 131 -25.42 56.17 68.08
C LYS B 131 -25.91 55.26 66.96
N GLY B 132 -26.71 54.25 67.32
CA GLY B 132 -27.16 53.28 66.35
C GLY B 132 -28.13 53.83 65.33
N LYS B 133 -29.35 54.14 65.78
CA LYS B 133 -30.44 54.63 64.93
C LYS B 133 -30.67 53.67 63.77
N LEU B 134 -30.94 52.41 64.10
CA LEU B 134 -31.21 51.38 63.09
C LEU B 134 -32.66 50.94 63.23
N GLU B 135 -33.50 51.33 62.28
CA GLU B 135 -34.92 50.97 62.27
C GLU B 135 -35.29 50.67 60.82
N MET B 136 -35.36 49.39 60.46
CA MET B 136 -35.73 49.02 59.10
C MET B 136 -36.96 48.13 59.10
N GLU B 137 -37.78 48.33 58.06
CA GLU B 137 -38.97 47.53 57.82
C GLU B 137 -38.82 46.89 56.45
N LEU B 138 -38.91 45.56 56.39
CA LEU B 138 -38.71 44.87 55.14
C LEU B 138 -39.91 43.96 54.85
N THR B 139 -40.32 43.94 53.59
CA THR B 139 -41.50 43.19 53.16
C THR B 139 -41.08 41.79 52.74
N VAL B 140 -41.71 40.78 53.33
CA VAL B 140 -41.51 39.39 52.95
C VAL B 140 -42.75 38.95 52.18
N GLU B 141 -42.56 38.42 50.98
CA GLU B 141 -43.67 38.02 50.13
C GLU B 141 -43.35 36.66 49.53
N ARG B 142 -44.30 35.74 49.61
CA ARG B 142 -44.11 34.41 49.05
C ARG B 142 -44.22 34.44 47.53
N GLY B 143 -43.27 33.82 46.86
CA GLY B 143 -43.24 33.80 45.41
C GLY B 143 -42.71 32.50 44.83
N ARG B 144 -42.25 32.55 43.59
CA ARG B 144 -41.81 31.33 42.91
C ARG B 144 -40.85 31.72 41.80
N GLY B 145 -39.59 31.35 41.93
CA GLY B 145 -38.61 31.61 40.90
C GLY B 145 -37.65 32.74 41.24
N TYR B 146 -37.54 33.71 40.33
CA TYR B 146 -36.66 34.85 40.53
C TYR B 146 -37.26 36.04 39.81
N VAL B 147 -37.48 37.14 40.53
CA VAL B 147 -37.95 38.39 39.94
C VAL B 147 -37.01 39.50 40.41
N SER B 148 -36.70 40.41 39.48
CA SER B 148 -35.79 41.51 39.79
C SER B 148 -36.53 42.62 40.53
N ALA B 149 -35.85 43.74 40.74
CA ALA B 149 -36.44 44.85 41.46
C ALA B 149 -37.51 45.53 40.61
N VAL B 150 -38.74 45.58 41.15
CA VAL B 150 -39.86 46.21 40.47
C VAL B 150 -40.52 47.20 41.42
N GLN B 151 -40.95 48.32 40.87
CA GLN B 151 -41.60 49.38 41.63
C GLN B 151 -43.06 49.49 41.25
N ASN B 152 -43.90 49.78 42.24
CA ASN B 152 -45.34 49.86 42.07
C ASN B 152 -45.88 51.14 42.71
N LYS B 153 -45.21 52.26 42.41
CA LYS B 153 -45.54 53.58 42.93
C LYS B 153 -45.46 53.66 44.45
N GLN B 154 -44.64 52.80 45.06
CA GLN B 154 -44.43 52.88 46.50
C GLN B 154 -43.48 54.00 46.89
N VAL B 155 -42.67 54.48 45.94
CA VAL B 155 -41.80 55.62 46.22
C VAL B 155 -42.61 56.91 46.36
N GLY B 156 -43.72 57.03 45.62
CA GLY B 156 -44.57 58.19 45.77
C GLY B 156 -45.29 58.23 47.11
N GLN B 157 -45.71 57.06 47.60
CA GLN B 157 -46.44 57.01 48.87
C GLN B 157 -45.52 57.34 50.05
N GLU B 158 -44.35 56.70 50.10
CA GLU B 158 -43.34 57.03 51.09
C GLU B 158 -41.96 57.05 50.44
N ILE B 159 -41.08 57.91 50.93
CA ILE B 159 -39.78 58.08 50.31
C ILE B 159 -38.75 57.07 50.80
N GLY B 160 -39.04 56.37 51.90
CA GLY B 160 -38.07 55.44 52.46
C GLY B 160 -38.10 54.05 51.85
N ARG B 161 -39.21 53.67 51.20
CA ARG B 161 -39.35 52.33 50.68
C ARG B 161 -38.65 52.21 49.32
N ILE B 162 -37.72 51.26 49.24
CA ILE B 162 -37.05 50.94 47.98
C ILE B 162 -37.19 49.45 47.70
N PRO B 163 -37.43 49.06 46.46
CA PRO B 163 -37.54 47.63 46.14
C PRO B 163 -36.18 46.95 46.17
N VAL B 164 -36.22 45.64 46.39
CA VAL B 164 -35.04 44.80 46.46
C VAL B 164 -35.29 43.55 45.63
N ASP B 165 -34.23 43.05 44.98
CA ASP B 165 -34.32 41.83 44.20
C ASP B 165 -34.71 40.66 45.09
N SER B 166 -35.54 39.77 44.54
CA SER B 166 -36.11 38.66 45.29
C SER B 166 -35.58 37.35 44.74
N ILE B 167 -35.03 36.51 45.62
CA ILE B 167 -34.62 35.16 45.25
C ILE B 167 -35.60 34.19 45.91
N TYR B 168 -36.67 33.84 45.19
CA TYR B 168 -37.68 32.96 45.77
C TYR B 168 -37.24 31.50 45.79
N SER B 169 -36.56 31.06 44.74
CA SER B 169 -36.25 29.64 44.58
C SER B 169 -35.25 29.19 45.65
N PRO B 170 -35.54 28.12 46.38
CA PRO B 170 -34.56 27.60 47.34
C PRO B 170 -33.24 27.17 46.71
N VAL B 171 -33.27 26.66 45.48
CA VAL B 171 -32.04 26.27 44.82
C VAL B 171 -31.29 27.51 44.37
N LEU B 172 -29.97 27.48 44.49
CA LEU B 172 -29.13 28.61 44.11
C LEU B 172 -28.58 28.47 42.68
N LYS B 173 -28.07 27.30 42.34
CA LYS B 173 -27.65 27.07 40.96
C LYS B 173 -27.67 25.59 40.62
N VAL B 174 -28.09 25.28 39.40
CA VAL B 174 -28.19 23.92 38.89
C VAL B 174 -27.36 23.84 37.62
N THR B 175 -26.44 22.87 37.57
CA THR B 175 -25.62 22.65 36.38
C THR B 175 -25.74 21.19 35.98
N TYR B 176 -26.14 20.95 34.74
CA TYR B 176 -26.31 19.60 34.23
C TYR B 176 -25.28 19.32 33.14
N LYS B 177 -24.81 18.08 33.09
CA LYS B 177 -23.92 17.64 32.02
C LYS B 177 -24.27 16.21 31.65
N VAL B 178 -24.28 15.94 30.35
CA VAL B 178 -24.67 14.65 29.80
C VAL B 178 -23.45 14.03 29.12
N GLU B 179 -22.99 12.91 29.65
CA GLU B 179 -21.86 12.21 29.07
C GLU B 179 -22.29 10.84 28.57
N ALA B 180 -21.35 10.08 28.03
CA ALA B 180 -21.63 8.81 27.40
C ALA B 180 -21.25 7.64 28.30
N THR B 181 -22.05 6.58 28.23
CA THR B 181 -21.76 5.34 28.94
C THR B 181 -22.01 4.16 28.01
N ARG B 182 -21.29 3.07 28.23
CA ARG B 182 -21.36 1.88 27.39
C ARG B 182 -21.82 0.70 28.22
N VAL B 183 -22.92 0.08 27.80
CA VAL B 183 -23.34 -1.23 28.27
C VAL B 183 -23.78 -2.03 27.04
N GLU B 184 -23.71 -3.37 27.17
CA GLU B 184 -24.09 -4.38 26.17
C GLU B 184 -23.62 -4.03 24.76
N GLN B 185 -22.40 -3.48 24.66
CA GLN B 185 -21.75 -3.09 23.41
C GLN B 185 -22.63 -2.13 22.60
N ARG B 186 -22.96 -1.01 23.24
CA ARG B 186 -23.68 0.06 22.58
C ARG B 186 -23.33 1.34 23.32
N THR B 187 -22.42 2.13 22.74
CA THR B 187 -21.84 3.27 23.43
C THR B 187 -22.77 4.49 23.49
N ASP B 188 -23.84 4.51 22.70
CA ASP B 188 -24.70 5.69 22.60
C ASP B 188 -25.80 5.74 23.66
N PHE B 189 -25.43 5.52 24.92
CA PHE B 189 -26.32 5.76 26.05
C PHE B 189 -25.82 6.95 26.85
N ASP B 190 -26.75 7.73 27.38
CA ASP B 190 -26.46 8.99 28.04
C ASP B 190 -26.56 8.84 29.55
N LYS B 191 -25.54 9.28 30.26
CA LYS B 191 -25.57 9.42 31.70
C LYS B 191 -25.69 10.91 32.01
N LEU B 192 -26.70 11.27 32.79
CA LEU B 192 -26.99 12.66 33.11
C LEU B 192 -26.57 12.94 34.54
N ILE B 193 -25.76 13.97 34.74
CA ILE B 193 -25.29 14.37 36.05
C ILE B 193 -25.79 15.78 36.32
N VAL B 194 -26.57 15.94 37.38
CA VAL B 194 -27.19 17.21 37.74
C VAL B 194 -26.62 17.62 39.09
N ASP B 195 -25.76 18.63 39.10
CA ASP B 195 -25.21 19.18 40.33
C ASP B 195 -26.08 20.35 40.76
N VAL B 196 -26.73 20.23 41.92
CA VAL B 196 -27.65 21.23 42.41
C VAL B 196 -27.12 21.78 43.73
N GLU B 197 -27.02 23.10 43.81
CA GLU B 197 -26.65 23.80 45.03
C GLU B 197 -27.83 24.67 45.44
N THR B 198 -28.32 24.45 46.66
CA THR B 198 -29.44 25.19 47.22
C THR B 198 -28.95 25.98 48.43
N LYS B 199 -29.89 26.69 49.05
CA LYS B 199 -29.58 27.35 50.31
C LYS B 199 -29.73 26.36 51.47
N GLN B 200 -29.23 26.76 52.63
CA GLN B 200 -29.22 25.86 53.79
C GLN B 200 -30.61 25.62 54.37
N ALA B 201 -31.63 26.36 53.93
CA ALA B 201 -32.97 26.19 54.47
C ALA B 201 -33.59 24.87 54.04
N MET B 202 -33.52 24.55 52.75
CA MET B 202 -34.24 23.43 52.19
C MET B 202 -33.28 22.38 51.64
N ARG B 203 -33.59 21.11 51.93
CA ARG B 203 -32.74 20.01 51.49
C ARG B 203 -32.78 19.89 49.96
N PRO B 204 -31.62 19.71 49.32
CA PRO B 204 -31.60 19.63 47.84
C PRO B 204 -32.40 18.49 47.25
N ARG B 205 -32.41 17.32 47.90
CA ARG B 205 -33.14 16.19 47.35
C ARG B 205 -34.64 16.39 47.44
N ASP B 206 -35.09 17.12 48.47
CA ASP B 206 -36.54 17.45 48.59
C ASP B 206 -36.90 18.38 47.44
N ALA B 207 -36.02 19.32 47.11
CA ALA B 207 -36.25 20.23 45.99
C ALA B 207 -36.30 19.48 44.67
N MET B 208 -35.41 18.50 44.49
CA MET B 208 -35.43 17.70 43.27
C MET B 208 -36.69 16.85 43.18
N ALA B 209 -37.15 16.32 44.31
CA ALA B 209 -38.41 15.58 44.33
C ALA B 209 -39.57 16.48 43.95
N SER B 210 -39.57 17.71 44.43
CA SER B 210 -40.63 18.66 44.07
C SER B 210 -40.57 19.01 42.58
N ALA B 211 -39.36 19.14 42.04
CA ALA B 211 -39.22 19.39 40.60
C ALA B 211 -39.75 18.23 39.78
N GLY B 212 -39.42 17.00 40.18
CA GLY B 212 -39.98 15.84 39.50
C GLY B 212 -41.48 15.75 39.62
N LYS B 213 -42.02 16.14 40.79
CA LYS B 213 -43.47 16.20 40.98
C LYS B 213 -44.12 17.17 40.01
N THR B 214 -43.59 18.40 39.96
CA THR B 214 -44.13 19.41 39.06
C THR B 214 -44.04 18.95 37.61
N LEU B 215 -42.95 18.26 37.25
CA LEU B 215 -42.85 17.73 35.90
C LEU B 215 -43.88 16.62 35.64
N VAL B 216 -44.19 15.83 36.67
CA VAL B 216 -45.16 14.74 36.47
C VAL B 216 -46.55 15.30 36.19
N GLU B 217 -47.03 16.23 37.03
CA GLU B 217 -48.34 16.82 36.69
C GLU B 217 -48.23 17.87 35.59
N LEU B 218 -47.02 18.19 35.13
CA LEU B 218 -46.92 19.09 33.98
C LEU B 218 -47.00 18.34 32.66
N PHE B 219 -46.38 17.17 32.58
CA PHE B 219 -46.46 16.33 31.39
C PHE B 219 -47.61 15.33 31.47
N GLY B 220 -48.40 15.36 32.55
CA GLY B 220 -49.68 14.68 32.53
C GLY B 220 -50.74 15.37 31.70
N LEU B 221 -50.47 16.61 31.27
CA LEU B 221 -51.39 17.30 30.37
C LEU B 221 -51.49 16.60 29.03
N ALA B 222 -50.38 16.09 28.50
CA ALA B 222 -50.42 15.32 27.27
C ALA B 222 -51.04 13.94 27.46
N ARG B 223 -51.11 13.44 28.69
CA ARG B 223 -51.67 12.13 28.94
C ARG B 223 -53.20 12.11 28.82
N GLU B 224 -53.87 13.19 29.20
CA GLU B 224 -55.33 13.22 29.14
C GLU B 224 -55.86 13.26 27.72
N LEU B 225 -55.01 13.54 26.73
CA LEU B 225 -55.46 13.52 25.34
C LEU B 225 -55.86 12.13 24.90
N ASN B 226 -55.04 11.12 25.25
CA ASN B 226 -55.29 9.74 24.85
C ASN B 226 -54.51 8.83 25.78
N ILE B 227 -55.07 7.66 26.08
CA ILE B 227 -54.41 6.67 26.92
C ILE B 227 -53.62 5.77 25.97
N ASP B 228 -52.36 6.14 25.75
CA ASP B 228 -51.47 5.42 24.84
C ASP B 228 -50.37 4.73 25.63
N ALA B 229 -49.98 3.55 25.17
CA ALA B 229 -49.01 2.71 25.85
C ALA B 229 -47.61 2.90 25.26
N GLU B 230 -46.61 2.47 26.02
CA GLU B 230 -45.21 2.55 25.61
C GLU B 230 -44.44 1.43 26.31
N GLY B 231 -43.37 0.99 25.67
CA GLY B 231 -42.55 -0.09 26.22
C GLY B 231 -41.85 0.30 27.50
N ILE B 232 -42.25 -0.29 28.62
CA ILE B 232 -41.76 0.09 29.93
C ILE B 232 -41.23 -1.13 30.68
N ASP B 233 -40.34 -0.87 31.63
CA ASP B 233 -39.76 -1.88 32.52
C ASP B 233 -39.10 -3.03 31.75
N ALA C 16 -34.80 21.47 -28.45
CA ALA C 16 -35.18 22.40 -27.40
C ALA C 16 -35.35 21.68 -26.07
N SER C 17 -35.97 20.50 -26.11
CA SER C 17 -36.21 19.69 -24.92
C SER C 17 -35.03 18.77 -24.60
N THR C 18 -33.84 19.11 -25.08
CA THR C 18 -32.66 18.29 -24.77
C THR C 18 -32.31 18.37 -23.29
N ALA C 19 -32.51 19.53 -22.67
CA ALA C 19 -32.04 19.79 -21.33
C ALA C 19 -33.20 20.05 -20.37
N PRO C 20 -33.04 19.75 -19.09
CA PRO C 20 -34.08 20.09 -18.11
C PRO C 20 -34.11 21.58 -17.83
N LEU C 21 -35.18 22.00 -17.16
CA LEU C 21 -35.38 23.42 -16.86
C LEU C 21 -34.37 23.89 -15.83
N ARG C 22 -33.80 25.08 -16.07
CA ARG C 22 -32.86 25.69 -15.15
C ARG C 22 -32.88 27.20 -15.38
N ILE C 23 -33.34 27.94 -14.38
CA ILE C 23 -33.45 29.39 -14.50
C ILE C 23 -32.06 30.01 -14.47
N SER C 24 -31.75 30.82 -15.48
CA SER C 24 -30.41 31.37 -15.65
C SER C 24 -30.36 32.81 -15.17
N PHE C 25 -29.26 33.15 -14.49
CA PHE C 25 -29.01 34.51 -14.02
C PHE C 25 -28.03 35.26 -14.92
N ALA C 26 -27.77 34.75 -16.12
CA ALA C 26 -26.82 35.38 -17.02
C ALA C 26 -27.36 36.71 -17.54
N LYS C 27 -26.45 37.63 -17.81
CA LYS C 27 -26.80 38.97 -18.28
C LYS C 27 -26.52 39.19 -19.76
N ILE C 28 -25.57 38.47 -20.33
CA ILE C 28 -25.17 38.66 -21.72
C ILE C 28 -25.31 37.36 -22.48
N LYS C 29 -25.86 37.44 -23.69
CA LYS C 29 -26.07 36.26 -24.51
C LYS C 29 -24.75 35.70 -25.02
N GLU C 30 -24.72 34.39 -25.24
CA GLU C 30 -23.54 33.73 -25.77
C GLU C 30 -23.64 33.64 -27.29
N PRO C 31 -22.73 34.25 -28.04
CA PRO C 31 -22.75 34.13 -29.50
C PRO C 31 -22.42 32.72 -29.96
N LEU C 32 -21.34 32.16 -29.41
CA LEU C 32 -20.85 30.84 -29.80
C LEU C 32 -21.05 29.86 -28.66
N GLU C 33 -21.69 28.74 -28.94
CA GLU C 33 -21.86 27.69 -27.95
C GLU C 33 -20.54 26.96 -27.71
N VAL C 34 -20.45 26.31 -26.56
CA VAL C 34 -19.24 25.55 -26.21
C VAL C 34 -19.08 24.39 -27.19
N PRO C 35 -17.88 24.15 -27.74
CA PRO C 35 -17.73 23.07 -28.73
C PRO C 35 -17.86 21.68 -28.11
N ASN C 36 -17.69 20.65 -28.93
CA ASN C 36 -17.70 19.28 -28.42
C ASN C 36 -16.51 19.07 -27.51
N LEU C 37 -16.77 18.75 -26.25
CA LEU C 37 -15.71 18.67 -25.26
C LEU C 37 -14.83 17.44 -25.44
N LEU C 38 -15.30 16.44 -26.19
CA LEU C 38 -14.52 15.24 -26.45
C LEU C 38 -13.79 15.29 -27.78
N ALA C 39 -13.83 16.44 -28.49
CA ALA C 39 -13.24 16.54 -29.81
C ALA C 39 -11.72 16.36 -29.76
N LEU C 40 -11.10 16.73 -28.63
CA LEU C 40 -9.66 16.65 -28.49
C LEU C 40 -9.13 15.24 -28.74
N GLN C 41 -9.90 14.22 -28.35
CA GLN C 41 -9.52 12.83 -28.52
C GLN C 41 -10.06 12.25 -29.83
N THR C 42 -11.36 12.42 -30.07
CA THR C 42 -12.01 11.76 -31.20
C THR C 42 -11.55 12.34 -32.53
N GLU C 43 -11.43 13.67 -32.65
CA GLU C 43 -11.00 14.26 -33.91
C GLU C 43 -9.55 13.88 -34.23
N SER C 44 -8.70 13.85 -33.20
CA SER C 44 -7.31 13.45 -33.41
C SER C 44 -7.21 12.00 -33.86
N PHE C 45 -7.97 11.10 -33.23
CA PHE C 45 -7.88 9.71 -33.64
C PHE C 45 -8.56 9.45 -34.97
N ASP C 46 -9.57 10.26 -35.32
CA ASP C 46 -10.16 10.15 -36.65
C ASP C 46 -9.18 10.60 -37.72
N TRP C 47 -8.39 11.64 -37.42
CA TRP C 47 -7.33 12.04 -38.35
C TRP C 47 -6.27 10.95 -38.45
N LEU C 48 -5.91 10.32 -37.34
CA LEU C 48 -4.92 9.24 -37.38
C LEU C 48 -5.42 8.06 -38.21
N LEU C 49 -6.68 7.66 -38.01
CA LEU C 49 -7.23 6.56 -38.78
C LEU C 49 -7.52 6.96 -40.22
N GLY C 50 -7.90 8.21 -40.45
CA GLY C 50 -8.34 8.63 -41.77
C GLY C 50 -9.65 7.98 -42.18
N ASN C 51 -10.59 7.83 -41.24
CA ASN C 51 -11.85 7.15 -41.50
C ASN C 51 -12.82 8.11 -42.19
N ASP C 52 -14.10 7.72 -42.23
CA ASP C 52 -15.09 8.49 -42.97
C ASP C 52 -15.31 9.86 -42.35
N ALA C 53 -15.26 9.96 -41.02
CA ALA C 53 -15.49 11.23 -40.35
C ALA C 53 -14.39 12.24 -40.68
N TRP C 54 -13.13 11.80 -40.72
CA TRP C 54 -12.05 12.72 -41.02
C TRP C 54 -12.12 13.23 -42.45
N LYS C 55 -12.43 12.35 -43.41
CA LYS C 55 -12.50 12.82 -44.80
C LYS C 55 -13.73 13.71 -45.02
N ALA C 56 -14.84 13.41 -44.34
CA ALA C 56 -15.98 14.32 -44.39
C ALA C 56 -15.62 15.69 -43.81
N ARG C 57 -14.87 15.70 -42.71
CA ARG C 57 -14.45 16.96 -42.09
C ARG C 57 -13.52 17.73 -43.01
N VAL C 58 -12.57 17.04 -43.66
CA VAL C 58 -11.61 17.76 -44.49
C VAL C 58 -12.27 18.28 -45.76
N GLU C 59 -13.25 17.55 -46.32
CA GLU C 59 -13.91 18.07 -47.51
C GLU C 59 -14.85 19.23 -47.15
N SER C 60 -15.49 19.16 -45.98
CA SER C 60 -16.31 20.28 -45.54
C SER C 60 -15.46 21.53 -45.26
N ALA C 61 -14.27 21.34 -44.67
CA ALA C 61 -13.40 22.48 -44.43
C ALA C 61 -12.82 23.02 -45.73
N LEU C 62 -12.54 22.15 -46.70
CA LEU C 62 -12.03 22.60 -47.99
C LEU C 62 -13.09 23.39 -48.75
N GLU C 63 -14.33 22.92 -48.74
CA GLU C 63 -15.40 23.68 -49.38
C GLU C 63 -15.78 24.92 -48.57
N SER C 64 -15.42 24.97 -47.29
CA SER C 64 -15.58 26.16 -46.48
C SER C 64 -14.36 27.08 -46.52
N GLY C 65 -13.27 26.64 -47.14
CA GLY C 65 -12.08 27.46 -47.29
C GLY C 65 -11.11 27.43 -46.12
N GLN C 66 -11.39 26.65 -45.09
CA GLN C 66 -10.50 26.59 -43.93
C GLN C 66 -9.30 25.70 -44.21
N ASP C 67 -8.15 26.10 -43.68
CA ASP C 67 -6.94 25.31 -43.84
C ASP C 67 -7.01 24.03 -43.02
N VAL C 68 -6.63 22.92 -43.64
CA VAL C 68 -6.81 21.59 -43.05
C VAL C 68 -5.93 20.61 -43.82
N PRO C 69 -5.26 19.66 -43.17
CA PRO C 69 -4.46 18.68 -43.92
C PRO C 69 -5.35 17.71 -44.67
N THR C 70 -5.09 17.58 -45.98
CA THR C 70 -5.79 16.61 -46.80
C THR C 70 -5.18 15.23 -46.72
N LYS C 71 -4.06 15.07 -46.01
CA LYS C 71 -3.36 13.81 -45.87
C LYS C 71 -3.63 13.24 -44.49
N SER C 72 -3.91 11.93 -44.42
CA SER C 72 -4.32 11.29 -43.19
C SER C 72 -3.11 11.08 -42.26
N GLY C 73 -3.31 10.32 -41.20
CA GLY C 73 -2.24 10.07 -40.25
C GLY C 73 -1.47 8.80 -40.53
N LEU C 74 -2.17 7.79 -41.06
CA LEU C 74 -1.50 6.54 -41.42
C LEU C 74 -1.01 6.54 -42.86
N GLU C 75 -1.73 7.20 -43.76
CA GLU C 75 -1.23 7.30 -45.13
C GLU C 75 0.00 8.19 -45.19
N GLU C 76 0.08 9.21 -44.35
CA GLU C 76 1.28 10.04 -44.28
C GLU C 76 2.48 9.24 -43.80
N ILE C 77 2.29 8.40 -42.78
CA ILE C 77 3.40 7.63 -42.24
C ILE C 77 3.76 6.45 -43.14
N PHE C 78 2.83 5.95 -43.95
CA PHE C 78 3.17 4.93 -44.93
C PHE C 78 3.90 5.52 -46.13
N GLU C 79 3.50 6.73 -46.56
CA GLU C 79 4.20 7.40 -47.64
C GLU C 79 5.53 7.99 -47.19
N GLU C 80 5.73 8.16 -45.88
CA GLU C 80 7.04 8.59 -45.39
C GLU C 80 8.11 7.53 -45.65
N ILE C 81 7.74 6.26 -45.56
CA ILE C 81 8.66 5.19 -45.93
C ILE C 81 8.70 5.13 -47.45
N SER C 82 9.70 5.79 -48.04
CA SER C 82 9.86 5.81 -49.47
C SER C 82 10.31 4.43 -49.96
N PRO C 83 10.04 4.10 -51.23
CA PRO C 83 10.63 2.88 -51.81
C PRO C 83 12.15 2.88 -51.69
N ILE C 84 12.68 1.99 -50.88
CA ILE C 84 14.09 1.99 -50.55
C ILE C 84 14.86 1.22 -51.61
N GLU C 85 16.17 1.45 -51.66
CA GLU C 85 17.06 0.79 -52.59
C GLU C 85 18.19 0.12 -51.83
N ASP C 86 18.67 -1.00 -52.36
CA ASP C 86 19.82 -1.68 -51.78
C ASP C 86 21.09 -0.99 -52.24
N PHE C 87 22.24 -1.65 -52.02
CA PHE C 87 23.52 -1.07 -52.45
C PHE C 87 23.59 -0.94 -53.96
N SER C 88 22.97 -1.87 -54.69
CA SER C 88 22.92 -1.81 -56.14
C SER C 88 21.76 -0.99 -56.68
N GLY C 89 20.85 -0.54 -55.82
CA GLY C 89 19.67 0.16 -56.27
C GLY C 89 18.72 -0.69 -57.09
N SER C 90 18.51 -1.94 -56.66
CA SER C 90 17.74 -2.89 -57.46
C SER C 90 16.27 -2.93 -57.06
N MET C 91 15.98 -3.21 -55.78
CA MET C 91 14.62 -3.44 -55.34
C MET C 91 13.93 -2.14 -54.93
N SER C 92 12.61 -2.24 -54.78
CA SER C 92 11.81 -1.18 -54.18
C SER C 92 10.51 -1.80 -53.67
N LEU C 93 10.04 -1.30 -52.53
CA LEU C 93 8.75 -1.72 -52.01
C LEU C 93 7.94 -0.50 -51.62
N THR C 94 6.67 -0.50 -51.97
CA THR C 94 5.82 0.67 -51.79
C THR C 94 4.52 0.27 -51.09
N PHE C 95 4.20 0.99 -50.02
CA PHE C 95 2.95 0.81 -49.28
C PHE C 95 1.97 1.86 -49.78
N ARG C 96 1.10 1.47 -50.71
CA ARG C 96 0.24 2.45 -51.37
C ARG C 96 -0.96 2.83 -50.52
N ASP C 97 -1.84 1.86 -50.22
CA ASP C 97 -3.13 2.13 -49.61
C ASP C 97 -3.29 1.31 -48.35
N HIS C 98 -3.77 1.96 -47.29
CA HIS C 98 -4.11 1.31 -46.04
C HIS C 98 -5.63 1.26 -45.87
N ARG C 99 -6.10 0.20 -45.22
CA ARG C 99 -7.53 0.00 -45.08
C ARG C 99 -7.80 -0.75 -43.79
N PHE C 100 -9.06 -0.72 -43.35
CA PHE C 100 -9.47 -1.30 -42.09
C PHE C 100 -10.68 -2.21 -42.30
N GLU C 101 -10.74 -3.26 -41.50
CA GLU C 101 -11.89 -4.15 -41.42
C GLU C 101 -12.60 -3.97 -40.08
N PRO C 102 -13.89 -4.26 -40.00
CA PRO C 102 -14.60 -4.18 -38.71
C PRO C 102 -13.98 -5.11 -37.68
N PRO C 103 -13.94 -4.70 -36.41
CA PRO C 103 -13.32 -5.53 -35.37
C PRO C 103 -14.08 -6.84 -35.18
N LYS C 104 -13.33 -7.90 -34.91
CA LYS C 104 -13.93 -9.22 -34.73
C LYS C 104 -14.60 -9.37 -33.37
N ASN C 105 -14.33 -8.47 -32.43
CA ASN C 105 -14.92 -8.51 -31.09
C ASN C 105 -15.61 -7.19 -30.81
N SER C 106 -16.83 -7.26 -30.29
CA SER C 106 -17.54 -6.04 -29.92
C SER C 106 -16.91 -5.41 -28.69
N ILE C 107 -17.36 -4.20 -28.35
CA ILE C 107 -16.76 -3.47 -27.25
C ILE C 107 -17.11 -4.11 -25.91
N ASP C 108 -18.34 -4.59 -25.76
CA ASP C 108 -18.70 -5.32 -24.54
C ASP C 108 -17.99 -6.66 -24.47
N GLU C 109 -17.77 -7.31 -25.62
CA GLU C 109 -17.01 -8.55 -25.66
C GLU C 109 -15.57 -8.31 -25.22
N CYS C 110 -14.96 -7.21 -25.68
CA CYS C 110 -13.59 -6.88 -25.28
C CYS C 110 -13.51 -6.53 -23.80
N LYS C 111 -14.51 -5.79 -23.29
CA LYS C 111 -14.51 -5.40 -21.89
C LYS C 111 -14.69 -6.61 -20.97
N ASP C 112 -15.61 -7.50 -21.34
CA ASP C 112 -15.92 -8.63 -20.48
C ASP C 112 -14.81 -9.68 -20.49
N ARG C 113 -14.30 -10.02 -21.67
CA ARG C 113 -13.43 -11.18 -21.83
C ARG C 113 -11.95 -10.84 -21.92
N ASP C 114 -11.54 -9.69 -21.36
CA ASP C 114 -10.13 -9.34 -21.17
C ASP C 114 -9.37 -9.28 -22.49
N PHE C 115 -9.93 -8.51 -23.43
CA PHE C 115 -9.34 -8.33 -24.75
C PHE C 115 -8.99 -6.86 -24.97
N THR C 116 -8.39 -6.59 -26.13
CA THR C 116 -8.06 -5.24 -26.56
C THR C 116 -8.94 -4.89 -27.74
N TYR C 117 -9.69 -3.79 -27.64
CA TYR C 117 -10.55 -3.34 -28.72
C TYR C 117 -9.69 -2.85 -29.87
N ALA C 118 -9.63 -3.63 -30.95
CA ALA C 118 -8.73 -3.33 -32.06
C ALA C 118 -9.35 -3.81 -33.35
N ALA C 119 -8.86 -3.27 -34.46
CA ALA C 119 -9.27 -3.70 -35.78
C ALA C 119 -8.04 -4.03 -36.61
N PRO C 120 -8.13 -5.03 -37.50
CA PRO C 120 -6.98 -5.36 -38.34
C PRO C 120 -6.62 -4.22 -39.28
N LEU C 121 -5.33 -4.04 -39.52
CA LEU C 121 -4.84 -2.99 -40.41
C LEU C 121 -4.09 -3.64 -41.56
N PHE C 122 -4.58 -3.45 -42.78
CA PHE C 122 -3.96 -3.95 -43.99
C PHE C 122 -3.29 -2.80 -44.73
N VAL C 123 -2.30 -3.15 -45.55
CA VAL C 123 -1.70 -2.19 -46.47
C VAL C 123 -1.34 -2.93 -47.75
N THR C 124 -1.47 -2.25 -48.88
CA THR C 124 -1.16 -2.83 -50.19
C THR C 124 0.29 -2.52 -50.53
N ALA C 125 1.16 -3.51 -50.39
CA ALA C 125 2.59 -3.36 -50.63
C ALA C 125 2.96 -4.02 -51.95
N GLU C 126 3.60 -3.25 -52.83
CA GLU C 126 4.09 -3.80 -54.09
C GLU C 126 5.61 -3.81 -54.11
N PHE C 127 6.15 -4.91 -54.64
CA PHE C 127 7.58 -5.16 -54.73
C PHE C 127 8.01 -5.09 -56.19
N THR C 128 8.83 -4.10 -56.53
CA THR C 128 9.28 -3.86 -57.90
C THR C 128 10.79 -4.03 -57.99
N ASN C 129 11.24 -4.85 -58.93
CA ASN C 129 12.66 -5.05 -59.20
C ASN C 129 12.97 -4.48 -60.58
N ASN C 130 13.96 -3.58 -60.64
CA ASN C 130 14.25 -2.88 -61.89
C ASN C 130 14.96 -3.77 -62.90
N GLU C 131 15.87 -4.63 -62.43
CA GLU C 131 16.66 -5.47 -63.34
C GLU C 131 15.77 -6.46 -64.08
N THR C 132 14.83 -7.08 -63.37
CA THR C 132 13.91 -8.03 -63.97
C THR C 132 12.63 -7.38 -64.48
N GLY C 133 12.37 -6.12 -64.11
CA GLY C 133 11.12 -5.47 -64.49
C GLY C 133 9.90 -6.15 -63.90
N GLU C 134 10.03 -6.70 -62.71
CA GLU C 134 9.02 -7.57 -62.13
C GLU C 134 8.39 -6.90 -60.92
N ILE C 135 7.06 -6.82 -60.91
CA ILE C 135 6.30 -6.13 -59.88
C ILE C 135 5.46 -7.15 -59.13
N LYS C 136 5.55 -7.13 -57.80
CA LYS C 136 4.79 -8.04 -56.94
C LYS C 136 3.90 -7.22 -56.01
N SER C 137 2.65 -7.00 -56.40
CA SER C 137 1.70 -6.26 -55.59
C SER C 137 0.93 -7.23 -54.70
N GLN C 138 0.86 -6.92 -53.41
CA GLN C 138 0.26 -7.84 -52.45
C GLN C 138 -0.28 -7.05 -51.27
N THR C 139 -1.22 -7.67 -50.55
CA THR C 139 -1.83 -7.09 -49.36
C THR C 139 -1.29 -7.81 -48.13
N VAL C 140 -0.69 -7.06 -47.22
CA VAL C 140 -0.05 -7.61 -46.04
C VAL C 140 -0.73 -7.05 -44.79
N PHE C 141 -0.99 -7.92 -43.82
CA PHE C 141 -1.67 -7.57 -42.58
C PHE C 141 -0.64 -7.01 -41.60
N MET C 142 -0.80 -5.73 -41.24
CA MET C 142 0.19 -5.01 -40.45
C MET C 142 -0.06 -5.07 -38.95
N GLY C 143 -1.12 -5.75 -38.50
CA GLY C 143 -1.36 -5.86 -37.08
C GLY C 143 -2.73 -5.38 -36.65
N ASP C 144 -3.11 -5.71 -35.42
CA ASP C 144 -4.38 -5.27 -34.85
C ASP C 144 -4.19 -3.89 -34.24
N PHE C 145 -4.54 -2.86 -35.00
CA PHE C 145 -4.44 -1.50 -34.54
C PHE C 145 -5.53 -1.22 -33.51
N PRO C 146 -5.19 -0.80 -32.29
CA PRO C 146 -6.24 -0.49 -31.31
C PRO C 146 -7.05 0.73 -31.72
N LEU C 147 -8.32 0.74 -31.32
CA LEU C 147 -9.26 1.77 -31.73
C LEU C 147 -9.77 2.55 -30.53
N MET C 148 -10.06 3.82 -30.79
CA MET C 148 -10.69 4.69 -29.80
C MET C 148 -12.20 4.62 -29.99
N THR C 149 -12.92 4.49 -28.88
CA THR C 149 -14.37 4.41 -28.93
C THR C 149 -14.97 5.78 -29.19
N ASN C 150 -16.30 5.82 -29.26
CA ASN C 150 -16.99 7.11 -29.33
C ASN C 150 -16.91 7.89 -28.03
N LYS C 151 -16.53 7.22 -26.93
CA LYS C 151 -16.34 7.88 -25.65
C LYS C 151 -14.97 8.54 -25.53
N GLY C 152 -14.05 8.27 -26.46
CA GLY C 152 -12.72 8.82 -26.38
C GLY C 152 -11.73 7.97 -25.61
N THR C 153 -12.02 6.68 -25.40
CA THR C 153 -11.20 5.81 -24.58
C THR C 153 -10.71 4.62 -25.40
N PHE C 154 -9.58 4.06 -24.96
CA PHE C 154 -9.04 2.83 -25.52
C PHE C 154 -9.33 1.70 -24.55
N VAL C 155 -10.02 0.66 -25.01
CA VAL C 155 -10.29 -0.52 -24.20
C VAL C 155 -9.21 -1.54 -24.56
N ILE C 156 -8.16 -1.60 -23.75
CA ILE C 156 -7.05 -2.52 -23.97
C ILE C 156 -6.92 -3.42 -22.74
N ASN C 157 -6.79 -4.73 -22.98
CA ASN C 157 -6.73 -5.75 -21.94
C ASN C 157 -7.90 -5.63 -20.98
N GLY C 158 -9.08 -5.35 -21.53
CA GLY C 158 -10.29 -5.22 -20.74
C GLY C 158 -10.39 -3.98 -19.90
N THR C 159 -9.40 -3.08 -19.96
CA THR C 159 -9.36 -1.89 -19.13
C THR C 159 -9.45 -0.65 -19.99
N GLU C 160 -10.08 0.39 -19.43
CA GLU C 160 -10.34 1.63 -20.15
C GLU C 160 -9.22 2.62 -19.84
N ARG C 161 -8.49 3.02 -20.87
CA ARG C 161 -7.37 3.94 -20.78
C ARG C 161 -7.65 5.19 -21.60
N VAL C 162 -6.95 6.26 -21.26
CA VAL C 162 -6.98 7.49 -22.05
C VAL C 162 -5.56 7.92 -22.32
N VAL C 163 -5.32 8.39 -23.54
CA VAL C 163 -4.02 8.89 -23.95
C VAL C 163 -4.12 10.40 -23.99
N VAL C 164 -3.58 11.06 -22.96
CA VAL C 164 -3.69 12.50 -22.85
C VAL C 164 -2.74 13.18 -23.82
N SER C 165 -3.03 14.44 -24.13
CA SER C 165 -2.12 15.23 -24.94
C SER C 165 -0.87 15.59 -24.15
N GLN C 166 0.20 15.91 -24.87
CA GLN C 166 1.48 16.17 -24.24
C GLN C 166 1.99 17.55 -24.62
N LEU C 167 2.22 18.40 -23.63
CA LEU C 167 2.82 19.71 -23.88
C LEU C 167 4.33 19.57 -24.07
N VAL C 168 4.83 19.97 -25.24
CA VAL C 168 6.25 19.93 -25.55
C VAL C 168 6.62 21.25 -26.22
N ARG C 169 7.92 21.43 -26.44
CA ARG C 169 8.40 22.59 -27.17
C ARG C 169 8.22 22.39 -28.66
N SER C 170 7.74 23.42 -29.35
CA SER C 170 7.60 23.34 -30.79
C SER C 170 8.98 23.37 -31.45
N PRO C 171 9.21 22.52 -32.45
CA PRO C 171 10.48 22.55 -33.17
C PRO C 171 10.66 23.87 -33.92
N GLY C 172 11.89 24.38 -33.90
CA GLY C 172 12.19 25.61 -34.58
C GLY C 172 13.45 26.24 -34.01
N VAL C 173 13.61 27.53 -34.33
CA VAL C 173 14.73 28.33 -33.85
C VAL C 173 14.27 29.10 -32.62
N TYR C 174 15.21 29.32 -31.70
CA TYR C 174 14.92 30.02 -30.45
C TYR C 174 16.12 30.86 -30.06
N PHE C 175 15.86 32.14 -29.81
CA PHE C 175 16.90 33.12 -29.47
C PHE C 175 16.69 33.58 -28.03
N ASP C 176 17.77 33.59 -27.26
CA ASP C 176 17.73 33.91 -25.85
C ASP C 176 18.81 34.93 -25.52
N SER C 177 18.56 35.73 -24.49
CA SER C 177 19.52 36.70 -23.99
C SER C 177 19.69 36.50 -22.49
N SER C 178 20.94 36.61 -22.03
CA SER C 178 21.25 36.40 -20.62
C SER C 178 22.30 37.41 -20.19
N ILE C 179 22.44 37.56 -18.87
CA ILE C 179 23.41 38.48 -18.27
C ILE C 179 24.31 37.69 -17.33
N ASP C 180 25.61 37.80 -17.53
CA ASP C 180 26.60 37.13 -16.69
C ASP C 180 27.25 38.15 -15.77
N LYS C 181 27.34 37.83 -14.47
CA LYS C 181 27.94 38.75 -13.51
C LYS C 181 29.43 38.93 -13.76
N THR C 182 30.13 37.85 -14.10
CA THR C 182 31.56 37.95 -14.35
C THR C 182 31.85 38.75 -15.61
N SER C 183 31.09 38.52 -16.69
CA SER C 183 31.35 39.19 -17.95
C SER C 183 30.90 40.65 -17.90
N ASP C 184 29.90 40.97 -17.08
CA ASP C 184 29.30 42.30 -16.98
C ASP C 184 28.77 42.79 -18.33
N LYS C 185 28.25 41.87 -19.13
CA LYS C 185 27.70 42.20 -20.44
C LYS C 185 26.67 41.14 -20.80
N ASP C 186 25.85 41.45 -21.80
CA ASP C 186 24.84 40.51 -22.23
C ASP C 186 25.39 39.51 -23.25
N ILE C 187 24.88 38.28 -23.16
CA ILE C 187 25.29 37.18 -24.02
C ILE C 187 24.03 36.62 -24.68
N PHE C 188 24.06 36.50 -26.01
CA PHE C 188 22.93 35.99 -26.75
C PHE C 188 23.24 34.58 -27.27
N SER C 189 22.19 33.78 -27.40
CA SER C 189 22.30 32.41 -27.86
C SER C 189 21.16 32.11 -28.81
N ALA C 190 21.39 31.16 -29.70
CA ALA C 190 20.39 30.66 -30.63
C ALA C 190 20.45 29.14 -30.62
N LYS C 191 19.31 28.51 -30.86
CA LYS C 191 19.30 27.06 -30.95
C LYS C 191 18.24 26.64 -31.97
N ILE C 192 18.55 25.57 -32.70
CA ILE C 192 17.62 25.03 -33.70
C ILE C 192 17.28 23.62 -33.25
N ILE C 193 16.12 23.45 -32.61
CA ILE C 193 15.69 22.16 -32.09
C ILE C 193 14.70 21.54 -33.07
N PRO C 194 14.97 20.35 -33.59
CA PRO C 194 14.04 19.72 -34.54
C PRO C 194 13.07 18.78 -33.88
N SER C 195 12.14 18.23 -34.68
CA SER C 195 11.22 17.22 -34.15
C SER C 195 11.94 15.94 -33.78
N ARG C 196 12.91 15.52 -34.59
CA ARG C 196 13.54 14.21 -34.38
C ARG C 196 15.06 14.26 -34.29
N GLY C 197 15.71 15.12 -35.07
CA GLY C 197 17.14 15.07 -35.23
C GLY C 197 17.92 15.66 -34.08
N ALA C 198 19.21 15.87 -34.31
CA ALA C 198 20.10 16.45 -33.33
C ALA C 198 19.92 17.96 -33.27
N TRP C 199 20.54 18.58 -32.26
CA TRP C 199 20.36 20.00 -32.00
C TRP C 199 21.66 20.74 -32.22
N LEU C 200 21.56 22.01 -32.62
CA LEU C 200 22.71 22.87 -32.80
C LEU C 200 22.45 24.22 -32.14
N GLU C 201 23.52 24.82 -31.62
CA GLU C 201 23.46 26.06 -30.87
C GLU C 201 24.49 27.04 -31.39
N MET C 202 24.26 28.32 -31.10
CA MET C 202 25.15 29.41 -31.53
C MET C 202 25.17 30.44 -30.40
N GLU C 203 26.27 30.50 -29.67
CA GLU C 203 26.41 31.45 -28.56
C GLU C 203 27.38 32.54 -28.98
N ILE C 204 26.95 33.80 -28.90
CA ILE C 204 27.74 34.92 -29.38
C ILE C 204 28.35 35.65 -28.18
N ASP C 205 29.64 35.98 -28.32
CA ASP C 205 30.38 36.78 -27.35
C ASP C 205 30.37 36.17 -25.95
N LYS C 206 30.84 34.91 -25.87
CA LYS C 206 31.20 34.36 -24.58
C LYS C 206 32.42 35.08 -24.00
N ARG C 207 33.42 35.32 -24.84
CA ARG C 207 34.57 36.16 -24.51
C ARG C 207 34.81 37.11 -25.68
N ASP C 208 33.71 37.71 -26.16
CA ASP C 208 33.63 38.52 -27.37
C ASP C 208 34.07 37.70 -28.60
N MET C 209 33.71 36.42 -28.64
CA MET C 209 33.78 35.59 -29.82
C MET C 209 32.48 34.80 -29.96
N VAL C 210 32.04 34.63 -31.20
CA VAL C 210 30.83 33.87 -31.50
C VAL C 210 31.23 32.43 -31.85
N GLY C 211 30.48 31.46 -31.31
CA GLY C 211 30.84 30.07 -31.47
C GLY C 211 29.60 29.20 -31.64
N VAL C 212 29.85 27.99 -32.16
CA VAL C 212 28.80 27.02 -32.45
C VAL C 212 28.95 25.83 -31.52
N ARG C 213 27.82 25.25 -31.13
CA ARG C 213 27.76 23.99 -30.39
C ARG C 213 27.09 22.96 -31.30
N ILE C 214 27.84 21.97 -31.74
CA ILE C 214 27.29 20.83 -32.48
C ILE C 214 27.17 19.70 -31.47
N ASP C 215 25.99 19.60 -30.85
CA ASP C 215 25.69 18.65 -29.77
C ASP C 215 26.60 18.81 -28.57
N ARG C 216 27.24 19.98 -28.43
CA ARG C 216 28.15 20.30 -27.33
C ARG C 216 29.27 19.27 -27.19
N LYS C 217 30.06 19.12 -28.25
CA LYS C 217 31.12 18.12 -28.26
C LYS C 217 32.49 18.73 -27.97
N ARG C 218 32.90 19.71 -28.77
CA ARG C 218 34.24 20.29 -28.64
C ARG C 218 34.18 21.77 -28.97
N LYS C 219 35.16 22.51 -28.46
CA LYS C 219 35.23 23.94 -28.72
C LYS C 219 35.50 24.20 -30.21
N GLN C 220 34.76 25.15 -30.77
CA GLN C 220 34.78 25.44 -32.19
C GLN C 220 34.15 26.80 -32.41
N SER C 221 34.32 27.32 -33.63
CA SER C 221 33.88 28.66 -33.97
C SER C 221 32.86 28.61 -35.10
N VAL C 222 32.46 29.78 -35.57
CA VAL C 222 31.46 29.87 -36.63
C VAL C 222 32.12 29.91 -38.01
N THR C 223 33.30 30.53 -38.12
CA THR C 223 33.97 30.66 -39.40
C THR C 223 34.34 29.29 -39.97
N VAL C 224 34.76 28.36 -39.11
CA VAL C 224 35.15 27.04 -39.58
C VAL C 224 33.95 26.29 -40.15
N LEU C 225 32.77 26.48 -39.55
CA LEU C 225 31.58 25.79 -40.04
C LEU C 225 31.11 26.38 -41.36
N LEU C 226 31.15 27.71 -41.50
CA LEU C 226 30.77 28.35 -42.74
C LEU C 226 31.74 28.00 -43.87
N LYS C 227 33.04 27.97 -43.57
CA LYS C 227 34.02 27.58 -44.58
C LYS C 227 33.90 26.09 -44.90
N ALA C 228 33.42 25.28 -43.95
CA ALA C 228 33.20 23.87 -44.22
C ALA C 228 32.03 23.66 -45.18
N LEU C 229 31.12 24.63 -45.26
CA LEU C 229 30.00 24.56 -46.18
C LEU C 229 30.42 25.13 -47.54
N GLY C 230 29.45 25.38 -48.41
CA GLY C 230 29.73 25.76 -49.78
C GLY C 230 30.11 27.20 -50.03
N TRP C 231 30.13 28.04 -49.01
CA TRP C 231 30.48 29.45 -49.16
C TRP C 231 31.93 29.68 -48.80
N THR C 232 32.65 30.42 -49.65
CA THR C 232 34.05 30.71 -49.44
C THR C 232 34.23 31.93 -48.55
N THR C 233 35.49 32.26 -48.25
CA THR C 233 35.79 33.36 -47.33
C THR C 233 35.40 34.71 -47.92
N GLU C 234 35.58 34.88 -49.23
CA GLU C 234 35.27 36.15 -49.87
C GLU C 234 33.79 36.49 -49.77
N GLN C 235 32.93 35.49 -49.95
CA GLN C 235 31.49 35.71 -49.84
C GLN C 235 31.11 36.10 -48.42
N ILE C 236 31.75 35.48 -47.42
CA ILE C 236 31.48 35.83 -46.02
C ILE C 236 31.91 37.26 -45.73
N LEU C 237 33.12 37.63 -46.17
CA LEU C 237 33.59 38.98 -45.87
C LEU C 237 32.85 40.04 -46.67
N GLU C 238 32.23 39.66 -47.78
CA GLU C 238 31.45 40.62 -48.55
C GLU C 238 30.05 40.80 -47.99
N GLU C 239 29.35 39.69 -47.75
CA GLU C 239 27.94 39.76 -47.37
C GLU C 239 27.76 40.00 -45.87
N PHE C 240 28.69 39.54 -45.04
CA PHE C 240 28.50 39.50 -43.60
C PHE C 240 29.38 40.50 -42.86
N GLY C 241 29.87 41.53 -43.55
CA GLY C 241 30.91 42.38 -43.02
C GLY C 241 30.49 43.63 -42.30
N GLU C 242 29.23 43.72 -41.86
CA GLU C 242 28.77 44.91 -41.16
C GLU C 242 28.58 44.70 -39.66
N TYR C 243 29.14 43.63 -39.10
CA TYR C 243 29.09 43.36 -37.67
C TYR C 243 30.51 43.10 -37.16
N GLU C 244 30.90 43.80 -36.09
CA GLU C 244 32.31 43.86 -35.72
C GLU C 244 32.79 42.58 -35.04
N SER C 245 31.95 41.92 -34.25
CA SER C 245 32.38 40.70 -33.55
C SER C 245 32.64 39.56 -34.52
N MET C 246 31.76 39.41 -35.52
CA MET C 246 31.99 38.36 -36.49
C MET C 246 33.18 38.69 -37.39
N ARG C 247 33.42 39.97 -37.66
CA ARG C 247 34.64 40.35 -38.36
C ARG C 247 35.88 40.00 -37.56
N ALA C 248 35.83 40.20 -36.24
CA ALA C 248 36.94 39.83 -35.38
C ALA C 248 37.19 38.33 -35.40
N THR C 249 36.11 37.53 -35.36
CA THR C 249 36.28 36.08 -35.45
C THR C 249 36.81 35.67 -36.82
N LEU C 250 36.38 36.35 -37.88
CA LEU C 250 36.89 36.05 -39.22
C LEU C 250 38.38 36.36 -39.33
N GLU C 251 38.80 37.53 -38.83
CA GLU C 251 40.20 37.92 -38.97
C GLU C 251 41.10 37.16 -38.01
N LYS C 252 40.57 36.66 -36.90
CA LYS C 252 41.36 35.89 -35.96
C LYS C 252 41.43 34.41 -36.33
N ASP C 253 40.70 33.98 -37.36
CA ASP C 253 40.71 32.58 -37.78
C ASP C 253 41.99 32.31 -38.56
N HIS C 254 42.88 31.52 -37.97
CA HIS C 254 44.16 31.24 -38.62
C HIS C 254 43.99 30.30 -39.81
N THR C 255 43.10 29.32 -39.70
CA THR C 255 42.87 28.37 -40.79
C THR C 255 42.12 29.05 -41.94
N GLN C 256 42.27 28.47 -43.13
CA GLN C 256 41.61 29.00 -44.32
C GLN C 256 41.36 27.85 -45.28
N GLY C 257 40.40 28.05 -46.16
CA GLY C 257 40.06 27.03 -47.14
C GLY C 257 39.00 26.07 -46.64
N GLN C 258 38.23 25.53 -47.58
CA GLN C 258 37.18 24.58 -47.24
C GLN C 258 37.76 23.27 -46.70
N ASP C 259 38.84 22.78 -47.32
CA ASP C 259 39.41 21.50 -46.94
C ASP C 259 39.96 21.52 -45.52
N ASP C 260 40.69 22.58 -45.17
CA ASP C 260 41.27 22.68 -43.83
C ASP C 260 40.18 22.79 -42.78
N ALA C 261 39.13 23.58 -43.05
CA ALA C 261 38.02 23.72 -42.11
C ALA C 261 37.29 22.41 -41.93
N LEU C 262 37.04 21.66 -43.01
CA LEU C 262 36.33 20.40 -42.91
C LEU C 262 37.16 19.36 -42.15
N LEU C 263 38.47 19.28 -42.44
CA LEU C 263 39.30 18.32 -41.72
C LEU C 263 39.42 18.68 -40.25
N ASP C 264 39.50 19.98 -39.95
CA ASP C 264 39.57 20.41 -38.55
C ASP C 264 38.27 20.10 -37.81
N ILE C 265 37.12 20.34 -38.44
CA ILE C 265 35.86 20.08 -37.76
C ILE C 265 35.62 18.58 -37.61
N TYR C 266 36.11 17.77 -38.56
CA TYR C 266 35.98 16.33 -38.42
C TYR C 266 36.90 15.79 -37.34
N ARG C 267 38.11 16.35 -37.22
CA ARG C 267 39.02 15.92 -36.17
C ARG C 267 38.51 16.32 -34.79
N LYS C 268 37.96 17.54 -34.67
CA LYS C 268 37.43 17.98 -33.39
C LYS C 268 36.17 17.23 -33.01
N LEU C 269 35.31 16.91 -33.98
CA LEU C 269 34.08 16.20 -33.67
C LEU C 269 34.34 14.73 -33.37
N ARG C 270 35.21 14.09 -34.15
CA ARG C 270 35.51 12.65 -34.01
C ARG C 270 37.01 12.47 -33.90
N PRO C 271 37.57 12.64 -32.70
CA PRO C 271 39.00 12.43 -32.52
C PRO C 271 39.37 10.96 -32.53
N GLY C 272 40.65 10.70 -32.77
CA GLY C 272 41.19 9.36 -32.77
C GLY C 272 41.44 8.77 -34.14
N GLU C 273 40.88 9.37 -35.19
CA GLU C 273 41.07 8.89 -36.55
C GLU C 273 41.49 10.04 -37.45
N PRO C 274 42.28 9.77 -38.48
CA PRO C 274 42.67 10.81 -39.43
C PRO C 274 41.46 11.35 -40.18
N PRO C 275 41.44 12.64 -40.50
CA PRO C 275 40.31 13.19 -41.25
C PRO C 275 40.28 12.68 -42.68
N THR C 276 39.06 12.61 -43.23
CA THR C 276 38.85 12.15 -44.59
C THR C 276 37.81 13.05 -45.24
N ARG C 277 38.01 13.34 -46.53
CA ARG C 277 37.06 14.15 -47.28
C ARG C 277 35.69 13.51 -47.34
N GLU C 278 35.63 12.25 -47.77
CA GLU C 278 34.34 11.58 -47.93
C GLU C 278 33.69 11.30 -46.58
N ALA C 279 34.48 10.96 -45.57
CA ALA C 279 33.91 10.68 -44.25
C ALA C 279 33.31 11.94 -43.62
N ALA C 280 34.03 13.06 -43.70
CA ALA C 280 33.50 14.31 -43.15
C ALA C 280 32.30 14.80 -43.95
N GLN C 281 32.34 14.65 -45.27
CA GLN C 281 31.20 15.05 -46.09
C GLN C 281 29.97 14.23 -45.76
N THR C 282 30.13 12.91 -45.59
CA THR C 282 29.00 12.05 -45.25
C THR C 282 28.50 12.34 -43.84
N LEU C 283 29.40 12.64 -42.90
CA LEU C 283 28.96 12.96 -41.55
C LEU C 283 28.17 14.27 -41.51
N LEU C 284 28.64 15.29 -42.22
CA LEU C 284 27.90 16.55 -42.24
C LEU C 284 26.59 16.42 -43.01
N GLU C 285 26.54 15.56 -44.03
CA GLU C 285 25.30 15.37 -44.76
C GLU C 285 24.31 14.50 -43.99
N ASN C 286 24.81 13.63 -43.12
CA ASN C 286 23.94 12.72 -42.39
C ASN C 286 23.46 13.31 -41.07
N LEU C 287 24.29 14.13 -40.41
CA LEU C 287 23.93 14.66 -39.11
C LEU C 287 22.78 15.66 -39.20
N TYR C 288 22.78 16.49 -40.24
CA TYR C 288 21.80 17.57 -40.38
C TYR C 288 21.01 17.50 -41.67
N PHE C 289 21.63 17.10 -42.77
CA PHE C 289 21.00 17.18 -44.08
C PHE C 289 20.34 15.87 -44.50
N ASN C 290 20.40 14.84 -43.69
CA ASN C 290 19.82 13.54 -44.06
C ASN C 290 18.30 13.58 -43.91
N PRO C 291 17.53 13.30 -44.97
CA PRO C 291 16.06 13.33 -44.86
C PRO C 291 15.46 12.29 -43.93
N LYS C 292 16.26 11.38 -43.37
CA LYS C 292 15.75 10.37 -42.44
C LYS C 292 16.17 10.61 -41.00
N ARG C 293 17.38 11.10 -40.75
CA ARG C 293 17.86 11.34 -39.40
C ARG C 293 17.56 12.75 -38.91
N TYR C 294 17.08 13.63 -39.79
CA TYR C 294 16.72 15.00 -39.42
C TYR C 294 15.34 15.34 -39.98
N ASP C 295 14.36 14.49 -39.73
CA ASP C 295 13.02 14.78 -40.19
C ASP C 295 12.41 15.92 -39.40
N LEU C 296 12.70 17.14 -39.81
CA LEU C 296 12.03 18.30 -39.23
C LEU C 296 10.56 18.28 -39.63
N ALA C 297 9.68 18.49 -38.65
CA ALA C 297 8.26 18.31 -38.89
C ALA C 297 7.71 19.46 -39.75
N LYS C 298 6.43 19.33 -40.12
CA LYS C 298 5.74 20.41 -40.80
C LYS C 298 5.65 21.63 -39.91
N VAL C 299 5.37 21.43 -38.62
CA VAL C 299 5.31 22.54 -37.67
C VAL C 299 6.71 23.15 -37.49
N GLY C 300 7.75 22.31 -37.49
CA GLY C 300 9.10 22.83 -37.35
C GLY C 300 9.51 23.71 -38.51
N ARG C 301 9.27 23.25 -39.73
CA ARG C 301 9.57 24.06 -40.91
C ARG C 301 8.73 25.32 -40.95
N TYR C 302 7.44 25.21 -40.59
CA TYR C 302 6.57 26.37 -40.58
C TYR C 302 7.07 27.42 -39.60
N LYS C 303 7.46 26.98 -38.40
CA LYS C 303 7.94 27.94 -37.39
C LYS C 303 9.29 28.52 -37.77
N VAL C 304 10.17 27.72 -38.39
CA VAL C 304 11.47 28.23 -38.81
C VAL C 304 11.29 29.31 -39.88
N ASN C 305 10.46 29.04 -40.89
CA ASN C 305 10.29 30.05 -41.94
C ASN C 305 9.43 31.21 -41.47
N LYS C 306 8.63 31.05 -40.42
CA LYS C 306 7.90 32.18 -39.87
C LYS C 306 8.82 33.09 -39.07
N LYS C 307 9.70 32.52 -38.25
CA LYS C 307 10.59 33.33 -37.44
C LYS C 307 11.70 33.96 -38.27
N LEU C 308 12.27 33.19 -39.20
CA LEU C 308 13.37 33.67 -40.02
C LEU C 308 12.90 34.37 -41.29
N GLY C 309 11.60 34.37 -41.56
CA GLY C 309 11.09 35.10 -42.70
C GLY C 309 11.34 34.48 -44.05
N ALA C 310 11.59 33.17 -44.10
CA ALA C 310 11.82 32.49 -45.38
C ALA C 310 10.53 32.43 -46.17
N ASP C 311 10.48 33.17 -47.28
CA ASP C 311 9.24 33.29 -48.07
C ASP C 311 9.12 32.08 -48.99
N GLU C 312 8.10 31.25 -48.74
CA GLU C 312 7.77 30.04 -49.48
C GLU C 312 8.96 29.10 -49.64
N PRO C 313 9.42 28.44 -48.56
CA PRO C 313 10.43 27.39 -48.73
C PRO C 313 9.77 26.06 -49.04
N LEU C 314 10.55 24.98 -49.06
CA LEU C 314 9.98 23.65 -49.16
C LEU C 314 9.11 23.38 -47.93
N ASP C 315 7.98 22.70 -48.16
CA ASP C 315 7.02 22.47 -47.08
C ASP C 315 7.60 21.59 -45.98
N ALA C 316 8.33 20.55 -46.36
CA ALA C 316 8.97 19.65 -45.41
C ALA C 316 10.38 19.34 -45.87
N GLY C 317 11.30 19.26 -44.92
CA GLY C 317 12.67 18.92 -45.26
C GLY C 317 13.61 19.24 -44.12
N VAL C 318 14.88 18.95 -44.36
CA VAL C 318 15.96 19.21 -43.41
C VAL C 318 16.36 20.68 -43.53
N LEU C 319 17.17 21.15 -42.59
CA LEU C 319 17.67 22.51 -42.68
C LEU C 319 18.76 22.57 -43.74
N THR C 320 18.71 23.59 -44.57
CA THR C 320 19.72 23.81 -45.59
C THR C 320 20.80 24.73 -45.03
N THR C 321 21.83 24.98 -45.85
CA THR C 321 22.82 25.98 -45.45
C THR C 321 22.22 27.37 -45.42
N ASP C 322 21.17 27.61 -46.22
CA ASP C 322 20.50 28.90 -46.22
C ASP C 322 19.85 29.18 -44.86
N ASP C 323 19.26 28.16 -44.23
CA ASP C 323 18.65 28.35 -42.92
C ASP C 323 19.71 28.65 -41.86
N VAL C 324 20.85 27.97 -41.92
CA VAL C 324 21.93 28.23 -40.97
C VAL C 324 22.48 29.65 -41.14
N ILE C 325 22.64 30.07 -42.39
CA ILE C 325 23.11 31.42 -42.68
C ILE C 325 22.11 32.47 -42.20
N ALA C 326 20.82 32.23 -42.43
CA ALA C 326 19.79 33.15 -41.93
C ALA C 326 19.76 33.20 -40.41
N THR C 327 19.97 32.05 -39.75
CA THR C 327 20.06 32.04 -38.30
C THR C 327 21.25 32.84 -37.80
N ILE C 328 22.39 32.72 -38.49
CA ILE C 328 23.58 33.49 -38.11
C ILE C 328 23.30 34.99 -38.26
N LYS C 329 22.68 35.38 -39.37
CA LYS C 329 22.35 36.79 -39.58
C LYS C 329 21.37 37.29 -38.53
N TYR C 330 20.37 36.50 -38.19
CA TYR C 330 19.40 36.88 -37.17
C TYR C 330 20.08 37.07 -35.81
N LEU C 331 20.98 36.14 -35.45
CA LEU C 331 21.66 36.23 -34.17
C LEU C 331 22.58 37.45 -34.10
N VAL C 332 23.34 37.71 -35.18
CA VAL C 332 24.26 38.85 -35.12
C VAL C 332 23.49 40.17 -35.18
N LYS C 333 22.36 40.22 -35.89
CA LYS C 333 21.52 41.41 -35.88
C LYS C 333 20.94 41.65 -34.50
N LEU C 334 20.50 40.57 -33.83
CA LEU C 334 19.95 40.71 -32.48
C LEU C 334 21.02 41.17 -31.50
N HIS C 335 22.25 40.66 -31.64
CA HIS C 335 23.32 41.07 -30.76
C HIS C 335 23.75 42.51 -31.01
N ALA C 336 23.76 42.94 -32.27
CA ALA C 336 24.23 44.27 -32.61
C ALA C 336 23.30 45.36 -32.10
N GLY C 337 22.02 45.08 -31.90
CA GLY C 337 21.13 46.03 -31.28
C GLY C 337 19.81 46.30 -32.00
N GLU C 338 19.82 46.27 -33.32
CA GLU C 338 18.61 46.60 -34.07
C GLU C 338 17.56 45.52 -33.90
N THR C 339 16.30 45.95 -33.82
CA THR C 339 15.17 45.06 -33.58
C THR C 339 14.32 44.82 -34.83
N GLU C 340 14.71 45.36 -35.97
CA GLU C 340 13.92 45.25 -37.19
C GLU C 340 14.86 45.18 -38.38
N THR C 341 14.60 44.25 -39.30
CA THR C 341 15.48 44.14 -40.45
C THR C 341 14.73 43.44 -41.59
N VAL C 342 15.28 43.57 -42.80
CA VAL C 342 14.79 42.79 -43.92
C VAL C 342 15.23 41.34 -43.76
N GLY C 343 14.30 40.42 -43.98
CA GLY C 343 14.62 39.01 -43.83
C GLY C 343 15.55 38.54 -44.94
N GLU C 344 16.58 37.80 -44.57
CA GLU C 344 17.47 37.18 -45.56
C GLU C 344 16.67 36.16 -46.35
N SER C 345 16.54 36.40 -47.65
CA SER C 345 15.55 35.73 -48.50
C SER C 345 14.16 35.84 -47.87
N GLY C 346 13.70 37.08 -47.78
CA GLY C 346 12.43 37.34 -47.13
C GLY C 346 12.13 38.82 -47.09
N ARG C 347 11.15 39.18 -46.27
CA ARG C 347 10.64 40.53 -46.18
C ARG C 347 11.04 41.19 -44.86
N GLU C 348 10.57 42.42 -44.68
CA GLU C 348 10.84 43.19 -43.46
C GLU C 348 10.15 42.58 -42.25
N ILE C 349 10.95 42.06 -41.31
CA ILE C 349 10.43 41.35 -40.15
C ILE C 349 11.14 41.87 -38.91
N VAL C 350 10.54 41.61 -37.74
CA VAL C 350 11.02 42.08 -36.45
C VAL C 350 12.01 41.06 -35.88
N VAL C 351 13.04 41.58 -35.21
CA VAL C 351 14.07 40.77 -34.57
C VAL C 351 13.99 40.97 -33.07
N GLU C 352 13.73 39.89 -32.35
CA GLU C 352 13.71 39.95 -30.89
C GLU C 352 13.96 38.56 -30.35
N THR C 353 14.34 38.50 -29.08
CA THR C 353 14.42 37.24 -28.38
C THR C 353 13.02 36.76 -28.02
N ASP C 354 12.87 35.45 -27.92
CA ASP C 354 11.60 34.83 -27.56
C ASP C 354 11.81 33.89 -26.38
N ASP C 355 10.87 33.89 -25.45
CA ASP C 355 10.92 32.98 -24.31
C ASP C 355 10.22 31.66 -24.63
N ILE C 356 10.80 30.57 -24.14
CA ILE C 356 10.30 29.23 -24.44
C ILE C 356 9.00 28.90 -23.74
N ASP C 357 8.56 29.73 -22.79
CA ASP C 357 7.33 29.49 -22.05
C ASP C 357 6.12 30.14 -22.70
N HIS C 358 6.31 30.92 -23.76
CA HIS C 358 5.17 31.47 -24.48
C HIS C 358 4.35 30.35 -25.09
N PHE C 359 3.03 30.48 -25.03
CA PHE C 359 2.17 29.36 -25.36
C PHE C 359 1.97 29.20 -26.85
N GLY C 360 2.47 30.15 -27.65
CA GLY C 360 2.59 29.94 -29.09
C GLY C 360 3.82 29.16 -29.49
N ASN C 361 4.78 29.02 -28.59
CA ASN C 361 5.93 28.15 -28.78
C ASN C 361 5.75 26.80 -28.09
N ARG C 362 4.62 26.59 -27.41
CA ARG C 362 4.32 25.32 -26.76
C ARG C 362 3.28 24.60 -27.59
N ARG C 363 3.59 23.36 -27.96
CA ARG C 363 2.78 22.58 -28.88
C ARG C 363 2.36 21.29 -28.21
N ILE C 364 1.13 20.85 -28.44
CA ILE C 364 0.65 19.61 -27.83
C ILE C 364 0.69 18.50 -28.87
N ARG C 365 1.30 17.38 -28.47
CA ARG C 365 1.21 16.13 -29.20
C ARG C 365 -0.07 15.46 -28.75
N ASN C 366 -1.08 15.45 -29.61
CA ASN C 366 -2.35 14.80 -29.30
C ASN C 366 -2.21 13.29 -29.40
N VAL C 367 -3.33 12.58 -29.25
CA VAL C 367 -3.30 11.12 -29.28
C VAL C 367 -2.88 10.61 -30.66
N GLY C 368 -3.33 11.28 -31.73
CA GLY C 368 -2.96 10.86 -33.07
C GLY C 368 -1.48 10.97 -33.32
N GLU C 369 -0.87 12.08 -32.90
CA GLU C 369 0.56 12.27 -33.12
C GLU C 369 1.40 11.33 -32.26
N LEU C 370 0.96 11.03 -31.03
CA LEU C 370 1.71 10.11 -30.19
C LEU C 370 1.69 8.70 -30.74
N ILE C 371 0.50 8.21 -31.14
CA ILE C 371 0.42 6.89 -31.72
C ILE C 371 1.14 6.84 -33.07
N GLN C 372 1.11 7.96 -33.82
CA GLN C 372 1.87 8.03 -35.06
C GLN C 372 3.37 7.93 -34.82
N ASN C 373 3.87 8.59 -33.78
CA ASN C 373 5.29 8.48 -33.46
C ASN C 373 5.67 7.06 -33.06
N GLN C 374 4.81 6.39 -32.29
CA GLN C 374 5.08 5.01 -31.90
C GLN C 374 5.09 4.08 -33.11
N VAL C 375 4.13 4.27 -34.02
CA VAL C 375 4.09 3.48 -35.25
C VAL C 375 5.32 3.78 -36.12
N ARG C 376 5.80 5.03 -36.10
CA ARG C 376 7.00 5.38 -36.85
C ARG C 376 8.22 4.68 -36.29
N THR C 377 8.34 4.60 -34.96
CA THR C 377 9.44 3.85 -34.36
C THR C 377 9.38 2.38 -34.72
N GLY C 378 8.18 1.79 -34.65
CA GLY C 378 8.02 0.41 -35.06
C GLY C 378 8.37 0.17 -36.52
N LEU C 379 7.96 1.09 -37.39
CA LEU C 379 8.25 0.95 -38.82
C LEU C 379 9.73 1.16 -39.12
N ALA C 380 10.40 2.02 -38.35
CA ALA C 380 11.85 2.16 -38.52
C ALA C 380 12.58 0.88 -38.11
N ARG C 381 12.13 0.25 -37.02
CA ARG C 381 12.70 -1.04 -36.65
C ARG C 381 12.41 -2.09 -37.72
N MET C 382 11.21 -2.07 -38.28
CA MET C 382 10.87 -2.98 -39.38
C MET C 382 11.74 -2.73 -40.60
N GLU C 383 12.06 -1.47 -40.88
CA GLU C 383 12.90 -1.15 -42.02
C GLU C 383 14.33 -1.62 -41.81
N ARG C 384 14.84 -1.49 -40.58
CA ARG C 384 16.16 -2.05 -40.26
C ARG C 384 16.15 -3.57 -40.43
N VAL C 385 15.09 -4.23 -39.96
CA VAL C 385 14.99 -5.68 -40.07
C VAL C 385 14.93 -6.11 -41.54
N VAL C 386 14.15 -5.40 -42.35
CA VAL C 386 14.02 -5.78 -43.76
C VAL C 386 15.31 -5.48 -44.52
N ARG C 387 16.05 -4.43 -44.14
CA ARG C 387 17.36 -4.20 -44.73
C ARG C 387 18.32 -5.34 -44.41
N GLU C 388 18.35 -5.76 -43.15
CA GLU C 388 19.19 -6.89 -42.76
C GLU C 388 18.77 -8.16 -43.49
N ARG C 389 17.46 -8.32 -43.71
CA ARG C 389 16.96 -9.49 -44.43
C ARG C 389 17.38 -9.49 -45.89
N MET C 390 17.26 -8.34 -46.56
CA MET C 390 17.59 -8.28 -47.98
C MET C 390 19.09 -8.28 -48.23
N THR C 391 19.90 -7.93 -47.23
CA THR C 391 21.35 -8.05 -47.40
C THR C 391 21.81 -9.50 -47.36
N THR C 392 21.00 -10.41 -46.86
CA THR C 392 21.34 -11.83 -46.77
C THR C 392 20.24 -12.69 -47.40
N GLN C 393 19.76 -12.28 -48.58
CA GLN C 393 18.74 -13.03 -49.29
C GLN C 393 18.97 -12.90 -50.78
N ASP C 394 18.61 -13.96 -51.52
CA ASP C 394 18.81 -13.95 -53.00
C ASP C 394 17.57 -13.40 -53.70
N VAL C 395 17.74 -12.85 -54.91
CA VAL C 395 16.59 -12.31 -55.70
C VAL C 395 15.79 -13.47 -56.30
N GLU C 396 14.53 -13.22 -56.70
CA GLU C 396 13.66 -14.26 -57.32
C GLU C 396 13.19 -15.24 -56.23
N ALA C 397 13.36 -14.88 -54.96
CA ALA C 397 12.90 -15.73 -53.84
C ALA C 397 12.34 -14.80 -52.77
N ILE C 398 12.06 -13.54 -53.15
CA ILE C 398 11.57 -12.56 -52.19
C ILE C 398 10.10 -12.31 -52.47
N THR C 399 9.28 -12.39 -51.43
CA THR C 399 7.85 -12.15 -51.51
C THR C 399 7.46 -11.14 -50.44
N PRO C 400 6.56 -10.19 -50.76
CA PRO C 400 6.14 -9.19 -49.77
C PRO C 400 5.59 -9.78 -48.47
N GLN C 401 5.02 -10.99 -48.52
CA GLN C 401 4.58 -11.64 -47.30
C GLN C 401 5.74 -12.10 -46.43
N THR C 402 6.97 -12.12 -46.96
CA THR C 402 8.09 -12.76 -46.30
C THR C 402 9.12 -11.79 -45.76
N LEU C 403 9.61 -10.85 -46.58
CA LEU C 403 10.76 -10.06 -46.17
C LEU C 403 10.44 -9.02 -45.11
N ILE C 404 9.18 -8.63 -44.96
CA ILE C 404 8.77 -7.67 -43.94
C ILE C 404 8.19 -8.42 -42.75
N ASN C 405 8.43 -7.90 -41.55
CA ASN C 405 7.98 -8.51 -40.31
C ASN C 405 7.17 -7.49 -39.53
N ILE C 406 5.91 -7.84 -39.20
CA ILE C 406 5.03 -6.93 -38.48
C ILE C 406 5.23 -6.99 -36.98
N ARG C 407 6.15 -7.84 -36.50
CA ARG C 407 6.41 -7.94 -35.06
C ARG C 407 6.89 -6.63 -34.43
N PRO C 408 7.84 -5.86 -35.02
CA PRO C 408 8.21 -4.59 -34.39
C PRO C 408 7.07 -3.59 -34.28
N VAL C 409 6.17 -3.53 -35.26
CA VAL C 409 5.09 -2.55 -35.22
C VAL C 409 4.12 -2.86 -34.09
N VAL C 410 3.68 -4.11 -34.00
CA VAL C 410 2.75 -4.51 -32.94
C VAL C 410 3.42 -4.42 -31.58
N ALA C 411 4.71 -4.76 -31.51
CA ALA C 411 5.45 -4.63 -30.25
C ALA C 411 5.53 -3.18 -29.80
N SER C 412 5.80 -2.26 -30.74
CA SER C 412 5.86 -0.85 -30.40
C SER C 412 4.50 -0.32 -29.94
N ILE C 413 3.43 -0.72 -30.64
CA ILE C 413 2.09 -0.27 -30.26
C ILE C 413 1.73 -0.78 -28.86
N LYS C 414 1.98 -2.07 -28.60
CA LYS C 414 1.64 -2.64 -27.31
C LYS C 414 2.53 -2.08 -26.20
N GLU C 415 3.78 -1.74 -26.51
CA GLU C 415 4.64 -1.09 -25.53
C GLU C 415 4.26 0.36 -25.31
N PHE C 416 3.54 0.97 -26.25
CA PHE C 416 3.03 2.31 -26.00
C PHE C 416 1.79 2.27 -25.11
N PHE C 417 0.83 1.41 -25.45
CA PHE C 417 -0.44 1.44 -24.73
C PHE C 417 -0.32 0.92 -23.31
N GLY C 418 0.74 0.19 -22.99
CA GLY C 418 0.99 -0.22 -21.62
C GLY C 418 2.37 0.22 -21.15
N THR C 419 2.52 0.43 -19.84
CA THR C 419 3.78 0.85 -19.22
C THR C 419 4.32 2.13 -19.85
N SER C 420 3.45 3.12 -20.02
CA SER C 420 3.84 4.43 -20.52
C SER C 420 3.21 5.52 -19.66
N GLN C 421 3.90 6.65 -19.58
CA GLN C 421 3.43 7.78 -18.78
C GLN C 421 2.28 8.54 -19.44
N LEU C 422 1.99 8.28 -20.72
CA LEU C 422 0.95 8.98 -21.45
C LEU C 422 -0.36 8.20 -21.52
N SER C 423 -0.30 6.91 -21.79
CA SER C 423 -1.49 6.06 -21.82
C SER C 423 -1.83 5.71 -20.37
N GLN C 424 -2.76 6.46 -19.79
CA GLN C 424 -3.05 6.39 -18.37
C GLN C 424 -4.36 5.65 -18.13
N PHE C 425 -4.39 4.88 -17.04
CA PHE C 425 -5.59 4.22 -16.58
C PHE C 425 -6.66 5.27 -16.27
N MET C 426 -7.76 5.23 -17.02
CA MET C 426 -8.78 6.26 -16.87
C MET C 426 -9.49 6.14 -15.53
N ASP C 427 -9.63 7.26 -14.84
CA ASP C 427 -10.37 7.30 -13.58
C ASP C 427 -11.84 7.55 -13.86
N GLN C 428 -12.70 6.71 -13.30
CA GLN C 428 -14.14 6.79 -13.50
C GLN C 428 -14.85 7.02 -12.18
N ASN C 429 -14.32 7.95 -11.37
CA ASN C 429 -15.02 8.34 -10.15
C ASN C 429 -16.37 8.97 -10.48
N ASN C 430 -16.40 9.82 -11.50
CA ASN C 430 -17.60 10.53 -11.91
C ASN C 430 -17.36 11.10 -13.31
N PRO C 431 -18.43 11.51 -14.02
CA PRO C 431 -18.22 12.05 -15.39
C PRO C 431 -17.28 13.23 -15.46
N LEU C 432 -17.24 14.08 -14.43
CA LEU C 432 -16.35 15.22 -14.45
C LEU C 432 -14.89 14.79 -14.45
N SER C 433 -14.57 13.76 -13.66
CA SER C 433 -13.20 13.24 -13.65
C SER C 433 -12.83 12.62 -15.00
N GLY C 434 -13.79 11.95 -15.64
CA GLY C 434 -13.53 11.40 -16.96
C GLY C 434 -13.23 12.48 -17.98
N LEU C 435 -14.08 13.52 -18.03
CA LEU C 435 -13.82 14.63 -18.95
C LEU C 435 -12.49 15.31 -18.65
N THR C 436 -12.19 15.55 -17.37
CA THR C 436 -10.94 16.19 -17.03
C THR C 436 -9.74 15.35 -17.46
N HIS C 437 -9.83 14.03 -17.29
CA HIS C 437 -8.76 13.15 -17.74
C HIS C 437 -8.61 13.19 -19.26
N LYS C 438 -9.72 13.29 -19.98
CA LYS C 438 -9.63 13.44 -21.44
C LYS C 438 -8.97 14.75 -21.82
N ARG C 439 -9.29 15.83 -21.10
CA ARG C 439 -8.85 17.17 -21.47
C ARG C 439 -7.49 17.55 -20.90
N ARG C 440 -6.86 16.70 -20.10
CA ARG C 440 -5.60 17.08 -19.46
C ARG C 440 -4.47 17.12 -20.49
N LEU C 441 -3.67 18.18 -20.40
CA LEU C 441 -2.43 18.33 -21.16
C LEU C 441 -1.29 18.09 -20.18
N ASN C 442 -0.46 17.10 -20.50
CA ASN C 442 0.56 16.59 -19.59
C ASN C 442 1.93 16.96 -20.12
N ALA C 443 2.64 17.82 -19.39
CA ALA C 443 3.97 18.25 -19.84
C ALA C 443 5.04 17.20 -19.62
N LEU C 444 4.74 16.11 -18.91
CA LEU C 444 5.70 15.06 -18.65
C LEU C 444 5.70 14.03 -19.78
N GLY C 445 6.39 12.93 -19.54
CA GLY C 445 6.38 11.82 -20.46
C GLY C 445 7.66 11.70 -21.27
N PRO C 446 7.72 10.70 -22.14
CA PRO C 446 8.90 10.54 -23.00
C PRO C 446 9.01 11.67 -24.01
N GLY C 447 10.23 12.16 -24.20
CA GLY C 447 10.45 13.29 -25.08
C GLY C 447 9.80 14.56 -24.60
N GLY C 448 9.76 14.78 -23.29
CA GLY C 448 9.11 15.94 -22.72
C GLY C 448 9.81 16.37 -21.44
N LEU C 449 9.29 17.44 -20.85
CA LEU C 449 9.88 18.03 -19.66
C LEU C 449 9.49 17.20 -18.44
N SER C 450 10.49 16.66 -17.74
CA SER C 450 10.22 15.84 -16.56
C SER C 450 10.13 16.70 -15.30
N ARG C 451 9.70 16.07 -14.21
CA ARG C 451 9.49 16.80 -12.96
C ARG C 451 10.80 17.30 -12.36
N GLU C 452 11.88 16.53 -12.49
CA GLU C 452 13.17 17.01 -12.03
C GLU C 452 13.67 18.16 -12.90
N ARG C 453 13.28 18.17 -14.17
CA ARG C 453 13.67 19.22 -15.11
C ARG C 453 12.79 20.46 -15.02
N ALA C 454 11.77 20.46 -14.17
CA ALA C 454 10.83 21.57 -14.10
C ALA C 454 11.39 22.71 -13.24
N GLY C 455 11.02 23.93 -13.62
CA GLY C 455 11.37 25.10 -12.86
C GLY C 455 10.16 25.99 -12.63
N PHE C 456 10.41 27.13 -11.99
CA PHE C 456 9.33 28.07 -11.71
C PHE C 456 8.74 28.65 -13.00
N GLU C 457 9.60 28.93 -13.99
CA GLU C 457 9.16 29.67 -15.16
C GLU C 457 8.23 28.85 -16.05
N VAL C 458 8.40 27.53 -16.09
CA VAL C 458 7.55 26.72 -16.95
C VAL C 458 6.26 26.32 -16.24
N ARG C 459 6.27 26.28 -14.91
CA ARG C 459 5.06 25.94 -14.18
C ARG C 459 4.06 27.10 -14.12
N ASP C 460 4.55 28.34 -14.09
CA ASP C 460 3.71 29.49 -13.80
C ASP C 460 2.73 29.77 -14.93
N VAL C 461 1.71 30.56 -14.61
CA VAL C 461 0.69 30.92 -15.59
C VAL C 461 1.24 32.04 -16.46
N HIS C 462 1.23 31.82 -17.73
CA HIS C 462 1.65 32.78 -18.73
C HIS C 462 0.46 33.61 -19.20
N PRO C 463 0.69 34.86 -19.62
CA PRO C 463 -0.43 35.67 -20.16
C PRO C 463 -1.05 35.10 -21.41
N SER C 464 -0.36 34.21 -22.12
CA SER C 464 -0.91 33.59 -23.33
C SER C 464 -1.78 32.38 -23.03
N HIS C 465 -1.92 31.99 -21.77
CA HIS C 465 -2.76 30.87 -21.40
C HIS C 465 -4.25 31.20 -21.47
N TYR C 466 -4.61 32.47 -21.68
CA TYR C 466 -6.00 32.88 -21.67
C TYR C 466 -6.73 32.25 -22.85
N GLY C 467 -7.72 31.42 -22.56
CA GLY C 467 -8.51 30.78 -23.58
C GLY C 467 -7.91 29.52 -24.15
N ARG C 468 -6.69 29.17 -23.77
CA ARG C 468 -6.00 28.01 -24.30
C ARG C 468 -5.66 26.97 -23.24
N MET C 469 -5.52 27.38 -21.99
CA MET C 469 -5.18 26.46 -20.91
C MET C 469 -5.65 27.07 -19.60
N CYS C 470 -6.30 26.27 -18.77
CA CYS C 470 -6.94 26.81 -17.58
C CYS C 470 -5.90 27.20 -16.54
N PRO C 471 -5.94 28.44 -16.03
CA PRO C 471 -5.01 28.81 -14.95
C PRO C 471 -5.46 28.36 -13.57
N ILE C 472 -6.71 27.91 -13.43
CA ILE C 472 -7.24 27.57 -12.11
C ILE C 472 -6.85 26.16 -11.72
N GLU C 473 -7.27 25.16 -12.50
CA GLU C 473 -7.17 23.78 -12.08
C GLU C 473 -5.94 23.11 -12.64
N THR C 474 -5.21 22.41 -11.78
CA THR C 474 -3.97 21.71 -12.02
C THR C 474 -3.69 20.87 -10.77
N PRO C 475 -3.04 19.71 -10.90
CA PRO C 475 -2.74 18.90 -9.71
C PRO C 475 -1.85 19.65 -8.74
N GLU C 476 -2.28 19.69 -7.48
CA GLU C 476 -1.61 20.47 -6.45
C GLU C 476 -0.55 19.68 -5.70
N GLY C 477 -0.15 18.52 -6.22
CA GLY C 477 0.89 17.75 -5.61
C GLY C 477 2.27 18.27 -6.00
N PRO C 478 3.18 17.36 -6.37
CA PRO C 478 4.51 17.80 -6.79
C PRO C 478 4.53 18.38 -8.19
N ASN C 479 3.59 18.01 -9.06
CA ASN C 479 3.54 18.53 -10.42
C ASN C 479 2.49 19.62 -10.56
N ILE C 480 2.74 20.73 -9.86
CA ILE C 480 1.93 21.93 -10.07
C ILE C 480 2.27 22.56 -11.41
N GLY C 481 1.25 23.01 -12.12
CA GLY C 481 1.45 23.74 -13.37
C GLY C 481 1.86 22.90 -14.56
N LEU C 482 2.46 21.74 -14.31
CA LEU C 482 2.93 20.90 -15.41
C LEU C 482 1.76 20.28 -16.17
N ILE C 483 0.80 19.71 -15.44
CA ILE C 483 -0.41 19.15 -16.04
C ILE C 483 -1.52 20.17 -15.88
N GLY C 484 -2.22 20.47 -16.97
CA GLY C 484 -3.26 21.48 -16.93
C GLY C 484 -4.39 21.15 -17.86
N SER C 485 -5.59 21.55 -17.48
CA SER C 485 -6.78 21.25 -18.27
C SER C 485 -6.98 22.28 -19.37
N LEU C 486 -7.38 21.81 -20.55
CA LEU C 486 -7.67 22.68 -21.67
C LEU C 486 -8.89 23.55 -21.36
N ALA C 487 -8.89 24.75 -21.92
CA ALA C 487 -10.00 25.68 -21.72
C ALA C 487 -11.26 25.16 -22.42
N SER C 488 -12.39 25.77 -22.06
CA SER C 488 -13.68 25.29 -22.58
C SER C 488 -13.79 25.49 -24.09
N TYR C 489 -13.38 26.65 -24.59
CA TYR C 489 -13.52 26.98 -26.00
C TYR C 489 -12.27 26.68 -26.81
N GLY C 490 -11.30 25.98 -26.22
CA GLY C 490 -10.04 25.76 -26.91
C GLY C 490 -10.18 24.81 -28.09
N ARG C 491 -9.45 25.13 -29.16
CA ARG C 491 -9.36 24.31 -30.35
C ARG C 491 -7.89 24.14 -30.69
N ILE C 492 -7.56 23.09 -31.43
CA ILE C 492 -6.18 22.70 -31.69
C ILE C 492 -5.89 22.86 -33.18
N ASN C 493 -4.77 23.51 -33.50
CA ASN C 493 -4.32 23.61 -34.88
C ASN C 493 -3.92 22.24 -35.41
N PRO C 494 -3.89 22.09 -36.74
CA PRO C 494 -3.26 20.89 -37.32
C PRO C 494 -1.80 20.75 -36.91
N PHE C 495 -1.07 21.87 -36.77
CA PHE C 495 0.30 21.81 -36.29
C PHE C 495 0.37 21.34 -34.85
N GLY C 496 -0.56 21.79 -34.01
CA GLY C 496 -0.60 21.36 -32.63
C GLY C 496 -0.69 22.52 -31.65
N PHE C 497 -0.81 23.74 -32.18
CA PHE C 497 -0.99 24.90 -31.33
C PHE C 497 -2.46 25.05 -30.96
N ILE C 498 -2.69 25.58 -29.76
CA ILE C 498 -4.04 25.65 -29.20
C ILE C 498 -4.64 27.01 -29.56
N GLU C 499 -5.81 26.98 -30.18
CA GLU C 499 -6.52 28.19 -30.58
C GLU C 499 -7.60 28.53 -29.58
N THR C 500 -8.22 29.70 -29.78
CA THR C 500 -9.35 30.12 -28.98
C THR C 500 -10.15 31.09 -29.83
N PRO C 501 -11.48 31.07 -29.75
CA PRO C 501 -12.29 31.89 -30.67
C PRO C 501 -12.50 33.30 -30.17
N TYR C 502 -12.48 34.24 -31.12
CA TYR C 502 -12.77 35.64 -30.83
C TYR C 502 -13.70 36.20 -31.89
N ARG C 503 -14.60 37.06 -31.46
CA ARG C 503 -15.49 37.77 -32.36
C ARG C 503 -14.73 38.91 -33.04
N LYS C 504 -14.84 38.97 -34.37
CA LYS C 504 -14.23 40.06 -35.12
C LYS C 504 -14.94 41.37 -34.80
N VAL C 505 -14.15 42.43 -34.62
CA VAL C 505 -14.67 43.77 -34.37
C VAL C 505 -14.25 44.65 -35.54
N VAL C 506 -15.23 45.20 -36.25
CA VAL C 506 -14.98 46.08 -37.38
C VAL C 506 -15.65 47.42 -37.12
N GLU C 507 -14.92 48.50 -37.41
CA GLU C 507 -15.31 49.91 -37.23
C GLU C 507 -16.05 50.17 -35.91
N GLY C 508 -15.61 49.52 -34.84
CA GLY C 508 -16.24 49.67 -33.55
C GLY C 508 -17.51 48.88 -33.36
N GLN C 509 -17.92 48.09 -34.35
CA GLN C 509 -19.13 47.28 -34.27
C GLN C 509 -18.76 45.82 -34.15
N VAL C 510 -19.27 45.18 -33.10
CA VAL C 510 -18.98 43.77 -32.85
C VAL C 510 -19.90 42.94 -33.75
N THR C 511 -19.34 42.34 -34.79
CA THR C 511 -20.10 41.54 -35.73
C THR C 511 -20.12 40.08 -35.31
N ASP C 512 -21.02 39.33 -35.93
CA ASP C 512 -21.20 37.90 -35.62
C ASP C 512 -20.28 37.04 -36.48
N ASP C 513 -18.99 37.35 -36.47
CA ASP C 513 -17.97 36.60 -37.19
C ASP C 513 -16.91 36.16 -36.20
N VAL C 514 -16.58 34.87 -36.21
CA VAL C 514 -15.71 34.28 -35.21
C VAL C 514 -14.46 33.76 -35.90
N ASP C 515 -13.30 34.17 -35.40
CA ASP C 515 -12.01 33.72 -35.89
C ASP C 515 -11.28 33.01 -34.76
N TYR C 516 -10.69 31.85 -35.06
CA TYR C 516 -9.98 31.06 -34.06
C TYR C 516 -8.51 31.45 -34.11
N LEU C 517 -8.04 32.12 -33.07
CA LEU C 517 -6.69 32.67 -33.02
C LEU C 517 -5.84 31.85 -32.06
N THR C 518 -4.63 31.51 -32.49
CA THR C 518 -3.67 30.91 -31.59
C THR C 518 -2.89 32.02 -30.88
N ALA C 519 -1.88 31.66 -30.09
CA ALA C 519 -1.17 32.64 -29.29
C ALA C 519 -0.25 33.54 -30.10
N ASP C 520 -0.05 33.25 -31.40
CA ASP C 520 0.81 34.09 -32.21
C ASP C 520 0.07 35.31 -32.74
N GLU C 521 -1.05 35.09 -33.44
CA GLU C 521 -1.83 36.22 -33.94
C GLU C 521 -2.56 36.98 -32.85
N GLU C 522 -2.72 36.39 -31.66
CA GLU C 522 -3.38 37.11 -30.57
C GLU C 522 -2.55 38.29 -30.08
N ASP C 523 -1.21 38.19 -30.16
CA ASP C 523 -0.36 39.26 -29.66
C ASP C 523 -0.36 40.47 -30.59
N ARG C 524 -0.40 40.26 -31.90
CA ARG C 524 -0.37 41.37 -32.83
C ARG C 524 -1.67 42.17 -32.84
N PHE C 525 -2.74 41.64 -32.29
CA PHE C 525 -4.03 42.31 -32.23
C PHE C 525 -4.26 42.83 -30.80
N VAL C 526 -5.38 43.53 -30.63
CA VAL C 526 -5.83 43.96 -29.32
C VAL C 526 -7.21 43.34 -29.07
N ILE C 527 -7.37 42.70 -27.91
CA ILE C 527 -8.52 41.85 -27.63
C ILE C 527 -9.37 42.51 -26.57
N ALA C 528 -10.66 42.65 -26.84
CA ALA C 528 -11.59 43.25 -25.88
C ALA C 528 -12.00 42.21 -24.84
N GLN C 529 -12.99 42.55 -24.02
CA GLN C 529 -13.50 41.67 -22.99
C GLN C 529 -14.98 41.42 -23.22
N ALA C 530 -15.42 40.20 -22.92
CA ALA C 530 -16.83 39.84 -23.08
C ALA C 530 -17.73 40.55 -22.08
N ASN C 531 -17.20 40.96 -20.94
CA ASN C 531 -17.98 41.68 -19.94
C ASN C 531 -18.28 43.12 -20.34
N ALA C 532 -17.65 43.63 -21.41
CA ALA C 532 -17.88 45.00 -21.85
C ALA C 532 -19.30 45.16 -22.34
N ALA C 533 -19.96 46.22 -21.90
CA ALA C 533 -21.37 46.44 -22.21
C ALA C 533 -21.53 46.87 -23.67
N LEU C 534 -22.70 46.56 -24.22
CA LEU C 534 -23.07 46.95 -25.58
C LEU C 534 -24.42 47.65 -25.54
N GLY C 535 -24.60 48.59 -26.46
CA GLY C 535 -25.84 49.34 -26.56
C GLY C 535 -26.91 48.57 -27.30
N ASP C 536 -27.91 49.33 -27.78
CA ASP C 536 -28.97 48.72 -28.59
C ASP C 536 -28.41 48.16 -29.88
N ASP C 537 -27.48 48.88 -30.52
CA ASP C 537 -26.75 48.36 -31.66
C ASP C 537 -25.53 47.58 -31.16
N MET C 538 -24.73 47.07 -32.10
CA MET C 538 -23.57 46.28 -31.76
C MET C 538 -22.35 47.13 -31.43
N ARG C 539 -22.45 48.46 -31.52
CA ARG C 539 -21.34 49.31 -31.13
C ARG C 539 -21.19 49.31 -29.61
N PHE C 540 -19.98 49.68 -29.16
CA PHE C 540 -19.73 49.77 -27.73
C PHE C 540 -20.49 50.95 -27.14
N ALA C 541 -21.20 50.69 -26.04
CA ALA C 541 -21.95 51.75 -25.38
C ALA C 541 -21.03 52.68 -24.60
N GLU C 542 -19.91 52.16 -24.09
CA GLU C 542 -18.95 52.92 -23.32
C GLU C 542 -17.65 53.03 -24.09
N ALA C 543 -17.11 54.26 -24.16
CA ALA C 543 -15.85 54.48 -24.86
C ALA C 543 -14.69 53.79 -24.14
N ARG C 544 -14.67 53.86 -22.81
CA ARG C 544 -13.62 53.22 -22.02
C ARG C 544 -13.91 51.73 -21.92
N VAL C 545 -13.04 50.90 -22.49
CA VAL C 545 -13.18 49.45 -22.43
C VAL C 545 -11.87 48.85 -21.95
N LEU C 546 -11.98 47.82 -21.12
CA LEU C 546 -10.82 47.13 -20.57
C LEU C 546 -10.38 46.04 -21.54
N VAL C 547 -9.21 46.22 -22.15
CA VAL C 547 -8.72 45.34 -23.19
C VAL C 547 -7.33 44.84 -22.81
N ARG C 548 -6.83 43.92 -23.62
CA ARG C 548 -5.50 43.37 -23.43
C ARG C 548 -4.77 43.34 -24.76
N ARG C 549 -3.45 43.29 -24.71
CA ARG C 549 -2.62 43.42 -25.89
C ARG C 549 -1.38 42.55 -25.71
N ARG C 550 -0.36 42.79 -26.54
CA ARG C 550 0.85 41.97 -26.54
C ARG C 550 1.58 42.07 -25.20
N GLY C 551 2.03 40.91 -24.71
CA GLY C 551 2.79 40.85 -23.47
C GLY C 551 1.95 40.80 -22.23
N GLY C 552 0.63 40.66 -22.34
CA GLY C 552 -0.23 40.62 -21.18
C GLY C 552 -0.55 41.96 -20.57
N GLU C 553 -0.25 43.06 -21.26
CA GLU C 553 -0.64 44.38 -20.76
C GLU C 553 -2.15 44.50 -20.76
N VAL C 554 -2.68 45.18 -19.74
CA VAL C 554 -4.11 45.26 -19.49
C VAL C 554 -4.64 46.68 -19.67
N ASP C 555 -3.84 47.56 -20.29
CA ASP C 555 -4.24 48.95 -20.44
C ASP C 555 -5.43 49.09 -21.38
N TYR C 556 -6.22 50.14 -21.15
CA TYR C 556 -7.43 50.38 -21.91
C TYR C 556 -7.12 51.03 -23.26
N VAL C 557 -8.14 51.14 -24.09
CA VAL C 557 -8.07 51.92 -25.32
C VAL C 557 -9.47 52.46 -25.61
N PRO C 558 -9.60 53.74 -25.96
CA PRO C 558 -10.93 54.31 -26.22
C PRO C 558 -11.32 54.23 -27.69
N GLY C 559 -12.63 54.34 -27.91
CA GLY C 559 -13.19 54.46 -29.25
C GLY C 559 -13.04 53.20 -30.09
N ASP C 560 -13.08 53.43 -31.41
CA ASP C 560 -12.95 52.35 -32.38
C ASP C 560 -11.47 52.08 -32.60
N ASP C 561 -10.90 51.24 -31.73
CA ASP C 561 -9.55 50.74 -31.93
C ASP C 561 -9.41 49.25 -31.68
N VAL C 562 -10.31 48.61 -30.93
CA VAL C 562 -10.25 47.18 -30.74
C VAL C 562 -10.64 46.48 -32.05
N ASP C 563 -10.17 45.25 -32.20
CA ASP C 563 -10.49 44.48 -33.40
C ASP C 563 -10.79 43.01 -33.11
N TYR C 564 -10.86 42.61 -31.84
CA TYR C 564 -11.34 41.29 -31.49
C TYR C 564 -11.96 41.35 -30.09
N MET C 565 -12.87 40.42 -29.82
CA MET C 565 -13.60 40.39 -28.56
C MET C 565 -13.69 38.95 -28.09
N ASP C 566 -13.76 38.76 -26.77
CA ASP C 566 -13.99 37.44 -26.22
C ASP C 566 -15.40 36.95 -26.56
N VAL C 567 -15.52 35.64 -26.79
CA VAL C 567 -16.84 35.08 -27.09
C VAL C 567 -17.64 34.78 -25.83
N SER C 568 -16.98 34.61 -24.69
CA SER C 568 -17.69 34.31 -23.44
C SER C 568 -16.74 34.58 -22.29
N PRO C 569 -17.25 35.04 -21.14
CA PRO C 569 -16.40 35.11 -19.94
C PRO C 569 -15.98 33.75 -19.40
N ARG C 570 -16.61 32.67 -19.87
CA ARG C 570 -16.24 31.30 -19.56
C ARG C 570 -14.99 30.84 -20.33
N GLN C 571 -14.31 31.74 -21.03
CA GLN C 571 -13.27 31.34 -21.97
C GLN C 571 -12.00 30.88 -21.28
N MET C 572 -11.59 31.56 -20.20
CA MET C 572 -10.34 31.22 -19.55
C MET C 572 -10.44 29.97 -18.68
N VAL C 573 -11.63 29.57 -18.26
CA VAL C 573 -11.80 28.49 -17.31
C VAL C 573 -12.06 27.18 -18.05
N SER C 574 -11.72 26.08 -17.39
CA SER C 574 -11.87 24.75 -17.96
C SER C 574 -13.29 24.24 -17.74
N VAL C 575 -13.50 22.96 -18.04
CA VAL C 575 -14.82 22.36 -17.82
C VAL C 575 -15.10 22.18 -16.34
N ALA C 576 -14.09 21.77 -15.56
CA ALA C 576 -14.31 21.49 -14.15
C ALA C 576 -14.40 22.76 -13.33
N THR C 577 -13.62 23.79 -13.70
CA THR C 577 -13.68 25.07 -12.99
C THR C 577 -15.02 25.76 -13.23
N ALA C 578 -15.57 25.64 -14.44
CA ALA C 578 -16.82 26.30 -14.77
C ALA C 578 -18.02 25.72 -14.01
N MET C 579 -17.89 24.53 -13.42
CA MET C 579 -18.96 23.97 -12.60
C MET C 579 -19.11 24.70 -11.27
N ILE C 580 -18.13 25.51 -10.88
CA ILE C 580 -18.14 26.19 -9.59
C ILE C 580 -18.95 27.47 -9.69
N PRO C 581 -20.06 27.59 -8.98
CA PRO C 581 -20.77 28.88 -8.95
C PRO C 581 -20.03 29.88 -8.07
N PHE C 582 -20.19 31.16 -8.42
CA PHE C 582 -19.57 32.28 -7.70
C PHE C 582 -18.05 32.09 -7.60
N LEU C 583 -17.44 31.74 -8.73
CA LEU C 583 -16.00 31.52 -8.77
C LEU C 583 -15.24 32.83 -8.58
N GLU C 584 -15.77 33.93 -9.12
CA GLU C 584 -15.11 35.22 -9.02
C GLU C 584 -15.03 35.73 -7.60
N HIS C 585 -15.83 35.18 -6.69
CA HIS C 585 -15.75 35.52 -5.28
C HIS C 585 -14.76 34.66 -4.52
N ASP C 586 -14.54 33.42 -4.96
CA ASP C 586 -13.59 32.54 -4.29
C ASP C 586 -12.16 32.95 -4.60
N ASP C 587 -11.25 32.56 -3.70
CA ASP C 587 -9.84 32.75 -3.94
C ASP C 587 -9.37 31.80 -5.04
N ALA C 588 -8.21 32.13 -5.63
CA ALA C 588 -7.68 31.30 -6.70
C ALA C 588 -7.20 29.95 -6.17
N ASN C 589 -6.61 29.94 -4.97
CA ASN C 589 -6.19 28.68 -4.36
C ASN C 589 -7.39 27.81 -4.03
N ARG C 590 -8.45 28.40 -3.48
CA ARG C 590 -9.64 27.62 -3.16
C ARG C 590 -10.37 27.17 -4.42
N ALA C 591 -10.33 27.99 -5.47
CA ALA C 591 -10.87 27.56 -6.75
C ALA C 591 -10.09 26.38 -7.31
N LEU C 592 -8.76 26.41 -7.19
CA LEU C 592 -7.93 25.28 -7.61
C LEU C 592 -8.29 24.03 -6.84
N MET C 593 -8.41 24.14 -5.51
CA MET C 593 -8.73 22.98 -4.68
C MET C 593 -10.11 22.43 -5.01
N GLY C 594 -11.10 23.31 -5.16
CA GLY C 594 -12.44 22.85 -5.48
C GLY C 594 -12.53 22.18 -6.84
N ALA C 595 -11.87 22.77 -7.85
CA ALA C 595 -11.89 22.17 -9.18
C ALA C 595 -11.17 20.83 -9.21
N ASN C 596 -10.05 20.72 -8.50
CA ASN C 596 -9.32 19.45 -8.44
C ASN C 596 -9.99 18.43 -7.53
N MET C 597 -10.95 18.85 -6.72
CA MET C 597 -11.58 17.99 -5.74
C MET C 597 -12.98 17.54 -6.15
N MET C 598 -13.64 18.28 -7.04
CA MET C 598 -14.91 17.79 -7.61
C MET C 598 -14.75 16.54 -8.45
N ARG C 599 -13.54 16.20 -8.87
CA ARG C 599 -13.31 14.96 -9.61
C ARG C 599 -13.29 13.73 -8.71
N GLN C 600 -13.21 13.91 -7.39
CA GLN C 600 -13.20 12.80 -6.46
C GLN C 600 -14.57 12.47 -5.90
N ALA C 601 -15.60 13.20 -6.32
CA ALA C 601 -16.95 12.96 -5.81
C ALA C 601 -17.48 11.63 -6.32
N VAL C 602 -17.85 10.75 -5.41
CA VAL C 602 -18.38 9.43 -5.77
C VAL C 602 -19.82 9.60 -6.25
N PRO C 603 -20.34 8.69 -7.08
CA PRO C 603 -21.76 8.73 -7.40
C PRO C 603 -22.57 8.01 -6.32
N LEU C 604 -23.69 8.64 -5.95
CA LEU C 604 -24.47 8.17 -4.82
C LEU C 604 -25.56 7.20 -5.30
N ILE C 605 -26.50 6.87 -4.42
CA ILE C 605 -27.55 5.91 -4.76
C ILE C 605 -28.45 6.48 -5.84
N LYS C 606 -29.13 7.57 -5.53
CA LYS C 606 -29.83 8.38 -6.52
C LYS C 606 -29.25 9.77 -6.41
N SER C 607 -29.02 10.42 -7.54
CA SER C 607 -28.37 11.72 -7.55
C SER C 607 -29.37 12.82 -7.92
N GLU C 608 -29.15 14.01 -7.37
CA GLU C 608 -29.93 15.18 -7.71
C GLU C 608 -29.01 16.29 -8.21
N SER C 609 -29.38 16.92 -9.31
CA SER C 609 -28.61 18.00 -9.88
C SER C 609 -28.58 19.19 -8.92
N PRO C 610 -27.52 20.00 -8.95
CA PRO C 610 -27.40 21.08 -7.97
C PRO C 610 -28.53 22.09 -8.06
N LEU C 611 -29.02 22.47 -6.88
CA LEU C 611 -30.10 23.45 -6.81
C LEU C 611 -29.65 24.81 -7.29
N VAL C 612 -28.40 25.15 -7.00
CA VAL C 612 -27.72 26.31 -7.59
C VAL C 612 -26.42 25.83 -8.22
N GLY C 613 -26.18 26.23 -9.46
CA GLY C 613 -24.98 25.82 -10.16
C GLY C 613 -25.01 26.34 -11.57
N THR C 614 -23.82 26.38 -12.17
CA THR C 614 -23.64 26.92 -13.51
C THR C 614 -24.41 26.09 -14.54
N GLY C 615 -24.89 26.74 -15.58
CA GLY C 615 -25.69 26.06 -16.58
C GLY C 615 -24.93 25.13 -17.51
N MET C 616 -23.61 25.01 -17.34
CA MET C 616 -22.81 24.15 -18.19
C MET C 616 -22.92 22.68 -17.79
N GLU C 617 -23.57 22.38 -16.66
CA GLU C 617 -23.61 21.01 -16.15
C GLU C 617 -24.29 20.04 -17.11
N TYR C 618 -25.33 20.50 -17.81
CA TYR C 618 -25.95 19.64 -18.80
C TYR C 618 -24.98 19.33 -19.94
N ARG C 619 -24.23 20.33 -20.40
CA ARG C 619 -23.26 20.10 -21.47
C ARG C 619 -22.10 19.27 -20.96
N SER C 620 -21.70 19.45 -19.71
CA SER C 620 -20.62 18.66 -19.14
C SER C 620 -21.02 17.22 -18.84
N ALA C 621 -22.32 16.94 -18.72
CA ALA C 621 -22.77 15.56 -18.55
C ALA C 621 -23.10 14.88 -19.87
N ALA C 622 -23.67 15.61 -20.83
CA ALA C 622 -24.01 15.01 -22.11
C ALA C 622 -22.78 14.72 -22.96
N ASP C 623 -21.77 15.60 -22.92
CA ASP C 623 -20.57 15.40 -23.73
C ASP C 623 -19.74 14.22 -23.23
N ALA C 624 -19.75 13.96 -21.93
CA ALA C 624 -19.26 12.69 -21.45
C ALA C 624 -20.19 11.57 -21.91
N GLY C 625 -19.59 10.48 -22.37
CA GLY C 625 -20.35 9.47 -23.09
C GLY C 625 -21.07 8.44 -22.27
N ASP C 626 -21.02 8.49 -20.94
CA ASP C 626 -21.70 7.48 -20.13
C ASP C 626 -23.20 7.64 -20.15
N VAL C 627 -23.70 8.83 -20.48
CA VAL C 627 -25.13 9.08 -20.57
C VAL C 627 -25.62 8.56 -21.92
N VAL C 628 -26.67 7.73 -21.89
CA VAL C 628 -27.20 7.12 -23.10
C VAL C 628 -28.02 8.15 -23.87
N LYS C 629 -27.54 8.52 -25.05
CA LYS C 629 -28.22 9.48 -25.91
C LYS C 629 -28.68 8.79 -27.19
N ALA C 630 -29.74 9.34 -27.77
CA ALA C 630 -30.31 8.77 -28.99
C ALA C 630 -29.38 9.01 -30.18
N GLU C 631 -29.11 7.94 -30.93
CA GLU C 631 -28.42 8.11 -32.21
C GLU C 631 -29.37 8.62 -33.28
N LYS C 632 -30.65 8.26 -33.18
CA LYS C 632 -31.66 8.66 -34.14
C LYS C 632 -32.92 9.10 -33.42
N ALA C 633 -33.71 9.92 -34.10
CA ALA C 633 -34.94 10.45 -33.52
C ALA C 633 -36.10 9.50 -33.79
N GLY C 634 -36.93 9.30 -32.78
CA GLY C 634 -38.09 8.44 -32.92
C GLY C 634 -39.06 8.55 -31.76
N VAL C 635 -39.64 7.42 -31.35
CA VAL C 635 -40.54 7.38 -30.21
C VAL C 635 -40.19 6.13 -29.39
N VAL C 636 -40.25 6.26 -28.07
CA VAL C 636 -39.98 5.13 -27.19
C VAL C 636 -41.08 4.09 -27.35
N GLN C 637 -40.68 2.83 -27.46
CA GLN C 637 -41.62 1.71 -27.54
C GLN C 637 -41.68 0.90 -26.26
N GLU C 638 -40.53 0.51 -25.73
CA GLU C 638 -40.47 -0.27 -24.50
C GLU C 638 -39.40 0.31 -23.59
N VAL C 639 -39.70 0.35 -22.29
CA VAL C 639 -38.77 0.89 -21.31
C VAL C 639 -38.67 -0.08 -20.15
N SER C 640 -37.46 -0.27 -19.64
CA SER C 640 -37.20 -1.15 -18.52
C SER C 640 -35.90 -0.72 -17.85
N ALA C 641 -35.53 -1.40 -16.76
CA ALA C 641 -34.29 -1.08 -16.09
C ALA C 641 -33.07 -1.55 -16.85
N ASP C 642 -33.22 -2.54 -17.72
CA ASP C 642 -32.07 -3.12 -18.42
C ASP C 642 -31.91 -2.60 -19.84
N TYR C 643 -32.99 -2.14 -20.48
CA TYR C 643 -32.90 -1.72 -21.87
C TYR C 643 -33.99 -0.71 -22.18
N ILE C 644 -33.77 0.04 -23.26
CA ILE C 644 -34.75 0.98 -23.80
C ILE C 644 -34.86 0.71 -25.30
N THR C 645 -36.04 0.32 -25.75
CA THR C 645 -36.27 -0.02 -27.15
C THR C 645 -37.11 1.08 -27.79
N THR C 646 -36.56 1.71 -28.83
CA THR C 646 -37.22 2.82 -29.50
C THR C 646 -37.38 2.52 -30.98
N THR C 647 -38.50 2.99 -31.54
CA THR C 647 -38.79 2.85 -32.97
C THR C 647 -38.56 4.19 -33.64
N ASN C 648 -37.49 4.29 -34.41
CA ASN C 648 -37.19 5.54 -35.10
C ASN C 648 -38.17 5.76 -36.24
N ASP C 649 -38.22 7.01 -36.72
CA ASP C 649 -39.25 7.39 -37.69
C ASP C 649 -39.03 6.75 -39.05
N ASP C 650 -37.78 6.38 -39.38
CA ASP C 650 -37.54 5.73 -40.66
C ASP C 650 -38.00 4.28 -40.66
N GLY C 651 -38.22 3.69 -39.49
CA GLY C 651 -38.77 2.35 -39.40
C GLY C 651 -37.92 1.35 -38.63
N THR C 652 -36.65 1.65 -38.35
CA THR C 652 -35.81 0.70 -37.66
C THR C 652 -36.11 0.68 -36.16
N TYR C 653 -35.71 -0.41 -35.51
CA TYR C 653 -35.95 -0.65 -34.09
C TYR C 653 -34.58 -0.73 -33.42
N ILE C 654 -34.27 0.21 -32.53
CA ILE C 654 -32.96 0.29 -31.91
C ILE C 654 -33.12 0.14 -30.40
N THR C 655 -32.30 -0.74 -29.81
CA THR C 655 -32.35 -1.04 -28.39
C THR C 655 -31.05 -0.59 -27.74
N TYR C 656 -31.16 0.20 -26.68
CA TYR C 656 -30.02 0.64 -25.90
C TYR C 656 -29.97 -0.20 -24.62
N ARG C 657 -28.83 -0.85 -24.38
CA ARG C 657 -28.61 -1.58 -23.15
C ARG C 657 -27.93 -0.68 -22.14
N LEU C 658 -28.33 -0.84 -20.88
CA LEU C 658 -27.82 -0.02 -19.79
C LEU C 658 -26.97 -0.86 -18.85
N ALA C 659 -25.84 -0.31 -18.42
CA ALA C 659 -24.99 -1.00 -17.47
C ALA C 659 -25.53 -0.78 -16.06
N LYS C 660 -26.00 -1.86 -15.43
CA LYS C 660 -26.59 -1.80 -14.10
C LYS C 660 -25.64 -2.46 -13.11
N PHE C 661 -25.17 -1.67 -12.15
CA PHE C 661 -24.32 -2.14 -11.05
C PHE C 661 -23.05 -2.81 -11.58
N SER C 662 -22.42 -2.17 -12.55
CA SER C 662 -21.12 -2.61 -13.03
C SER C 662 -20.03 -1.82 -12.34
N ARG C 663 -18.82 -2.39 -12.32
CA ARG C 663 -17.71 -1.82 -11.57
C ARG C 663 -16.90 -0.88 -12.46
N SER C 664 -16.69 0.34 -11.98
CA SER C 664 -15.79 1.27 -12.64
C SER C 664 -14.35 0.97 -12.20
N ASN C 665 -13.41 1.75 -12.72
CA ASN C 665 -12.00 1.50 -12.45
C ASN C 665 -11.61 1.82 -11.02
N GLN C 666 -12.41 2.63 -10.31
CA GLN C 666 -12.12 3.02 -8.94
C GLN C 666 -12.98 2.29 -7.92
N GLY C 667 -13.81 1.36 -8.35
CA GLY C 667 -14.65 0.61 -7.44
C GLY C 667 -16.07 1.12 -7.31
N THR C 668 -16.37 2.31 -7.83
CA THR C 668 -17.71 2.85 -7.77
C THR C 668 -18.59 2.20 -8.83
N SER C 669 -19.89 2.16 -8.56
CA SER C 669 -20.84 1.60 -9.51
C SER C 669 -21.11 2.59 -10.64
N VAL C 670 -21.51 2.05 -11.79
CA VAL C 670 -21.87 2.87 -12.95
C VAL C 670 -23.32 2.62 -13.32
N ASN C 671 -24.16 2.38 -12.31
CA ASN C 671 -25.58 2.14 -12.53
C ASN C 671 -26.23 3.32 -13.24
N GLN C 672 -27.06 3.01 -14.24
CA GLN C 672 -27.67 4.00 -15.12
C GLN C 672 -29.18 3.97 -14.95
N LYS C 673 -29.74 5.05 -14.39
CA LYS C 673 -31.18 5.17 -14.23
C LYS C 673 -31.83 5.58 -15.54
N VAL C 674 -33.16 5.51 -15.56
CA VAL C 674 -33.96 5.81 -16.75
C VAL C 674 -34.83 7.02 -16.44
N ILE C 675 -34.95 7.93 -17.41
CA ILE C 675 -35.77 9.12 -17.24
C ILE C 675 -36.89 9.23 -18.27
N VAL C 676 -36.86 8.47 -19.36
CA VAL C 676 -37.88 8.57 -20.39
C VAL C 676 -39.07 7.70 -20.02
N ALA C 677 -40.22 8.04 -20.59
CA ALA C 677 -41.47 7.35 -20.31
C ALA C 677 -41.69 6.24 -21.34
N GLU C 678 -42.90 5.68 -21.36
CA GLU C 678 -43.19 4.57 -22.25
C GLU C 678 -43.29 5.03 -23.70
N GLY C 679 -43.96 6.16 -23.95
CA GLY C 679 -44.24 6.55 -25.31
C GLY C 679 -44.03 8.00 -25.66
N ASP C 680 -43.03 8.65 -25.05
CA ASP C 680 -42.74 10.04 -25.35
C ASP C 680 -41.78 10.15 -26.54
N ARG C 681 -41.85 11.29 -27.23
CA ARG C 681 -41.05 11.49 -28.42
C ARG C 681 -39.58 11.70 -28.07
N ILE C 682 -38.72 11.39 -29.03
CA ILE C 682 -37.27 11.43 -28.87
C ILE C 682 -36.65 12.13 -30.06
N ILE C 683 -35.74 13.07 -29.79
CA ILE C 683 -34.98 13.72 -30.84
C ILE C 683 -33.54 13.23 -30.76
N GLU C 684 -32.73 13.60 -31.76
CA GLU C 684 -31.34 13.17 -31.80
C GLU C 684 -30.55 13.83 -30.68
N GLY C 685 -29.75 13.02 -29.98
CA GLY C 685 -28.95 13.51 -28.87
C GLY C 685 -29.71 13.71 -27.58
N GLN C 686 -31.02 13.48 -27.58
CA GLN C 686 -31.79 13.59 -26.34
C GLN C 686 -31.39 12.47 -25.39
N VAL C 687 -31.28 12.81 -24.11
CA VAL C 687 -30.83 11.85 -23.12
C VAL C 687 -31.96 10.85 -22.84
N LEU C 688 -31.68 9.57 -23.04
CA LEU C 688 -32.62 8.50 -22.75
C LEU C 688 -32.50 8.00 -21.32
N ALA C 689 -31.28 7.68 -20.91
CA ALA C 689 -31.02 7.12 -19.59
C ALA C 689 -29.89 7.90 -18.94
N ASP C 690 -29.97 8.05 -17.62
CA ASP C 690 -28.94 8.76 -16.88
C ASP C 690 -27.66 7.95 -16.85
N GLY C 691 -26.64 8.51 -16.19
CA GLY C 691 -25.42 7.79 -15.94
C GLY C 691 -25.15 7.77 -14.45
N PRO C 692 -23.94 7.36 -14.07
CA PRO C 692 -23.52 7.57 -12.68
C PRO C 692 -23.33 9.05 -12.40
N ALA C 693 -23.85 9.48 -11.26
CA ALA C 693 -23.73 10.87 -10.79
C ALA C 693 -24.31 11.88 -11.78
N THR C 694 -25.43 11.53 -12.41
CA THR C 694 -26.19 12.45 -13.23
C THR C 694 -27.67 12.33 -12.90
N GLU C 695 -28.40 13.44 -13.09
CA GLU C 695 -29.85 13.46 -12.97
C GLU C 695 -30.44 14.17 -14.17
N ASN C 696 -31.32 13.48 -14.89
CA ASN C 696 -32.02 14.01 -16.07
C ASN C 696 -31.03 14.49 -17.14
N GLY C 697 -29.91 13.80 -17.26
CA GLY C 697 -28.88 14.22 -18.19
C GLY C 697 -28.04 15.38 -17.72
N GLU C 698 -28.21 15.81 -16.48
CA GLU C 698 -27.48 16.93 -15.91
C GLU C 698 -26.55 16.43 -14.82
N MET C 699 -25.34 16.97 -14.77
CA MET C 699 -24.32 16.48 -13.86
C MET C 699 -24.74 16.68 -12.41
N ALA C 700 -24.55 15.64 -11.59
CA ALA C 700 -24.98 15.64 -10.19
C ALA C 700 -23.95 14.89 -9.36
N LEU C 701 -22.98 15.62 -8.81
CA LEU C 701 -21.87 15.00 -8.08
C LEU C 701 -22.11 14.89 -6.58
N GLY C 702 -23.22 15.40 -6.07
CA GLY C 702 -23.46 15.39 -4.65
C GLY C 702 -24.89 15.72 -4.31
N LYS C 703 -25.13 16.15 -3.07
CA LYS C 703 -26.52 16.46 -2.63
C LYS C 703 -26.59 17.89 -2.08
N ASN C 704 -27.78 18.51 -2.14
CA ASN C 704 -27.95 19.88 -1.55
C ASN C 704 -28.51 19.72 -0.13
N LEU C 705 -27.85 20.30 0.87
CA LEU C 705 -28.26 20.08 2.28
C LEU C 705 -28.46 21.42 3.00
N LEU C 706 -29.32 21.45 4.02
CA LEU C 706 -29.52 22.70 4.83
C LEU C 706 -28.23 22.97 5.60
N VAL C 707 -27.70 24.20 5.54
CA VAL C 707 -26.41 24.54 6.14
C VAL C 707 -26.62 25.71 7.08
N ALA C 708 -26.03 25.61 8.27
CA ALA C 708 -25.91 26.72 9.20
C ALA C 708 -24.45 26.90 9.56
N PHE C 709 -23.95 28.14 9.46
CA PHE C 709 -22.62 28.47 9.94
C PHE C 709 -22.68 28.80 11.42
N MET C 710 -22.16 27.91 12.25
CA MET C 710 -22.00 28.18 13.67
C MET C 710 -21.03 27.18 14.27
N PRO C 711 -20.20 27.60 15.23
CA PRO C 711 -19.49 26.61 16.05
C PRO C 711 -20.51 25.85 16.88
N TRP C 712 -20.40 24.53 16.89
CA TRP C 712 -21.38 23.69 17.55
C TRP C 712 -20.64 22.67 18.41
N GLU C 713 -20.37 23.07 19.67
CA GLU C 713 -19.83 22.21 20.72
C GLU C 713 -18.48 21.61 20.36
N GLY C 714 -17.79 22.18 19.37
CA GLY C 714 -16.45 21.72 19.02
C GLY C 714 -16.39 20.53 18.10
N HIS C 715 -17.53 20.04 17.60
CA HIS C 715 -17.49 18.92 16.67
C HIS C 715 -17.31 19.36 15.23
N ASN C 716 -17.35 20.66 14.94
CA ASN C 716 -17.03 21.21 13.63
C ASN C 716 -15.76 22.04 13.69
N TYR C 717 -14.79 21.57 14.46
CA TYR C 717 -13.55 22.28 14.73
C TYR C 717 -12.49 21.91 13.69
N GLU C 718 -11.67 22.90 13.31
CA GLU C 718 -10.73 22.80 12.18
C GLU C 718 -11.44 22.40 10.88
N ASP C 719 -12.59 23.01 10.64
CA ASP C 719 -13.43 22.69 9.48
C ASP C 719 -13.75 21.20 9.42
N ALA C 720 -14.26 20.68 10.53
CA ALA C 720 -14.83 19.34 10.56
C ALA C 720 -16.30 19.42 10.17
N ILE C 721 -16.98 18.28 10.18
CA ILE C 721 -18.35 18.19 9.67
C ILE C 721 -19.24 17.62 10.76
N ILE C 722 -20.31 18.34 11.07
CA ILE C 722 -21.44 17.83 11.85
C ILE C 722 -22.62 17.72 10.91
N LEU C 723 -23.38 16.64 11.00
CA LEU C 723 -24.50 16.46 10.10
C LEU C 723 -25.56 15.60 10.77
N SER C 724 -26.78 15.73 10.26
CA SER C 724 -27.93 15.05 10.82
C SER C 724 -27.91 13.56 10.50
N GLN C 725 -28.68 12.80 11.27
CA GLN C 725 -28.93 11.40 10.93
C GLN C 725 -29.92 11.24 9.80
N ARG C 726 -30.58 12.32 9.38
CA ARG C 726 -31.47 12.24 8.23
C ARG C 726 -30.71 11.91 6.96
N LEU C 727 -29.42 12.22 6.91
CA LEU C 727 -28.60 11.82 5.77
C LEU C 727 -28.15 10.38 5.86
N VAL C 728 -28.41 9.71 6.98
CA VAL C 728 -28.20 8.27 7.08
C VAL C 728 -29.50 7.51 6.86
N GLN C 729 -30.60 7.93 7.50
CA GLN C 729 -31.83 7.16 7.46
C GLN C 729 -32.55 7.34 6.13
N ASP C 730 -32.45 8.52 5.52
CA ASP C 730 -33.15 8.78 4.27
C ASP C 730 -32.31 8.45 3.04
N ASP C 731 -31.14 7.84 3.25
CA ASP C 731 -30.28 7.34 2.16
C ASP C 731 -29.85 8.48 1.23
N VAL C 732 -29.39 9.57 1.84
CA VAL C 732 -29.00 10.76 1.08
C VAL C 732 -27.55 10.60 0.64
N LEU C 733 -26.63 10.50 1.61
CA LEU C 733 -25.21 10.36 1.31
C LEU C 733 -24.78 8.91 1.54
N SER C 734 -25.03 8.09 0.52
CA SER C 734 -24.61 6.70 0.54
C SER C 734 -24.29 6.29 -0.89
N SER C 735 -23.43 5.27 -1.03
CA SER C 735 -22.97 4.90 -2.36
C SER C 735 -22.74 3.39 -2.44
N ILE C 736 -23.03 2.83 -3.60
CA ILE C 736 -22.70 1.43 -3.88
C ILE C 736 -21.23 1.37 -4.28
N HIS C 737 -20.48 0.49 -3.62
CA HIS C 737 -19.09 0.25 -3.96
C HIS C 737 -18.93 -1.21 -4.32
N ILE C 738 -18.48 -1.47 -5.55
CA ILE C 738 -18.29 -2.82 -6.06
C ILE C 738 -16.79 -3.08 -6.14
N GLU C 739 -16.34 -4.17 -5.54
CA GLU C 739 -14.94 -4.55 -5.57
C GLU C 739 -14.82 -5.91 -6.23
N GLU C 740 -13.92 -6.02 -7.19
CA GLU C 740 -13.63 -7.27 -7.87
C GLU C 740 -12.39 -7.90 -7.27
N HIS C 741 -12.41 -9.21 -7.14
CA HIS C 741 -11.31 -9.97 -6.57
C HIS C 741 -11.30 -11.35 -7.16
N GLU C 742 -10.12 -11.78 -7.63
CA GLU C 742 -10.00 -12.95 -8.48
C GLU C 742 -8.94 -13.89 -7.92
N VAL C 743 -9.02 -15.15 -8.35
CA VAL C 743 -7.96 -16.11 -8.11
C VAL C 743 -7.98 -17.06 -9.31
N ASP C 744 -6.86 -17.75 -9.53
CA ASP C 744 -6.74 -18.71 -10.62
C ASP C 744 -6.16 -20.02 -10.12
N ALA C 745 -6.78 -21.12 -10.55
CA ALA C 745 -6.25 -22.46 -10.32
C ALA C 745 -5.32 -22.80 -11.48
N ARG C 746 -4.04 -22.92 -11.16
CA ARG C 746 -2.95 -23.10 -12.10
C ARG C 746 -2.51 -24.56 -12.11
N ASP C 747 -1.51 -24.85 -12.94
CA ASP C 747 -0.89 -26.16 -13.02
C ASP C 747 0.56 -25.92 -12.61
N THR C 748 0.84 -26.07 -11.32
CA THR C 748 2.20 -25.92 -10.83
C THR C 748 2.99 -27.21 -11.07
N LYS C 749 4.24 -27.23 -10.59
CA LYS C 749 5.11 -28.38 -10.81
C LYS C 749 4.58 -29.63 -10.10
N LEU C 750 4.06 -29.47 -8.88
CA LEU C 750 3.61 -30.63 -8.12
C LEU C 750 2.30 -31.19 -8.67
N GLY C 751 1.43 -30.34 -9.22
CA GLY C 751 0.18 -30.79 -9.76
C GLY C 751 -0.74 -29.65 -10.13
N PRO C 752 -1.98 -29.97 -10.52
CA PRO C 752 -2.94 -28.92 -10.86
C PRO C 752 -3.76 -28.44 -9.67
N GLU C 753 -3.78 -27.12 -9.44
CA GLU C 753 -4.67 -26.55 -8.42
C GLU C 753 -6.12 -26.80 -8.80
N GLU C 754 -6.93 -27.16 -7.81
CA GLU C 754 -8.32 -27.53 -8.05
C GLU C 754 -9.24 -26.56 -7.33
N ILE C 755 -10.26 -26.07 -8.04
CA ILE C 755 -11.36 -25.31 -7.43
C ILE C 755 -12.39 -26.35 -6.95
N THR C 756 -12.39 -26.62 -5.65
CA THR C 756 -13.23 -27.69 -5.12
C THR C 756 -13.90 -27.24 -3.84
N ARG C 757 -15.04 -27.87 -3.54
CA ARG C 757 -15.77 -27.60 -2.31
C ARG C 757 -15.13 -28.28 -1.10
N ASP C 758 -14.53 -29.45 -1.30
CA ASP C 758 -14.02 -30.28 -0.20
C ASP C 758 -12.72 -29.69 0.37
N ILE C 759 -12.90 -28.56 1.03
CA ILE C 759 -11.77 -27.87 1.69
C ILE C 759 -11.38 -28.64 2.94
N PRO C 760 -10.10 -28.96 3.12
CA PRO C 760 -9.68 -29.69 4.31
C PRO C 760 -9.50 -28.78 5.51
N ASN C 761 -9.55 -29.40 6.70
CA ASN C 761 -9.27 -28.76 7.98
C ASN C 761 -10.18 -27.57 8.26
N VAL C 762 -11.44 -27.65 7.85
CA VAL C 762 -12.41 -26.59 8.06
C VAL C 762 -13.75 -27.21 8.40
N SER C 763 -14.55 -26.49 9.18
CA SER C 763 -15.85 -26.97 9.61
C SER C 763 -16.85 -26.90 8.44
N GLU C 764 -17.98 -27.58 8.63
CA GLU C 764 -18.98 -27.63 7.57
C GLU C 764 -19.75 -26.32 7.43
N GLU C 765 -19.93 -25.59 8.53
CA GLU C 765 -20.72 -24.37 8.47
C GLU C 765 -20.00 -23.25 7.74
N VAL C 766 -18.67 -23.30 7.70
CA VAL C 766 -17.90 -22.30 6.95
C VAL C 766 -18.16 -22.43 5.45
N LEU C 767 -18.15 -23.66 4.95
CA LEU C 767 -18.40 -23.94 3.52
C LEU C 767 -19.87 -24.18 3.22
N ALA C 768 -20.77 -23.64 4.03
CA ALA C 768 -22.20 -23.88 3.84
C ALA C 768 -22.73 -23.17 2.60
N ASP C 769 -22.21 -21.99 2.28
CA ASP C 769 -22.75 -21.15 1.22
C ASP C 769 -22.04 -21.36 -0.12
N LEU C 770 -21.18 -22.36 -0.22
CA LEU C 770 -20.45 -22.63 -1.45
C LEU C 770 -21.30 -23.45 -2.41
N ASP C 771 -20.97 -23.37 -3.71
CA ASP C 771 -21.67 -24.13 -4.72
C ASP C 771 -21.06 -25.53 -4.77
N GLU C 772 -21.56 -26.38 -5.68
CA GLU C 772 -21.04 -27.74 -5.82
C GLU C 772 -19.59 -27.74 -6.26
N ARG C 773 -19.19 -26.80 -7.12
CA ARG C 773 -17.81 -26.71 -7.58
C ARG C 773 -16.96 -25.79 -6.71
N GLY C 774 -17.52 -25.22 -5.65
CA GLY C 774 -16.75 -24.40 -4.73
C GLY C 774 -16.81 -22.92 -5.03
N ILE C 775 -18.00 -22.39 -5.29
CA ILE C 775 -18.21 -21.00 -5.62
C ILE C 775 -19.26 -20.44 -4.67
N ILE C 776 -19.02 -19.25 -4.12
CA ILE C 776 -20.03 -18.62 -3.28
C ILE C 776 -21.20 -18.19 -4.16
N ARG C 777 -22.41 -18.39 -3.66
CA ARG C 777 -23.60 -18.16 -4.46
C ARG C 777 -23.85 -16.67 -4.67
N ILE C 778 -24.59 -16.36 -5.74
CA ILE C 778 -24.93 -14.98 -6.05
C ILE C 778 -25.92 -14.47 -5.02
N GLY C 779 -25.62 -13.31 -4.43
CA GLY C 779 -26.48 -12.75 -3.41
C GLY C 779 -26.24 -13.29 -2.02
N ALA C 780 -25.16 -14.03 -1.80
CA ALA C 780 -24.84 -14.55 -0.49
C ALA C 780 -24.05 -13.50 0.29
N GLU C 781 -24.62 -13.03 1.39
CA GLU C 781 -23.95 -12.03 2.22
C GLU C 781 -22.67 -12.61 2.79
N VAL C 782 -21.58 -11.86 2.65
CA VAL C 782 -20.26 -12.36 3.01
C VAL C 782 -19.56 -11.31 3.88
N VAL C 783 -18.73 -11.79 4.81
CA VAL C 783 -18.02 -10.93 5.75
C VAL C 783 -16.54 -11.29 5.67
N ALA C 784 -15.75 -10.61 6.51
CA ALA C 784 -14.30 -10.78 6.49
C ALA C 784 -13.91 -12.17 6.96
N GLY C 785 -12.94 -12.77 6.26
CA GLY C 785 -12.45 -14.08 6.59
C GLY C 785 -13.26 -15.24 6.05
N ASP C 786 -14.35 -14.97 5.33
CA ASP C 786 -15.21 -16.03 4.83
C ASP C 786 -14.65 -16.62 3.54
N ILE C 787 -15.11 -17.83 3.23
CA ILE C 787 -14.65 -18.55 2.04
C ILE C 787 -15.46 -18.06 0.84
N LEU C 788 -14.77 -17.58 -0.18
CA LEU C 788 -15.39 -17.11 -1.41
C LEU C 788 -15.38 -18.20 -2.46
N VAL C 789 -14.20 -18.66 -2.82
CA VAL C 789 -14.02 -19.76 -3.77
C VAL C 789 -12.99 -20.71 -3.19
N GLY C 790 -13.30 -22.01 -3.22
CA GLY C 790 -12.44 -22.99 -2.58
C GLY C 790 -11.34 -23.55 -3.45
N LYS C 791 -10.13 -23.04 -3.27
CA LYS C 791 -8.96 -23.51 -4.02
C LYS C 791 -8.01 -24.21 -3.06
N VAL C 792 -7.53 -25.38 -3.45
CA VAL C 792 -6.58 -26.16 -2.66
C VAL C 792 -5.31 -26.37 -3.49
N THR C 793 -4.14 -26.21 -2.85
CA THR C 793 -2.87 -26.49 -3.58
C THR C 793 -2.68 -28.01 -3.58
N PRO C 794 -2.13 -28.64 -4.64
CA PRO C 794 -2.08 -30.12 -4.70
C PRO C 794 -1.28 -30.83 -3.60
N LYS C 795 -0.07 -30.36 -3.27
CA LYS C 795 0.70 -30.97 -2.15
C LYS C 795 1.90 -30.10 -1.77
N GLY C 796 2.51 -30.37 -0.61
CA GLY C 796 3.71 -29.63 -0.18
C GLY C 796 4.70 -30.58 0.47
N GLU C 797 6.00 -30.22 0.47
CA GLU C 797 7.01 -31.06 1.18
C GLU C 797 6.47 -31.41 2.56
N THR C 798 6.22 -32.71 2.83
CA THR C 798 5.58 -33.06 4.12
C THR C 798 6.63 -33.50 5.15
N GLU C 799 6.71 -32.82 6.29
CA GLU C 799 7.62 -33.24 7.39
C GLU C 799 6.83 -33.20 8.70
N LEU C 800 5.89 -34.13 8.89
CA LEU C 800 5.02 -34.11 10.10
C LEU C 800 5.87 -34.30 11.35
N THR C 801 5.56 -33.56 12.42
CA THR C 801 6.29 -33.73 13.69
C THR C 801 5.70 -34.95 14.43
N PRO C 802 6.45 -35.76 15.23
CA PRO C 802 5.84 -36.87 15.97
C PRO C 802 4.59 -36.49 16.75
N GLU C 803 4.53 -35.27 17.29
CA GLU C 803 3.34 -34.82 18.00
C GLU C 803 2.16 -34.71 17.05
N GLU C 804 2.34 -34.04 15.91
CA GLU C 804 1.29 -33.97 14.90
C GLU C 804 0.99 -35.33 14.29
N ARG C 805 1.99 -36.22 14.21
CA ARG C 805 1.72 -37.56 13.73
C ARG C 805 0.80 -38.32 14.68
N LEU C 806 1.04 -38.21 15.99
CA LEU C 806 0.16 -38.84 16.96
C LEU C 806 -1.24 -38.23 16.92
N LEU C 807 -1.33 -36.91 16.81
CA LEU C 807 -2.64 -36.26 16.71
C LEU C 807 -3.37 -36.74 15.45
N ARG C 808 -2.63 -36.83 14.34
CA ARG C 808 -3.22 -37.31 13.07
C ARG C 808 -3.82 -38.70 13.27
N ALA C 809 -3.14 -39.55 14.05
CA ALA C 809 -3.63 -40.92 14.29
C ALA C 809 -4.98 -40.88 15.03
N ILE C 810 -5.10 -40.00 16.03
CA ILE C 810 -6.38 -39.86 16.78
C ILE C 810 -7.48 -39.35 15.84
N PHE C 811 -7.26 -38.22 15.16
CA PHE C 811 -8.39 -37.62 14.42
C PHE C 811 -8.52 -38.20 13.02
N GLY C 812 -7.39 -38.52 12.39
CA GLY C 812 -7.43 -38.96 10.98
C GLY C 812 -7.28 -37.74 10.11
N GLU C 813 -6.66 -37.87 8.93
CA GLU C 813 -6.59 -36.68 8.02
C GLU C 813 -6.87 -37.09 6.58
N LYS C 814 -7.04 -36.11 5.68
CA LYS C 814 -7.36 -36.39 4.26
C LYS C 814 -6.20 -37.14 3.60
N ALA C 815 -6.52 -38.11 2.74
CA ALA C 815 -5.48 -38.87 2.01
C ALA C 815 -4.71 -37.91 1.09
N ARG C 816 -5.40 -36.93 0.50
CA ARG C 816 -4.76 -36.01 -0.47
C ARG C 816 -3.69 -35.13 0.20
N GLU C 817 -3.93 -34.69 1.44
CA GLU C 817 -2.96 -33.79 2.13
C GLU C 817 -2.81 -32.51 1.32
N VAL C 818 -3.92 -31.98 0.76
CA VAL C 818 -3.89 -30.70 -0.01
C VAL C 818 -3.76 -29.52 0.98
N ARG C 819 -3.47 -28.32 0.48
CA ARG C 819 -3.25 -27.16 1.37
C ARG C 819 -4.36 -26.11 1.20
N ASP C 820 -4.73 -25.41 2.27
CA ASP C 820 -5.79 -24.40 2.21
C ASP C 820 -5.20 -23.10 1.69
N THR C 821 -5.41 -22.82 0.40
CA THR C 821 -5.04 -21.54 -0.20
C THR C 821 -6.24 -20.92 -0.92
N SER C 822 -7.44 -21.13 -0.39
CA SER C 822 -8.64 -20.59 -1.00
C SER C 822 -8.66 -19.07 -0.88
N LEU C 823 -9.38 -18.43 -1.79
CA LEU C 823 -9.48 -16.98 -1.81
C LEU C 823 -10.48 -16.54 -0.76
N LYS C 824 -10.00 -15.85 0.27
CA LYS C 824 -10.83 -15.36 1.35
C LYS C 824 -11.08 -13.86 1.18
N VAL C 825 -12.03 -13.36 1.97
CA VAL C 825 -12.35 -11.94 2.00
C VAL C 825 -11.22 -11.22 2.73
N PRO C 826 -10.76 -10.07 2.24
CA PRO C 826 -9.78 -9.28 2.99
C PRO C 826 -10.35 -8.79 4.32
N HIS C 827 -9.44 -8.33 5.18
CA HIS C 827 -9.82 -7.93 6.53
C HIS C 827 -10.71 -6.69 6.50
N GLY C 828 -11.75 -6.69 7.32
CA GLY C 828 -12.66 -5.56 7.43
C GLY C 828 -13.45 -5.26 6.19
N GLU C 829 -13.99 -6.28 5.52
CA GLU C 829 -14.78 -6.09 4.31
C GLU C 829 -16.10 -6.82 4.45
N ILE C 830 -17.20 -6.12 4.16
CA ILE C 830 -18.54 -6.67 4.19
C ILE C 830 -19.21 -6.32 2.87
N GLY C 831 -19.85 -7.31 2.25
CA GLY C 831 -20.54 -7.03 0.99
C GLY C 831 -21.43 -8.19 0.59
N LYS C 832 -22.15 -7.96 -0.51
CA LYS C 832 -23.02 -8.96 -1.12
C LYS C 832 -22.43 -9.37 -2.45
N VAL C 833 -22.31 -10.68 -2.67
CA VAL C 833 -21.74 -11.17 -3.92
C VAL C 833 -22.76 -10.99 -5.03
N ILE C 834 -22.41 -10.19 -6.02
CA ILE C 834 -23.32 -9.85 -7.12
C ILE C 834 -22.95 -10.51 -8.43
N GLY C 835 -21.78 -11.13 -8.52
CA GLY C 835 -21.39 -11.78 -9.75
C GLY C 835 -20.13 -12.62 -9.63
N VAL C 836 -20.12 -13.77 -10.30
CA VAL C 836 -18.94 -14.61 -10.40
C VAL C 836 -18.72 -14.97 -11.87
N ARG C 837 -17.49 -14.82 -12.33
CA ARG C 837 -17.11 -15.13 -13.70
C ARG C 837 -16.06 -16.23 -13.69
N VAL C 838 -16.33 -17.32 -14.41
CA VAL C 838 -15.47 -18.48 -14.46
C VAL C 838 -14.97 -18.68 -15.89
N PHE C 839 -13.65 -18.75 -16.04
CA PHE C 839 -13.02 -19.06 -17.32
C PHE C 839 -12.34 -20.41 -17.21
N ASP C 840 -12.68 -21.31 -18.12
CA ASP C 840 -12.19 -22.69 -18.12
C ASP C 840 -11.28 -22.92 -19.32
N ARG C 841 -10.17 -23.62 -19.10
CA ARG C 841 -9.32 -24.01 -20.22
C ARG C 841 -9.98 -25.10 -21.06
N GLU C 842 -10.71 -26.01 -20.41
CA GLU C 842 -11.37 -27.10 -21.13
C GLU C 842 -12.50 -26.61 -22.03
N GLU C 843 -13.06 -25.44 -21.75
CA GLU C 843 -14.03 -24.83 -22.64
C GLU C 843 -13.30 -23.99 -23.69
N GLY C 844 -14.05 -23.20 -24.46
CA GLY C 844 -13.45 -22.37 -25.49
C GLY C 844 -12.83 -21.08 -24.99
N ASP C 845 -12.91 -20.82 -23.69
CA ASP C 845 -12.37 -19.58 -23.14
C ASP C 845 -10.85 -19.59 -23.18
N GLU C 846 -10.27 -18.45 -23.57
CA GLU C 846 -8.83 -18.31 -23.65
C GLU C 846 -8.29 -17.88 -22.29
N LEU C 847 -7.20 -18.53 -21.88
CA LEU C 847 -6.58 -18.31 -20.59
C LEU C 847 -5.08 -18.14 -20.75
N PRO C 848 -4.42 -17.45 -19.82
CA PRO C 848 -2.96 -17.31 -19.89
C PRO C 848 -2.29 -18.67 -19.72
N PRO C 849 -1.07 -18.82 -20.23
CA PRO C 849 -0.38 -20.12 -20.11
C PRO C 849 -0.13 -20.49 -18.66
N GLY C 850 -0.19 -21.79 -18.39
CA GLY C 850 -0.01 -22.30 -17.04
C GLY C 850 -1.29 -22.53 -16.27
N VAL C 851 -2.21 -21.57 -16.30
CA VAL C 851 -3.42 -21.67 -15.49
C VAL C 851 -4.39 -22.64 -16.14
N ASN C 852 -5.19 -23.30 -15.31
CA ASN C 852 -6.23 -24.21 -15.77
C ASN C 852 -7.62 -23.58 -15.73
N GLN C 853 -7.94 -22.84 -14.67
CA GLN C 853 -9.17 -22.04 -14.69
C GLN C 853 -8.99 -20.81 -13.82
N LEU C 854 -9.91 -19.86 -13.98
CA LEU C 854 -9.84 -18.58 -13.28
C LEU C 854 -11.24 -18.18 -12.85
N VAL C 855 -11.35 -17.61 -11.65
CA VAL C 855 -12.64 -17.13 -11.13
C VAL C 855 -12.48 -15.71 -10.60
N ARG C 856 -13.46 -14.87 -10.90
CA ARG C 856 -13.56 -13.52 -10.41
C ARG C 856 -14.88 -13.36 -9.65
N VAL C 857 -14.83 -12.71 -8.50
CA VAL C 857 -16.02 -12.48 -7.68
C VAL C 857 -16.13 -10.98 -7.42
N TYR C 858 -17.33 -10.44 -7.62
CA TYR C 858 -17.63 -9.05 -7.33
C TYR C 858 -18.48 -8.97 -6.06
N VAL C 859 -18.04 -8.17 -5.10
CA VAL C 859 -18.81 -7.93 -3.88
C VAL C 859 -19.20 -6.46 -3.82
N ALA C 860 -20.47 -6.20 -3.57
CA ALA C 860 -21.02 -4.85 -3.60
C ALA C 860 -21.58 -4.49 -2.23
N GLN C 861 -21.15 -3.36 -1.70
CA GLN C 861 -21.64 -2.89 -0.41
C GLN C 861 -22.24 -1.51 -0.55
N LYS C 862 -23.37 -1.28 0.11
CA LYS C 862 -24.04 0.02 0.12
C LYS C 862 -23.53 0.77 1.34
N ARG C 863 -22.46 1.54 1.16
CA ARG C 863 -21.84 2.25 2.27
C ARG C 863 -22.62 3.51 2.56
N LYS C 864 -23.09 3.64 3.80
CA LYS C 864 -23.69 4.88 4.27
C LYS C 864 -22.60 5.85 4.70
N ILE C 865 -23.00 7.00 5.23
CA ILE C 865 -22.05 8.02 5.63
C ILE C 865 -21.74 7.83 7.12
N THR C 866 -20.45 7.94 7.47
CA THR C 866 -19.98 7.63 8.82
C THR C 866 -18.94 8.64 9.25
N ASP C 867 -18.34 8.39 10.41
CA ASP C 867 -17.24 9.19 10.90
C ASP C 867 -16.01 9.01 10.03
N GLY C 868 -15.28 10.10 9.81
CA GLY C 868 -14.07 10.05 9.03
C GLY C 868 -14.24 10.14 7.54
N ASP C 869 -15.47 10.03 7.03
CA ASP C 869 -15.71 10.15 5.60
C ASP C 869 -15.55 11.61 5.19
N LYS C 870 -14.72 11.85 4.18
CA LYS C 870 -14.42 13.21 3.77
C LYS C 870 -15.49 13.73 2.83
N LEU C 871 -16.04 14.90 3.15
CA LEU C 871 -17.01 15.60 2.32
C LEU C 871 -16.47 16.98 1.97
N ALA C 872 -17.05 17.56 0.93
CA ALA C 872 -16.53 18.82 0.42
C ALA C 872 -17.60 19.54 -0.37
N GLY C 873 -17.44 20.86 -0.46
CA GLY C 873 -18.22 21.68 -1.36
C GLY C 873 -17.48 21.96 -2.65
N ARG C 874 -18.00 22.92 -3.41
CA ARG C 874 -17.42 23.27 -4.69
C ARG C 874 -16.42 24.42 -4.61
N HIS C 875 -16.15 24.94 -3.41
CA HIS C 875 -15.31 26.11 -3.24
C HIS C 875 -14.08 25.81 -2.39
N GLY C 876 -13.52 24.62 -2.57
CA GLY C 876 -12.33 24.24 -1.84
C GLY C 876 -12.51 23.98 -0.37
N ASN C 877 -13.74 24.00 0.14
CA ASN C 877 -14.00 23.70 1.54
C ASN C 877 -14.14 22.19 1.71
N LYS C 878 -13.52 21.65 2.75
CA LYS C 878 -13.47 20.21 2.95
C LYS C 878 -13.38 19.92 4.44
N GLY C 879 -13.68 18.68 4.78
CA GLY C 879 -13.56 18.26 6.16
C GLY C 879 -14.06 16.86 6.42
N VAL C 880 -13.41 16.15 7.34
CA VAL C 880 -13.90 14.85 7.74
C VAL C 880 -15.10 15.03 8.68
N ILE C 881 -15.87 13.96 8.82
CA ILE C 881 -17.07 13.98 9.64
C ILE C 881 -16.70 13.59 11.07
N SER C 882 -17.06 14.44 12.02
CA SER C 882 -16.73 14.17 13.41
C SER C 882 -17.89 13.64 14.22
N LYS C 883 -19.13 13.92 13.81
CA LYS C 883 -20.29 13.45 14.54
C LYS C 883 -21.51 13.47 13.64
N ILE C 884 -22.19 12.34 13.54
CA ILE C 884 -23.51 12.28 12.91
C ILE C 884 -24.52 12.45 14.04
N ASN C 885 -25.05 13.66 14.16
CA ASN C 885 -25.98 13.96 15.24
C ASN C 885 -27.33 13.31 15.00
N PRO C 886 -28.10 13.06 16.06
CA PRO C 886 -29.51 12.74 15.88
C PRO C 886 -30.27 13.93 15.32
N ILE C 887 -31.43 13.65 14.73
CA ILE C 887 -32.23 14.70 14.11
C ILE C 887 -32.70 15.72 15.15
N GLU C 888 -33.09 15.24 16.33
CA GLU C 888 -33.56 16.14 17.37
C GLU C 888 -32.44 16.98 17.97
N ASP C 889 -31.18 16.60 17.75
CA ASP C 889 -30.06 17.38 18.27
C ASP C 889 -29.60 18.49 17.34
N MET C 890 -29.99 18.44 16.07
CA MET C 890 -29.60 19.49 15.15
C MET C 890 -30.39 20.77 15.45
N PRO C 891 -29.77 21.94 15.33
CA PRO C 891 -30.53 23.18 15.43
C PRO C 891 -31.57 23.27 14.33
N PHE C 892 -32.74 23.77 14.67
CA PHE C 892 -33.88 23.77 13.77
C PHE C 892 -34.45 25.16 13.63
N LEU C 893 -35.16 25.36 12.53
CA LEU C 893 -35.61 26.67 12.09
C LEU C 893 -36.95 27.01 12.76
N GLU C 894 -37.61 28.05 12.27
CA GLU C 894 -38.85 28.52 12.89
C GLU C 894 -40.03 27.59 12.61
N ASP C 895 -39.92 26.67 11.65
CA ASP C 895 -41.01 25.76 11.34
C ASP C 895 -40.70 24.33 11.75
N GLY C 896 -39.69 24.13 12.59
CA GLY C 896 -39.29 22.80 13.00
C GLY C 896 -38.42 22.06 12.00
N THR C 897 -37.87 22.75 11.01
CA THR C 897 -37.02 22.11 10.01
C THR C 897 -35.58 22.07 10.51
N PRO C 898 -35.03 20.88 10.78
CA PRO C 898 -33.65 20.80 11.24
C PRO C 898 -32.68 21.06 10.11
N VAL C 899 -31.53 21.63 10.46
CA VAL C 899 -30.48 21.81 9.47
C VAL C 899 -29.77 20.47 9.27
N ASP C 900 -29.24 20.27 8.06
CA ASP C 900 -28.67 18.98 7.69
C ASP C 900 -27.17 18.89 7.88
N ILE C 901 -26.47 20.01 7.94
CA ILE C 901 -25.03 20.01 8.13
C ILE C 901 -24.60 21.33 8.78
N ILE C 902 -23.69 21.25 9.75
CA ILE C 902 -23.22 22.42 10.48
C ILE C 902 -21.78 22.69 10.08
N LEU C 903 -21.50 23.90 9.62
CA LEU C 903 -20.18 24.28 9.14
C LEU C 903 -19.60 25.35 10.04
N ASN C 904 -18.29 25.29 10.25
CA ASN C 904 -17.61 26.32 11.01
C ASN C 904 -17.54 27.60 10.19
N PRO C 905 -17.98 28.74 10.72
CA PRO C 905 -17.77 30.01 10.03
C PRO C 905 -16.38 30.58 10.23
N LEU C 906 -15.53 29.92 11.03
CA LEU C 906 -14.17 30.38 11.24
C LEU C 906 -13.32 30.18 10.00
N ALA C 907 -13.63 29.17 9.19
CA ALA C 907 -12.78 28.82 8.06
C ALA C 907 -12.86 29.87 6.96
N VAL C 908 -14.08 30.27 6.60
CA VAL C 908 -14.27 31.04 5.36
C VAL C 908 -13.54 32.38 5.30
N PRO C 909 -13.47 33.22 6.35
CA PRO C 909 -12.74 34.49 6.15
C PRO C 909 -11.24 34.30 6.04
N SER C 910 -10.69 33.26 6.67
CA SER C 910 -9.26 32.98 6.53
C SER C 910 -8.94 32.33 5.19
N ARG C 911 -9.82 31.46 4.70
CA ARG C 911 -9.61 30.83 3.41
C ARG C 911 -9.90 31.77 2.25
N MET C 912 -10.55 32.91 2.51
CA MET C 912 -10.82 33.94 1.52
C MET C 912 -11.66 33.42 0.35
N ASN C 913 -12.65 32.58 0.65
CA ASN C 913 -13.61 32.12 -0.35
C ASN C 913 -15.03 32.39 0.15
N PRO C 914 -15.46 33.65 0.13
CA PRO C 914 -16.83 33.96 0.56
C PRO C 914 -17.90 33.44 -0.38
N GLY C 915 -17.52 33.00 -1.58
CA GLY C 915 -18.49 32.59 -2.59
C GLY C 915 -19.42 31.48 -2.14
N GLN C 916 -18.92 30.56 -1.31
CA GLN C 916 -19.80 29.52 -0.76
C GLN C 916 -21.00 30.12 -0.04
N VAL C 917 -20.75 31.14 0.79
CA VAL C 917 -21.85 31.85 1.45
C VAL C 917 -22.82 32.38 0.41
N LEU C 918 -22.30 33.01 -0.66
CA LEU C 918 -23.15 33.47 -1.74
C LEU C 918 -24.00 32.33 -2.27
N GLU C 919 -23.35 31.20 -2.58
CA GLU C 919 -24.05 30.02 -3.07
C GLU C 919 -25.19 29.66 -2.13
N ILE C 920 -24.89 29.61 -0.83
CA ILE C 920 -25.87 29.23 0.17
C ILE C 920 -27.09 30.14 0.10
N HIS C 921 -26.87 31.45 0.01
CA HIS C 921 -28.01 32.36 -0.05
C HIS C 921 -28.86 32.06 -1.29
N LEU C 922 -28.22 31.89 -2.44
CA LEU C 922 -29.00 31.58 -3.62
C LEU C 922 -29.61 30.20 -3.53
N GLY C 923 -28.91 29.28 -2.85
CA GLY C 923 -29.50 27.98 -2.59
C GLY C 923 -30.80 28.11 -1.84
N TRP C 924 -30.82 28.94 -0.81
CA TRP C 924 -32.06 29.19 -0.08
C TRP C 924 -33.09 29.82 -1.02
N LEU C 925 -32.65 30.74 -1.86
CA LEU C 925 -33.57 31.39 -2.79
C LEU C 925 -34.10 30.41 -3.82
N ALA C 926 -33.37 29.34 -4.10
CA ALA C 926 -33.89 28.37 -5.03
C ALA C 926 -34.76 27.33 -4.33
N SER C 927 -34.69 27.26 -3.00
CA SER C 927 -35.54 26.32 -2.28
C SER C 927 -36.97 26.85 -2.17
N ARG C 928 -37.12 28.03 -1.60
CA ARG C 928 -38.40 28.74 -1.56
C ARG C 928 -38.31 29.81 -2.64
N GLY C 929 -39.16 29.71 -3.66
CA GLY C 929 -39.07 30.57 -4.81
C GLY C 929 -39.39 32.03 -4.52
N TRP C 930 -39.26 32.89 -5.52
CA TRP C 930 -39.50 34.31 -5.34
C TRP C 930 -40.54 34.80 -6.33
N ASP C 931 -41.19 35.90 -5.97
CA ASP C 931 -42.19 36.56 -6.81
C ASP C 931 -41.78 38.02 -6.97
N VAL C 932 -41.21 38.36 -8.12
CA VAL C 932 -40.81 39.72 -8.43
C VAL C 932 -41.57 40.16 -9.67
N SER C 933 -42.39 41.20 -9.54
CA SER C 933 -43.16 41.72 -10.66
C SER C 933 -43.61 43.12 -10.31
N GLY C 934 -43.26 44.09 -11.15
CA GLY C 934 -43.66 45.46 -10.93
C GLY C 934 -42.99 46.16 -9.78
N LEU C 935 -41.86 45.63 -9.30
CA LEU C 935 -41.17 46.24 -8.17
C LEU C 935 -40.49 47.56 -8.56
N ALA C 936 -40.23 47.76 -9.86
CA ALA C 936 -39.67 49.00 -10.39
C ALA C 936 -38.32 49.35 -9.74
N GLU C 937 -37.52 48.33 -9.48
CA GLU C 937 -36.16 48.50 -8.98
C GLU C 937 -35.17 48.00 -10.01
N GLU C 938 -33.90 48.38 -9.82
CA GLU C 938 -32.88 48.07 -10.81
C GLU C 938 -32.63 46.57 -10.91
N TRP C 939 -32.42 45.91 -9.77
CA TRP C 939 -32.25 44.46 -9.77
C TRP C 939 -33.52 43.76 -10.23
N ALA C 940 -34.68 44.28 -9.83
CA ALA C 940 -35.94 43.68 -10.24
C ALA C 940 -36.14 43.78 -11.74
N GLN C 941 -35.81 44.93 -12.32
CA GLN C 941 -35.94 45.08 -13.77
C GLN C 941 -34.93 44.21 -14.51
N ARG C 942 -33.72 44.07 -13.95
CA ARG C 942 -32.74 43.16 -14.54
C ARG C 942 -33.24 41.71 -14.53
N LEU C 943 -33.84 41.29 -13.41
CA LEU C 943 -34.35 39.92 -13.33
C LEU C 943 -35.56 39.73 -14.24
N GLN C 944 -36.37 40.78 -14.42
CA GLN C 944 -37.53 40.67 -15.30
C GLN C 944 -37.10 40.57 -16.77
N VAL C 945 -36.13 41.39 -17.19
CA VAL C 945 -35.69 41.30 -18.57
C VAL C 945 -34.90 40.02 -18.82
N ILE C 946 -34.20 39.52 -17.80
CA ILE C 946 -33.51 38.24 -17.94
C ILE C 946 -34.52 37.09 -18.00
N GLY C 947 -35.53 37.13 -17.14
CA GLY C 947 -36.49 36.04 -17.03
C GLY C 947 -36.52 35.36 -15.68
N ALA C 948 -35.65 35.73 -14.74
CA ALA C 948 -35.62 35.13 -13.41
C ALA C 948 -36.44 35.95 -12.43
N ASP C 949 -37.71 36.21 -12.76
CA ASP C 949 -38.56 37.02 -11.90
C ASP C 949 -39.68 36.23 -11.23
N LYS C 950 -40.18 35.17 -11.86
CA LYS C 950 -41.20 34.30 -11.29
C LYS C 950 -40.62 32.89 -11.28
N VAL C 951 -40.23 32.42 -10.10
CA VAL C 951 -39.55 31.14 -9.95
C VAL C 951 -40.30 30.31 -8.92
N GLU C 952 -40.72 29.11 -9.32
CA GLU C 952 -41.40 28.21 -8.40
C GLU C 952 -40.42 27.67 -7.36
N PRO C 953 -40.91 27.31 -6.17
CA PRO C 953 -40.01 26.74 -5.16
C PRO C 953 -39.41 25.42 -5.61
N GLY C 954 -38.12 25.25 -5.32
CA GLY C 954 -37.43 24.02 -5.61
C GLY C 954 -36.77 23.94 -6.97
N THR C 955 -37.08 24.86 -7.89
CA THR C 955 -36.51 24.80 -9.23
C THR C 955 -35.04 25.20 -9.22
N ASN C 956 -34.27 24.55 -10.07
CA ASN C 956 -32.84 24.81 -10.14
C ASN C 956 -32.56 26.18 -10.76
N VAL C 957 -31.57 26.87 -10.21
CA VAL C 957 -31.16 28.17 -10.74
C VAL C 957 -29.76 28.03 -11.32
N ALA C 958 -29.40 28.98 -12.18
CA ALA C 958 -28.11 28.94 -12.87
C ALA C 958 -27.41 30.27 -12.75
N THR C 959 -26.20 30.24 -12.20
CA THR C 959 -25.29 31.39 -12.22
C THR C 959 -24.05 31.04 -13.02
N PRO C 960 -23.87 31.58 -14.21
CA PRO C 960 -22.64 31.33 -14.97
C PRO C 960 -21.42 31.81 -14.21
N VAL C 961 -20.26 31.24 -14.57
CA VAL C 961 -19.09 31.30 -13.71
C VAL C 961 -18.52 32.71 -13.61
N PHE C 962 -18.87 33.60 -14.55
CA PHE C 962 -18.49 35.00 -14.41
C PHE C 962 -19.62 35.95 -14.77
N ASP C 963 -20.86 35.45 -14.91
CA ASP C 963 -22.06 36.25 -15.10
C ASP C 963 -23.10 35.86 -14.06
N GLY C 964 -22.68 35.69 -12.82
CA GLY C 964 -23.57 35.20 -11.78
C GLY C 964 -24.53 36.26 -11.32
N ALA C 965 -25.33 35.89 -10.32
CA ALA C 965 -26.28 36.82 -9.72
C ALA C 965 -25.54 37.81 -8.85
N ARG C 966 -25.86 39.10 -9.00
CA ARG C 966 -25.15 40.16 -8.31
C ARG C 966 -25.59 40.24 -6.85
N GLU C 967 -24.94 41.13 -6.10
CA GLU C 967 -25.24 41.28 -4.68
C GLU C 967 -26.65 41.82 -4.47
N ASP C 968 -27.04 42.83 -5.24
CA ASP C 968 -28.35 43.44 -5.10
C ASP C 968 -29.45 42.44 -5.40
N GLU C 969 -29.21 41.55 -6.36
CA GLU C 969 -30.22 40.55 -6.70
C GLU C 969 -30.44 39.56 -5.57
N LEU C 970 -29.36 39.08 -4.94
CA LEU C 970 -29.53 38.18 -3.79
C LEU C 970 -30.23 38.89 -2.64
N ALA C 971 -29.84 40.14 -2.34
CA ALA C 971 -30.47 40.86 -1.23
C ALA C 971 -31.95 41.08 -1.49
N GLY C 972 -32.29 41.56 -2.68
CA GLY C 972 -33.68 41.83 -3.00
C GLY C 972 -34.54 40.58 -3.09
N LEU C 973 -33.98 39.48 -3.58
CA LEU C 973 -34.74 38.24 -3.61
C LEU C 973 -34.92 37.67 -2.21
N LEU C 974 -33.93 37.85 -1.33
CA LEU C 974 -34.12 37.44 0.06
C LEU C 974 -35.19 38.29 0.73
N GLN C 975 -35.36 39.54 0.29
CA GLN C 975 -36.48 40.34 0.77
C GLN C 975 -37.82 39.76 0.34
N HIS C 976 -37.89 39.23 -0.88
CA HIS C 976 -39.16 38.83 -1.50
C HIS C 976 -39.26 37.32 -1.71
N THR C 977 -38.72 36.55 -0.78
CA THR C 977 -38.90 35.09 -0.81
C THR C 977 -40.36 34.76 -0.50
N ILE C 978 -40.90 33.77 -1.20
CA ILE C 978 -42.30 33.38 -0.99
C ILE C 978 -42.45 32.78 0.40
N PRO C 979 -43.54 33.05 1.12
CA PRO C 979 -43.71 32.47 2.45
C PRO C 979 -44.02 30.98 2.38
N ASN C 980 -43.72 30.27 3.47
CA ASN C 980 -43.94 28.83 3.51
C ASN C 980 -45.26 28.48 4.21
N ARG C 981 -45.46 28.98 5.42
CA ARG C 981 -46.67 28.71 6.18
C ARG C 981 -46.97 29.91 7.06
N ASP C 982 -48.24 30.08 7.39
CA ASP C 982 -48.75 31.18 8.22
C ASP C 982 -48.44 32.55 7.61
N GLY C 983 -48.16 32.59 6.31
CA GLY C 983 -47.90 33.84 5.62
C GLY C 983 -46.65 34.57 6.05
N GLU C 984 -45.68 33.87 6.64
CA GLU C 984 -44.47 34.49 7.16
C GLU C 984 -43.24 33.86 6.50
N ARG C 985 -42.31 34.71 6.07
CA ARG C 985 -41.05 34.24 5.53
C ARG C 985 -40.00 34.19 6.64
N MET C 986 -39.04 33.29 6.46
CA MET C 986 -38.30 32.71 7.56
C MET C 986 -36.85 33.14 7.65
N VAL C 987 -36.26 33.61 6.57
CA VAL C 987 -34.90 34.15 6.59
C VAL C 987 -34.97 35.66 6.44
N LEU C 988 -34.33 36.37 7.36
CA LEU C 988 -34.35 37.83 7.37
C LEU C 988 -33.61 38.37 6.16
N PRO C 989 -33.86 39.63 5.79
CA PRO C 989 -33.14 40.21 4.63
C PRO C 989 -31.64 40.26 4.80
N SER C 990 -31.13 40.15 6.03
CA SER C 990 -29.69 40.06 6.26
C SER C 990 -29.10 38.73 5.81
N GLY C 991 -29.94 37.77 5.43
CA GLY C 991 -29.47 36.46 5.03
C GLY C 991 -29.40 35.44 6.16
N LYS C 992 -29.67 35.85 7.38
CA LYS C 992 -29.60 34.97 8.55
C LYS C 992 -31.01 34.73 9.08
N ALA C 993 -31.18 33.61 9.78
CA ALA C 993 -32.48 33.25 10.34
C ALA C 993 -32.32 32.93 11.81
N ARG C 994 -33.35 33.26 12.59
CA ARG C 994 -33.39 32.91 14.01
C ARG C 994 -33.50 31.40 14.13
N LEU C 995 -32.55 30.79 14.83
CA LEU C 995 -32.38 29.35 14.82
C LEU C 995 -32.38 28.83 16.25
N PHE C 996 -33.17 27.80 16.51
CA PHE C 996 -33.30 27.24 17.84
C PHE C 996 -32.16 26.27 18.14
N ASP C 997 -32.14 25.76 19.36
CA ASP C 997 -31.19 24.74 19.77
C ASP C 997 -31.91 23.39 19.90
N GLY C 998 -31.28 22.35 19.37
CA GLY C 998 -31.87 21.03 19.47
C GLY C 998 -31.59 20.32 20.78
N ARG C 999 -30.56 20.74 21.51
CA ARG C 999 -30.20 20.11 22.77
C ARG C 999 -30.84 20.84 23.95
N SER C 1000 -30.48 22.11 24.15
CA SER C 1000 -31.04 22.86 25.27
C SER C 1000 -32.48 23.28 24.99
N GLY C 1001 -32.76 23.72 23.78
CA GLY C 1001 -34.09 24.18 23.40
C GLY C 1001 -34.28 25.67 23.41
N GLU C 1002 -33.42 26.40 24.11
CA GLU C 1002 -33.48 27.85 24.06
C GLU C 1002 -32.97 28.34 22.71
N PRO C 1003 -33.62 29.34 22.12
CA PRO C 1003 -33.15 29.85 20.83
C PRO C 1003 -31.77 30.47 20.94
N PHE C 1004 -30.99 30.34 19.87
CA PHE C 1004 -29.66 30.93 19.84
C PHE C 1004 -29.77 32.46 19.87
N PRO C 1005 -28.79 33.14 20.49
CA PRO C 1005 -28.92 34.59 20.70
C PRO C 1005 -29.01 35.41 19.42
N GLU C 1006 -28.03 35.26 18.54
CA GLU C 1006 -28.04 35.98 17.28
C GLU C 1006 -28.60 35.12 16.18
N PRO C 1007 -29.14 35.73 15.12
CA PRO C 1007 -29.56 34.95 13.95
C PRO C 1007 -28.37 34.25 13.31
N ILE C 1008 -28.61 33.03 12.82
CA ILE C 1008 -27.58 32.18 12.23
C ILE C 1008 -27.87 32.07 10.74
N SER C 1009 -26.83 32.25 9.93
CA SER C 1009 -26.98 32.18 8.49
C SER C 1009 -27.25 30.74 8.05
N VAL C 1010 -28.34 30.55 7.31
CA VAL C 1010 -28.75 29.23 6.86
C VAL C 1010 -29.03 29.27 5.36
N GLY C 1011 -29.02 28.09 4.76
CA GLY C 1011 -29.33 27.97 3.34
C GLY C 1011 -29.05 26.58 2.83
N TYR C 1012 -28.76 26.48 1.53
CA TYR C 1012 -28.54 25.18 0.91
C TYR C 1012 -27.21 25.18 0.17
N MET C 1013 -26.25 24.40 0.67
CA MET C 1013 -25.01 24.19 -0.05
C MET C 1013 -25.00 22.80 -0.67
N TYR C 1014 -24.44 22.71 -1.87
CA TYR C 1014 -24.32 21.45 -2.58
C TYR C 1014 -23.01 20.79 -2.17
N ILE C 1015 -23.11 19.74 -1.36
CA ILE C 1015 -21.98 19.08 -0.72
C ILE C 1015 -21.69 17.77 -1.45
N LEU C 1016 -20.42 17.53 -1.72
CA LEU C 1016 -19.94 16.33 -2.41
C LEU C 1016 -19.50 15.28 -1.39
N LYS C 1017 -19.46 14.03 -1.83
CA LYS C 1017 -18.88 12.95 -1.05
C LYS C 1017 -17.63 12.46 -1.76
N LEU C 1018 -16.47 12.73 -1.17
CA LEU C 1018 -15.21 12.38 -1.80
C LEU C 1018 -14.91 10.89 -1.64
N HIS C 1019 -13.94 10.42 -2.42
CA HIS C 1019 -13.54 9.02 -2.39
C HIS C 1019 -12.43 8.74 -1.37
N HIS C 1020 -12.21 9.66 -0.43
CA HIS C 1020 -11.38 9.37 0.75
C HIS C 1020 -12.26 8.76 1.83
N LEU C 1021 -12.77 7.57 1.52
CA LEU C 1021 -13.67 6.86 2.42
C LEU C 1021 -12.89 6.30 3.59
N VAL C 1022 -13.53 6.30 4.76
CA VAL C 1022 -12.87 5.84 5.98
C VAL C 1022 -12.71 4.32 5.97
N ASP C 1023 -13.51 3.60 5.18
CA ASP C 1023 -13.40 2.15 5.13
C ASP C 1023 -12.14 1.70 4.40
N ASP C 1024 -11.56 2.57 3.57
CA ASP C 1024 -10.34 2.24 2.84
C ASP C 1024 -9.09 2.80 3.50
N LYS C 1025 -9.22 3.90 4.25
CA LYS C 1025 -8.06 4.50 4.88
C LYS C 1025 -7.61 3.69 6.10
N LEU C 1026 -8.56 3.12 6.84
CA LEU C 1026 -8.23 2.44 8.09
C LEU C 1026 -7.47 1.16 7.81
N HIS C 1027 -6.34 0.99 8.51
CA HIS C 1027 -5.57 -0.24 8.40
C HIS C 1027 -4.79 -0.43 9.69
N ALA C 1028 -4.67 -1.69 10.11
CA ALA C 1028 -3.99 -2.00 11.35
C ALA C 1028 -3.21 -3.30 11.19
N ARG C 1029 -2.18 -3.46 12.03
CA ARG C 1029 -1.34 -4.65 11.99
C ARG C 1029 -0.68 -4.86 13.34
N SER C 1030 -0.70 -6.10 13.82
CA SER C 1030 0.15 -6.53 14.93
C SER C 1030 1.30 -7.40 14.44
N THR C 1031 1.00 -8.38 13.60
CA THR C 1031 2.02 -9.24 13.00
C THR C 1031 1.44 -9.81 11.71
N GLY C 1032 2.14 -9.59 10.59
CA GLY C 1032 1.68 -10.05 9.31
C GLY C 1032 2.81 -10.48 8.40
N PRO C 1033 2.64 -10.25 7.10
CA PRO C 1033 3.71 -10.60 6.15
C PRO C 1033 4.96 -9.77 6.38
N TYR C 1034 6.11 -10.39 6.12
CA TYR C 1034 7.41 -9.76 6.27
C TYR C 1034 8.14 -9.77 4.94
N SER C 1035 8.99 -8.78 4.72
CA SER C 1035 9.71 -8.69 3.46
C SER C 1035 10.81 -9.74 3.41
N MET C 1036 11.41 -9.88 2.24
CA MET C 1036 12.32 -10.99 1.94
C MET C 1036 13.78 -10.58 1.89
N ILE C 1037 14.11 -9.51 1.17
CA ILE C 1037 15.49 -9.05 1.08
C ILE C 1037 16.00 -8.59 2.44
N THR C 1038 15.15 -7.88 3.19
CA THR C 1038 15.38 -7.61 4.60
C THR C 1038 14.12 -7.99 5.35
N GLN C 1039 14.29 -8.45 6.59
CA GLN C 1039 13.21 -9.11 7.29
C GLN C 1039 12.27 -8.14 8.01
N GLN C 1040 12.26 -6.88 7.61
CA GLN C 1040 11.29 -5.93 8.12
C GLN C 1040 9.91 -6.24 7.51
N PRO C 1041 8.84 -5.76 8.14
CA PRO C 1041 7.52 -5.86 7.51
C PRO C 1041 7.46 -5.09 6.20
N LEU C 1042 6.63 -5.56 5.29
CA LEU C 1042 6.39 -4.86 4.05
C LEU C 1042 5.31 -3.80 4.26
N GLY C 1043 4.89 -3.14 3.17
CA GLY C 1043 4.02 -2.01 3.29
C GLY C 1043 2.74 -2.16 2.47
N GLY C 1044 1.76 -1.36 2.83
CA GLY C 1044 0.49 -1.33 2.12
C GLY C 1044 -0.69 -1.77 2.95
N LYS C 1045 -1.89 -1.38 2.53
CA LYS C 1045 -3.12 -1.75 3.23
C LYS C 1045 -3.60 -3.15 2.84
N ALA C 1046 -3.51 -3.50 1.55
CA ALA C 1046 -4.03 -4.77 1.09
C ALA C 1046 -3.19 -5.96 1.53
N GLN C 1047 -1.90 -5.73 1.82
CA GLN C 1047 -0.99 -6.82 2.15
C GLN C 1047 -0.64 -6.84 3.65
N PHE C 1048 -1.46 -6.19 4.48
CA PHE C 1048 -1.33 -6.24 5.94
C PHE C 1048 0.03 -5.76 6.42
N GLY C 1049 0.46 -4.61 5.88
CA GLY C 1049 1.78 -4.08 6.15
C GLY C 1049 1.80 -3.09 7.31
N GLY C 1050 3.01 -2.81 7.80
CA GLY C 1050 3.16 -1.92 8.93
C GLY C 1050 3.50 -0.50 8.53
N GLN C 1051 3.18 0.43 9.42
CA GLN C 1051 3.49 1.83 9.18
C GLN C 1051 5.00 2.06 9.24
N ARG C 1052 5.45 3.07 8.50
CA ARG C 1052 6.88 3.36 8.43
C ARG C 1052 7.28 4.31 9.55
N PHE C 1053 8.29 3.91 10.31
CA PHE C 1053 8.86 4.75 11.36
C PHE C 1053 10.11 5.39 10.78
N GLY C 1054 9.94 6.54 10.13
CA GLY C 1054 11.00 7.17 9.39
C GLY C 1054 12.06 7.78 10.29
N GLU C 1055 12.92 8.57 9.65
CA GLU C 1055 14.07 9.17 10.34
C GLU C 1055 13.63 10.28 11.28
N MET C 1056 12.64 11.09 10.89
CA MET C 1056 12.18 12.18 11.72
C MET C 1056 11.49 11.68 12.98
N GLU C 1057 10.80 10.54 12.88
CA GLU C 1057 10.20 9.93 14.07
C GLU C 1057 11.28 9.54 15.07
N VAL C 1058 12.38 8.96 14.57
CA VAL C 1058 13.49 8.55 15.41
C VAL C 1058 14.17 9.76 16.03
N TRP C 1059 14.23 10.87 15.28
CA TRP C 1059 14.71 12.13 15.84
C TRP C 1059 13.83 12.60 16.98
N ALA C 1060 12.51 12.50 16.81
CA ALA C 1060 11.58 12.93 17.86
C ALA C 1060 11.76 12.09 19.12
N LEU C 1061 11.93 10.77 18.95
CA LEU C 1061 12.12 9.93 20.14
C LEU C 1061 13.48 10.17 20.80
N GLU C 1062 14.52 10.51 20.03
CA GLU C 1062 15.77 10.90 20.69
C GLU C 1062 15.62 12.22 21.42
N ALA C 1063 14.81 13.14 20.87
CA ALA C 1063 14.60 14.42 21.53
C ALA C 1063 13.87 14.26 22.85
N TYR C 1064 12.89 13.35 22.90
CA TYR C 1064 12.39 12.88 24.20
C TYR C 1064 13.47 12.23 25.04
N GLY C 1065 14.44 11.56 24.41
CA GLY C 1065 15.41 10.81 25.17
C GLY C 1065 14.92 9.47 25.63
N ALA C 1066 13.96 8.88 24.91
CA ALA C 1066 13.43 7.56 25.25
C ALA C 1066 14.21 6.52 24.45
N ALA C 1067 15.28 6.01 25.05
CA ALA C 1067 16.12 5.03 24.38
C ALA C 1067 15.41 3.70 24.22
N TYR C 1068 14.62 3.29 25.22
CA TYR C 1068 14.05 1.95 25.22
C TYR C 1068 12.94 1.81 24.21
N ALA C 1069 12.05 2.81 24.14
CA ALA C 1069 10.97 2.76 23.15
C ALA C 1069 11.51 2.80 21.74
N LEU C 1070 12.53 3.62 21.50
CA LEU C 1070 13.17 3.66 20.19
C LEU C 1070 13.82 2.33 19.85
N GLN C 1071 14.53 1.73 20.81
CA GLN C 1071 15.19 0.46 20.57
C GLN C 1071 14.20 -0.64 20.24
N GLU C 1072 13.07 -0.67 20.96
CA GLU C 1072 12.07 -1.70 20.70
C GLU C 1072 11.30 -1.45 19.43
N LEU C 1073 11.17 -0.18 19.03
CA LEU C 1073 10.54 0.13 17.75
C LEU C 1073 11.46 -0.12 16.57
N LEU C 1074 12.77 -0.20 16.81
CA LEU C 1074 13.72 -0.48 15.74
C LEU C 1074 14.18 -1.93 15.69
N THR C 1075 14.24 -2.62 16.83
CA THR C 1075 14.80 -3.95 16.90
C THR C 1075 13.80 -5.03 17.25
N ILE C 1076 12.85 -4.76 18.13
CA ILE C 1076 11.85 -5.76 18.49
C ILE C 1076 10.71 -5.81 17.49
N LYS C 1077 10.11 -4.66 17.19
CA LYS C 1077 8.91 -4.63 16.37
C LYS C 1077 9.20 -4.71 14.88
N SER C 1078 10.45 -5.01 14.50
CA SER C 1078 10.84 -5.30 13.13
C SER C 1078 12.27 -5.81 13.15
N ASP C 1079 12.71 -6.34 12.00
CA ASP C 1079 14.11 -6.50 11.65
C ASP C 1079 14.86 -7.51 12.50
N ASP C 1080 14.18 -8.32 13.30
CA ASP C 1080 14.83 -9.33 14.12
C ASP C 1080 14.15 -10.67 13.90
N VAL C 1081 14.87 -11.62 13.30
CA VAL C 1081 14.27 -12.89 12.93
C VAL C 1081 13.91 -13.74 14.14
N THR C 1082 14.57 -13.53 15.29
CA THR C 1082 14.29 -14.30 16.49
C THR C 1082 13.64 -13.49 17.60
N GLY C 1083 13.85 -12.17 17.62
CA GLY C 1083 13.26 -11.35 18.66
C GLY C 1083 11.75 -11.27 18.56
N ARG C 1084 11.22 -11.21 17.33
CA ARG C 1084 9.79 -11.05 17.13
C ARG C 1084 9.02 -12.26 17.65
N VAL C 1085 9.51 -13.47 17.35
CA VAL C 1085 8.84 -14.68 17.80
C VAL C 1085 8.90 -14.79 19.32
N LYS C 1086 10.06 -14.50 19.91
CA LYS C 1086 10.19 -14.58 21.37
C LYS C 1086 9.30 -13.56 22.06
N VAL C 1087 9.18 -12.36 21.49
CA VAL C 1087 8.30 -11.34 22.06
C VAL C 1087 6.84 -11.75 21.95
N TYR C 1088 6.45 -12.34 20.82
CA TYR C 1088 5.08 -12.84 20.69
C TYR C 1088 4.80 -13.93 21.71
N GLU C 1089 5.76 -14.84 21.92
CA GLU C 1089 5.61 -15.86 22.96
C GLU C 1089 5.50 -15.24 24.34
N ALA C 1090 6.29 -14.20 24.61
CA ALA C 1090 6.25 -13.57 25.92
C ALA C 1090 4.94 -12.85 26.17
N ILE C 1091 4.37 -12.23 25.13
CA ILE C 1091 3.07 -11.57 25.29
C ILE C 1091 1.96 -12.59 25.48
N VAL C 1092 1.99 -13.67 24.69
CA VAL C 1092 0.96 -14.70 24.79
C VAL C 1092 1.02 -15.41 26.13
N LYS C 1093 2.22 -15.74 26.60
CA LYS C 1093 2.37 -16.44 27.87
C LYS C 1093 2.34 -15.50 29.07
N GLY C 1094 2.34 -14.19 28.85
CA GLY C 1094 2.21 -13.23 29.92
C GLY C 1094 3.50 -12.83 30.60
N GLU C 1095 4.62 -13.45 30.26
CA GLU C 1095 5.89 -13.10 30.88
C GLU C 1095 6.45 -11.82 30.27
N ASN C 1096 7.57 -11.36 30.83
CA ASN C 1096 8.14 -10.10 30.41
C ASN C 1096 8.80 -10.21 29.04
N ILE C 1097 8.94 -9.06 28.39
CA ILE C 1097 9.49 -9.00 27.03
C ILE C 1097 10.99 -9.30 27.08
N PRO C 1098 11.51 -10.17 26.22
CA PRO C 1098 12.94 -10.46 26.24
C PRO C 1098 13.76 -9.28 25.73
N GLU C 1099 15.05 -9.33 26.04
CA GLU C 1099 15.96 -8.27 25.63
C GLU C 1099 16.12 -8.27 24.12
N PRO C 1100 16.16 -7.10 23.49
CA PRO C 1100 16.32 -7.04 22.03
C PRO C 1100 17.69 -7.52 21.58
N GLY C 1101 17.74 -8.05 20.36
CA GLY C 1101 18.97 -8.55 19.79
C GLY C 1101 19.63 -7.57 18.84
N ILE C 1102 20.01 -8.06 17.66
CA ILE C 1102 20.67 -7.26 16.64
C ILE C 1102 19.75 -7.20 15.43
N PRO C 1103 19.48 -6.02 14.88
CA PRO C 1103 18.62 -5.93 13.70
C PRO C 1103 19.25 -6.62 12.50
N GLU C 1104 18.39 -7.19 11.65
CA GLU C 1104 18.87 -7.94 10.49
C GLU C 1104 19.47 -7.01 9.43
N SER C 1105 18.92 -5.79 9.31
CA SER C 1105 19.42 -4.87 8.28
C SER C 1105 20.86 -4.47 8.55
N PHE C 1106 21.28 -4.39 9.81
CA PHE C 1106 22.68 -4.14 10.10
C PHE C 1106 23.56 -5.29 9.62
N LYS C 1107 23.10 -6.53 9.80
CA LYS C 1107 23.84 -7.68 9.29
C LYS C 1107 23.91 -7.67 7.77
N VAL C 1108 22.82 -7.28 7.11
CA VAL C 1108 22.82 -7.17 5.66
C VAL C 1108 23.78 -6.09 5.20
N LEU C 1109 23.84 -4.97 5.94
CA LEU C 1109 24.81 -3.92 5.63
C LEU C 1109 26.24 -4.42 5.78
N ILE C 1110 26.50 -5.19 6.85
CA ILE C 1110 27.84 -5.74 7.05
C ILE C 1110 28.21 -6.69 5.92
N LYS C 1111 27.25 -7.53 5.49
CA LYS C 1111 27.51 -8.47 4.42
C LYS C 1111 27.74 -7.78 3.08
N GLU C 1112 27.03 -6.67 2.83
CA GLU C 1112 27.24 -5.94 1.59
C GLU C 1112 28.53 -5.13 1.61
N MET C 1113 28.95 -4.64 2.77
CA MET C 1113 30.24 -3.98 2.88
C MET C 1113 31.39 -4.97 2.78
N GLN C 1114 31.17 -6.22 3.20
CA GLN C 1114 32.22 -7.22 3.13
C GLN C 1114 32.48 -7.66 1.69
N SER C 1115 31.48 -7.60 0.83
CA SER C 1115 31.62 -8.02 -0.55
C SER C 1115 32.07 -6.89 -1.46
N LEU C 1116 32.28 -5.70 -0.92
CA LEU C 1116 32.97 -4.63 -1.62
C LEU C 1116 34.45 -4.59 -1.25
N CYS C 1117 34.97 -5.70 -0.73
CA CYS C 1117 36.36 -5.84 -0.28
C CYS C 1117 36.68 -4.83 0.83
N LEU C 1118 35.83 -4.81 1.86
CA LEU C 1118 36.08 -4.08 3.09
C LEU C 1118 36.00 -5.06 4.24
N ASN C 1119 37.05 -5.11 5.05
CA ASN C 1119 37.10 -6.07 6.16
C ASN C 1119 36.42 -5.47 7.40
N VAL C 1120 35.13 -5.20 7.24
CA VAL C 1120 34.33 -4.62 8.32
C VAL C 1120 34.08 -5.72 9.35
N GLU C 1121 34.70 -5.60 10.52
CA GLU C 1121 34.59 -6.59 11.58
C GLU C 1121 34.13 -5.91 12.86
N VAL C 1122 33.14 -6.53 13.52
CA VAL C 1122 32.70 -6.03 14.82
C VAL C 1122 33.72 -6.43 15.88
N LEU C 1123 33.88 -5.60 16.89
CA LEU C 1123 34.80 -5.85 17.98
C LEU C 1123 34.09 -5.72 19.31
N SER C 1124 34.26 -6.71 20.18
CA SER C 1124 33.85 -6.60 21.56
C SER C 1124 34.97 -5.95 22.38
N SER C 1125 34.77 -5.86 23.69
CA SER C 1125 35.82 -5.32 24.55
C SER C 1125 37.01 -6.27 24.61
N ASP C 1126 36.76 -7.57 24.73
CA ASP C 1126 37.86 -8.53 24.80
C ASP C 1126 38.50 -8.75 23.44
N GLY C 1127 37.69 -8.90 22.39
CA GLY C 1127 38.21 -9.20 21.07
C GLY C 1127 37.23 -9.01 19.93
N MET C 1128 37.30 -9.89 18.94
CA MET C 1128 36.48 -9.75 17.73
C MET C 1128 35.19 -10.55 17.91
N SER C 1129 34.06 -9.85 17.86
CA SER C 1129 32.72 -10.41 18.04
C SER C 1129 32.59 -11.23 19.33
N PHE D 7 30.44 -5.14 21.56
CA PHE D 7 30.35 -3.98 20.68
C PHE D 7 31.11 -2.79 21.23
N ASP D 8 32.39 -2.98 21.53
CA ASP D 8 33.23 -1.87 21.96
C ASP D 8 33.42 -0.87 20.83
N GLU D 9 33.66 -1.36 19.62
CA GLU D 9 33.88 -0.50 18.46
C GLU D 9 33.62 -1.32 17.20
N LEU D 10 33.75 -0.67 16.05
CA LEU D 10 33.55 -1.30 14.75
C LEU D 10 34.72 -0.92 13.86
N ARG D 11 35.39 -1.91 13.29
CA ARG D 11 36.56 -1.68 12.46
C ARG D 11 36.20 -1.74 10.98
N ILE D 12 37.06 -1.15 10.16
CA ILE D 12 36.94 -1.19 8.71
C ILE D 12 38.34 -1.05 8.13
N GLY D 13 38.60 -1.74 7.03
CA GLY D 13 39.90 -1.64 6.39
C GLY D 13 39.89 -2.37 5.06
N LEU D 14 41.04 -2.30 4.40
CA LEU D 14 41.21 -2.99 3.12
C LEU D 14 41.21 -4.49 3.35
N ALA D 15 40.48 -5.22 2.51
CA ALA D 15 40.37 -6.67 2.61
C ALA D 15 41.30 -7.29 1.57
N THR D 16 42.31 -8.02 2.04
CA THR D 16 43.24 -8.68 1.15
C THR D 16 42.60 -9.96 0.60
N ALA D 17 43.35 -10.66 -0.25
CA ALA D 17 42.84 -11.91 -0.81
C ALA D 17 42.70 -12.98 0.26
N ASP D 18 43.55 -12.97 1.28
CA ASP D 18 43.46 -13.95 2.35
C ASP D 18 42.16 -13.81 3.13
N ASP D 19 41.74 -12.57 3.42
CA ASP D 19 40.48 -12.36 4.12
C ASP D 19 39.30 -12.80 3.27
N ILE D 20 39.34 -12.53 1.97
CA ILE D 20 38.26 -12.93 1.08
C ILE D 20 38.16 -14.44 0.99
N ARG D 21 39.30 -15.13 0.92
CA ARG D 21 39.29 -16.59 0.93
C ARG D 21 38.83 -17.13 2.28
N GLN D 22 39.15 -16.43 3.38
CA GLN D 22 38.75 -16.89 4.70
C GLN D 22 37.25 -16.77 4.90
N TRP D 23 36.65 -15.67 4.42
CA TRP D 23 35.19 -15.54 4.49
C TRP D 23 34.50 -16.61 3.65
N SER D 24 35.07 -16.95 2.51
CA SER D 24 34.41 -17.82 1.54
C SER D 24 34.35 -19.25 2.04
N HIS D 25 33.23 -19.91 1.76
CA HIS D 25 33.08 -21.34 2.00
C HIS D 25 33.39 -22.18 0.77
N GLY D 26 33.71 -21.55 -0.35
CA GLY D 26 34.03 -22.31 -1.55
C GLY D 26 34.22 -21.38 -2.73
N GLU D 27 34.51 -21.99 -3.87
CA GLU D 27 34.70 -21.30 -5.14
C GLU D 27 33.41 -21.35 -5.95
N VAL D 28 33.04 -20.22 -6.55
CA VAL D 28 31.89 -20.16 -7.44
C VAL D 28 32.44 -20.31 -8.85
N LYS D 29 32.52 -21.55 -9.31
CA LYS D 29 33.21 -21.89 -10.55
C LYS D 29 32.29 -21.92 -11.77
N LYS D 30 31.00 -21.69 -11.58
CA LYS D 30 30.08 -21.76 -12.72
C LYS D 30 29.15 -20.56 -12.69
N PRO D 31 28.77 -20.04 -13.86
CA PRO D 31 27.78 -18.96 -13.89
C PRO D 31 26.35 -19.42 -13.72
N GLU D 32 26.10 -20.72 -13.71
CA GLU D 32 24.74 -21.23 -13.57
C GLU D 32 24.20 -20.97 -12.18
N THR D 33 22.90 -20.69 -12.10
CA THR D 33 22.25 -20.36 -10.84
C THR D 33 21.29 -21.45 -10.38
N ILE D 34 20.27 -21.77 -11.18
CA ILE D 34 19.32 -22.82 -10.85
C ILE D 34 19.09 -23.68 -12.10
N ASN D 35 18.60 -24.88 -11.86
CA ASN D 35 18.21 -25.78 -12.95
C ASN D 35 16.85 -25.36 -13.48
N TYR D 36 16.68 -25.45 -14.79
CA TYR D 36 15.46 -24.97 -15.42
C TYR D 36 14.29 -25.92 -15.26
N ARG D 37 14.53 -27.21 -15.03
CA ARG D 37 13.46 -28.19 -14.87
C ARG D 37 13.20 -28.53 -13.41
N THR D 38 14.21 -29.04 -12.71
CA THR D 38 14.04 -29.44 -11.32
C THR D 38 13.93 -28.25 -10.38
N LEU D 39 14.30 -27.05 -10.84
CA LEU D 39 14.23 -25.81 -10.08
C LEU D 39 15.05 -25.88 -8.79
N LYS D 40 16.13 -26.67 -8.83
CA LYS D 40 17.05 -26.81 -7.72
C LYS D 40 18.36 -26.12 -8.06
N PRO D 41 18.99 -25.44 -7.11
CA PRO D 41 20.24 -24.72 -7.41
C PRO D 41 21.34 -25.66 -7.91
N GLU D 42 22.10 -25.17 -8.88
CA GLU D 42 23.14 -25.97 -9.50
C GLU D 42 24.30 -26.19 -8.53
N LYS D 43 25.12 -27.19 -8.86
CA LYS D 43 26.25 -27.58 -8.04
C LYS D 43 27.50 -26.81 -8.46
N ASP D 44 28.25 -26.34 -7.47
CA ASP D 44 29.56 -25.71 -7.66
C ASP D 44 29.47 -24.45 -8.51
N GLY D 45 28.32 -23.76 -8.45
CA GLY D 45 28.14 -22.51 -9.15
C GLY D 45 27.49 -21.47 -8.25
N LEU D 46 26.80 -20.50 -8.83
CA LEU D 46 26.02 -19.57 -8.03
C LEU D 46 24.85 -20.29 -7.40
N PHE D 47 24.40 -19.77 -6.24
CA PHE D 47 23.30 -20.31 -5.44
C PHE D 47 23.57 -21.71 -4.91
N CYS D 48 24.79 -22.22 -5.04
CA CYS D 48 25.06 -23.62 -4.77
C CYS D 48 24.86 -23.96 -3.30
N GLU D 49 24.22 -25.10 -3.04
CA GLU D 49 23.93 -25.50 -1.67
C GLU D 49 25.17 -26.01 -0.95
N LYS D 50 26.14 -26.55 -1.71
CA LYS D 50 27.39 -26.99 -1.10
C LYS D 50 28.19 -25.81 -0.58
N ILE D 51 28.14 -24.67 -1.27
CA ILE D 51 28.91 -23.50 -0.87
C ILE D 51 28.13 -22.63 0.11
N PHE D 52 26.85 -22.39 -0.17
CA PHE D 52 26.07 -21.42 0.57
C PHE D 52 25.12 -22.03 1.60
N GLY D 53 25.15 -23.35 1.78
CA GLY D 53 24.28 -23.99 2.74
C GLY D 53 22.98 -24.46 2.12
N PRO D 54 22.23 -25.28 2.85
CA PRO D 54 21.02 -25.87 2.28
C PRO D 54 19.89 -24.86 2.20
N THR D 55 19.16 -24.88 1.08
CA THR D 55 18.01 -24.00 0.94
C THR D 55 16.83 -24.51 1.76
N ARG D 56 16.79 -25.81 2.04
CA ARG D 56 15.79 -26.42 2.90
C ARG D 56 16.22 -26.31 4.36
N ASP D 57 15.46 -26.95 5.24
CA ASP D 57 15.84 -27.09 6.64
C ASP D 57 16.33 -28.51 6.89
N TRP D 58 17.63 -28.64 7.20
CA TRP D 58 18.30 -29.89 7.55
C TRP D 58 18.28 -30.93 6.43
N GLU D 59 17.89 -30.54 5.21
CA GLU D 59 17.96 -31.43 4.07
C GLU D 59 19.26 -31.18 3.31
N CYS D 60 19.41 -31.80 2.14
CA CYS D 60 20.59 -31.56 1.32
C CYS D 60 20.19 -31.74 -0.15
N TYR D 61 21.18 -31.63 -1.03
CA TYR D 61 20.90 -31.56 -2.46
C TYR D 61 20.44 -32.90 -3.01
N CYS D 62 21.11 -34.00 -2.64
CA CYS D 62 20.86 -35.28 -3.29
C CYS D 62 19.57 -35.95 -2.81
N GLY D 63 18.94 -35.43 -1.75
CA GLY D 63 17.69 -35.95 -1.24
C GLY D 63 17.85 -36.81 0.00
N LYS D 64 19.05 -37.31 0.25
CA LYS D 64 19.30 -38.06 1.48
C LYS D 64 19.35 -37.10 2.66
N TYR D 65 19.39 -37.68 3.87
CA TYR D 65 19.51 -36.92 5.12
C TYR D 65 18.38 -35.90 5.27
N LYS D 66 17.16 -36.42 5.30
CA LYS D 66 15.97 -35.58 5.33
C LYS D 66 15.57 -35.14 6.73
N ARG D 67 15.90 -35.93 7.75
CA ARG D 67 15.44 -35.69 9.11
C ARG D 67 16.27 -34.59 9.78
N VAL D 68 15.93 -34.29 11.03
CA VAL D 68 16.53 -33.22 11.79
C VAL D 68 17.51 -33.80 12.81
N ARG D 69 17.26 -35.04 13.24
CA ARG D 69 18.08 -35.63 14.33
C ARG D 69 19.57 -35.50 14.01
N PHE D 70 20.01 -36.04 12.87
CA PHE D 70 21.44 -36.01 12.58
C PHE D 70 21.83 -34.70 11.88
N LYS D 71 21.59 -33.59 12.58
CA LYS D 71 21.95 -32.29 12.05
C LYS D 71 23.45 -32.05 12.20
N GLY D 72 23.94 -31.06 11.46
CA GLY D 72 25.34 -30.67 11.53
C GLY D 72 26.32 -31.69 11.03
N ILE D 73 25.96 -32.43 9.97
CA ILE D 73 26.87 -33.40 9.37
C ILE D 73 27.06 -33.04 7.90
N ILE D 74 28.16 -33.51 7.34
CA ILE D 74 28.49 -33.30 5.93
C ILE D 74 28.01 -34.51 5.15
N CYS D 75 27.13 -34.29 4.19
CA CYS D 75 26.66 -35.38 3.34
C CYS D 75 27.80 -35.85 2.44
N GLU D 76 27.96 -37.17 2.34
CA GLU D 76 29.03 -37.72 1.53
C GLU D 76 28.74 -37.63 0.03
N ARG D 77 27.46 -37.63 -0.35
CA ARG D 77 27.10 -37.64 -1.76
C ARG D 77 27.37 -36.28 -2.41
N CYS D 78 26.97 -35.20 -1.74
CA CYS D 78 27.01 -33.87 -2.33
C CYS D 78 27.78 -32.84 -1.54
N GLY D 79 27.99 -33.05 -0.24
CA GLY D 79 28.74 -32.12 0.57
C GLY D 79 27.93 -31.05 1.25
N VAL D 80 26.60 -31.06 1.10
CA VAL D 80 25.76 -30.06 1.73
C VAL D 80 25.67 -30.32 3.22
N GLU D 81 26.06 -29.34 4.02
CA GLU D 81 25.92 -29.44 5.47
C GLU D 81 24.46 -29.28 5.85
N VAL D 82 23.96 -30.19 6.68
CA VAL D 82 22.56 -30.13 7.09
C VAL D 82 22.43 -29.13 8.24
N THR D 83 21.69 -28.05 8.00
CA THR D 83 21.46 -26.99 8.98
C THR D 83 20.27 -26.16 8.50
N ARG D 84 20.05 -25.03 9.14
CA ARG D 84 18.91 -24.18 8.82
C ARG D 84 19.13 -23.44 7.51
N ALA D 85 18.01 -22.97 6.93
CA ALA D 85 18.07 -22.24 5.67
C ALA D 85 18.60 -20.83 5.85
N LYS D 86 18.44 -20.24 7.04
CA LYS D 86 18.89 -18.88 7.30
C LYS D 86 20.42 -18.76 7.23
N VAL D 87 21.13 -19.88 7.22
CA VAL D 87 22.57 -19.89 6.98
C VAL D 87 22.89 -19.27 5.64
N ARG D 88 21.98 -19.38 4.67
CA ARG D 88 22.18 -18.74 3.37
C ARG D 88 22.15 -17.23 3.44
N ARG D 89 21.73 -16.64 4.56
CA ARG D 89 21.81 -15.20 4.73
C ARG D 89 23.17 -14.73 5.23
N GLU D 90 24.03 -15.66 5.67
CA GLU D 90 25.32 -15.32 6.27
C GLU D 90 26.49 -15.96 5.55
N ARG D 91 26.27 -17.04 4.80
CA ARG D 91 27.35 -17.81 4.18
C ARG D 91 27.65 -17.26 2.78
N MET D 92 28.91 -16.92 2.54
CA MET D 92 29.33 -16.41 1.24
C MET D 92 30.45 -17.27 0.67
N GLY D 93 30.72 -17.04 -0.62
CA GLY D 93 31.82 -17.69 -1.32
C GLY D 93 32.71 -16.68 -1.98
N HIS D 94 33.48 -17.10 -2.98
CA HIS D 94 34.37 -16.18 -3.68
C HIS D 94 34.67 -16.72 -5.08
N ILE D 95 35.18 -15.83 -5.92
CA ILE D 95 35.56 -16.14 -7.29
C ILE D 95 37.05 -15.85 -7.44
N GLU D 96 37.80 -16.84 -7.92
CA GLU D 96 39.22 -16.68 -8.22
C GLU D 96 39.37 -16.14 -9.65
N LEU D 97 40.12 -15.06 -9.79
CA LEU D 97 40.29 -14.42 -11.08
C LEU D 97 41.50 -14.98 -11.81
N ALA D 98 41.36 -15.14 -13.13
CA ALA D 98 42.50 -15.58 -13.94
C ALA D 98 43.56 -14.48 -14.01
N ALA D 99 43.13 -13.23 -14.03
CA ALA D 99 44.04 -12.09 -13.99
C ALA D 99 43.60 -11.12 -12.90
N PRO D 100 44.54 -10.58 -12.13
CA PRO D 100 44.17 -9.60 -11.10
C PRO D 100 43.57 -8.34 -11.72
N VAL D 101 42.59 -7.77 -11.02
CA VAL D 101 41.93 -6.54 -11.44
C VAL D 101 41.89 -5.58 -10.26
N THR D 102 41.79 -4.29 -10.59
CA THR D 102 41.86 -3.25 -9.58
C THR D 102 40.46 -2.96 -9.01
N HIS D 103 40.45 -2.23 -7.90
CA HIS D 103 39.22 -1.83 -7.22
C HIS D 103 38.77 -0.48 -7.74
N ILE D 104 37.49 -0.37 -8.10
CA ILE D 104 36.97 0.85 -8.72
C ILE D 104 36.71 1.97 -7.74
N TRP D 105 36.68 1.70 -6.43
CA TRP D 105 36.57 2.79 -5.48
C TRP D 105 37.84 3.63 -5.42
N TYR D 106 39.00 2.99 -5.50
CA TYR D 106 40.22 3.74 -5.23
C TYR D 106 40.76 4.40 -6.50
N PHE D 107 40.92 3.65 -7.57
CA PHE D 107 41.14 4.26 -8.88
C PHE D 107 39.88 5.03 -9.26
N LYS D 108 40.06 6.14 -9.98
CA LYS D 108 38.96 6.99 -10.45
C LYS D 108 38.18 7.56 -9.26
N GLY D 109 38.88 8.43 -8.53
CA GLY D 109 38.30 9.11 -7.39
C GLY D 109 38.99 10.39 -6.98
N VAL D 110 38.59 10.92 -5.83
CA VAL D 110 39.15 12.15 -5.25
C VAL D 110 40.59 11.84 -4.86
N PRO D 111 41.52 12.80 -4.92
CA PRO D 111 42.89 12.53 -4.44
C PRO D 111 42.98 12.18 -2.97
N SER D 112 41.98 12.53 -2.17
CA SER D 112 41.94 12.00 -0.80
C SER D 112 41.62 10.52 -0.79
N ARG D 113 41.12 9.98 -1.91
CA ARG D 113 40.74 8.58 -2.03
C ARG D 113 41.67 7.78 -2.92
N LEU D 114 41.99 8.29 -4.11
CA LEU D 114 42.98 7.64 -4.96
C LEU D 114 44.36 7.72 -4.31
N GLY D 115 44.72 8.91 -3.83
CA GLY D 115 45.89 9.10 -3.01
C GLY D 115 47.14 9.47 -3.74
N TYR D 116 47.21 9.16 -5.04
CA TYR D 116 48.44 9.25 -5.82
C TYR D 116 49.56 8.49 -5.12
N LEU D 117 49.22 7.29 -4.65
CA LEU D 117 50.18 6.43 -3.96
C LEU D 117 51.37 6.13 -4.86
N LEU D 118 51.10 5.76 -6.11
CA LEU D 118 52.10 5.75 -7.16
C LEU D 118 51.97 7.08 -7.91
N ASP D 119 53.10 7.71 -8.20
CA ASP D 119 53.06 9.04 -8.80
C ASP D 119 52.63 8.97 -10.25
N LEU D 120 51.35 8.70 -10.49
CA LEU D 120 50.78 8.61 -11.82
C LEU D 120 49.52 9.44 -11.90
N ALA D 121 49.29 10.03 -13.08
CA ALA D 121 48.09 10.80 -13.32
C ALA D 121 46.87 9.87 -13.38
N PRO D 122 45.68 10.38 -13.06
CA PRO D 122 44.46 9.56 -13.24
C PRO D 122 44.25 9.11 -14.68
N LYS D 123 44.59 9.95 -15.65
CA LYS D 123 44.55 9.52 -17.04
C LYS D 123 45.63 8.49 -17.32
N ASP D 124 46.80 8.65 -16.69
CA ASP D 124 47.86 7.65 -16.82
C ASP D 124 47.45 6.31 -16.20
N LEU D 125 46.80 6.36 -15.03
CA LEU D 125 46.29 5.13 -14.42
C LEU D 125 45.23 4.48 -15.30
N GLU D 126 44.34 5.29 -15.89
CA GLU D 126 43.35 4.77 -16.81
C GLU D 126 44.00 4.10 -18.02
N LYS D 127 45.04 4.72 -18.56
CA LYS D 127 45.72 4.15 -19.72
C LYS D 127 46.46 2.88 -19.37
N VAL D 128 46.96 2.74 -18.14
CA VAL D 128 47.73 1.54 -17.82
C VAL D 128 46.82 0.38 -17.43
N ILE D 129 45.75 0.62 -16.69
CA ILE D 129 44.99 -0.51 -16.15
C ILE D 129 43.91 -1.03 -17.11
N TYR D 130 43.49 -0.24 -18.10
CA TYR D 130 42.52 -0.68 -19.07
C TYR D 130 43.17 -1.12 -20.38
N PHE D 131 44.43 -1.51 -20.32
CA PHE D 131 45.13 -2.19 -21.42
C PHE D 131 45.19 -1.32 -22.67
N ALA D 132 45.85 -0.17 -22.53
CA ALA D 132 46.14 0.70 -23.66
C ALA D 132 47.60 1.14 -23.72
N ALA D 133 48.37 0.99 -22.66
CA ALA D 133 49.78 1.35 -22.65
C ALA D 133 50.51 0.47 -21.65
N TYR D 134 51.70 0.04 -22.04
CA TYR D 134 52.50 -0.84 -21.21
C TYR D 134 53.17 -0.03 -20.10
N MET D 135 53.46 -0.69 -18.99
CA MET D 135 54.09 -0.04 -17.85
C MET D 135 55.37 -0.79 -17.50
N ILE D 136 56.46 -0.03 -17.34
CA ILE D 136 57.76 -0.60 -17.02
C ILE D 136 57.87 -0.67 -15.51
N THR D 137 57.74 -1.87 -14.96
CA THR D 137 57.64 -2.05 -13.52
C THR D 137 59.00 -2.18 -12.84
N PHE D 138 60.00 -2.70 -13.54
CA PHE D 138 61.32 -2.87 -12.95
C PHE D 138 62.38 -2.68 -14.02
N VAL D 139 63.49 -2.05 -13.63
CA VAL D 139 64.64 -1.87 -14.50
C VAL D 139 65.90 -2.11 -13.68
N ASP D 140 66.87 -2.81 -14.28
CA ASP D 140 68.16 -3.05 -13.63
C ASP D 140 69.04 -1.83 -13.90
N GLU D 141 68.79 -0.77 -13.12
CA GLU D 141 69.45 0.50 -13.36
C GLU D 141 70.95 0.42 -13.12
N GLU D 142 71.38 -0.26 -12.06
CA GLU D 142 72.80 -0.40 -11.80
C GLU D 142 73.46 -1.31 -12.83
N ARG D 143 72.74 -2.35 -13.28
CA ARG D 143 73.27 -3.20 -14.34
C ARG D 143 73.29 -2.49 -15.68
N ARG D 144 72.31 -1.62 -15.93
CA ARG D 144 72.32 -0.82 -17.15
C ARG D 144 73.46 0.18 -17.15
N THR D 145 73.74 0.81 -16.01
CA THR D 145 74.81 1.80 -15.92
C THR D 145 76.19 1.17 -15.84
N ARG D 146 76.28 -0.10 -15.43
CA ARG D 146 77.60 -0.72 -15.26
C ARG D 146 78.25 -1.07 -16.59
N ASP D 147 77.45 -1.39 -17.61
CA ASP D 147 77.98 -1.78 -18.91
C ASP D 147 77.69 -0.74 -20.00
N LEU D 148 77.68 0.55 -19.61
CA LEU D 148 77.45 1.62 -20.59
C LEU D 148 78.50 1.68 -21.70
N PRO D 149 79.81 1.59 -21.45
CA PRO D 149 80.75 1.60 -22.59
C PRO D 149 80.57 0.46 -23.57
N SER D 150 80.20 -0.74 -23.09
CA SER D 150 80.02 -1.88 -24.00
C SER D 150 78.84 -1.67 -24.93
N LEU D 151 77.69 -1.26 -24.37
CA LEU D 151 76.51 -0.99 -25.19
C LEU D 151 76.73 0.20 -26.11
N GLU D 152 77.47 1.22 -25.65
CA GLU D 152 77.80 2.35 -26.51
C GLU D 152 78.68 1.92 -27.67
N ALA D 153 79.65 1.03 -27.41
CA ALA D 153 80.50 0.51 -28.48
C ALA D 153 79.71 -0.33 -29.47
N HIS D 154 78.76 -1.14 -28.97
CA HIS D 154 77.90 -1.91 -29.87
C HIS D 154 77.06 -1.00 -30.75
N VAL D 155 76.49 0.06 -30.18
CA VAL D 155 75.69 1.00 -30.96
C VAL D 155 76.56 1.72 -31.98
N SER D 156 77.79 2.08 -31.60
CA SER D 156 78.70 2.72 -32.54
C SER D 156 79.08 1.78 -33.67
N VAL D 157 79.28 0.50 -33.38
CA VAL D 157 79.58 -0.49 -34.42
C VAL D 157 78.40 -0.64 -35.36
N GLU D 158 77.18 -0.67 -34.81
CA GLU D 158 75.99 -0.75 -35.65
C GLU D 158 75.86 0.47 -36.55
N ARG D 159 76.12 1.66 -36.01
CA ARG D 159 76.06 2.87 -36.82
C ARG D 159 77.13 2.86 -37.90
N GLN D 160 78.33 2.38 -37.57
CA GLN D 160 79.42 2.33 -38.55
C GLN D 160 79.10 1.37 -39.69
N GLN D 161 78.56 0.18 -39.37
CA GLN D 161 78.23 -0.75 -40.44
C GLN D 161 77.03 -0.28 -41.25
N ILE D 162 76.07 0.41 -40.61
CA ILE D 162 74.96 1.01 -41.36
C ILE D 162 75.48 2.06 -42.33
N GLU D 163 76.41 2.91 -41.87
CA GLU D 163 76.98 3.93 -42.75
C GLU D 163 77.79 3.31 -43.88
N GLN D 164 78.52 2.23 -43.59
CA GLN D 164 79.28 1.55 -44.63
C GLN D 164 78.35 0.95 -45.68
N ARG D 165 77.25 0.33 -45.24
CA ARG D 165 76.27 -0.20 -46.18
C ARG D 165 75.62 0.91 -47.00
N ARG D 166 75.35 2.05 -46.37
CA ARG D 166 74.78 3.18 -47.09
C ARG D 166 75.74 3.72 -48.14
N ASP D 167 77.03 3.81 -47.80
CA ASP D 167 78.03 4.28 -48.76
C ASP D 167 78.18 3.31 -49.92
N SER D 168 78.20 2.00 -49.63
CA SER D 168 78.29 1.00 -50.69
C SER D 168 77.06 1.05 -51.59
N ASP D 169 75.87 1.22 -51.00
CA ASP D 169 74.64 1.34 -51.78
C ASP D 169 74.66 2.60 -52.63
N LEU D 170 75.17 3.71 -52.10
CA LEU D 170 75.26 4.95 -52.88
C LEU D 170 76.22 4.78 -54.06
N GLU D 171 77.35 4.11 -53.83
CA GLU D 171 78.29 3.87 -54.92
C GLU D 171 77.68 2.98 -56.00
N ALA D 172 76.97 1.92 -55.59
CA ALA D 172 76.32 1.04 -56.56
C ALA D 172 75.22 1.78 -57.33
N ARG D 173 74.47 2.65 -56.63
CA ARG D 173 73.43 3.42 -57.28
C ARG D 173 74.01 4.41 -58.28
N ALA D 174 75.12 5.06 -57.93
CA ALA D 174 75.78 5.96 -58.87
C ALA D 174 76.31 5.22 -60.09
N LYS D 175 76.89 4.04 -59.88
CA LYS D 175 77.36 3.23 -61.00
C LYS D 175 76.21 2.82 -61.90
N LYS D 176 75.08 2.40 -61.31
CA LYS D 176 73.91 2.04 -62.10
C LYS D 176 73.36 3.23 -62.87
N LEU D 177 73.32 4.40 -62.23
CA LEU D 177 72.84 5.61 -62.90
C LEU D 177 73.71 5.97 -64.09
N GLU D 178 75.04 5.91 -63.90
CA GLU D 178 75.95 6.19 -65.01
C GLU D 178 75.79 5.17 -66.12
N THR D 179 75.62 3.89 -65.77
CA THR D 179 75.47 2.84 -66.77
C THR D 179 74.20 3.03 -67.59
N ASP D 180 73.08 3.32 -66.92
CA ASP D 180 71.83 3.47 -67.67
C ASP D 180 71.83 4.74 -68.51
N LEU D 181 72.42 5.83 -67.99
CA LEU D 181 72.53 7.04 -68.78
C LEU D 181 73.39 6.81 -70.02
N ALA D 182 74.51 6.10 -69.86
CA ALA D 182 75.39 5.82 -70.99
C ALA D 182 74.70 4.93 -72.02
N GLU D 183 73.98 3.90 -71.57
CA GLU D 183 73.38 2.98 -72.53
C GLU D 183 72.18 3.60 -73.24
N LEU D 184 71.38 4.42 -72.54
CA LEU D 184 70.28 5.09 -73.22
C LEU D 184 70.71 6.32 -74.01
N GLU D 185 71.92 6.84 -73.79
CA GLU D 185 72.44 7.86 -74.69
C GLU D 185 73.20 7.29 -75.87
N ALA D 186 73.67 6.03 -75.76
CA ALA D 186 74.29 5.37 -76.90
C ALA D 186 73.25 4.71 -77.80
N GLU D 187 72.17 4.18 -77.22
CA GLU D 187 71.12 3.56 -78.03
C GLU D 187 70.41 4.59 -78.90
N GLY D 188 70.06 5.74 -78.31
CA GLY D 188 69.35 6.77 -79.05
C GLY D 188 67.96 6.38 -79.47
N ALA D 189 67.22 5.71 -78.59
CA ALA D 189 65.85 5.31 -78.92
C ALA D 189 64.93 6.51 -79.07
N LYS D 190 65.08 7.50 -78.19
CA LYS D 190 64.27 8.71 -78.24
C LYS D 190 65.20 9.93 -78.16
N ALA D 191 64.61 11.11 -78.32
CA ALA D 191 65.40 12.34 -78.30
C ALA D 191 65.89 12.67 -76.90
N ASP D 192 65.03 12.53 -75.89
CA ASP D 192 65.35 12.89 -74.52
C ASP D 192 64.90 11.80 -73.56
N VAL D 193 65.18 10.54 -73.90
CA VAL D 193 64.87 9.45 -73.00
C VAL D 193 65.86 9.39 -71.84
N ARG D 194 67.07 9.93 -72.04
CA ARG D 194 68.05 9.95 -70.97
C ARG D 194 67.62 10.87 -69.83
N ARG D 195 66.98 11.99 -70.16
CA ARG D 195 66.46 12.86 -69.11
C ARG D 195 65.36 12.18 -68.30
N LYS D 196 64.48 11.43 -68.98
CA LYS D 196 63.41 10.73 -68.29
C LYS D 196 63.97 9.62 -67.39
N VAL D 197 64.94 8.85 -67.88
CA VAL D 197 65.50 7.80 -67.04
C VAL D 197 66.32 8.39 -65.89
N ARG D 198 66.94 9.56 -66.10
CA ARG D 198 67.63 10.23 -65.00
C ARG D 198 66.65 10.73 -63.95
N GLU D 199 65.49 11.24 -64.39
CA GLU D 199 64.47 11.67 -63.44
C GLU D 199 63.93 10.49 -62.63
N GLY D 200 63.67 9.36 -63.30
CA GLY D 200 63.25 8.17 -62.58
C GLY D 200 64.30 7.67 -61.61
N ALA D 201 65.57 7.69 -62.03
CA ALA D 201 66.67 7.27 -61.17
C ALA D 201 66.77 8.16 -59.94
N GLU D 202 66.65 9.48 -60.12
CA GLU D 202 66.77 10.39 -58.98
C GLU D 202 65.54 10.30 -58.07
N ARG D 203 64.37 9.96 -58.64
CA ARG D 203 63.22 9.65 -57.78
C ARG D 203 63.49 8.43 -56.93
N GLU D 204 64.09 7.40 -57.52
CA GLU D 204 64.52 6.24 -56.73
C GLU D 204 65.55 6.64 -55.68
N MET D 205 66.45 7.56 -56.03
CA MET D 205 67.49 7.99 -55.09
C MET D 205 66.87 8.67 -53.88
N LYS D 206 65.92 9.58 -54.12
CA LYS D 206 65.29 10.29 -53.01
C LYS D 206 64.38 9.37 -52.19
N GLN D 207 63.74 8.38 -52.83
CA GLN D 207 62.95 7.42 -52.07
C GLN D 207 63.84 6.59 -51.15
N LEU D 208 64.98 6.10 -51.65
CA LEU D 208 65.87 5.32 -50.82
C LEU D 208 66.53 6.18 -49.74
N ARG D 209 66.80 7.44 -50.04
CA ARG D 209 67.32 8.36 -49.01
C ARG D 209 66.28 8.60 -47.93
N ASP D 210 65.01 8.72 -48.30
CA ASP D 210 63.94 8.86 -47.31
C ASP D 210 63.84 7.62 -46.43
N ARG D 211 63.95 6.43 -47.04
CA ARG D 211 63.93 5.20 -46.26
C ARG D 211 65.11 5.13 -45.30
N ALA D 212 66.30 5.51 -45.77
CA ALA D 212 67.49 5.49 -44.93
C ALA D 212 67.38 6.47 -43.77
N GLN D 213 66.89 7.69 -44.03
CA GLN D 213 66.76 8.65 -42.95
C GLN D 213 65.65 8.26 -41.99
N ARG D 214 64.60 7.59 -42.46
CA ARG D 214 63.53 7.18 -41.55
C ARG D 214 63.99 6.02 -40.66
N GLU D 215 64.81 5.11 -41.19
CA GLU D 215 65.31 4.05 -40.32
C GLU D 215 66.39 4.58 -39.36
N ILE D 216 67.17 5.57 -39.79
CA ILE D 216 68.11 6.23 -38.89
C ILE D 216 67.36 6.93 -37.76
N ASP D 217 66.26 7.61 -38.09
CA ASP D 217 65.45 8.26 -37.08
C ASP D 217 64.79 7.24 -36.15
N ARG D 218 64.40 6.09 -36.68
CA ARG D 218 63.85 5.03 -35.85
C ARG D 218 64.88 4.53 -34.83
N LEU D 219 66.13 4.32 -35.29
CA LEU D 219 67.18 3.90 -34.39
C LEU D 219 67.48 4.97 -33.34
N ASP D 220 67.50 6.24 -33.76
CA ASP D 220 67.76 7.33 -32.82
C ASP D 220 66.66 7.44 -31.78
N GLU D 221 65.39 7.29 -32.20
CA GLU D 221 64.29 7.44 -31.25
C GLU D 221 64.20 6.26 -30.29
N VAL D 222 64.49 5.04 -30.76
CA VAL D 222 64.51 3.92 -29.82
C VAL D 222 65.69 4.05 -28.87
N TRP D 223 66.81 4.61 -29.33
CA TRP D 223 67.96 4.78 -28.45
C TRP D 223 67.70 5.82 -27.38
N ASN D 224 67.10 6.96 -27.74
CA ASN D 224 66.81 7.96 -26.72
C ASN D 224 65.59 7.58 -25.88
N ARG D 225 64.77 6.64 -26.35
CA ARG D 225 63.72 6.10 -25.48
C ARG D 225 64.31 5.17 -24.43
N PHE D 226 65.31 4.36 -24.80
CA PHE D 226 65.94 3.47 -23.83
C PHE D 226 66.79 4.25 -22.84
N LYS D 227 67.42 5.35 -23.28
CA LYS D 227 68.29 6.12 -22.40
C LYS D 227 67.52 6.88 -21.32
N ASN D 228 66.22 7.10 -21.52
CA ASN D 228 65.43 7.83 -20.54
C ASN D 228 64.34 6.92 -20.00
N LEU D 229 64.72 5.70 -19.65
CA LEU D 229 63.78 4.66 -19.22
C LEU D 229 63.89 4.50 -17.71
N LYS D 230 62.81 4.81 -17.01
CA LYS D 230 62.70 4.63 -15.57
C LYS D 230 61.46 3.77 -15.26
N VAL D 231 61.25 3.49 -13.98
CA VAL D 231 60.04 2.79 -13.58
C VAL D 231 58.85 3.73 -13.70
N GLN D 232 57.66 3.12 -13.81
CA GLN D 232 56.40 3.84 -13.99
C GLN D 232 56.44 4.74 -15.22
N ASP D 233 57.05 4.26 -16.30
CA ASP D 233 57.13 4.97 -17.57
C ASP D 233 56.33 4.19 -18.59
N LEU D 234 55.41 4.88 -19.27
CA LEU D 234 54.49 4.24 -20.19
C LEU D 234 54.81 4.57 -21.64
N GLU D 235 54.44 3.65 -22.53
CA GLU D 235 54.59 3.85 -23.96
C GLU D 235 53.31 3.38 -24.64
N GLY D 236 52.66 4.30 -25.35
CA GLY D 236 51.38 3.97 -25.97
C GLY D 236 51.52 3.04 -27.17
N ASP D 237 52.58 3.22 -27.96
CA ASP D 237 52.76 2.43 -29.17
C ASP D 237 53.23 1.04 -28.81
N GLU D 238 52.38 0.03 -29.07
CA GLU D 238 52.78 -1.35 -28.81
C GLU D 238 53.84 -1.81 -29.80
N LEU D 239 53.88 -1.22 -31.01
CA LEU D 239 54.95 -1.52 -31.95
C LEU D 239 56.29 -1.05 -31.40
N LEU D 240 56.31 0.11 -30.74
CA LEU D 240 57.53 0.61 -30.13
C LEU D 240 58.02 -0.34 -29.04
N TYR D 241 57.11 -0.78 -28.16
CA TYR D 241 57.51 -1.70 -27.10
C TYR D 241 57.97 -3.03 -27.66
N ARG D 242 57.34 -3.48 -28.75
CA ARG D 242 57.80 -4.70 -29.42
C ARG D 242 59.21 -4.51 -29.98
N GLU D 243 59.49 -3.32 -30.52
CA GLU D 243 60.84 -3.05 -31.03
C GLU D 243 61.87 -3.06 -29.91
N LEU D 244 61.54 -2.45 -28.76
CA LEU D 244 62.45 -2.51 -27.62
C LEU D 244 62.65 -3.95 -27.14
N ARG D 245 61.58 -4.74 -27.09
CA ARG D 245 61.70 -6.12 -26.61
C ARG D 245 62.54 -6.96 -27.58
N ASP D 246 62.32 -6.80 -28.88
CA ASP D 246 63.08 -7.58 -29.86
C ASP D 246 64.53 -7.12 -29.94
N ARG D 247 64.81 -5.85 -29.68
CA ARG D 247 66.18 -5.36 -29.73
C ARG D 247 66.90 -5.51 -28.39
N PHE D 248 66.22 -5.17 -27.29
CA PHE D 248 66.82 -5.16 -25.96
C PHE D 248 66.13 -6.20 -25.09
N GLY D 249 66.93 -7.04 -24.41
CA GLY D 249 66.39 -8.07 -23.56
C GLY D 249 67.03 -8.03 -22.19
N THR D 250 66.35 -8.70 -21.24
CA THR D 250 66.73 -8.91 -19.84
C THR D 250 67.33 -7.69 -19.16
N TYR D 251 66.87 -6.50 -19.55
CA TYR D 251 67.31 -5.24 -18.95
C TYR D 251 66.20 -4.51 -18.21
N PHE D 252 65.03 -4.38 -18.82
CA PHE D 252 63.88 -3.75 -18.19
C PHE D 252 62.70 -4.71 -18.21
N ASP D 253 61.95 -4.72 -17.11
CA ASP D 253 60.80 -5.60 -16.97
C ASP D 253 59.52 -4.79 -17.18
N GLY D 254 58.70 -5.24 -18.13
CA GLY D 254 57.47 -4.55 -18.43
C GLY D 254 56.24 -5.42 -18.20
N SER D 255 55.08 -4.78 -18.09
CA SER D 255 53.83 -5.47 -17.88
C SER D 255 52.71 -4.60 -18.43
N MET D 256 51.46 -5.01 -18.22
CA MET D 256 50.32 -4.32 -18.79
C MET D 256 49.08 -4.66 -17.99
N GLY D 257 48.30 -3.65 -17.63
CA GLY D 257 47.08 -3.89 -16.88
C GLY D 257 47.29 -3.79 -15.38
N ALA D 258 46.33 -4.37 -14.65
CA ALA D 258 46.39 -4.32 -13.19
C ALA D 258 47.51 -5.20 -12.63
N ALA D 259 47.98 -6.17 -13.41
CA ALA D 259 49.13 -6.96 -13.00
C ALA D 259 50.37 -6.08 -12.88
N ALA D 260 50.48 -5.06 -13.74
CA ALA D 260 51.58 -4.11 -13.63
C ALA D 260 51.51 -3.34 -12.32
N LEU D 261 50.31 -2.93 -11.91
CA LEU D 261 50.15 -2.25 -10.63
C LEU D 261 50.48 -3.19 -9.47
N GLN D 262 50.08 -4.46 -9.57
CA GLN D 262 50.40 -5.40 -8.50
C GLN D 262 51.90 -5.62 -8.38
N LYS D 263 52.60 -5.75 -9.52
CA LYS D 263 54.04 -5.91 -9.47
C LYS D 263 54.73 -4.65 -8.97
N ARG D 264 54.18 -3.48 -9.30
CA ARG D 264 54.72 -2.22 -8.78
C ARG D 264 54.54 -2.14 -7.26
N LEU D 265 53.39 -2.57 -6.74
CA LEU D 265 53.14 -2.59 -5.32
C LEU D 265 53.93 -3.67 -4.59
N GLU D 266 54.38 -4.71 -5.30
CA GLU D 266 55.29 -5.69 -4.71
C GLU D 266 56.62 -5.05 -4.35
N SER D 267 57.14 -4.19 -5.21
CA SER D 267 58.43 -3.53 -5.00
C SER D 267 58.28 -2.12 -4.46
N PHE D 268 57.07 -1.72 -4.08
CA PHE D 268 56.86 -0.38 -3.56
C PHE D 268 57.51 -0.21 -2.20
N ASP D 269 58.19 0.91 -2.01
CA ASP D 269 58.87 1.24 -0.76
C ASP D 269 58.27 2.55 -0.26
N LEU D 270 57.25 2.44 0.59
CA LEU D 270 56.43 3.59 0.93
C LEU D 270 57.11 4.53 1.92
N ASP D 271 57.98 4.02 2.79
CA ASP D 271 58.57 4.87 3.82
C ASP D 271 59.53 5.90 3.23
N GLU D 272 60.34 5.49 2.25
CA GLU D 272 61.24 6.45 1.61
C GLU D 272 60.47 7.47 0.77
N GLU D 273 59.34 7.07 0.19
CA GLU D 273 58.49 8.05 -0.49
C GLU D 273 57.89 9.03 0.49
N ALA D 274 57.49 8.55 1.68
CA ALA D 274 57.00 9.46 2.71
C ALA D 274 58.08 10.44 3.15
N GLU D 275 59.32 9.95 3.30
CA GLU D 275 60.42 10.82 3.66
C GLU D 275 60.69 11.86 2.56
N ARG D 276 60.65 11.45 1.29
CA ARG D 276 60.85 12.40 0.20
C ARG D 276 59.74 13.45 0.15
N LEU D 277 58.49 13.03 0.38
CA LEU D 277 57.40 13.99 0.43
C LEU D 277 57.55 14.95 1.61
N ARG D 278 58.04 14.46 2.76
CA ARG D 278 58.31 15.34 3.88
C ARG D 278 59.43 16.33 3.55
N GLU D 279 60.44 15.88 2.81
CA GLU D 279 61.50 16.77 2.36
C GLU D 279 60.96 17.86 1.46
N ILE D 280 60.02 17.51 0.57
CA ILE D 280 59.39 18.50 -0.29
C ILE D 280 58.51 19.44 0.54
N ILE D 281 57.89 18.91 1.60
CA ILE D 281 57.11 19.74 2.52
C ILE D 281 58.01 20.79 3.17
N ARG D 282 59.22 20.42 3.58
CA ARG D 282 60.12 21.39 4.21
C ARG D 282 60.49 22.51 3.25
N THR D 283 60.76 22.18 1.99
CA THR D 283 61.15 23.18 0.97
C THR D 283 60.27 22.98 -0.26
N GLY D 284 59.21 23.77 -0.34
CA GLY D 284 58.30 23.68 -1.48
C GLY D 284 57.40 24.89 -1.55
N LYS D 285 56.92 25.17 -2.77
CA LYS D 285 56.08 26.31 -3.04
C LYS D 285 55.04 25.95 -4.08
N GLY D 286 53.97 26.76 -4.14
CA GLY D 286 52.97 26.61 -5.17
C GLY D 286 52.03 25.43 -4.95
N GLN D 287 51.27 25.13 -6.00
CA GLN D 287 50.30 24.04 -5.96
C GLN D 287 50.97 22.69 -5.73
N LYS D 288 52.20 22.51 -6.19
CA LYS D 288 52.97 21.32 -5.86
C LYS D 288 53.07 21.12 -4.36
N LYS D 289 53.29 22.22 -3.62
CA LYS D 289 53.18 22.23 -2.15
C LYS D 289 51.92 21.50 -1.70
N THR D 290 50.76 21.93 -2.20
CA THR D 290 49.50 21.27 -1.86
C THR D 290 49.52 19.81 -2.29
N ARG D 291 50.04 19.54 -3.49
CA ARG D 291 50.28 18.16 -3.90
C ARG D 291 51.14 17.42 -2.89
N ALA D 292 52.28 18.03 -2.53
CA ALA D 292 53.18 17.42 -1.56
C ALA D 292 52.50 17.26 -0.21
N LEU D 293 51.46 18.06 0.04
CA LEU D 293 50.62 17.82 1.20
C LEU D 293 49.77 16.58 1.01
N LYS D 294 48.89 16.61 -0.01
CA LYS D 294 47.75 15.69 -0.01
C LYS D 294 48.21 14.25 -0.19
N ARG D 295 49.06 14.00 -1.19
CA ARG D 295 49.64 12.68 -1.40
C ARG D 295 50.26 12.13 -0.12
N LEU D 296 51.00 12.99 0.60
CA LEU D 296 51.68 12.55 1.82
C LEU D 296 50.68 11.99 2.82
N LYS D 297 49.52 12.65 2.94
CA LYS D 297 48.49 12.20 3.88
C LYS D 297 48.12 10.75 3.61
N VAL D 298 47.86 10.42 2.34
CA VAL D 298 47.45 9.06 2.01
C VAL D 298 48.60 8.09 2.27
N VAL D 299 49.83 8.53 2.00
CA VAL D 299 50.99 7.68 2.30
C VAL D 299 51.06 7.42 3.80
N SER D 300 50.76 8.44 4.60
CA SER D 300 50.70 8.25 6.05
C SER D 300 49.60 7.26 6.42
N ALA D 301 48.49 7.30 5.69
CA ALA D 301 47.40 6.36 5.95
C ALA D 301 47.81 4.93 5.64
N PHE D 302 48.85 4.74 4.85
CA PHE D 302 49.34 3.40 4.59
C PHE D 302 50.56 3.08 5.45
N LEU D 303 51.10 4.08 6.15
CA LEU D 303 52.32 3.86 6.91
C LEU D 303 52.02 3.60 8.39
N GLN D 304 51.13 4.41 8.98
CA GLN D 304 50.85 4.28 10.41
C GLN D 304 50.05 3.03 10.71
N THR D 305 49.01 2.76 9.92
CA THR D 305 48.16 1.61 10.19
C THR D 305 48.79 0.33 9.67
N SER D 306 48.15 -0.79 10.01
CA SER D 306 48.67 -2.12 9.68
C SER D 306 48.13 -2.68 8.38
N ASN D 307 47.25 -1.97 7.68
CA ASN D 307 46.68 -2.48 6.45
C ASN D 307 47.68 -2.32 5.30
N SER D 308 47.96 -3.42 4.62
CA SER D 308 48.87 -3.40 3.49
C SER D 308 48.17 -2.86 2.25
N PRO D 309 48.92 -2.24 1.33
CA PRO D 309 48.32 -1.83 0.05
C PRO D 309 48.04 -2.98 -0.90
N LYS D 310 48.14 -4.24 -0.46
CA LYS D 310 47.75 -5.36 -1.31
C LYS D 310 46.26 -5.39 -1.57
N GLY D 311 45.46 -4.65 -0.80
CA GLY D 311 44.07 -4.45 -1.11
C GLY D 311 43.82 -3.45 -2.21
N MET D 312 44.85 -2.75 -2.67
CA MET D 312 44.64 -1.81 -3.81
C MET D 312 44.19 -2.61 -5.04
N VAL D 313 44.88 -3.71 -5.35
CA VAL D 313 44.48 -4.54 -6.49
C VAL D 313 44.10 -5.92 -5.93
N LEU D 314 42.98 -6.45 -6.41
CA LEU D 314 42.36 -7.61 -5.79
C LEU D 314 42.47 -8.83 -6.69
N ASP D 315 42.73 -9.98 -6.06
CA ASP D 315 42.88 -11.25 -6.74
C ASP D 315 41.63 -12.11 -6.68
N CYS D 316 40.82 -11.94 -5.63
CA CYS D 316 39.59 -12.70 -5.45
C CYS D 316 38.43 -11.75 -5.29
N VAL D 317 37.26 -12.16 -5.76
CA VAL D 317 36.04 -11.35 -5.70
C VAL D 317 35.07 -12.02 -4.76
N PRO D 318 34.70 -11.41 -3.65
CA PRO D 318 33.68 -12.01 -2.78
C PRO D 318 32.30 -11.91 -3.41
N VAL D 319 31.41 -12.79 -2.98
CA VAL D 319 30.03 -12.78 -3.45
C VAL D 319 29.10 -12.59 -2.28
N ILE D 320 27.97 -11.94 -2.54
CA ILE D 320 26.87 -11.81 -1.59
C ILE D 320 26.33 -13.20 -1.27
N PRO D 321 25.92 -13.47 -0.03
CA PRO D 321 25.15 -14.67 0.25
C PRO D 321 23.86 -14.70 -0.55
N PRO D 322 23.42 -15.87 -1.00
CA PRO D 322 22.38 -15.93 -2.02
C PRO D 322 21.02 -15.43 -1.57
N ASP D 323 20.75 -15.41 -0.26
CA ASP D 323 19.47 -14.91 0.21
C ASP D 323 19.41 -13.39 0.27
N LEU D 324 20.55 -12.71 0.10
CA LEU D 324 20.58 -11.27 -0.05
C LEU D 324 20.71 -10.84 -1.51
N ARG D 325 20.73 -11.80 -2.43
CA ARG D 325 20.53 -11.55 -3.87
C ARG D 325 19.56 -12.60 -4.38
N PRO D 326 18.31 -12.56 -3.93
CA PRO D 326 17.42 -13.70 -4.13
C PRO D 326 16.93 -13.82 -5.57
N MET D 327 16.64 -15.06 -5.95
CA MET D 327 15.94 -15.39 -7.18
C MET D 327 14.66 -16.10 -6.75
N VAL D 328 13.57 -15.36 -6.73
CA VAL D 328 12.35 -15.86 -6.10
C VAL D 328 11.31 -16.19 -7.17
N GLN D 329 10.60 -17.29 -6.94
CA GLN D 329 9.50 -17.69 -7.80
C GLN D 329 8.36 -16.67 -7.73
N LEU D 330 7.75 -16.39 -8.87
CA LEU D 330 6.65 -15.45 -8.97
C LEU D 330 5.47 -16.14 -9.62
N ASP D 331 4.28 -15.79 -9.16
CA ASP D 331 3.05 -16.46 -9.58
C ASP D 331 2.84 -16.32 -11.09
N GLY D 332 2.48 -17.43 -11.73
CA GLY D 332 2.44 -17.50 -13.17
C GLY D 332 3.67 -18.11 -13.80
N GLY D 333 4.56 -18.71 -13.01
CA GLY D 333 5.78 -19.29 -13.53
C GLY D 333 6.91 -18.32 -13.76
N ARG D 334 6.84 -17.12 -13.21
CA ARG D 334 7.87 -16.12 -13.48
C ARG D 334 8.96 -16.18 -12.41
N PHE D 335 9.98 -15.34 -12.61
CA PHE D 335 11.08 -15.24 -11.65
C PHE D 335 11.42 -13.78 -11.43
N ALA D 336 11.81 -13.47 -10.20
CA ALA D 336 12.31 -12.14 -9.84
C ALA D 336 13.75 -12.32 -9.38
N THR D 337 14.67 -11.66 -10.08
CA THR D 337 16.11 -11.86 -9.90
C THR D 337 16.77 -10.52 -9.60
N SER D 338 17.63 -10.51 -8.60
CA SER D 338 18.43 -9.32 -8.31
C SER D 338 19.45 -9.08 -9.42
N ASP D 339 19.82 -7.81 -9.59
CA ASP D 339 20.78 -7.44 -10.63
C ASP D 339 22.17 -7.94 -10.32
N LEU D 340 22.48 -8.16 -9.04
CA LEU D 340 23.80 -8.65 -8.66
C LEU D 340 24.03 -10.06 -9.16
N ASN D 341 22.97 -10.86 -9.32
CA ASN D 341 23.12 -12.17 -9.94
C ASN D 341 23.59 -12.02 -11.38
N ASP D 342 23.04 -11.05 -12.12
CA ASP D 342 23.50 -10.80 -13.49
C ASP D 342 24.94 -10.31 -13.51
N LEU D 343 25.30 -9.40 -12.60
CA LEU D 343 26.67 -8.89 -12.57
C LEU D 343 27.67 -9.99 -12.22
N TYR D 344 27.35 -10.80 -11.20
CA TYR D 344 28.22 -11.90 -10.82
C TYR D 344 28.34 -12.91 -11.96
N ARG D 345 27.22 -13.20 -12.63
CA ARG D 345 27.24 -14.13 -13.75
C ARG D 345 28.14 -13.63 -14.88
N ARG D 346 28.09 -12.33 -15.17
CA ARG D 346 28.98 -11.76 -16.17
C ARG D 346 30.45 -11.88 -15.75
N VAL D 347 30.72 -11.66 -14.45
CA VAL D 347 32.10 -11.77 -13.97
C VAL D 347 32.62 -13.20 -14.12
N ILE D 348 31.81 -14.20 -13.74
CA ILE D 348 32.26 -15.59 -13.90
C ILE D 348 32.39 -15.96 -15.36
N ASN D 349 31.49 -15.47 -16.21
CA ASN D 349 31.58 -15.75 -17.65
C ASN D 349 32.90 -15.25 -18.23
N ARG D 350 33.23 -13.98 -17.93
CA ARG D 350 34.45 -13.41 -18.48
C ARG D 350 35.70 -14.05 -17.88
N ASN D 351 35.67 -14.37 -16.58
CA ASN D 351 36.82 -15.01 -15.96
C ASN D 351 37.04 -16.42 -16.52
N ASN D 352 35.96 -17.17 -16.73
CA ASN D 352 36.10 -18.51 -17.29
C ASN D 352 36.58 -18.46 -18.73
N ARG D 353 36.10 -17.49 -19.51
CA ARG D 353 36.58 -17.33 -20.87
C ARG D 353 38.06 -16.96 -20.90
N LEU D 354 38.48 -16.10 -19.96
CA LEU D 354 39.90 -15.76 -19.87
C LEU D 354 40.73 -16.97 -19.47
N LYS D 355 40.22 -17.80 -18.56
CA LYS D 355 40.92 -19.02 -18.19
C LYS D 355 41.06 -19.96 -19.39
N ARG D 356 40.00 -20.08 -20.19
CA ARG D 356 40.04 -20.92 -21.39
C ARG D 356 41.03 -20.37 -22.42
N LEU D 357 41.09 -19.05 -22.54
CA LEU D 357 42.06 -18.44 -23.44
C LEU D 357 43.50 -18.67 -22.98
N LEU D 358 43.73 -18.61 -21.66
CA LEU D 358 45.06 -18.88 -21.14
C LEU D 358 45.42 -20.36 -21.18
N ASP D 359 44.43 -21.26 -21.25
CA ASP D 359 44.72 -22.69 -21.34
C ASP D 359 45.45 -23.02 -22.64
N LEU D 360 45.00 -22.45 -23.75
CA LEU D 360 45.55 -22.72 -25.07
C LEU D 360 46.36 -21.51 -25.55
N GLY D 361 46.96 -21.66 -26.73
CA GLY D 361 47.76 -20.58 -27.29
C GLY D 361 46.92 -19.50 -27.93
N ALA D 362 46.99 -18.28 -27.40
CA ALA D 362 46.20 -17.17 -27.89
C ALA D 362 47.07 -15.95 -28.09
N PRO D 363 46.72 -15.07 -29.03
CA PRO D 363 47.49 -13.83 -29.21
C PRO D 363 47.30 -12.89 -28.04
N GLU D 364 48.27 -11.99 -27.88
CA GLU D 364 48.26 -11.08 -26.75
C GLU D 364 47.12 -10.07 -26.83
N ILE D 365 46.67 -9.72 -28.04
CA ILE D 365 45.58 -8.76 -28.18
C ILE D 365 44.27 -9.36 -27.70
N ILE D 366 43.99 -10.62 -28.04
CA ILE D 366 42.76 -11.26 -27.57
C ILE D 366 42.79 -11.44 -26.06
N VAL D 367 43.94 -11.87 -25.53
CA VAL D 367 44.09 -12.05 -24.08
C VAL D 367 43.91 -10.73 -23.35
N ASN D 368 44.53 -9.67 -23.86
CA ASN D 368 44.42 -8.36 -23.22
C ASN D 368 43.00 -7.83 -23.32
N ASN D 369 42.32 -8.07 -24.44
CA ASN D 369 40.93 -7.64 -24.57
C ASN D 369 40.05 -8.35 -23.56
N GLU D 370 40.23 -9.66 -23.39
CA GLU D 370 39.43 -10.38 -22.41
C GLU D 370 39.76 -9.96 -20.98
N LYS D 371 41.03 -9.65 -20.70
CA LYS D 371 41.40 -9.14 -19.39
C LYS D 371 40.75 -7.79 -19.12
N ARG D 372 40.69 -6.93 -20.15
CA ARG D 372 40.02 -5.65 -19.99
C ARG D 372 38.52 -5.82 -19.79
N MET D 373 37.92 -6.79 -20.48
CA MET D 373 36.51 -7.11 -20.25
C MET D 373 36.27 -7.59 -18.83
N LEU D 374 37.17 -8.43 -18.31
CA LEU D 374 37.03 -8.91 -16.94
C LEU D 374 37.16 -7.77 -15.93
N GLN D 375 38.12 -6.86 -16.18
CA GLN D 375 38.28 -5.69 -15.33
C GLN D 375 37.03 -4.81 -15.36
N GLU D 376 36.45 -4.60 -16.55
CA GLU D 376 35.25 -3.80 -16.67
C GLU D 376 34.06 -4.48 -15.98
N ALA D 377 34.00 -5.81 -16.06
CA ALA D 377 32.93 -6.54 -15.38
C ALA D 377 33.04 -6.40 -13.87
N VAL D 378 34.26 -6.50 -13.33
CA VAL D 378 34.45 -6.32 -11.89
C VAL D 378 34.09 -4.89 -11.48
N ASP D 379 34.52 -3.90 -12.27
CA ASP D 379 34.20 -2.51 -11.97
C ASP D 379 32.71 -2.26 -11.99
N ALA D 380 32.00 -2.80 -12.99
CA ALA D 380 30.55 -2.64 -13.05
C ALA D 380 29.87 -3.40 -11.92
N LEU D 381 30.49 -4.48 -11.44
CA LEU D 381 29.98 -5.17 -10.27
C LEU D 381 30.06 -4.28 -9.03
N PHE D 382 31.18 -3.58 -8.86
CA PHE D 382 31.32 -2.71 -7.69
C PHE D 382 30.60 -1.39 -7.90
N ASP D 383 30.85 -0.71 -9.02
CA ASP D 383 30.12 0.51 -9.37
C ASP D 383 29.66 0.44 -10.82
N ASN D 384 28.35 0.30 -11.01
CA ASN D 384 27.76 0.41 -12.33
C ASN D 384 27.53 1.88 -12.63
N GLY D 385 28.22 2.40 -13.65
CA GLY D 385 28.07 3.78 -14.06
C GLY D 385 29.09 4.74 -13.53
N ARG D 386 30.08 4.28 -12.75
CA ARG D 386 31.16 5.16 -12.34
C ARG D 386 32.00 5.59 -13.55
N ARG D 387 32.27 4.65 -14.46
CA ARG D 387 32.97 4.95 -15.70
C ARG D 387 32.07 4.65 -16.90
N GLY D 388 31.93 5.65 -17.78
CA GLY D 388 31.28 5.46 -19.05
C GLY D 388 29.80 5.16 -18.92
N ARG D 389 29.28 4.50 -19.94
CA ARG D 389 27.87 4.11 -19.94
C ARG D 389 27.66 2.97 -18.95
N PRO D 390 26.67 3.08 -18.06
CA PRO D 390 26.38 1.97 -17.16
C PRO D 390 25.81 0.77 -17.89
N VAL D 391 26.06 -0.41 -17.34
CA VAL D 391 25.43 -1.62 -17.87
C VAL D 391 23.94 -1.56 -17.61
N THR D 392 23.16 -1.79 -18.66
CA THR D 392 21.71 -1.58 -18.60
C THR D 392 20.92 -2.88 -18.43
N GLY D 393 21.14 -3.84 -19.33
CA GLY D 393 20.43 -5.10 -19.25
C GLY D 393 19.31 -5.20 -20.25
N PRO D 394 18.06 -5.10 -19.76
CA PRO D 394 16.91 -5.18 -20.68
C PRO D 394 16.81 -4.03 -21.65
N GLY D 395 17.49 -2.91 -21.39
CA GLY D 395 17.42 -1.75 -22.25
C GLY D 395 16.68 -0.56 -21.69
N ASN D 396 16.32 -0.58 -20.41
CA ASN D 396 15.51 0.49 -19.81
C ASN D 396 16.26 1.28 -18.75
N ARG D 397 16.81 0.62 -17.74
CA ARG D 397 17.40 1.29 -16.59
C ARG D 397 18.75 0.67 -16.28
N PRO D 398 19.68 1.44 -15.68
CA PRO D 398 20.99 0.88 -15.34
C PRO D 398 20.89 -0.26 -14.33
N LEU D 399 21.80 -1.22 -14.48
CA LEU D 399 21.81 -2.40 -13.63
C LEU D 399 22.33 -2.02 -12.25
N LYS D 400 21.56 -2.37 -11.21
CA LYS D 400 21.95 -2.03 -9.84
C LYS D 400 23.19 -2.82 -9.43
N SER D 401 24.12 -2.13 -8.79
CA SER D 401 25.41 -2.70 -8.43
C SER D 401 25.51 -2.84 -6.91
N LEU D 402 26.71 -3.23 -6.45
CA LEU D 402 26.95 -3.38 -5.02
C LEU D 402 26.90 -2.05 -4.30
N SER D 403 27.54 -1.02 -4.85
CA SER D 403 27.64 0.26 -4.16
C SER D 403 26.39 1.11 -4.31
N ASP D 404 25.47 0.74 -5.20
CA ASP D 404 24.28 1.56 -5.41
C ASP D 404 23.21 1.32 -4.36
N MET D 405 23.33 0.27 -3.56
CA MET D 405 22.46 0.06 -2.41
C MET D 405 23.12 0.46 -1.09
N LEU D 406 24.31 1.05 -1.15
CA LEU D 406 24.95 1.70 -0.01
C LEU D 406 25.03 3.20 -0.23
N LYS D 407 24.12 3.75 -1.03
CA LYS D 407 24.28 5.12 -1.51
C LYS D 407 22.91 5.70 -1.82
N GLY D 408 22.69 6.95 -1.41
CA GLY D 408 21.50 7.67 -1.80
C GLY D 408 20.29 7.37 -0.95
N LYS D 409 19.14 7.85 -1.45
CA LYS D 409 17.88 7.65 -0.75
C LYS D 409 17.48 6.18 -0.72
N GLN D 410 17.84 5.43 -1.75
CA GLN D 410 17.51 4.01 -1.84
C GLN D 410 18.55 3.11 -1.19
N GLY D 411 19.59 3.68 -0.59
CA GLY D 411 20.64 2.89 0.02
C GLY D 411 20.20 2.22 1.31
N ARG D 412 21.11 1.41 1.85
CA ARG D 412 20.81 0.67 3.07
C ARG D 412 20.78 1.59 4.29
N PHE D 413 21.62 2.63 4.28
CA PHE D 413 21.80 3.46 5.48
C PHE D 413 20.53 4.22 5.82
N ARG D 414 19.84 4.77 4.82
CA ARG D 414 18.76 5.70 5.09
C ARG D 414 17.37 5.10 4.95
N GLN D 415 17.21 4.05 4.16
CA GLN D 415 15.89 3.45 3.94
C GLN D 415 15.64 2.18 4.73
N ASN D 416 16.68 1.56 5.28
CA ASN D 416 16.52 0.30 6.01
C ASN D 416 17.14 0.30 7.40
N LEU D 417 17.86 1.35 7.80
CA LEU D 417 18.48 1.40 9.11
C LEU D 417 17.90 2.50 9.98
N LEU D 418 17.91 3.75 9.51
CA LEU D 418 17.38 4.84 10.30
C LEU D 418 15.86 4.84 10.29
N GLY D 419 15.25 4.50 9.15
CA GLY D 419 13.81 4.45 9.05
C GLY D 419 13.32 3.09 8.58
N LYS D 420 12.48 2.45 9.38
CA LYS D 420 12.05 1.09 9.13
C LYS D 420 10.55 0.96 9.34
N ARG D 421 9.95 -0.04 8.69
CA ARG D 421 8.59 -0.40 9.01
C ARG D 421 8.54 -1.01 10.41
N VAL D 422 7.36 -0.99 11.02
CA VAL D 422 7.20 -1.49 12.38
C VAL D 422 5.96 -2.37 12.46
N ASP D 423 5.97 -3.28 13.43
CA ASP D 423 4.80 -4.06 13.78
C ASP D 423 4.01 -3.31 14.85
N TYR D 424 2.84 -3.86 15.21
CA TYR D 424 1.97 -3.29 16.25
C TYR D 424 1.65 -1.84 15.97
N SER D 425 1.39 -1.52 14.71
CA SER D 425 1.18 -0.16 14.28
C SER D 425 -0.03 -0.10 13.35
N ALA D 426 -0.63 1.08 13.28
CA ALA D 426 -1.84 1.27 12.50
C ALA D 426 -1.88 2.71 12.01
N ARG D 427 -2.87 3.01 11.17
CA ARG D 427 -3.03 4.35 10.61
C ARG D 427 -4.48 4.56 10.24
N SER D 428 -5.04 5.71 10.63
CA SER D 428 -6.41 6.03 10.27
C SER D 428 -6.61 7.53 10.28
N VAL D 429 -7.69 7.98 9.64
CA VAL D 429 -8.00 9.40 9.63
C VAL D 429 -8.42 9.84 11.02
N ILE D 430 -8.24 11.13 11.31
CA ILE D 430 -8.54 11.68 12.62
C ILE D 430 -9.82 12.49 12.55
N VAL D 431 -10.59 12.44 13.64
CA VAL D 431 -11.74 13.30 13.83
C VAL D 431 -11.61 13.93 15.22
N VAL D 432 -12.27 15.07 15.39
CA VAL D 432 -12.16 15.80 16.65
C VAL D 432 -13.14 15.22 17.66
N GLY D 433 -12.64 14.95 18.86
CA GLY D 433 -13.51 14.59 19.97
C GLY D 433 -13.29 15.53 21.13
N PRO D 434 -14.28 16.40 21.38
CA PRO D 434 -14.17 17.31 22.53
C PRO D 434 -14.51 16.66 23.86
N GLN D 435 -15.16 15.50 23.86
CA GLN D 435 -15.44 14.82 25.11
C GLN D 435 -14.20 14.18 25.72
N LEU D 436 -13.14 14.01 24.94
CA LEU D 436 -11.91 13.40 25.43
C LEU D 436 -11.17 14.36 26.35
N LYS D 437 -10.42 13.80 27.29
CA LYS D 437 -9.51 14.58 28.10
C LYS D 437 -8.21 14.82 27.33
N LEU D 438 -7.25 15.48 27.97
CA LEU D 438 -6.00 15.80 27.29
C LEU D 438 -5.14 14.56 27.07
N HIS D 439 -5.32 13.52 27.88
CA HIS D 439 -4.50 12.32 27.81
C HIS D 439 -5.21 11.17 27.11
N GLN D 440 -6.31 11.43 26.43
CA GLN D 440 -7.14 10.38 25.84
C GLN D 440 -7.16 10.47 24.33
N CYS D 441 -7.28 9.31 23.69
CA CYS D 441 -7.50 9.21 22.25
C CYS D 441 -8.53 8.13 22.00
N GLY D 442 -9.27 8.27 20.90
CA GLY D 442 -10.32 7.32 20.59
C GLY D 442 -9.99 6.40 19.45
N LEU D 443 -9.67 5.15 19.76
CA LEU D 443 -9.35 4.18 18.73
C LEU D 443 -10.60 3.40 18.33
N PRO D 444 -10.74 3.06 17.04
CA PRO D 444 -11.85 2.22 16.61
C PRO D 444 -11.74 0.82 17.16
N LYS D 445 -12.86 0.10 17.13
CA LYS D 445 -12.90 -1.25 17.66
C LYS D 445 -11.98 -2.18 16.88
N ALA D 446 -12.02 -2.11 15.55
CA ALA D 446 -11.24 -3.03 14.73
C ALA D 446 -9.75 -2.73 14.81
N MET D 447 -9.38 -1.45 14.76
CA MET D 447 -7.98 -1.06 14.83
C MET D 447 -7.36 -1.40 16.19
N ALA D 448 -8.07 -1.11 17.27
CA ALA D 448 -7.56 -1.46 18.59
C ALA D 448 -7.55 -2.97 18.82
N LEU D 449 -8.52 -3.69 18.24
CA LEU D 449 -8.51 -5.14 18.33
C LEU D 449 -7.32 -5.72 17.60
N GLU D 450 -6.97 -5.15 16.45
CA GLU D 450 -5.84 -5.67 15.69
C GLU D 450 -4.50 -5.31 16.34
N LEU D 451 -4.39 -4.12 16.92
CA LEU D 451 -3.15 -3.75 17.60
C LEU D 451 -2.92 -4.62 18.84
N PHE D 452 -3.94 -4.78 19.67
CA PHE D 452 -3.84 -5.50 20.93
C PHE D 452 -4.21 -6.97 20.81
N LYS D 453 -3.99 -7.58 19.64
CA LYS D 453 -4.43 -8.95 19.42
C LYS D 453 -3.80 -9.97 20.38
N PRO D 454 -2.48 -10.04 20.57
CA PRO D 454 -1.96 -11.05 21.51
C PRO D 454 -2.36 -10.79 22.95
N PHE D 455 -2.48 -9.53 23.36
CA PHE D 455 -2.97 -9.23 24.70
C PHE D 455 -4.41 -9.69 24.88
N VAL D 456 -5.24 -9.51 23.85
CA VAL D 456 -6.62 -9.97 23.90
C VAL D 456 -6.67 -11.49 23.96
N MET D 457 -5.79 -12.18 23.21
CA MET D 457 -5.73 -13.63 23.27
C MET D 457 -5.34 -14.11 24.66
N LYS D 458 -4.33 -13.48 25.26
CA LYS D 458 -3.91 -13.86 26.62
C LYS D 458 -5.02 -13.63 27.63
N ARG D 459 -5.72 -12.50 27.53
CA ARG D 459 -6.79 -12.21 28.47
C ARG D 459 -7.98 -13.14 28.27
N LEU D 460 -8.25 -13.53 27.01
CA LEU D 460 -9.31 -14.49 26.73
C LEU D 460 -8.98 -15.86 27.33
N VAL D 461 -7.72 -16.27 27.22
CA VAL D 461 -7.31 -17.52 27.85
C VAL D 461 -7.41 -17.42 29.38
N ASP D 462 -6.99 -16.30 29.94
CA ASP D 462 -7.02 -16.13 31.39
C ASP D 462 -8.46 -16.09 31.91
N LEU D 463 -9.35 -15.38 31.22
CA LEU D 463 -10.75 -15.29 31.60
C LEU D 463 -11.58 -16.44 31.05
N ASN D 464 -10.93 -17.57 30.73
CA ASN D 464 -11.49 -18.85 30.28
C ASN D 464 -12.68 -18.74 29.32
N HIS D 465 -12.63 -17.75 28.43
CA HIS D 465 -13.59 -17.67 27.34
C HIS D 465 -13.14 -18.47 26.12
N ALA D 466 -11.89 -18.89 26.09
CA ALA D 466 -11.34 -19.72 25.02
C ALA D 466 -10.55 -20.85 25.64
N GLN D 467 -10.62 -22.03 25.02
CA GLN D 467 -9.94 -23.19 25.57
C GLN D 467 -8.42 -23.04 25.49
N ASN D 468 -7.91 -22.51 24.38
CA ASN D 468 -6.48 -22.37 24.21
C ASN D 468 -6.20 -21.18 23.29
N ILE D 469 -4.96 -21.08 22.81
CA ILE D 469 -4.56 -19.95 22.00
C ILE D 469 -5.21 -20.01 20.62
N LYS D 470 -5.33 -21.19 20.04
CA LYS D 470 -5.95 -21.33 18.73
C LYS D 470 -7.43 -20.92 18.76
N SER D 471 -8.14 -21.35 19.80
CA SER D 471 -9.54 -20.97 19.94
C SER D 471 -9.68 -19.46 20.18
N ALA D 472 -8.77 -18.88 20.96
CA ALA D 472 -8.80 -17.43 21.18
C ALA D 472 -8.54 -16.68 19.88
N LYS D 473 -7.61 -17.17 19.06
CA LYS D 473 -7.35 -16.56 17.77
C LYS D 473 -8.56 -16.66 16.86
N ARG D 474 -9.24 -17.80 16.87
CA ARG D 474 -10.45 -17.96 16.06
C ARG D 474 -11.55 -17.01 16.52
N MET D 475 -11.70 -16.84 17.84
CA MET D 475 -12.70 -15.90 18.35
C MET D 475 -12.35 -14.46 18.00
N VAL D 476 -11.06 -14.12 18.06
CA VAL D 476 -10.64 -12.77 17.71
C VAL D 476 -10.88 -12.48 16.23
N GLU D 477 -10.55 -13.45 15.37
CA GLU D 477 -10.78 -13.27 13.93
C GLU D 477 -12.27 -13.24 13.59
N ARG D 478 -13.08 -14.00 14.32
CA ARG D 478 -14.53 -13.96 14.08
C ARG D 478 -15.14 -12.66 14.56
N GLY D 479 -14.63 -12.12 15.68
CA GLY D 479 -15.12 -10.85 16.19
C GLY D 479 -16.43 -10.94 16.95
N ARG D 480 -16.40 -11.65 18.09
CA ARG D 480 -17.58 -11.75 18.94
C ARG D 480 -17.58 -10.62 19.97
N THR D 481 -18.69 -10.53 20.71
CA THR D 481 -18.87 -9.42 21.66
C THR D 481 -18.03 -9.59 22.92
N VAL D 482 -17.76 -10.84 23.34
CA VAL D 482 -16.91 -11.04 24.50
C VAL D 482 -15.48 -10.64 24.17
N VAL D 483 -15.06 -10.77 22.91
CA VAL D 483 -13.76 -10.29 22.48
C VAL D 483 -13.67 -8.78 22.66
N TYR D 484 -14.76 -8.06 22.34
CA TYR D 484 -14.74 -6.61 22.50
C TYR D 484 -14.80 -6.18 23.96
N ASP D 485 -15.51 -6.94 24.80
CA ASP D 485 -15.45 -6.65 26.24
C ASP D 485 -14.04 -6.86 26.79
N VAL D 486 -13.39 -7.93 26.37
CA VAL D 486 -11.99 -8.17 26.74
C VAL D 486 -11.10 -7.04 26.23
N LEU D 487 -11.35 -6.58 25.01
CA LEU D 487 -10.57 -5.49 24.43
C LEU D 487 -10.72 -4.21 25.24
N GLU D 488 -11.94 -3.91 25.67
CA GLU D 488 -12.16 -2.77 26.55
C GLU D 488 -11.40 -2.95 27.86
N GLU D 489 -11.35 -4.17 28.38
CA GLU D 489 -10.64 -4.42 29.62
C GLU D 489 -9.12 -4.29 29.45
N VAL D 490 -8.59 -4.59 28.26
CA VAL D 490 -7.15 -4.70 28.08
C VAL D 490 -6.51 -3.34 27.82
N ILE D 491 -7.11 -2.55 26.93
CA ILE D 491 -6.49 -1.30 26.48
C ILE D 491 -6.39 -0.25 27.58
N ALA D 492 -7.02 -0.46 28.72
CA ALA D 492 -6.89 0.47 29.83
C ALA D 492 -5.47 0.44 30.38
N GLU D 493 -4.96 1.63 30.73
CA GLU D 493 -3.63 1.81 31.34
C GLU D 493 -2.51 1.32 30.42
N HIS D 494 -2.73 1.37 29.11
CA HIS D 494 -1.74 0.91 28.13
C HIS D 494 -1.60 1.96 27.04
N PRO D 495 -0.67 2.91 27.21
CA PRO D 495 -0.63 4.05 26.30
C PRO D 495 -0.19 3.68 24.89
N VAL D 496 -0.62 4.49 23.92
CA VAL D 496 -0.24 4.33 22.53
C VAL D 496 0.30 5.66 22.02
N LEU D 497 1.23 5.59 21.07
CA LEU D 497 1.90 6.78 20.53
C LEU D 497 1.21 7.19 19.24
N LEU D 498 0.53 8.33 19.28
CA LEU D 498 -0.02 8.93 18.07
C LEU D 498 1.04 9.80 17.41
N ASN D 499 1.03 9.80 16.08
CA ASN D 499 2.11 10.37 15.29
C ASN D 499 1.56 10.85 13.95
N ARG D 500 1.76 12.12 13.65
CA ARG D 500 1.46 12.65 12.32
C ARG D 500 2.72 12.63 11.47
N ALA D 501 2.52 12.36 10.17
CA ALA D 501 3.64 12.01 9.29
C ALA D 501 4.71 13.08 9.15
N PRO D 502 4.41 14.36 8.91
CA PRO D 502 5.52 15.32 8.72
C PRO D 502 6.44 15.48 9.92
N THR D 503 5.88 15.44 11.15
CA THR D 503 6.60 15.46 12.44
C THR D 503 7.82 16.39 12.45
N LEU D 504 7.55 17.67 12.21
CA LEU D 504 8.62 18.66 12.08
C LEU D 504 9.41 18.81 13.37
N HIS D 505 8.74 18.81 14.51
CA HIS D 505 9.41 19.07 15.78
C HIS D 505 9.15 17.93 16.76
N ARG D 506 9.52 18.19 18.02
CA ARG D 506 9.56 17.14 19.03
C ARG D 506 8.18 16.58 19.35
N LEU D 507 7.15 17.43 19.34
CA LEU D 507 5.82 17.05 19.78
C LEU D 507 4.98 16.41 18.69
N GLY D 508 5.62 15.89 17.63
CA GLY D 508 4.89 15.14 16.64
C GLY D 508 4.55 13.72 17.02
N ILE D 509 5.17 13.21 18.08
CA ILE D 509 4.85 11.89 18.65
C ILE D 509 4.40 12.14 20.08
N GLN D 510 3.18 11.73 20.40
CA GLN D 510 2.66 11.95 21.75
C GLN D 510 1.91 10.73 22.23
N ALA D 511 2.04 10.41 23.51
CA ALA D 511 1.39 9.25 24.09
C ALA D 511 0.02 9.61 24.63
N PHE D 512 -0.97 8.81 24.28
CA PHE D 512 -2.33 8.99 24.74
C PHE D 512 -2.85 7.69 25.32
N GLU D 513 -3.78 7.80 26.26
CA GLU D 513 -4.50 6.61 26.73
C GLU D 513 -5.58 6.25 25.73
N PRO D 514 -5.59 5.04 25.19
CA PRO D 514 -6.60 4.68 24.20
C PRO D 514 -7.95 4.44 24.84
N GLN D 515 -8.99 4.60 24.02
CA GLN D 515 -10.36 4.41 24.47
C GLN D 515 -11.19 3.95 23.27
N LEU D 516 -11.97 2.90 23.47
CA LEU D 516 -12.72 2.33 22.36
C LEU D 516 -13.84 3.27 21.93
N VAL D 517 -13.92 3.55 20.64
CA VAL D 517 -14.99 4.34 20.06
C VAL D 517 -15.53 3.61 18.84
N GLU D 518 -16.73 4.01 18.41
CA GLU D 518 -17.32 3.49 17.20
C GLU D 518 -16.67 4.11 15.98
N GLY D 519 -17.16 3.76 14.80
CA GLY D 519 -16.60 4.30 13.58
C GLY D 519 -15.27 3.66 13.26
N LYS D 520 -14.59 4.26 12.28
CA LYS D 520 -13.31 3.76 11.81
C LYS D 520 -12.27 4.87 11.77
N ALA D 521 -12.45 5.90 12.59
CA ALA D 521 -11.57 7.06 12.60
C ALA D 521 -11.05 7.31 14.01
N ILE D 522 -9.78 7.70 14.11
CA ILE D 522 -9.18 8.00 15.40
C ILE D 522 -9.77 9.30 15.94
N GLN D 523 -10.23 9.27 17.19
CA GLN D 523 -10.72 10.48 17.84
C GLN D 523 -9.56 11.13 18.59
N ILE D 524 -9.26 12.37 18.23
CA ILE D 524 -8.13 13.09 18.83
C ILE D 524 -8.68 14.32 19.55
N HIS D 525 -7.93 14.76 20.55
CA HIS D 525 -8.32 15.93 21.32
C HIS D 525 -8.13 17.19 20.47
N PRO D 526 -9.09 18.11 20.45
CA PRO D 526 -8.84 19.40 19.78
C PRO D 526 -7.69 20.17 20.40
N LEU D 527 -7.56 20.10 21.73
CA LEU D 527 -6.62 20.91 22.49
C LEU D 527 -5.16 20.58 22.16
N VAL D 528 -4.91 19.47 21.46
CA VAL D 528 -3.57 19.05 21.12
C VAL D 528 -3.31 19.13 19.62
N CYS D 529 -4.32 19.47 18.81
CA CYS D 529 -4.21 19.28 17.36
C CYS D 529 -3.10 20.12 16.75
N THR D 530 -2.98 21.38 17.17
CA THR D 530 -1.95 22.25 16.63
C THR D 530 -0.56 21.85 17.08
N ALA D 531 -0.43 21.02 18.11
CA ALA D 531 0.87 20.42 18.41
C ALA D 531 1.28 19.46 17.31
N PHE D 532 0.33 18.73 16.73
CA PHE D 532 0.58 17.86 15.59
C PHE D 532 0.50 18.58 14.26
N ASN D 533 0.09 19.85 14.26
CA ASN D 533 -0.22 20.60 13.04
C ASN D 533 -1.26 19.85 12.20
N ALA D 534 -2.29 19.34 12.88
CA ALA D 534 -3.26 18.44 12.28
C ALA D 534 -4.60 19.15 12.13
N ASP D 535 -4.95 19.50 10.90
CA ASP D 535 -6.31 19.91 10.60
C ASP D 535 -7.16 18.67 10.33
N PHE D 536 -8.48 18.88 10.25
CA PHE D 536 -9.40 17.79 9.99
C PHE D 536 -10.02 17.89 8.59
N ASP D 537 -9.32 18.51 7.65
CA ASP D 537 -9.68 18.38 6.24
C ASP D 537 -9.57 16.93 5.80
N GLY D 538 -8.35 16.39 5.86
CA GLY D 538 -8.13 14.96 5.86
C GLY D 538 -6.68 14.74 6.25
N ASP D 539 -6.44 13.94 7.28
CA ASP D 539 -5.08 13.83 7.84
C ASP D 539 -4.99 12.48 8.55
N GLN D 540 -4.33 11.53 7.91
CA GLN D 540 -4.13 10.23 8.52
C GLN D 540 -3.04 10.31 9.58
N MET D 541 -3.34 9.76 10.75
CA MET D 541 -2.40 9.66 11.84
C MET D 541 -2.08 8.20 12.09
N ALA D 542 -0.80 7.93 12.38
CA ALA D 542 -0.34 6.60 12.71
C ALA D 542 -0.32 6.42 14.22
N VAL D 543 -0.56 5.20 14.65
CA VAL D 543 -0.56 4.83 16.06
C VAL D 543 0.40 3.67 16.23
N HIS D 544 1.40 3.84 17.08
CA HIS D 544 2.34 2.80 17.43
C HIS D 544 2.07 2.31 18.84
N LEU D 545 2.39 1.06 19.09
CA LEU D 545 2.09 0.45 20.37
C LEU D 545 3.37 0.26 21.18
N PRO D 546 3.60 1.04 22.23
CA PRO D 546 4.67 0.69 23.18
C PRO D 546 4.40 -0.67 23.78
N LEU D 547 5.45 -1.48 23.86
CA LEU D 547 5.27 -2.92 23.96
C LEU D 547 5.71 -3.50 25.29
N SER D 548 6.92 -3.20 25.74
CA SER D 548 7.41 -3.73 27.01
C SER D 548 7.07 -2.76 28.14
N ALA D 549 7.61 -3.01 29.32
CA ALA D 549 7.37 -2.11 30.44
C ALA D 549 8.15 -0.82 30.29
N GLU D 550 9.37 -0.89 29.74
CA GLU D 550 10.18 0.30 29.54
C GLU D 550 9.54 1.24 28.52
N ALA D 551 9.05 0.70 27.41
CA ALA D 551 8.49 1.53 26.35
C ALA D 551 7.23 2.27 26.80
N GLN D 552 6.29 1.54 27.40
CA GLN D 552 5.09 2.21 27.86
C GLN D 552 5.32 3.03 29.12
N ALA D 553 6.37 2.73 29.89
CA ALA D 553 6.75 3.62 30.98
C ALA D 553 7.23 4.96 30.46
N GLU D 554 8.08 4.94 29.41
CA GLU D 554 8.51 6.18 28.78
C GLU D 554 7.34 6.90 28.12
N ALA D 555 6.38 6.16 27.57
CA ALA D 555 5.18 6.79 27.04
C ALA D 555 4.39 7.50 28.14
N ARG D 556 4.22 6.85 29.30
CA ARG D 556 3.43 7.43 30.36
C ARG D 556 4.13 8.61 31.02
N ILE D 557 5.46 8.58 31.14
CA ILE D 557 6.19 9.58 31.90
C ILE D 557 6.74 10.68 30.99
N LEU D 558 7.45 10.30 29.92
CA LEU D 558 8.08 11.28 29.06
C LEU D 558 7.15 11.80 27.97
N MET D 559 6.26 10.96 27.46
CA MET D 559 5.55 11.24 26.22
C MET D 559 4.10 11.62 26.42
N LEU D 560 3.63 11.73 27.67
CA LEU D 560 2.22 11.96 27.91
C LEU D 560 1.81 13.33 27.40
N SER D 561 0.67 13.39 26.72
CA SER D 561 0.25 14.62 26.04
C SER D 561 -0.07 15.73 27.03
N SER D 562 -0.45 15.38 28.25
CA SER D 562 -0.72 16.39 29.27
C SER D 562 0.54 16.96 29.89
N ASN D 563 1.70 16.37 29.62
CA ASN D 563 2.97 16.87 30.09
C ASN D 563 3.71 17.71 29.06
N ASN D 564 3.10 17.95 27.90
CA ASN D 564 3.78 18.62 26.80
C ASN D 564 3.07 19.91 26.45
N ILE D 565 2.72 20.71 27.47
CA ILE D 565 2.02 21.97 27.24
C ILE D 565 2.90 22.96 26.48
N LEU D 566 4.16 23.07 26.87
CA LEU D 566 5.04 24.11 26.33
C LEU D 566 5.79 23.60 25.10
N LYS D 567 5.92 24.48 24.11
CA LYS D 567 6.64 24.15 22.89
C LYS D 567 8.14 24.27 23.13
N PRO D 568 8.94 23.26 22.75
CA PRO D 568 10.38 23.32 23.02
C PRO D 568 11.13 24.34 22.19
N ALA D 569 10.51 24.93 21.17
CA ALA D 569 11.22 25.90 20.34
C ALA D 569 11.48 27.19 21.08
N ASP D 570 10.48 27.72 21.79
CA ASP D 570 10.63 28.99 22.47
C ASP D 570 10.04 29.04 23.87
N GLY D 571 9.50 27.93 24.38
CA GLY D 571 8.95 27.91 25.71
C GLY D 571 7.55 28.45 25.83
N ARG D 572 6.95 28.92 24.74
CA ARG D 572 5.56 29.35 24.76
C ARG D 572 4.64 28.14 24.75
N PRO D 573 3.45 28.26 25.34
CA PRO D 573 2.49 27.16 25.29
C PRO D 573 2.06 26.85 23.87
N VAL D 574 1.90 25.56 23.58
CA VAL D 574 1.50 25.11 22.25
C VAL D 574 0.18 24.37 22.28
N THR D 575 -0.28 23.90 23.43
CA THR D 575 -1.50 23.11 23.54
C THR D 575 -2.71 23.96 23.90
N MET D 576 -2.79 25.17 23.36
CA MET D 576 -3.98 26.01 23.43
C MET D 576 -4.39 26.48 22.04
N PRO D 577 -4.97 25.61 21.23
CA PRO D 577 -5.42 26.02 19.89
C PRO D 577 -6.51 27.09 19.98
N THR D 578 -6.71 27.77 18.87
CA THR D 578 -7.33 29.08 18.91
C THR D 578 -8.54 29.28 18.01
N GLN D 579 -8.99 28.26 17.29
CA GLN D 579 -10.04 28.48 16.29
C GLN D 579 -11.38 28.80 16.94
N ASP D 580 -11.92 27.88 17.73
CA ASP D 580 -13.23 28.07 18.33
C ASP D 580 -13.20 28.38 19.82
N MET D 581 -12.23 27.83 20.55
CA MET D 581 -12.18 28.04 22.00
C MET D 581 -11.81 29.48 22.35
N VAL D 582 -10.83 30.05 21.64
CA VAL D 582 -10.42 31.43 21.91
C VAL D 582 -11.53 32.40 21.55
N LEU D 583 -12.27 32.14 20.47
CA LEU D 583 -13.39 33.00 20.13
C LEU D 583 -14.47 32.96 21.21
N GLY D 584 -14.76 31.78 21.74
CA GLY D 584 -15.74 31.68 22.81
C GLY D 584 -15.30 32.36 24.09
N LEU D 585 -14.04 32.17 24.49
CA LEU D 585 -13.54 32.83 25.69
C LEU D 585 -13.47 34.33 25.52
N PHE D 586 -13.12 34.80 24.33
CA PHE D 586 -13.11 36.23 24.05
C PHE D 586 -14.52 36.81 24.14
N PHE D 587 -15.49 36.14 23.51
CA PHE D 587 -16.87 36.62 23.58
C PHE D 587 -17.38 36.63 25.02
N LEU D 588 -17.00 35.61 25.79
CA LEU D 588 -17.39 35.56 27.19
C LEU D 588 -16.79 36.72 27.98
N THR D 589 -15.52 37.04 27.74
CA THR D 589 -14.81 38.01 28.56
C THR D 589 -14.70 39.40 27.96
N THR D 590 -15.30 39.66 26.80
CA THR D 590 -15.11 40.95 26.16
C THR D 590 -15.92 42.05 26.84
N ASP D 591 -15.74 43.27 26.35
CA ASP D 591 -16.41 44.42 26.93
C ASP D 591 -17.79 44.62 26.30
N SER D 592 -18.54 45.55 26.88
CA SER D 592 -19.90 45.87 26.41
C SER D 592 -19.83 47.07 25.48
N GLU D 593 -19.16 46.88 24.35
CA GLU D 593 -18.99 47.92 23.33
C GLU D 593 -19.72 47.48 22.07
N GLY D 594 -20.78 48.19 21.71
CA GLY D 594 -21.55 47.89 20.53
C GLY D 594 -22.66 46.88 20.71
N ARG D 595 -22.75 46.26 21.89
CA ARG D 595 -23.79 45.30 22.18
C ARG D 595 -24.68 45.87 23.28
N SER D 596 -25.99 45.82 23.07
CA SER D 596 -26.95 46.48 23.94
C SER D 596 -26.94 45.86 25.33
N PRO D 597 -26.43 46.55 26.35
CA PRO D 597 -26.35 45.98 27.69
C PRO D 597 -27.65 46.20 28.46
N LYS D 598 -28.33 45.10 28.76
CA LYS D 598 -29.50 45.14 29.62
C LYS D 598 -29.11 44.70 31.03
N GLY D 599 -29.64 45.40 32.02
CA GLY D 599 -29.24 45.14 33.40
C GLY D 599 -27.81 45.52 33.71
N GLU D 600 -27.35 46.65 33.19
CA GLU D 600 -25.98 47.10 33.41
C GLU D 600 -25.94 48.02 34.62
N GLY D 601 -25.08 47.67 35.58
CA GLY D 601 -24.93 48.49 36.78
C GLY D 601 -25.93 48.17 37.87
N ARG D 602 -26.00 46.90 38.27
CA ARG D 602 -26.87 46.49 39.36
C ARG D 602 -26.15 45.46 40.21
N ALA D 603 -26.27 45.60 41.52
CA ALA D 603 -25.55 44.74 42.45
C ALA D 603 -26.13 43.34 42.46
N PHE D 604 -25.24 42.36 42.63
CA PHE D 604 -25.62 40.95 42.68
C PHE D 604 -24.98 40.29 43.89
N GLY D 605 -25.77 39.49 44.60
CA GLY D 605 -25.27 38.87 45.82
C GLY D 605 -24.19 37.84 45.56
N SER D 606 -24.31 37.09 44.47
CA SER D 606 -23.35 36.05 44.15
C SER D 606 -23.40 35.79 42.65
N SER D 607 -22.49 34.94 42.18
CA SER D 607 -22.47 34.59 40.77
C SER D 607 -23.67 33.74 40.39
N ALA D 608 -24.21 32.96 41.33
CA ALA D 608 -25.39 32.16 41.06
C ALA D 608 -26.60 33.04 40.77
N GLU D 609 -26.75 34.13 41.53
CA GLU D 609 -27.85 35.06 41.28
C GLU D 609 -27.68 35.75 39.92
N ALA D 610 -26.45 36.08 39.55
CA ALA D 610 -26.20 36.66 38.23
C ALA D 610 -26.54 35.68 37.12
N ILE D 611 -26.22 34.39 37.32
CA ILE D 611 -26.58 33.37 36.34
C ILE D 611 -28.10 33.23 36.24
N MET D 612 -28.79 33.30 37.38
CA MET D 612 -30.25 33.24 37.36
C MET D 612 -30.86 34.44 36.64
N ALA D 613 -30.28 35.62 36.84
CA ALA D 613 -30.74 36.81 36.12
C ALA D 613 -30.48 36.68 34.62
N PHE D 614 -29.33 36.14 34.24
CA PHE D 614 -29.03 35.91 32.83
C PHE D 614 -30.02 34.92 32.21
N ASP D 615 -30.36 33.87 32.95
CA ASP D 615 -31.36 32.93 32.49
C ASP D 615 -32.75 33.57 32.40
N ALA D 616 -33.03 34.52 33.28
CA ALA D 616 -34.29 35.27 33.19
C ALA D 616 -34.33 36.16 31.96
N GLY D 617 -33.18 36.68 31.53
CA GLY D 617 -33.07 37.47 30.34
C GLY D 617 -32.95 38.96 30.56
N ASP D 618 -33.00 39.44 31.79
CA ASP D 618 -32.87 40.85 32.08
C ASP D 618 -31.43 41.28 32.29
N LEU D 619 -30.47 40.37 32.15
CA LEU D 619 -29.05 40.68 32.26
C LEU D 619 -28.32 40.01 31.10
N THR D 620 -27.46 40.77 30.44
CA THR D 620 -26.64 40.25 29.35
C THR D 620 -25.27 39.84 29.87
N LEU D 621 -24.57 39.05 29.07
CA LEU D 621 -23.28 38.51 29.48
C LEU D 621 -22.25 39.61 29.68
N GLN D 622 -22.23 40.60 28.79
CA GLN D 622 -21.28 41.71 28.86
C GLN D 622 -22.02 42.91 29.44
N ALA D 623 -21.94 43.07 30.76
CA ALA D 623 -22.57 44.20 31.44
C ALA D 623 -21.86 44.41 32.75
N LYS D 624 -21.34 45.61 32.96
CA LYS D 624 -20.61 45.93 34.18
C LYS D 624 -21.56 45.89 35.37
N ILE D 625 -21.40 44.89 36.23
CA ILE D 625 -22.25 44.71 37.40
C ILE D 625 -21.36 44.61 38.63
N ASP D 626 -21.94 44.94 39.78
CA ASP D 626 -21.24 44.83 41.06
C ASP D 626 -21.57 43.47 41.65
N ILE D 627 -20.61 42.55 41.60
CA ILE D 627 -20.83 41.16 41.99
C ILE D 627 -19.96 40.84 43.20
N ARG D 628 -20.53 40.16 44.19
CA ARG D 628 -19.80 39.77 45.37
C ARG D 628 -19.21 38.38 45.18
N PHE D 629 -18.10 38.13 45.86
CA PHE D 629 -17.43 36.84 45.72
C PHE D 629 -17.23 36.21 47.09
N PRO D 630 -17.34 34.88 47.18
CA PRO D 630 -17.27 34.22 48.49
C PRO D 630 -15.85 34.20 49.02
N VAL D 631 -15.73 33.70 50.26
CA VAL D 631 -14.44 33.57 50.91
C VAL D 631 -13.59 32.54 50.18
N GLY D 632 -12.29 32.80 50.07
CA GLY D 632 -11.38 31.95 49.35
C GLY D 632 -11.11 32.40 47.93
N THR D 633 -11.90 33.32 47.39
CA THR D 633 -11.68 33.84 46.05
C THR D 633 -10.56 34.87 46.09
N ILE D 634 -9.52 34.64 45.30
CA ILE D 634 -8.37 35.56 45.27
C ILE D 634 -8.74 36.78 44.43
N PRO D 635 -8.60 37.98 44.96
CA PRO D 635 -8.93 39.19 44.19
C PRO D 635 -7.92 39.42 43.09
N PRO D 636 -8.20 40.31 42.13
CA PRO D 636 -7.23 40.59 41.06
C PRO D 636 -5.94 41.18 41.60
N ARG D 637 -4.90 41.12 40.76
CA ARG D 637 -3.60 41.66 41.15
C ARG D 637 -3.66 43.18 41.34
N GLY D 638 -4.51 43.86 40.58
CA GLY D 638 -4.69 45.29 40.75
C GLY D 638 -5.64 45.68 41.88
N PHE D 639 -6.30 44.70 42.49
CA PHE D 639 -7.24 44.99 43.58
C PHE D 639 -6.52 45.27 44.89
N GLU D 640 -5.26 44.85 45.02
CA GLU D 640 -4.55 45.06 46.28
C GLU D 640 -4.32 46.53 46.65
N PRO D 641 -3.88 47.43 45.77
CA PRO D 641 -3.69 48.84 46.18
C PRO D 641 -4.98 49.52 46.64
N PRO D 642 -6.16 49.24 46.06
CA PRO D 642 -7.39 49.72 46.70
C PRO D 642 -7.86 48.79 47.81
N ALA D 643 -8.77 49.31 48.62
CA ALA D 643 -9.34 48.56 49.72
C ALA D 643 -10.67 49.19 50.12
N ARG D 644 -11.47 48.43 50.87
CA ARG D 644 -12.70 48.97 51.40
C ARG D 644 -12.40 49.98 52.51
N GLU D 645 -13.18 51.07 52.52
CA GLU D 645 -12.99 52.12 53.50
C GLU D 645 -13.57 51.68 54.84
N GLU D 646 -12.73 51.64 55.87
CA GLU D 646 -13.14 51.17 57.18
C GLU D 646 -12.23 51.77 58.24
N GLY D 647 -12.78 52.04 59.41
CA GLY D 647 -11.98 52.47 60.54
C GLY D 647 -11.28 51.37 61.28
N GLU D 648 -11.54 50.11 60.90
CA GLU D 648 -10.90 48.92 61.43
C GLU D 648 -9.99 48.31 60.38
N PRO D 649 -8.92 47.62 60.78
CA PRO D 649 -8.02 47.00 59.79
C PRO D 649 -8.72 45.87 59.06
N GLU D 650 -8.49 45.81 57.74
CA GLU D 650 -9.11 44.82 56.88
C GLU D 650 -8.08 44.23 55.93
N TRP D 651 -8.31 42.98 55.54
CA TRP D 651 -7.45 42.31 54.57
C TRP D 651 -8.35 41.57 53.60
N GLN D 652 -8.49 42.11 52.38
CA GLN D 652 -9.30 41.51 51.34
C GLN D 652 -8.55 40.46 50.54
N GLN D 653 -7.44 39.93 51.07
CA GLN D 653 -6.67 38.91 50.36
C GLN D 653 -7.23 37.51 50.55
N GLY D 654 -7.99 37.27 51.61
CA GLY D 654 -8.49 35.94 51.87
C GLY D 654 -9.98 35.82 52.03
N ASP D 655 -10.70 36.95 52.05
CA ASP D 655 -12.13 36.91 52.35
C ASP D 655 -12.97 37.58 51.27
N THR D 656 -14.26 37.78 51.57
CA THR D 656 -15.22 38.23 50.57
C THR D 656 -14.93 39.67 50.13
N PHE D 657 -15.33 39.98 48.90
CA PHE D 657 -15.15 41.30 48.32
C PHE D 657 -16.11 41.48 47.17
N THR D 658 -16.43 42.74 46.87
CA THR D 658 -17.27 43.10 45.75
C THR D 658 -16.41 43.64 44.63
N LEU D 659 -16.75 43.28 43.39
CA LEU D 659 -15.97 43.67 42.23
C LEU D 659 -16.90 44.16 41.13
N LYS D 660 -16.46 45.20 40.42
CA LYS D 660 -17.20 45.75 39.29
C LYS D 660 -16.71 45.06 38.03
N THR D 661 -17.46 44.07 37.56
CA THR D 661 -17.06 43.28 36.41
C THR D 661 -18.30 42.70 35.75
N THR D 662 -18.12 42.14 34.56
CA THR D 662 -19.21 41.48 33.87
C THR D 662 -19.36 40.04 34.36
N LEU D 663 -20.51 39.45 34.04
CA LEU D 663 -20.76 38.06 34.43
C LEU D 663 -19.84 37.09 33.69
N GLY D 664 -19.47 37.41 32.45
CA GLY D 664 -18.62 36.52 31.68
C GLY D 664 -17.25 36.34 32.30
N ARG D 665 -16.69 37.42 32.87
CA ARG D 665 -15.41 37.28 33.57
C ARG D 665 -15.55 36.44 34.82
N ALA D 666 -16.71 36.51 35.50
CA ALA D 666 -16.95 35.66 36.66
C ALA D 666 -16.99 34.18 36.26
N LEU D 667 -17.65 33.88 35.14
CA LEU D 667 -17.68 32.49 34.67
C LEU D 667 -16.29 32.03 34.23
N PHE D 668 -15.55 32.90 33.54
CA PHE D 668 -14.20 32.55 33.10
C PHE D 668 -13.29 32.27 34.29
N ASN D 669 -13.42 33.05 35.35
CA ASN D 669 -12.64 32.76 36.55
C ASN D 669 -13.18 31.56 37.33
N GLU D 670 -14.45 31.20 37.13
CA GLU D 670 -14.91 29.92 37.64
C GLU D 670 -14.23 28.76 36.92
N LEU D 671 -13.86 28.94 35.65
CA LEU D 671 -13.04 27.94 34.98
C LEU D 671 -11.65 27.84 35.59
N LEU D 672 -11.03 28.99 35.89
CA LEU D 672 -9.69 29.02 36.44
C LEU D 672 -9.69 28.51 37.88
N PRO D 673 -8.54 28.05 38.38
CA PRO D 673 -8.50 27.52 39.75
C PRO D 673 -8.74 28.62 40.78
N GLU D 674 -9.21 28.21 41.96
CA GLU D 674 -9.56 29.16 43.00
C GLU D 674 -8.34 29.90 43.53
N ASP D 675 -7.17 29.26 43.50
CA ASP D 675 -5.96 29.93 43.94
C ASP D 675 -5.48 30.99 42.94
N TYR D 676 -5.88 30.87 41.68
CA TYR D 676 -5.43 31.83 40.67
C TYR D 676 -6.12 33.17 40.88
N PRO D 677 -5.39 34.29 40.76
CA PRO D 677 -6.01 35.60 40.94
C PRO D 677 -7.05 35.88 39.86
N PHE D 678 -8.06 36.65 40.24
CA PHE D 678 -9.14 37.02 39.31
C PHE D 678 -8.59 37.84 38.16
N VAL D 679 -9.00 37.50 36.95
CA VAL D 679 -8.63 38.26 35.76
C VAL D 679 -9.80 39.17 35.40
N ASP D 680 -9.50 40.45 35.17
CA ASP D 680 -10.52 41.46 34.96
C ASP D 680 -10.28 42.20 33.66
N TYR D 681 -9.97 41.46 32.59
CA TYR D 681 -9.71 42.08 31.30
C TYR D 681 -10.17 41.14 30.19
N GLU D 682 -10.31 41.72 28.99
CA GLU D 682 -10.62 40.95 27.81
C GLU D 682 -9.53 39.93 27.54
N VAL D 683 -9.93 38.66 27.35
CA VAL D 683 -8.95 37.59 27.25
C VAL D 683 -8.41 37.47 25.83
N GLY D 684 -9.27 37.13 24.88
CA GLY D 684 -8.79 36.92 23.53
C GLY D 684 -7.79 35.78 23.47
N LYS D 685 -6.65 36.03 22.82
CA LYS D 685 -5.65 34.99 22.55
C LYS D 685 -4.34 35.23 23.28
N LYS D 686 -3.76 36.43 23.15
CA LYS D 686 -2.46 36.71 23.78
C LYS D 686 -2.57 36.69 25.30
N GLN D 687 -3.63 37.27 25.85
CA GLN D 687 -3.85 37.18 27.30
C GLN D 687 -4.10 35.74 27.73
N LEU D 688 -4.74 34.95 26.87
CA LEU D 688 -4.85 33.52 27.15
C LEU D 688 -3.48 32.86 27.14
N SER D 689 -2.58 33.31 26.27
CA SER D 689 -1.23 32.76 26.25
C SER D 689 -0.48 33.06 27.54
N GLU D 690 -0.57 34.29 28.03
CA GLU D 690 0.13 34.60 29.28
C GLU D 690 -0.52 33.90 30.46
N ILE D 691 -1.85 33.73 30.44
CA ILE D 691 -2.53 32.98 31.51
C ILE D 691 -2.09 31.53 31.51
N VAL D 692 -2.04 30.89 30.34
CA VAL D 692 -1.65 29.48 30.26
C VAL D 692 -0.18 29.30 30.62
N ASN D 693 0.67 30.26 30.21
CA ASN D 693 2.08 30.20 30.57
C ASN D 693 2.27 30.34 32.08
N ASP D 694 1.53 31.26 32.70
CA ASP D 694 1.60 31.41 34.16
C ASP D 694 1.10 30.15 34.86
N LEU D 695 0.03 29.55 34.35
CA LEU D 695 -0.50 28.33 34.95
C LEU D 695 0.51 27.18 34.85
N ALA D 696 1.14 27.03 33.68
CA ALA D 696 2.14 25.97 33.52
C ALA D 696 3.38 26.24 34.35
N GLU D 697 3.70 27.51 34.60
CA GLU D 697 4.86 27.85 35.41
C GLU D 697 4.61 27.62 36.90
N ARG D 698 3.41 27.92 37.39
CA ARG D 698 3.17 28.00 38.82
C ARG D 698 2.32 26.87 39.38
N TYR D 699 1.85 25.94 38.56
CA TYR D 699 0.92 24.92 39.01
C TYR D 699 1.36 23.54 38.54
N PRO D 700 0.96 22.48 39.25
CA PRO D 700 1.31 21.12 38.83
C PRO D 700 0.65 20.74 37.52
N LYS D 701 1.11 19.61 36.97
CA LYS D 701 0.68 19.17 35.64
C LYS D 701 -0.80 18.82 35.61
N VAL D 702 -1.30 18.14 36.64
CA VAL D 702 -2.70 17.70 36.63
C VAL D 702 -3.64 18.88 36.72
N ILE D 703 -3.28 19.89 37.53
CA ILE D 703 -4.10 21.09 37.63
C ILE D 703 -4.14 21.83 36.30
N VAL D 704 -2.98 21.93 35.64
CA VAL D 704 -2.91 22.59 34.34
C VAL D 704 -3.75 21.85 33.31
N ALA D 705 -3.67 20.52 33.29
CA ALA D 705 -4.48 19.76 32.34
C ALA D 705 -5.97 19.95 32.60
N ALA D 706 -6.37 19.96 33.87
CA ALA D 706 -7.78 20.19 34.20
C ALA D 706 -8.23 21.58 33.79
N THR D 707 -7.37 22.60 33.99
CA THR D 707 -7.79 23.96 33.65
C THR D 707 -7.88 24.18 32.16
N LEU D 708 -6.95 23.62 31.38
CA LEU D 708 -7.11 23.67 29.93
C LEU D 708 -8.31 22.87 29.44
N ASP D 709 -8.66 21.76 30.11
CA ASP D 709 -9.90 21.07 29.75
C ASP D 709 -11.12 21.94 30.01
N ASN D 710 -11.15 22.63 31.16
CA ASN D 710 -12.25 23.53 31.47
C ASN D 710 -12.34 24.69 30.48
N LEU D 711 -11.19 25.27 30.13
CA LEU D 711 -11.15 26.37 29.17
C LEU D 711 -11.63 25.91 27.80
N LYS D 712 -11.22 24.71 27.39
CA LYS D 712 -11.67 24.13 26.13
C LYS D 712 -13.19 23.94 26.12
N ALA D 713 -13.73 23.33 27.18
CA ALA D 713 -15.15 23.04 27.22
C ALA D 713 -15.99 24.32 27.21
N ALA D 714 -15.60 25.30 28.03
CA ALA D 714 -16.38 26.53 28.08
C ALA D 714 -16.16 27.39 26.84
N GLY D 715 -14.98 27.30 26.22
CA GLY D 715 -14.77 28.01 24.97
C GLY D 715 -15.67 27.50 23.86
N PHE D 716 -15.78 26.17 23.74
CA PHE D 716 -16.72 25.61 22.77
C PHE D 716 -18.15 25.98 23.12
N PHE D 717 -18.51 25.90 24.41
CA PHE D 717 -19.87 26.18 24.86
C PHE D 717 -20.28 27.61 24.53
N TRP D 718 -19.44 28.58 24.86
CA TRP D 718 -19.78 29.98 24.63
C TRP D 718 -19.45 30.45 23.23
N ALA D 719 -18.69 29.68 22.45
CA ALA D 719 -18.57 29.97 21.03
C ALA D 719 -19.81 29.52 20.27
N THR D 720 -20.49 28.50 20.78
CA THR D 720 -21.79 28.13 20.20
C THR D 720 -22.82 29.24 20.40
N ARG D 721 -22.84 29.85 21.58
CA ARG D 721 -23.80 30.90 21.90
C ARG D 721 -23.30 32.30 21.58
N SER D 722 -22.12 32.44 20.97
CA SER D 722 -21.61 33.77 20.67
C SER D 722 -22.32 34.41 19.49
N GLY D 723 -23.02 33.62 18.69
CA GLY D 723 -23.73 34.15 17.54
C GLY D 723 -22.86 34.47 16.36
N VAL D 724 -21.60 34.01 16.34
CA VAL D 724 -20.76 34.22 15.18
C VAL D 724 -21.27 33.37 14.03
N THR D 725 -21.31 33.98 12.85
CA THR D 725 -21.73 33.32 11.62
C THR D 725 -21.24 34.19 10.47
N VAL D 726 -21.37 33.67 9.26
CA VAL D 726 -21.02 34.44 8.08
C VAL D 726 -22.24 34.53 7.17
N ALA D 727 -22.68 35.76 6.92
CA ALA D 727 -23.64 36.08 5.88
C ALA D 727 -22.97 37.03 4.92
N ILE D 728 -23.68 37.39 3.86
CA ILE D 728 -23.07 38.33 2.92
C ILE D 728 -23.19 39.76 3.45
N SER D 729 -24.10 39.99 4.40
CA SER D 729 -24.18 41.28 5.08
C SER D 729 -23.15 41.41 6.19
N ASP D 730 -22.52 40.32 6.62
CA ASP D 730 -21.50 40.38 7.65
C ASP D 730 -20.18 40.90 7.10
N ILE D 731 -19.88 40.62 5.84
CA ILE D 731 -18.77 41.24 5.13
C ILE D 731 -19.28 42.52 4.50
N VAL D 732 -18.72 43.65 4.90
CA VAL D 732 -19.20 44.96 4.48
C VAL D 732 -18.12 45.66 3.68
N VAL D 733 -18.47 46.08 2.47
CA VAL D 733 -17.58 46.98 1.71
C VAL D 733 -17.72 48.39 2.26
N PRO D 734 -16.64 49.14 2.39
CA PRO D 734 -16.76 50.53 2.86
C PRO D 734 -17.52 51.39 1.86
N ASP D 735 -18.32 52.32 2.38
CA ASP D 735 -19.05 53.23 1.53
C ASP D 735 -18.14 54.26 0.89
N ALA D 736 -17.02 54.58 1.53
CA ALA D 736 -16.04 55.51 0.97
C ALA D 736 -15.25 54.93 -0.19
N LYS D 737 -15.20 53.60 -0.31
CA LYS D 737 -14.36 52.96 -1.32
C LYS D 737 -14.75 53.39 -2.73
N LYS D 738 -16.05 53.54 -2.99
CA LYS D 738 -16.51 53.91 -4.32
C LYS D 738 -16.00 55.28 -4.73
N GLU D 739 -16.16 56.29 -3.86
CA GLU D 739 -15.72 57.64 -4.21
C GLU D 739 -14.19 57.73 -4.23
N ILE D 740 -13.52 56.97 -3.37
CA ILE D 740 -12.05 57.00 -3.37
C ILE D 740 -11.49 56.39 -4.65
N VAL D 741 -12.02 55.24 -5.08
CA VAL D 741 -11.52 54.67 -6.32
C VAL D 741 -11.98 55.50 -7.52
N LYS D 742 -13.11 56.21 -7.39
CA LYS D 742 -13.51 57.12 -8.47
C LYS D 742 -12.52 58.27 -8.63
N GLY D 743 -12.10 58.86 -7.51
CA GLY D 743 -11.10 59.91 -7.57
C GLY D 743 -9.76 59.42 -8.07
N TYR D 744 -9.36 58.21 -7.64
CA TYR D 744 -8.09 57.67 -8.11
C TYR D 744 -8.15 57.30 -9.59
N GLU D 745 -9.29 56.82 -10.09
CA GLU D 745 -9.42 56.60 -11.52
C GLU D 745 -9.45 57.92 -12.29
N GLY D 746 -10.01 58.98 -11.71
CA GLY D 746 -9.94 60.28 -12.36
C GLY D 746 -8.52 60.78 -12.52
N GLN D 747 -7.74 60.71 -11.44
CA GLN D 747 -6.35 61.16 -11.55
C GLN D 747 -5.51 60.20 -12.39
N ASP D 748 -5.84 58.90 -12.38
CA ASP D 748 -5.13 57.95 -13.25
C ASP D 748 -5.45 58.22 -14.72
N GLU D 749 -6.70 58.57 -15.04
CA GLU D 749 -7.04 58.96 -16.40
C GLU D 749 -6.31 60.23 -16.80
N LYS D 750 -6.18 61.18 -15.87
CA LYS D 750 -5.40 62.39 -16.15
C LYS D 750 -3.94 62.06 -16.45
N VAL D 751 -3.35 61.16 -15.65
CA VAL D 751 -1.96 60.75 -15.88
C VAL D 751 -1.82 60.03 -17.22
N GLN D 752 -2.78 59.15 -17.54
CA GLN D 752 -2.69 58.39 -18.79
C GLN D 752 -2.86 59.30 -20.01
N LYS D 753 -3.78 60.26 -19.94
CA LYS D 753 -3.93 61.19 -21.05
C LYS D 753 -2.76 62.17 -21.14
N GLN D 754 -2.05 62.39 -20.02
CA GLN D 754 -0.78 63.09 -20.08
C GLN D 754 0.33 62.26 -20.70
N TYR D 755 0.33 60.95 -20.49
CA TYR D 755 1.37 60.08 -21.01
C TYR D 755 1.24 59.87 -22.52
N GLU D 756 0.02 59.99 -23.06
CA GLU D 756 -0.20 59.79 -24.48
C GLU D 756 0.51 60.82 -25.34
N ARG D 757 0.84 61.99 -24.78
CA ARG D 757 1.60 63.00 -25.49
C ARG D 757 3.11 62.76 -25.41
N GLY D 758 3.55 61.73 -24.69
CA GLY D 758 4.96 61.40 -24.63
C GLY D 758 5.79 62.24 -23.71
N LEU D 759 5.15 63.01 -22.80
CA LEU D 759 5.90 63.85 -21.88
C LEU D 759 6.59 63.06 -20.77
N ILE D 760 6.23 61.80 -20.57
CA ILE D 760 6.80 60.99 -19.50
C ILE D 760 7.10 59.60 -20.06
N THR D 761 8.20 59.01 -19.62
CA THR D 761 8.55 57.65 -20.02
C THR D 761 7.60 56.66 -19.37
N LYS D 762 7.56 55.44 -19.93
CA LYS D 762 6.66 54.42 -19.42
C LYS D 762 7.11 53.88 -18.06
N GLU D 763 8.43 53.83 -17.82
CA GLU D 763 8.93 53.33 -16.53
C GLU D 763 8.55 54.27 -15.39
N GLU D 764 8.69 55.58 -15.61
CA GLU D 764 8.31 56.55 -14.58
C GLU D 764 6.81 56.50 -14.32
N ARG D 765 6.01 56.35 -15.38
CA ARG D 765 4.56 56.23 -15.22
C ARG D 765 4.20 54.99 -14.43
N THR D 766 4.85 53.86 -14.73
CA THR D 766 4.60 52.63 -14.00
C THR D 766 4.97 52.78 -12.51
N GLN D 767 6.11 53.42 -12.23
CA GLN D 767 6.54 53.60 -10.85
C GLN D 767 5.58 54.50 -10.07
N GLU D 768 5.18 55.63 -10.66
CA GLU D 768 4.25 56.50 -9.96
C GLU D 768 2.87 55.85 -9.84
N LEU D 769 2.48 55.02 -10.81
CA LEU D 769 1.19 54.36 -10.76
C LEU D 769 1.14 53.32 -9.65
N ILE D 770 2.19 52.50 -9.53
CA ILE D 770 2.21 51.54 -8.44
C ILE D 770 2.33 52.24 -7.09
N ALA D 771 3.02 53.38 -7.04
CA ALA D 771 3.10 54.15 -5.80
C ALA D 771 1.72 54.68 -5.38
N ILE D 772 1.00 55.30 -6.31
CA ILE D 772 -0.29 55.89 -5.95
C ILE D 772 -1.33 54.81 -5.68
N TRP D 773 -1.22 53.65 -6.34
CA TRP D 773 -2.17 52.59 -6.05
C TRP D 773 -1.85 51.89 -4.74
N THR D 774 -0.58 51.84 -4.34
CA THR D 774 -0.25 51.38 -2.99
C THR D 774 -0.80 52.34 -1.95
N LYS D 775 -0.71 53.64 -2.22
CA LYS D 775 -1.35 54.62 -1.36
C LYS D 775 -2.86 54.39 -1.28
N ALA D 776 -3.48 54.11 -2.42
CA ALA D 776 -4.93 53.88 -2.46
C ALA D 776 -5.33 52.64 -1.67
N THR D 777 -4.56 51.56 -1.79
CA THR D 777 -4.94 50.35 -1.08
C THR D 777 -4.68 50.47 0.43
N ASN D 778 -3.62 51.19 0.83
CA ASN D 778 -3.44 51.46 2.25
C ASN D 778 -4.56 52.33 2.80
N GLU D 779 -4.96 53.35 2.03
CA GLU D 779 -6.03 54.23 2.49
C GLU D 779 -7.38 53.52 2.55
N VAL D 780 -7.66 52.61 1.61
CA VAL D 780 -8.93 51.91 1.67
C VAL D 780 -8.90 50.83 2.75
N ALA D 781 -7.72 50.29 3.07
CA ALA D 781 -7.60 49.43 4.25
C ALA D 781 -7.91 50.22 5.52
N GLU D 782 -7.42 51.46 5.60
CA GLU D 782 -7.76 52.33 6.73
C GLU D 782 -9.26 52.60 6.78
N ALA D 783 -9.89 52.85 5.62
CA ALA D 783 -11.33 53.09 5.58
C ALA D 783 -12.11 51.87 6.05
N MET D 784 -11.69 50.68 5.63
CA MET D 784 -12.33 49.45 6.08
C MET D 784 -12.13 49.25 7.58
N ASN D 785 -10.93 49.54 8.09
CA ASN D 785 -10.66 49.44 9.52
C ASN D 785 -11.34 50.54 10.32
N ASP D 786 -11.88 51.56 9.66
CA ASP D 786 -12.73 52.52 10.34
C ASP D 786 -14.21 52.17 10.26
N ASN D 787 -14.62 51.45 9.21
CA ASN D 787 -16.04 51.14 9.01
C ASN D 787 -16.53 50.07 9.98
N PHE D 788 -15.69 49.08 10.29
CA PHE D 788 -16.15 47.87 10.96
C PHE D 788 -16.65 48.17 12.37
N PRO D 789 -17.70 47.46 12.81
CA PRO D 789 -18.09 47.50 14.22
C PRO D 789 -17.44 46.37 15.01
N LYS D 790 -17.43 46.55 16.32
CA LYS D 790 -16.83 45.54 17.19
C LYS D 790 -17.72 44.32 17.38
N THR D 791 -18.92 44.30 16.80
CA THR D 791 -19.90 43.26 17.05
C THR D 791 -19.95 42.20 15.95
N ASN D 792 -19.59 42.55 14.72
CA ASN D 792 -19.75 41.61 13.61
C ASN D 792 -18.77 40.45 13.75
N PRO D 793 -19.17 39.25 13.33
CA PRO D 793 -18.37 38.04 13.62
C PRO D 793 -16.97 38.02 13.02
N VAL D 794 -16.78 38.61 11.84
CA VAL D 794 -15.48 38.51 11.18
C VAL D 794 -14.42 39.29 11.96
N SER D 795 -14.75 40.51 12.37
CA SER D 795 -13.85 41.25 13.24
C SER D 795 -13.74 40.60 14.62
N MET D 796 -14.83 40.02 15.11
CA MET D 796 -14.80 39.32 16.39
C MET D 796 -13.89 38.10 16.36
N MET D 797 -13.61 37.57 15.17
CA MET D 797 -12.72 36.43 15.04
C MET D 797 -11.35 36.77 14.45
N VAL D 798 -11.12 38.02 14.05
CA VAL D 798 -9.77 38.40 13.65
C VAL D 798 -9.14 39.25 14.75
N ASN D 799 -9.94 40.02 15.49
CA ASN D 799 -9.42 40.83 16.58
C ASN D 799 -9.22 40.04 17.86
N SER D 800 -9.79 38.85 17.96
CA SER D 800 -9.61 38.00 19.12
C SER D 800 -8.43 37.05 18.98
N GLY D 801 -7.69 37.14 17.88
CA GLY D 801 -6.64 36.18 17.61
C GLY D 801 -7.13 34.78 17.32
N ALA D 802 -8.41 34.63 17.00
CA ALA D 802 -8.98 33.30 16.81
C ALA D 802 -8.48 32.67 15.52
N ARG D 803 -8.83 33.28 14.38
CA ARG D 803 -8.39 32.80 13.08
C ARG D 803 -8.60 33.91 12.07
N GLY D 804 -7.56 34.23 11.32
CA GLY D 804 -7.61 35.26 10.31
C GLY D 804 -6.57 36.34 10.54
N ASN D 805 -6.37 37.14 9.50
CA ASN D 805 -5.41 38.22 9.50
C ASN D 805 -6.09 39.47 8.95
N MET D 806 -5.48 40.63 9.21
CA MET D 806 -6.08 41.88 8.77
C MET D 806 -5.97 42.07 7.26
N MET D 807 -4.93 41.51 6.63
CA MET D 807 -4.81 41.64 5.18
C MET D 807 -5.83 40.78 4.45
N GLN D 808 -6.22 39.65 5.03
CA GLN D 808 -7.28 38.85 4.42
C GLN D 808 -8.61 39.58 4.44
N MET D 809 -8.92 40.28 5.54
CA MET D 809 -10.10 41.13 5.54
C MET D 809 -9.92 42.35 4.65
N ARG D 810 -8.69 42.81 4.46
CA ARG D 810 -8.44 43.91 3.53
C ARG D 810 -8.79 43.50 2.10
N GLN D 811 -8.44 42.27 1.72
CA GLN D 811 -8.71 41.80 0.36
C GLN D 811 -10.02 41.02 0.25
N ILE D 812 -10.79 40.92 1.33
CA ILE D 812 -12.16 40.41 1.24
C ILE D 812 -13.18 41.55 1.22
N ALA D 813 -13.01 42.52 2.12
CA ALA D 813 -13.92 43.66 2.20
C ALA D 813 -13.51 44.78 1.25
N GLY D 814 -12.28 45.27 1.39
CA GLY D 814 -11.75 46.26 0.48
C GLY D 814 -11.14 45.61 -0.75
N MET D 815 -10.58 46.45 -1.62
CA MET D 815 -10.01 45.96 -2.86
C MET D 815 -8.73 45.16 -2.60
N ARG D 816 -8.41 44.27 -3.54
CA ARG D 816 -7.34 43.30 -3.34
C ARG D 816 -5.98 43.97 -3.20
N GLY D 817 -5.69 44.95 -4.05
CA GLY D 817 -4.41 45.63 -4.04
C GLY D 817 -3.55 45.22 -5.22
N LEU D 818 -2.29 45.64 -5.14
CA LEU D 818 -1.34 45.34 -6.20
C LEU D 818 -0.98 43.86 -6.17
N VAL D 819 -0.94 43.23 -7.34
CA VAL D 819 -0.69 41.80 -7.45
C VAL D 819 0.49 41.58 -8.38
N SER D 820 1.45 40.76 -7.94
CA SER D 820 2.64 40.50 -8.73
C SER D 820 2.31 39.74 -10.01
N ASN D 821 3.00 40.11 -11.09
CA ASN D 821 2.88 39.45 -12.38
C ASN D 821 3.79 38.22 -12.38
N ALA D 822 3.84 37.52 -13.50
CA ALA D 822 4.84 36.48 -13.69
C ALA D 822 6.23 37.09 -13.70
N LYS D 823 7.23 36.26 -13.38
CA LYS D 823 8.64 36.60 -13.18
C LYS D 823 8.86 37.87 -12.36
N ASN D 824 8.02 38.08 -11.34
CA ASN D 824 8.27 38.98 -10.22
C ASN D 824 8.42 40.45 -10.63
N GLU D 825 7.36 40.98 -11.23
CA GLU D 825 7.08 42.42 -11.21
C GLU D 825 5.59 42.60 -11.00
N THR D 826 5.14 43.85 -10.95
CA THR D 826 3.78 44.19 -10.58
C THR D 826 3.05 44.80 -11.77
N ILE D 827 1.81 44.39 -11.97
CA ILE D 827 0.96 45.06 -12.96
C ILE D 827 0.67 46.47 -12.48
N PRO D 828 0.85 47.50 -13.32
CA PRO D 828 0.48 48.86 -12.91
C PRO D 828 -0.99 48.99 -12.53
N ARG D 829 -1.89 48.29 -13.22
CA ARG D 829 -3.30 48.34 -12.90
C ARG D 829 -3.61 47.41 -11.73
N PRO D 830 -4.22 47.88 -10.66
CA PRO D 830 -4.48 47.00 -9.51
C PRO D 830 -5.75 46.20 -9.68
N ILE D 831 -6.13 45.46 -8.64
CA ILE D 831 -7.41 44.78 -8.59
C ILE D 831 -8.32 45.61 -7.70
N LYS D 832 -9.23 46.35 -8.32
CA LYS D 832 -10.11 47.27 -7.61
C LYS D 832 -11.33 46.59 -7.01
N ALA D 833 -11.53 45.31 -7.26
CA ALA D 833 -12.71 44.59 -6.82
C ALA D 833 -12.37 43.73 -5.61
N SER D 834 -13.27 43.76 -4.62
CA SER D 834 -13.14 42.89 -3.48
C SER D 834 -13.67 41.50 -3.82
N PHE D 835 -13.33 40.53 -2.96
CA PHE D 835 -13.87 39.19 -3.13
C PHE D 835 -15.37 39.15 -2.86
N ARG D 836 -15.90 40.10 -2.10
CA ARG D 836 -17.35 40.20 -1.92
C ARG D 836 -18.02 40.70 -3.18
N GLU D 837 -17.44 41.71 -3.83
CA GLU D 837 -17.99 42.20 -5.09
C GLU D 837 -17.70 41.25 -6.24
N GLY D 838 -16.65 40.44 -6.14
CA GLY D 838 -16.31 39.51 -7.19
C GLY D 838 -15.35 40.12 -8.20
N LEU D 839 -14.24 39.44 -8.45
CA LEU D 839 -13.27 39.94 -9.41
C LEU D 839 -13.81 39.81 -10.83
N SER D 840 -13.20 40.56 -11.74
CA SER D 840 -13.51 40.42 -13.16
C SER D 840 -12.71 39.24 -13.70
N VAL D 841 -12.67 39.09 -15.02
CA VAL D 841 -12.00 37.96 -15.63
C VAL D 841 -10.49 38.16 -15.59
N LEU D 842 -10.02 39.32 -16.06
CA LEU D 842 -8.59 39.58 -16.13
C LEU D 842 -7.98 39.76 -14.73
N GLU D 843 -8.72 40.35 -13.80
CA GLU D 843 -8.25 40.43 -12.42
C GLU D 843 -8.07 39.04 -11.82
N TYR D 844 -9.01 38.13 -12.13
CA TYR D 844 -8.87 36.76 -11.66
C TYR D 844 -7.65 36.08 -12.28
N PHE D 845 -7.40 36.35 -13.57
CA PHE D 845 -6.23 35.77 -14.23
C PHE D 845 -4.93 36.24 -13.58
N ILE D 846 -4.81 37.55 -13.35
CA ILE D 846 -3.59 38.07 -12.75
C ILE D 846 -3.46 37.68 -11.28
N SER D 847 -4.56 37.34 -10.61
CA SER D 847 -4.45 36.79 -9.26
C SER D 847 -3.97 35.33 -9.31
N THR D 848 -4.42 34.57 -10.30
CA THR D 848 -3.93 33.19 -10.45
C THR D 848 -2.44 33.16 -10.72
N HIS D 849 -1.92 34.20 -11.41
CA HIS D 849 -0.47 34.33 -11.58
C HIS D 849 0.28 34.22 -10.26
N GLY D 850 -0.17 34.96 -9.24
CA GLY D 850 0.48 34.90 -7.95
C GLY D 850 0.16 33.64 -7.17
N ALA D 851 -1.06 33.12 -7.32
CA ALA D 851 -1.47 31.96 -6.54
C ALA D 851 -0.66 30.71 -6.91
N ARG D 852 -0.48 30.47 -8.20
CA ARG D 852 0.28 29.28 -8.61
C ARG D 852 1.75 29.40 -8.19
N LYS D 853 2.31 30.60 -8.28
CA LYS D 853 3.66 30.84 -7.79
C LYS D 853 3.77 30.54 -6.29
N GLY D 854 2.77 30.97 -5.53
CA GLY D 854 2.79 30.69 -4.09
C GLY D 854 2.74 29.21 -3.78
N LEU D 855 1.93 28.46 -4.51
CA LEU D 855 1.85 27.01 -4.28
C LEU D 855 3.17 26.32 -4.62
N ALA D 856 3.76 26.64 -5.77
CA ALA D 856 5.04 26.04 -6.13
C ALA D 856 6.13 26.44 -5.12
N ASP D 857 6.13 27.70 -4.70
CA ASP D 857 7.13 28.18 -3.76
C ASP D 857 7.02 27.49 -2.41
N THR D 858 5.78 27.27 -1.92
CA THR D 858 5.67 26.62 -0.62
C THR D 858 6.03 25.13 -0.71
N ALA D 859 5.77 24.48 -1.85
CA ALA D 859 6.22 23.10 -2.01
C ALA D 859 7.75 23.00 -1.96
N LEU D 860 8.43 23.81 -2.77
CA LEU D 860 9.89 23.76 -2.76
C LEU D 860 10.45 24.22 -1.42
N ARG D 861 9.77 25.16 -0.75
CA ARG D 861 10.23 25.66 0.54
C ARG D 861 10.15 24.58 1.61
N THR D 862 9.07 23.79 1.64
CA THR D 862 9.02 22.73 2.65
C THR D 862 10.01 21.63 2.32
N ALA D 863 10.29 21.37 1.04
CA ALA D 863 11.35 20.41 0.70
C ALA D 863 12.71 20.87 1.20
N ASP D 864 13.04 22.15 0.95
CA ASP D 864 14.33 22.67 1.41
C ASP D 864 14.40 22.78 2.93
N SER D 865 13.26 23.04 3.59
CA SER D 865 13.24 23.06 5.04
C SER D 865 13.52 21.67 5.62
N GLY D 866 12.96 20.63 4.99
CA GLY D 866 13.28 19.27 5.42
C GLY D 866 14.75 18.93 5.24
N TYR D 867 15.33 19.35 4.11
CA TYR D 867 16.75 19.11 3.87
C TYR D 867 17.62 19.84 4.91
N LEU D 868 17.29 21.10 5.21
CA LEU D 868 18.04 21.85 6.21
C LEU D 868 17.89 21.22 7.59
N THR D 869 16.69 20.74 7.92
CA THR D 869 16.49 20.07 9.20
C THR D 869 17.34 18.81 9.31
N ARG D 870 17.43 18.03 8.23
CA ARG D 870 18.27 16.84 8.24
C ARG D 870 19.73 17.19 8.45
N ARG D 871 20.23 18.20 7.74
CA ARG D 871 21.63 18.60 7.90
C ARG D 871 21.90 19.10 9.30
N LEU D 872 20.98 19.89 9.86
CA LEU D 872 21.16 20.41 11.21
C LEU D 872 21.13 19.29 12.25
N VAL D 873 20.26 18.31 12.07
CA VAL D 873 20.20 17.19 13.00
C VAL D 873 21.50 16.39 12.96
N ASP D 874 22.01 16.12 11.75
CA ASP D 874 23.22 15.32 11.66
C ASP D 874 24.47 16.07 12.12
N VAL D 875 24.48 17.40 12.01
CA VAL D 875 25.64 18.12 12.53
C VAL D 875 25.51 18.35 14.04
N SER D 876 24.29 18.46 14.55
CA SER D 876 24.06 18.87 15.92
C SER D 876 23.87 17.70 16.88
N GLN D 877 23.91 16.47 16.39
CA GLN D 877 23.80 15.33 17.28
C GLN D 877 25.10 15.17 18.08
N ASP D 878 25.17 14.09 18.87
CA ASP D 878 26.21 13.83 19.86
C ASP D 878 26.53 15.06 20.73
N VAL D 879 25.53 15.90 20.94
CA VAL D 879 25.61 17.03 21.85
C VAL D 879 24.56 16.78 22.92
N ILE D 880 24.98 16.18 24.02
CA ILE D 880 24.09 15.76 25.10
C ILE D 880 24.57 16.37 26.40
N ILE D 881 23.64 16.89 27.19
CA ILE D 881 23.94 17.29 28.55
C ILE D 881 24.47 16.07 29.30
N ARG D 882 25.73 16.11 29.71
CA ARG D 882 26.36 14.97 30.35
C ARG D 882 26.89 15.29 31.74
N GLU D 883 26.84 16.55 32.17
CA GLU D 883 27.33 16.94 33.49
C GLU D 883 26.30 17.82 34.16
N GLU D 884 26.27 17.77 35.50
CA GLU D 884 25.34 18.60 36.25
C GLU D 884 25.76 20.06 36.23
N ASP D 885 27.04 20.33 36.46
CA ASP D 885 27.52 21.70 36.57
C ASP D 885 29.01 21.74 36.25
N CYS D 886 29.46 22.89 35.76
CA CYS D 886 30.86 23.20 35.60
C CYS D 886 31.38 23.94 36.82
N GLY D 887 32.69 24.13 36.85
CA GLY D 887 33.29 25.07 37.78
C GLY D 887 33.48 26.46 37.22
N THR D 888 32.87 26.73 36.07
CA THR D 888 33.16 27.96 35.34
C THR D 888 32.40 29.15 35.92
N GLU D 889 32.99 30.33 35.72
CA GLU D 889 32.33 31.60 35.98
C GLU D 889 32.36 32.50 34.75
N ARG D 890 32.94 32.03 33.64
CA ARG D 890 32.92 32.77 32.40
C ARG D 890 31.54 32.69 31.75
N GLY D 891 31.16 33.76 31.08
CA GLY D 891 29.85 33.81 30.46
C GLY D 891 29.83 34.72 29.26
N LEU D 892 28.61 34.98 28.79
CA LEU D 892 28.37 35.84 27.64
C LEU D 892 27.74 37.13 28.12
N LYS D 893 28.27 38.26 27.66
CA LYS D 893 27.76 39.57 28.04
C LYS D 893 26.63 39.94 27.07
N LEU D 894 25.40 39.84 27.55
CA LEU D 894 24.24 40.11 26.72
C LEU D 894 23.60 41.43 27.14
N PRO D 895 23.12 42.23 26.19
CA PRO D 895 22.39 43.45 26.55
C PRO D 895 21.03 43.11 27.15
N ILE D 896 20.72 43.73 28.27
CA ILE D 896 19.46 43.50 28.96
C ILE D 896 18.49 44.67 28.82
N ALA D 897 18.98 45.91 28.86
CA ALA D 897 18.16 47.09 28.65
C ALA D 897 18.82 47.95 27.59
N THR D 898 18.03 48.41 26.63
CA THR D 898 18.56 49.18 25.50
C THR D 898 17.47 50.07 24.95
N ARG D 899 17.86 50.94 24.01
CA ARG D 899 16.97 51.93 23.39
C ARG D 899 16.29 52.81 24.43
N ASP D 900 17.05 53.19 25.46
CA ASP D 900 16.49 54.01 26.53
C ASP D 900 16.30 55.46 26.08
N ALA D 901 15.21 56.07 26.53
CA ALA D 901 14.94 57.46 26.24
C ALA D 901 15.59 58.35 27.29
N ASP D 902 15.32 59.65 27.21
CA ASP D 902 15.87 60.60 28.17
C ASP D 902 15.15 60.47 29.50
N GLY D 903 15.90 60.11 30.55
CA GLY D 903 15.33 60.01 31.88
C GLY D 903 14.62 58.72 32.20
N THR D 904 14.73 57.70 31.36
CA THR D 904 14.08 56.43 31.62
C THR D 904 14.88 55.29 30.99
N LEU D 905 14.63 54.08 31.49
CA LEU D 905 15.28 52.88 31.00
C LEU D 905 14.23 51.89 30.53
N ARG D 906 14.42 51.33 29.34
CA ARG D 906 13.51 50.34 28.78
C ARG D 906 14.27 49.04 28.57
N LYS D 907 13.64 47.92 28.91
CA LYS D 907 14.25 46.61 28.72
C LYS D 907 14.27 46.24 27.24
N ALA D 908 15.05 45.21 26.92
CA ALA D 908 15.21 44.78 25.54
C ALA D 908 13.90 44.22 24.99
N GLU D 909 13.71 44.40 23.68
CA GLU D 909 12.46 43.98 23.05
C GLU D 909 12.40 42.47 22.89
N ASP D 910 13.53 41.82 22.64
CA ASP D 910 13.60 40.39 22.41
C ASP D 910 14.34 39.67 23.54
N VAL D 911 14.06 40.07 24.79
CA VAL D 911 14.70 39.46 25.93
C VAL D 911 14.17 38.05 26.18
N GLU D 912 12.97 37.74 25.67
CA GLU D 912 12.39 36.41 25.91
C GLU D 912 13.19 35.30 25.24
N THR D 913 13.80 35.59 24.09
CA THR D 913 14.55 34.59 23.35
C THR D 913 16.05 34.85 23.35
N SER D 914 16.52 35.76 24.19
CA SER D 914 17.96 36.03 24.29
C SER D 914 18.49 35.81 25.69
N VAL D 915 17.85 36.38 26.71
CA VAL D 915 18.34 36.30 28.07
C VAL D 915 17.53 35.36 28.94
N TYR D 916 16.24 35.18 28.65
CA TYR D 916 15.39 34.29 29.43
C TYR D 916 15.85 32.84 29.29
N ALA D 917 15.45 32.02 30.26
CA ALA D 917 15.77 30.59 30.31
C ALA D 917 17.28 30.35 30.34
N ARG D 918 18.03 31.28 30.92
CA ARG D 918 19.47 31.14 31.11
C ARG D 918 19.78 31.35 32.57
N MET D 919 21.07 31.24 32.91
CA MET D 919 21.52 31.38 34.29
C MET D 919 22.64 32.41 34.36
N LEU D 920 22.74 33.09 35.50
CA LEU D 920 23.83 34.04 35.69
C LEU D 920 25.12 33.31 36.05
N ALA D 921 26.22 33.71 35.41
CA ALA D 921 27.51 33.12 35.73
C ALA D 921 28.03 33.62 37.07
N GLU D 922 27.61 34.81 37.49
CA GLU D 922 28.06 35.39 38.75
C GLU D 922 26.99 36.34 39.26
N ASP D 923 27.13 36.70 40.54
CA ASP D 923 26.17 37.61 41.17
C ASP D 923 26.29 39.01 40.59
N VAL D 924 25.20 39.77 40.70
CA VAL D 924 25.15 41.15 40.25
C VAL D 924 24.83 42.04 41.45
N VAL D 925 25.60 43.12 41.61
CA VAL D 925 25.38 44.10 42.66
C VAL D 925 25.51 45.49 42.04
N ILE D 926 24.63 46.41 42.48
CA ILE D 926 24.69 47.80 42.07
C ILE D 926 24.88 48.73 43.27
N ASP D 927 24.26 48.43 44.41
CA ASP D 927 24.32 49.26 45.60
C ASP D 927 24.94 48.52 46.78
N GLY D 928 25.83 47.57 46.50
CA GLY D 928 26.45 46.79 47.55
C GLY D 928 25.64 45.62 48.04
N LYS D 929 24.45 45.39 47.48
CA LYS D 929 23.61 44.27 47.85
C LYS D 929 23.28 43.47 46.60
N VAL D 930 23.14 42.15 46.76
CA VAL D 930 22.85 41.29 45.63
C VAL D 930 21.40 41.47 45.20
N ILE D 931 21.19 41.56 43.88
CA ILE D 931 19.85 41.65 43.34
C ILE D 931 19.32 40.27 42.98
N ALA D 932 20.14 39.48 42.30
CA ALA D 932 19.83 38.11 41.91
C ALA D 932 21.00 37.20 42.24
N PRO D 933 20.75 35.98 42.69
CA PRO D 933 21.84 35.06 43.02
C PRO D 933 22.44 34.46 41.76
N ALA D 934 23.49 33.68 41.96
CA ALA D 934 24.17 33.00 40.86
C ALA D 934 23.52 31.66 40.58
N ASN D 935 23.55 31.27 39.30
CA ASN D 935 23.04 29.98 38.82
C ASN D 935 21.54 29.82 39.14
N VAL D 936 20.73 30.77 38.66
CA VAL D 936 19.29 30.71 38.77
C VAL D 936 18.68 31.06 37.43
N ASP D 937 17.56 30.42 37.10
CA ASP D 937 16.84 30.76 35.88
C ASP D 937 16.29 32.18 35.97
N LEU D 938 16.22 32.84 34.82
CA LEU D 938 15.76 34.22 34.75
C LEU D 938 14.33 34.26 34.25
N GLY D 939 13.48 35.01 34.96
CA GLY D 939 12.08 35.13 34.59
C GLY D 939 11.65 36.57 34.48
N ASP D 940 10.34 36.81 34.47
CA ASP D 940 9.83 38.18 34.29
C ASP D 940 10.21 39.06 35.47
N VAL D 941 10.01 38.56 36.69
CA VAL D 941 10.19 39.39 37.88
C VAL D 941 11.66 39.74 38.10
N LEU D 942 12.56 38.79 37.84
CA LEU D 942 13.99 39.05 38.06
C LEU D 942 14.54 40.04 37.05
N ILE D 943 14.17 39.89 35.78
CA ILE D 943 14.58 40.86 34.76
C ILE D 943 13.98 42.22 35.03
N ASP D 944 12.72 42.26 35.50
CA ASP D 944 12.10 43.53 35.86
C ASP D 944 12.86 44.21 37.00
N ALA D 945 13.27 43.44 38.00
CA ALA D 945 14.06 43.99 39.09
C ALA D 945 15.41 44.52 38.60
N LEU D 946 16.06 43.77 37.70
CA LEU D 946 17.35 44.21 37.16
C LEU D 946 17.21 45.51 36.37
N VAL D 947 16.19 45.60 35.51
CA VAL D 947 16.06 46.79 34.69
C VAL D 947 15.58 47.98 35.54
N ALA D 948 14.81 47.72 36.60
CA ALA D 948 14.39 48.80 37.47
C ALA D 948 15.52 49.33 38.32
N HIS D 949 16.42 48.45 38.78
CA HIS D 949 17.53 48.89 39.62
C HIS D 949 18.62 49.61 38.84
N GLY D 950 18.67 49.44 37.52
CA GLY D 950 19.55 50.21 36.67
C GLY D 950 20.74 49.49 36.05
N VAL D 951 20.58 48.24 35.65
CA VAL D 951 21.66 47.53 34.97
C VAL D 951 21.47 47.65 33.46
N GLU D 952 22.58 47.61 32.72
CA GLU D 952 22.55 47.75 31.27
C GLU D 952 23.03 46.51 30.52
N GLU D 953 23.77 45.63 31.16
CA GLU D 953 24.22 44.38 30.53
C GLU D 953 24.32 43.31 31.60
N VAL D 954 24.14 42.06 31.18
CA VAL D 954 24.14 40.91 32.09
C VAL D 954 25.10 39.87 31.56
N LYS D 955 26.00 39.40 32.42
CA LYS D 955 26.89 38.30 32.09
C LYS D 955 26.17 37.00 32.45
N THR D 956 25.60 36.34 31.45
CA THR D 956 24.80 35.14 31.66
C THR D 956 25.56 33.91 31.19
N ARG D 957 25.27 32.77 31.84
CA ARG D 957 25.98 31.54 31.56
C ARG D 957 25.39 30.87 30.33
N SER D 958 26.18 30.79 29.27
CA SER D 958 25.72 30.26 27.98
C SER D 958 26.46 28.97 27.65
N ILE D 959 26.02 28.32 26.57
CA ILE D 959 26.61 27.07 26.14
C ILE D 959 27.86 27.28 25.30
N LEU D 960 28.05 28.49 24.75
CA LEU D 960 29.24 28.76 23.95
C LEU D 960 30.49 28.79 24.82
N THR D 961 30.36 29.32 26.04
CA THR D 961 31.48 29.45 26.96
C THR D 961 31.64 28.25 27.88
N CYS D 962 30.87 27.19 27.68
CA CYS D 962 30.93 26.01 28.54
C CYS D 962 32.25 25.28 28.33
N GLU D 963 33.01 25.08 29.41
CA GLU D 963 34.18 24.21 29.38
C GLU D 963 33.90 23.04 30.32
N SER D 964 33.46 21.93 29.73
CA SER D 964 33.21 20.69 30.45
C SER D 964 34.00 19.58 29.79
N GLN D 965 34.44 18.61 30.60
CA GLN D 965 35.27 17.53 30.07
C GLN D 965 34.49 16.63 29.13
N VAL D 966 33.21 16.39 29.41
CA VAL D 966 32.35 15.61 28.52
C VAL D 966 31.14 16.45 28.15
N GLY D 967 30.89 16.60 26.85
CA GLY D 967 29.70 17.28 26.34
C GLY D 967 29.57 18.71 26.83
N THR D 968 28.36 19.04 27.27
CA THR D 968 28.06 20.30 27.93
C THR D 968 27.28 20.01 29.20
N CYS D 969 27.36 20.95 30.14
CA CYS D 969 26.68 20.77 31.41
C CYS D 969 25.26 21.32 31.36
N ALA D 970 24.46 21.00 32.38
CA ALA D 970 23.09 21.47 32.45
C ALA D 970 23.02 22.94 32.84
N MET D 971 23.92 23.40 33.69
CA MET D 971 23.86 24.78 34.15
C MET D 971 24.23 25.77 33.05
N CYS D 972 25.27 25.44 32.26
CA CYS D 972 25.66 26.32 31.17
C CYS D 972 24.60 26.37 30.07
N TYR D 973 23.93 25.24 29.83
CA TYR D 973 22.82 25.25 28.89
C TYR D 973 21.65 26.08 29.41
N GLY D 974 21.39 26.02 30.71
CA GLY D 974 20.24 26.68 31.28
C GLY D 974 19.06 25.74 31.40
N ARG D 975 17.93 26.31 31.80
CA ARG D 975 16.72 25.51 31.96
C ARG D 975 16.13 25.15 30.60
N SER D 976 15.55 23.96 30.52
CA SER D 976 14.91 23.52 29.30
C SER D 976 13.63 24.29 29.05
N LEU D 977 13.33 24.53 27.78
CA LEU D 977 12.15 25.32 27.42
C LEU D 977 10.92 24.46 27.20
N ALA D 978 11.10 23.15 27.02
CA ALA D 978 9.95 22.26 26.83
C ALA D 978 9.22 22.02 28.16
N THR D 979 9.98 21.83 29.24
CA THR D 979 9.40 21.55 30.54
C THR D 979 9.44 22.73 31.49
N GLY D 980 10.24 23.75 31.20
CA GLY D 980 10.30 24.93 32.04
C GLY D 980 11.21 24.82 33.24
N LYS D 981 11.81 23.65 33.48
CA LYS D 981 12.73 23.43 34.57
C LYS D 981 14.13 23.23 34.01
N LEU D 982 15.09 22.99 34.91
CA LEU D 982 16.47 22.75 34.49
C LEU D 982 16.56 21.46 33.69
N VAL D 983 17.38 21.49 32.64
CA VAL D 983 17.50 20.35 31.75
C VAL D 983 18.12 19.17 32.47
N ASP D 984 17.57 17.98 32.25
CA ASP D 984 18.08 16.78 32.89
C ASP D 984 19.40 16.35 32.25
N ILE D 985 20.22 15.66 33.03
CA ILE D 985 21.47 15.12 32.51
C ILE D 985 21.14 13.97 31.57
N GLY D 986 21.39 14.16 30.28
CA GLY D 986 21.10 13.15 29.28
C GLY D 986 20.10 13.57 28.22
N GLU D 987 19.53 14.76 28.32
CA GLU D 987 18.60 15.23 27.31
C GLU D 987 19.37 15.67 26.06
N ALA D 988 18.97 15.17 24.90
CA ALA D 988 19.65 15.50 23.66
C ALA D 988 19.31 16.94 23.26
N VAL D 989 20.16 17.88 23.66
CA VAL D 989 19.87 19.28 23.39
C VAL D 989 20.21 19.66 21.95
N GLY D 990 21.16 18.97 21.34
CA GLY D 990 21.49 19.27 19.95
C GLY D 990 20.38 18.92 18.99
N ILE D 991 19.73 17.77 19.21
CA ILE D 991 18.63 17.35 18.34
C ILE D 991 17.42 18.24 18.54
N ILE D 992 17.14 18.62 19.78
CA ILE D 992 16.05 19.56 20.06
C ILE D 992 16.33 20.89 19.40
N ALA D 993 17.58 21.35 19.48
CA ALA D 993 17.96 22.61 18.85
C ALA D 993 17.79 22.55 17.34
N ALA D 994 18.25 21.46 16.72
CA ALA D 994 18.14 21.32 15.28
C ALA D 994 16.69 21.26 14.82
N GLN D 995 15.86 20.50 15.54
CA GLN D 995 14.45 20.42 15.19
C GLN D 995 13.76 21.77 15.36
N SER D 996 14.09 22.51 16.42
CA SER D 996 13.47 23.81 16.63
C SER D 996 13.90 24.82 15.59
N ILE D 997 15.16 24.75 15.13
CA ILE D 997 15.57 25.65 14.05
C ILE D 997 14.89 25.28 12.74
N GLY D 998 14.81 23.99 12.43
CA GLY D 998 14.28 23.58 11.15
C GLY D 998 12.77 23.51 11.05
N GLU D 999 12.05 23.57 12.17
CA GLU D 999 10.59 23.50 12.12
C GLU D 999 9.94 24.67 11.39
N PRO D 1000 10.26 25.96 11.67
CA PRO D 1000 9.54 27.04 10.95
C PRO D 1000 10.12 27.36 9.59
N GLY D 1001 10.95 26.48 9.04
CA GLY D 1001 11.46 26.69 7.70
C GLY D 1001 10.35 26.72 6.66
N THR D 1002 9.33 25.88 6.83
CA THR D 1002 8.16 25.94 5.98
C THR D 1002 7.17 27.02 6.42
N GLN D 1003 7.38 27.61 7.60
CA GLN D 1003 6.51 28.67 8.10
C GLN D 1003 6.99 30.05 7.71
N LEU D 1004 8.25 30.17 7.28
CA LEU D 1004 8.82 31.47 6.93
C LEU D 1004 8.04 32.16 5.81
N THR D 1005 7.84 31.45 4.70
CA THR D 1005 7.08 31.92 3.53
C THR D 1005 7.58 33.28 3.04
N MET D 1006 8.86 33.32 2.67
CA MET D 1006 9.51 34.56 2.26
C MET D 1006 10.11 34.42 0.87
N ARG D 1007 9.98 35.48 0.08
CA ARG D 1007 10.63 35.61 -1.21
C ARG D 1007 10.75 37.10 -1.51
N THR D 1008 11.77 37.46 -2.27
CA THR D 1008 11.96 38.86 -2.65
C THR D 1008 10.79 39.33 -3.52
N PHE D 1009 10.15 40.41 -3.09
CA PHE D 1009 8.95 40.88 -3.79
C PHE D 1009 9.30 41.37 -5.19
N HIS D 1010 10.28 42.26 -5.31
CA HIS D 1010 10.68 42.81 -6.60
C HIS D 1010 12.18 43.08 -6.59
N THR D 1011 12.84 42.70 -7.67
CA THR D 1011 14.27 42.97 -7.80
C THR D 1011 14.56 44.43 -8.15
N GLY D 1012 13.55 45.16 -8.62
CA GLY D 1012 13.75 46.55 -8.98
C GLY D 1012 14.43 46.78 -10.30
N GLY D 1013 14.52 45.76 -11.16
CA GLY D 1013 15.20 45.88 -12.42
C GLY D 1013 16.70 45.70 -12.36
N VAL D 1014 17.26 45.44 -11.19
CA VAL D 1014 18.69 45.24 -11.01
C VAL D 1014 18.91 43.92 -10.28
N ALA D 1015 19.94 43.17 -10.70
CA ALA D 1015 20.26 41.88 -10.13
C ALA D 1015 21.54 41.98 -9.32
N GLY D 1016 21.54 41.34 -8.14
CA GLY D 1016 22.67 41.37 -7.24
C GLY D 1016 22.65 42.49 -6.22
N ASP D 1017 21.72 43.44 -6.34
CA ASP D 1017 21.61 44.49 -5.35
C ASP D 1017 21.03 43.98 -4.04
N ASP D 1018 20.17 42.97 -4.11
CA ASP D 1018 19.51 42.41 -2.93
C ASP D 1018 20.16 41.09 -2.54
N ILE D 1019 20.39 40.93 -1.24
CA ILE D 1019 20.96 39.69 -0.70
C ILE D 1019 19.85 38.66 -0.58
N THR D 1020 20.23 37.40 -0.35
CA THR D 1020 19.24 36.34 -0.17
C THR D 1020 18.47 36.54 1.12
N GLN D 1021 17.16 36.29 1.05
CA GLN D 1021 16.28 36.47 2.19
C GLN D 1021 15.48 35.19 2.44
N GLY D 1022 15.07 35.00 3.69
CA GLY D 1022 14.25 33.86 4.03
C GLY D 1022 15.06 32.62 4.34
N LEU D 1023 14.46 31.48 4.00
CA LEU D 1023 15.10 30.19 4.25
C LEU D 1023 16.43 29.99 3.51
N PRO D 1024 16.59 30.37 2.23
CA PRO D 1024 17.94 30.27 1.62
C PRO D 1024 19.00 31.08 2.36
N ARG D 1025 18.61 32.21 2.96
CA ARG D 1025 19.56 32.97 3.77
C ARG D 1025 19.97 32.18 5.00
N VAL D 1026 19.03 31.45 5.62
CA VAL D 1026 19.36 30.61 6.76
C VAL D 1026 20.31 29.49 6.35
N VAL D 1027 20.04 28.86 5.21
CA VAL D 1027 20.91 27.78 4.72
C VAL D 1027 22.30 28.32 4.43
N GLU D 1028 22.38 29.50 3.80
CA GLU D 1028 23.66 30.13 3.53
C GLU D 1028 24.41 30.48 4.81
N LEU D 1029 23.68 30.95 5.84
CA LEU D 1029 24.28 31.25 7.13
C LEU D 1029 24.84 30.02 7.81
N PHE D 1030 24.11 28.90 7.78
CA PHE D 1030 24.56 27.68 8.43
C PHE D 1030 25.58 26.90 7.62
N GLU D 1031 25.62 27.09 6.30
CA GLU D 1031 26.58 26.40 5.46
C GLU D 1031 27.89 27.17 5.30
N ALA D 1032 28.04 28.30 5.98
CA ALA D 1032 29.26 29.11 5.98
C ALA D 1032 29.62 29.62 4.60
N ARG D 1033 28.67 29.64 3.67
CA ARG D 1033 28.93 30.08 2.32
C ARG D 1033 29.07 31.60 2.27
N THR D 1034 29.91 32.07 1.36
CA THR D 1034 30.03 33.50 1.13
C THR D 1034 28.73 34.03 0.55
N PRO D 1035 28.22 35.15 1.03
CA PRO D 1035 26.90 35.62 0.59
C PRO D 1035 26.93 36.10 -0.86
N LYS D 1036 25.73 36.33 -1.40
CA LYS D 1036 25.64 36.86 -2.76
C LYS D 1036 26.12 38.30 -2.82
N GLY D 1037 25.66 39.14 -1.89
CA GLY D 1037 26.19 40.48 -1.78
C GLY D 1037 27.23 40.57 -0.68
N VAL D 1038 28.50 40.55 -1.05
CA VAL D 1038 29.59 40.53 -0.09
C VAL D 1038 30.00 41.96 0.20
N ALA D 1039 30.05 42.31 1.49
CA ALA D 1039 30.55 43.61 1.92
C ALA D 1039 31.91 43.42 2.59
N PRO D 1040 33.00 43.86 1.96
CA PRO D 1040 34.32 43.72 2.59
C PRO D 1040 34.42 44.54 3.86
N ILE D 1041 35.19 44.03 4.83
CA ILE D 1041 35.39 44.66 6.11
C ILE D 1041 36.83 45.13 6.21
N SER D 1042 37.03 46.35 6.71
CA SER D 1042 38.36 46.92 6.81
C SER D 1042 39.22 46.14 7.79
N GLU D 1043 40.47 45.90 7.40
CA GLU D 1043 41.38 45.11 8.23
C GLU D 1043 41.80 45.88 9.48
N ALA D 1044 42.10 47.17 9.32
CA ALA D 1044 42.60 47.97 10.44
C ALA D 1044 42.20 49.42 10.23
N SER D 1045 42.27 50.19 11.32
CA SER D 1045 41.92 51.60 11.28
C SER D 1045 42.97 52.39 10.51
N GLY D 1046 42.51 53.30 9.67
CA GLY D 1046 43.41 54.10 8.88
C GLY D 1046 42.67 55.00 7.92
N ARG D 1047 43.39 55.43 6.88
CA ARG D 1047 42.86 56.34 5.87
C ARG D 1047 42.39 55.53 4.67
N VAL D 1048 41.12 55.70 4.29
CA VAL D 1048 40.52 54.97 3.18
C VAL D 1048 40.25 55.95 2.04
N ARG D 1049 40.51 55.51 0.81
CA ARG D 1049 40.29 56.32 -0.36
C ARG D 1049 39.82 55.43 -1.51
N ILE D 1050 39.25 56.07 -2.53
CA ILE D 1050 38.64 55.38 -3.65
C ILE D 1050 39.52 55.57 -4.87
N GLU D 1051 39.35 54.68 -5.85
CA GLU D 1051 40.04 54.76 -7.13
C GLU D 1051 39.05 54.35 -8.21
N GLU D 1052 38.63 55.30 -9.03
CA GLU D 1052 37.59 55.08 -10.03
C GLU D 1052 38.22 54.77 -11.39
N THR D 1053 38.87 53.61 -11.45
CA THR D 1053 39.37 53.11 -12.73
C THR D 1053 38.19 52.75 -13.62
N GLU D 1054 38.34 53.00 -14.92
CA GLU D 1054 37.22 52.83 -15.85
C GLU D 1054 36.79 51.38 -15.96
N LYS D 1055 37.74 50.44 -15.94
CA LYS D 1055 37.39 49.04 -16.11
C LYS D 1055 36.75 48.46 -14.85
N THR D 1056 37.24 48.84 -13.68
CA THR D 1056 36.74 48.29 -12.41
C THR D 1056 37.03 49.29 -11.30
N LYS D 1057 36.04 49.51 -10.43
CA LYS D 1057 36.25 50.37 -9.27
C LYS D 1057 37.22 49.72 -8.30
N LYS D 1058 37.74 50.53 -7.38
CA LYS D 1058 38.81 50.07 -6.50
C LYS D 1058 38.75 50.87 -5.20
N ILE D 1059 39.09 50.23 -4.08
CA ILE D 1059 39.21 50.94 -2.81
C ILE D 1059 40.54 50.56 -2.17
N VAL D 1060 41.19 51.54 -1.54
CA VAL D 1060 42.50 51.33 -0.93
C VAL D 1060 42.48 51.97 0.44
N VAL D 1061 42.78 51.20 1.48
CA VAL D 1061 42.88 51.74 2.83
C VAL D 1061 44.28 51.46 3.36
N THR D 1062 44.91 52.51 3.89
CA THR D 1062 46.23 52.38 4.50
C THR D 1062 46.07 52.58 6.00
N PRO D 1063 46.32 51.55 6.81
CA PRO D 1063 46.27 51.73 8.26
C PRO D 1063 47.45 52.55 8.76
N ASP D 1064 47.26 53.17 9.92
CA ASP D 1064 48.30 53.96 10.55
C ASP D 1064 49.27 53.05 11.29
N ASP D 1065 50.20 53.66 12.03
CA ASP D 1065 51.20 52.96 12.84
C ASP D 1065 52.09 52.03 12.00
N GLY D 1066 52.32 52.40 10.74
CA GLY D 1066 53.21 51.66 9.89
C GLY D 1066 52.68 50.34 9.37
N SER D 1067 51.39 50.08 9.52
CA SER D 1067 50.82 48.82 9.05
C SER D 1067 50.73 48.82 7.52
N ASP D 1068 50.72 47.62 6.96
CA ASP D 1068 50.70 47.46 5.50
C ASP D 1068 49.34 47.87 4.93
N GLU D 1069 49.38 48.56 3.80
CA GLU D 1069 48.17 48.99 3.12
C GLU D 1069 47.42 47.80 2.53
N THR D 1070 46.09 47.82 2.64
CA THR D 1070 45.24 46.77 2.10
C THR D 1070 44.30 47.35 1.05
N ALA D 1071 44.18 46.64 -0.07
CA ALA D 1071 43.43 47.09 -1.24
C ALA D 1071 42.32 46.08 -1.55
N PHE D 1072 41.10 46.58 -1.73
CA PHE D 1072 39.98 45.73 -2.06
C PHE D 1072 39.37 46.10 -3.40
N PRO D 1073 39.12 45.13 -4.28
CA PRO D 1073 38.45 45.42 -5.55
C PRO D 1073 36.93 45.41 -5.42
N ILE D 1074 36.28 46.41 -6.01
CA ILE D 1074 34.84 46.56 -5.94
C ILE D 1074 34.31 46.75 -7.35
N SER D 1075 33.16 46.13 -7.63
CA SER D 1075 32.50 46.32 -8.92
C SER D 1075 32.01 47.77 -9.04
N LYS D 1076 31.74 48.17 -10.30
CA LYS D 1076 31.30 49.54 -10.56
C LYS D 1076 29.96 49.84 -9.93
N ARG D 1077 29.04 48.88 -9.95
CA ARG D 1077 27.74 49.01 -9.28
C ARG D 1077 27.99 48.66 -7.81
N ALA D 1078 28.31 49.67 -7.01
CA ALA D 1078 28.82 49.47 -5.66
C ALA D 1078 27.84 49.90 -4.57
N ARG D 1079 27.43 51.16 -4.58
CA ARG D 1079 26.61 51.77 -3.52
C ARG D 1079 27.25 51.54 -2.15
N LEU D 1080 28.42 52.17 -1.99
CA LEU D 1080 29.15 52.12 -0.74
C LEU D 1080 28.77 53.30 0.15
N LEU D 1081 29.21 53.25 1.40
CA LEU D 1081 28.84 54.25 2.39
C LEU D 1081 30.02 54.87 3.13
N VAL D 1082 31.25 54.51 2.80
CA VAL D 1082 32.41 55.07 3.49
C VAL D 1082 32.88 56.31 2.75
N GLY D 1083 33.42 57.27 3.50
CA GLY D 1083 33.92 58.49 2.90
C GLY D 1083 35.24 58.29 2.17
N GLU D 1084 35.51 59.19 1.24
CA GLU D 1084 36.72 59.11 0.44
C GLU D 1084 37.88 59.81 1.15
N GLY D 1085 38.97 59.08 1.35
CA GLY D 1085 40.11 59.63 2.08
C GLY D 1085 39.79 59.96 3.52
N ASP D 1086 39.01 59.12 4.18
CA ASP D 1086 38.50 59.41 5.52
C ASP D 1086 39.04 58.37 6.51
N HIS D 1087 38.73 58.61 7.79
CA HIS D 1087 39.12 57.70 8.86
C HIS D 1087 38.15 56.54 8.95
N VAL D 1088 38.69 55.32 8.99
CA VAL D 1088 37.86 54.12 9.10
C VAL D 1088 38.52 53.20 10.13
N GLU D 1089 37.70 52.34 10.73
CA GLU D 1089 38.23 51.33 11.64
C GLU D 1089 37.66 49.95 11.31
N VAL D 1090 37.95 48.97 12.17
CA VAL D 1090 37.64 47.58 11.86
C VAL D 1090 36.13 47.33 11.90
N GLY D 1091 35.41 48.05 12.77
CA GLY D 1091 34.03 47.69 13.07
C GLY D 1091 33.08 47.82 11.90
N GLN D 1092 33.14 48.94 11.18
CA GLN D 1092 32.15 49.19 10.15
C GLN D 1092 32.51 48.47 8.85
N LYS D 1093 31.54 48.40 7.96
CA LYS D 1093 31.69 47.78 6.64
C LYS D 1093 31.90 48.87 5.59
N LEU D 1094 32.78 48.59 4.63
CA LEU D 1094 33.09 49.58 3.61
C LEU D 1094 31.92 49.79 2.65
N THR D 1095 31.34 48.70 2.17
CA THR D 1095 30.21 48.76 1.25
C THR D 1095 28.94 48.31 1.95
N VAL D 1096 27.85 48.22 1.19
CA VAL D 1096 26.56 47.78 1.69
C VAL D 1096 26.29 46.38 1.16
N GLY D 1097 25.98 45.46 2.07
CA GLY D 1097 25.74 44.08 1.68
C GLY D 1097 25.73 43.18 2.89
N ALA D 1098 25.94 41.89 2.65
CA ALA D 1098 25.99 40.89 3.71
C ALA D 1098 27.44 40.53 3.98
N THR D 1099 27.85 40.66 5.23
CA THR D 1099 29.24 40.40 5.59
C THR D 1099 29.55 38.91 5.55
N ASN D 1100 30.74 38.58 5.09
CA ASN D 1100 31.18 37.18 5.07
C ASN D 1100 31.64 36.78 6.47
N PRO D 1101 31.05 35.76 7.07
CA PRO D 1101 31.41 35.40 8.45
C PRO D 1101 32.85 34.93 8.62
N HIS D 1102 33.51 34.48 7.56
CA HIS D 1102 34.88 34.01 7.67
C HIS D 1102 35.83 35.14 8.05
N ASP D 1103 35.75 36.27 7.36
CA ASP D 1103 36.61 37.39 7.71
C ASP D 1103 36.19 38.02 9.03
N VAL D 1104 34.90 37.96 9.38
CA VAL D 1104 34.46 38.44 10.68
C VAL D 1104 35.09 37.63 11.80
N LEU D 1105 35.18 36.31 11.62
CA LEU D 1105 35.93 35.49 12.55
C LEU D 1105 37.42 35.84 12.52
N ARG D 1106 37.94 36.16 11.33
CA ARG D 1106 39.37 36.36 11.18
C ARG D 1106 39.86 37.62 11.90
N ILE D 1107 39.16 38.74 11.71
CA ILE D 1107 39.68 40.03 12.17
C ILE D 1107 39.00 40.55 13.44
N LEU D 1108 37.91 39.94 13.88
CA LEU D 1108 37.20 40.42 15.06
C LEU D 1108 37.22 39.43 16.22
N GLY D 1109 37.24 38.13 15.95
CA GLY D 1109 37.32 37.12 16.99
C GLY D 1109 36.17 36.14 16.91
N GLN D 1110 36.22 35.14 17.79
CA GLN D 1110 35.20 34.11 17.81
C GLN D 1110 33.91 34.60 18.45
N ARG D 1111 34.01 35.42 19.51
CA ARG D 1111 32.80 35.95 20.15
C ARG D 1111 32.04 36.88 19.22
N ALA D 1112 32.76 37.70 18.47
CA ALA D 1112 32.11 38.62 17.54
C ALA D 1112 31.39 37.87 16.43
N VAL D 1113 32.00 36.81 15.91
CA VAL D 1113 31.32 36.08 14.84
C VAL D 1113 30.19 35.22 15.39
N GLN D 1114 30.29 34.77 16.65
CA GLN D 1114 29.16 34.10 17.28
C GLN D 1114 27.97 35.04 17.40
N VAL D 1115 28.22 36.27 17.87
CA VAL D 1115 27.18 37.29 17.97
C VAL D 1115 26.62 37.59 16.58
N HIS D 1116 27.48 37.69 15.58
CA HIS D 1116 27.05 37.99 14.22
C HIS D 1116 26.12 36.91 13.69
N LEU D 1117 26.51 35.64 13.83
CA LEU D 1117 25.70 34.55 13.30
C LEU D 1117 24.36 34.45 14.03
N VAL D 1118 24.39 34.55 15.37
CA VAL D 1118 23.15 34.46 16.14
C VAL D 1118 22.20 35.60 15.77
N GLY D 1119 22.74 36.82 15.70
CA GLY D 1119 21.90 37.96 15.36
C GLY D 1119 21.36 37.90 13.95
N GLU D 1120 22.17 37.41 13.01
CA GLU D 1120 21.72 37.32 11.62
C GLU D 1120 20.59 36.31 11.48
N VAL D 1121 20.75 35.12 12.05
CA VAL D 1121 19.68 34.14 11.91
C VAL D 1121 18.44 34.57 12.70
N GLN D 1122 18.63 35.28 13.82
CA GLN D 1122 17.48 35.73 14.59
C GLN D 1122 16.75 36.87 13.91
N LYS D 1123 17.45 37.72 13.15
CA LYS D 1123 16.74 38.77 12.42
C LYS D 1123 16.10 38.22 11.15
N VAL D 1124 16.63 37.12 10.61
CA VAL D 1124 15.91 36.44 9.53
C VAL D 1124 14.62 35.83 10.05
N TYR D 1125 14.67 35.17 11.21
CA TYR D 1125 13.48 34.54 11.75
C TYR D 1125 12.48 35.56 12.29
N ASN D 1126 12.96 36.64 12.92
CA ASN D 1126 12.10 37.64 13.52
C ASN D 1126 11.41 38.53 12.50
N SER D 1127 11.90 38.57 11.26
CA SER D 1127 11.23 39.36 10.24
C SER D 1127 9.87 38.81 9.88
N GLN D 1128 9.67 37.50 10.09
CA GLN D 1128 8.35 36.90 9.88
C GLN D 1128 7.50 37.01 11.15
N GLY D 1129 8.05 36.57 12.28
CA GLY D 1129 7.33 36.63 13.54
C GLY D 1129 7.58 35.42 14.42
N VAL D 1130 8.22 34.39 13.86
CA VAL D 1130 8.52 33.20 14.63
C VAL D 1130 9.64 33.50 15.62
N SER D 1131 9.50 32.97 16.84
CA SER D 1131 10.45 33.19 17.91
C SER D 1131 11.16 31.88 18.23
N ILE D 1132 12.48 31.90 18.20
CA ILE D 1132 13.31 30.76 18.57
C ILE D 1132 14.36 31.24 19.55
N HIS D 1133 14.55 30.52 20.65
CA HIS D 1133 15.51 30.92 21.66
C HIS D 1133 16.92 30.85 21.11
N ASP D 1134 17.80 31.70 21.66
CA ASP D 1134 19.15 31.84 21.13
C ASP D 1134 20.00 30.60 21.37
N LYS D 1135 19.72 29.82 22.42
CA LYS D 1135 20.56 28.68 22.75
C LYS D 1135 20.47 27.60 21.67
N HIS D 1136 19.34 27.49 20.98
CA HIS D 1136 19.22 26.54 19.89
C HIS D 1136 20.18 26.90 18.76
N ILE D 1137 20.32 28.20 18.46
CA ILE D 1137 21.31 28.62 17.48
C ILE D 1137 22.72 28.41 18.01
N GLU D 1138 22.95 28.74 19.28
CA GLU D 1138 24.29 28.70 19.85
C GLU D 1138 24.84 27.28 19.91
N ILE D 1139 23.97 26.27 20.03
CA ILE D 1139 24.44 24.88 19.99
C ILE D 1139 25.07 24.58 18.63
N ILE D 1140 24.37 24.96 17.55
CA ILE D 1140 24.89 24.72 16.21
C ILE D 1140 26.12 25.57 15.94
N ILE D 1141 26.15 26.79 16.48
CA ILE D 1141 27.30 27.67 16.29
C ILE D 1141 28.53 27.10 16.99
N ARG D 1142 28.33 26.53 18.18
CA ARG D 1142 29.45 25.86 18.87
C ARG D 1142 29.90 24.63 18.10
N GLN D 1143 28.94 23.90 17.51
CA GLN D 1143 29.30 22.78 16.63
C GLN D 1143 29.99 23.25 15.35
N MET D 1144 29.85 24.53 15.02
CA MET D 1144 30.41 25.12 13.80
C MET D 1144 31.86 25.55 13.96
N LEU D 1145 32.24 26.06 15.13
CA LEU D 1145 33.57 26.59 15.39
C LEU D 1145 34.47 25.57 16.10
N ARG D 1146 34.21 24.29 15.92
CA ARG D 1146 34.89 23.26 16.70
C ARG D 1146 36.27 22.91 16.16
N ARG D 1147 36.62 23.38 14.97
CA ARG D 1147 37.86 22.96 14.33
C ARG D 1147 38.87 24.09 14.29
N VAL D 1148 40.06 23.79 13.77
CA VAL D 1148 41.15 24.74 13.65
C VAL D 1148 42.00 24.33 12.44
N THR D 1149 42.57 25.33 11.78
CA THR D 1149 43.51 25.11 10.69
C THR D 1149 44.90 25.44 11.19
N ILE D 1150 45.83 24.50 11.03
CA ILE D 1150 47.13 24.57 11.69
C ILE D 1150 48.20 24.97 10.69
N ILE D 1151 49.11 25.84 11.15
CA ILE D 1151 50.24 26.31 10.35
C ILE D 1151 51.49 26.27 11.22
N GLU D 1152 52.64 26.32 10.53
CA GLU D 1152 54.00 26.15 11.09
C GLU D 1152 54.06 24.97 12.07
N SER D 1153 53.41 23.88 11.68
CA SER D 1153 53.35 22.68 12.49
C SER D 1153 54.54 21.76 12.19
N GLY D 1154 55.74 22.32 12.31
CA GLY D 1154 56.96 21.57 12.10
C GLY D 1154 57.44 20.87 13.36
N ASP D 1155 56.90 21.28 14.51
CA ASP D 1155 57.31 20.71 15.79
C ASP D 1155 56.26 19.78 16.39
N ALA D 1156 55.00 19.89 15.97
CA ALA D 1156 53.95 19.03 16.49
C ALA D 1156 53.86 17.70 15.76
N GLU D 1157 54.72 17.47 14.77
CA GLU D 1157 54.90 16.19 14.08
C GLU D 1157 53.63 15.71 13.37
N LEU D 1158 52.87 16.61 12.76
CA LEU D 1158 51.81 16.23 11.84
C LEU D 1158 51.83 17.18 10.65
N LEU D 1159 51.01 16.88 9.66
CA LEU D 1159 50.96 17.67 8.44
C LEU D 1159 50.38 19.06 8.74
N PRO D 1160 50.79 20.08 8.00
CA PRO D 1160 50.22 21.42 8.17
C PRO D 1160 49.06 21.69 7.24
N GLY D 1161 48.29 22.70 7.59
CA GLY D 1161 47.20 23.18 6.75
C GLY D 1161 46.06 22.21 6.51
N GLU D 1162 45.56 21.58 7.57
CA GLU D 1162 44.39 20.72 7.46
C GLU D 1162 43.54 20.84 8.71
N LEU D 1163 42.35 20.26 8.63
CA LEU D 1163 41.37 20.33 9.71
C LEU D 1163 41.86 19.56 10.93
N VAL D 1164 41.83 20.20 12.10
CA VAL D 1164 42.17 19.53 13.35
C VAL D 1164 41.11 19.92 14.39
N GLU D 1165 40.61 18.93 15.13
CA GLU D 1165 39.68 19.22 16.21
C GLU D 1165 40.38 20.02 17.31
N ARG D 1166 39.60 20.86 18.00
CA ARG D 1166 40.16 21.72 19.04
C ARG D 1166 40.73 20.90 20.20
N THR D 1167 40.03 19.85 20.60
CA THR D 1167 40.50 19.02 21.71
C THR D 1167 41.79 18.29 21.34
N LYS D 1168 41.86 17.73 20.14
CA LYS D 1168 43.06 17.04 19.71
C LYS D 1168 44.23 18.01 19.56
N PHE D 1169 43.97 19.19 19.01
CA PHE D 1169 45.01 20.23 18.91
C PHE D 1169 45.52 20.64 20.27
N GLU D 1170 44.63 20.82 21.24
CA GLU D 1170 45.04 21.24 22.58
C GLU D 1170 45.82 20.14 23.30
N THR D 1171 45.38 18.88 23.13
CA THR D 1171 46.11 17.76 23.71
C THR D 1171 47.51 17.65 23.10
N GLU D 1172 47.62 17.84 21.78
CA GLU D 1172 48.93 17.85 21.14
C GLU D 1172 49.77 19.02 21.61
N ASN D 1173 49.14 20.15 21.94
CA ASN D 1173 49.88 21.29 22.46
C ASN D 1173 50.48 21.00 23.83
N ARG D 1174 49.69 20.41 24.75
CA ARG D 1174 50.28 19.96 26.01
C ARG D 1174 51.34 18.89 25.81
N ARG D 1175 51.15 17.98 24.84
CA ARG D 1175 52.16 16.96 24.60
C ARG D 1175 53.47 17.57 24.09
N VAL D 1176 53.39 18.59 23.25
CA VAL D 1176 54.60 19.17 22.68
C VAL D 1176 55.26 20.16 23.64
N VAL D 1177 54.50 20.76 24.56
CA VAL D 1177 55.15 21.62 25.55
C VAL D 1177 55.67 20.83 26.73
N GLN D 1178 55.14 19.61 26.97
CA GLN D 1178 55.75 18.74 27.97
C GLN D 1178 57.06 18.15 27.48
N GLU D 1179 57.18 17.95 26.17
CA GLU D 1179 58.45 17.49 25.59
C GLU D 1179 59.45 18.62 25.45
N GLY D 1180 59.03 19.87 25.62
CA GLY D 1180 59.92 21.01 25.52
C GLY D 1180 59.88 21.75 24.20
N GLY D 1181 59.22 21.20 23.18
CA GLY D 1181 59.17 21.86 21.90
C GLY D 1181 58.16 22.98 21.85
N HIS D 1182 58.35 23.88 20.87
CA HIS D 1182 57.44 25.00 20.70
C HIS D 1182 56.14 24.54 20.05
N PRO D 1183 55.01 25.13 20.44
CA PRO D 1183 53.73 24.71 19.86
C PRO D 1183 53.53 25.21 18.44
N ALA D 1184 52.63 24.54 17.73
CA ALA D 1184 52.25 24.96 16.39
C ALA D 1184 51.21 26.06 16.44
N SER D 1185 51.06 26.78 15.33
CA SER D 1185 50.09 27.86 15.27
C SER D 1185 48.76 27.33 14.74
N GLY D 1186 47.67 27.94 15.20
CA GLY D 1186 46.35 27.53 14.76
C GLY D 1186 45.35 28.65 14.67
N ARG D 1187 44.70 28.77 13.51
CA ARG D 1187 43.65 29.76 13.30
C ARG D 1187 42.29 29.08 13.34
N PRO D 1188 41.34 29.61 14.10
CA PRO D 1188 39.99 29.02 14.14
C PRO D 1188 39.33 29.06 12.76
N GLN D 1189 38.63 28.00 12.42
CA GLN D 1189 38.06 27.81 11.10
C GLN D 1189 36.55 27.67 11.23
N LEU D 1190 35.81 28.51 10.52
CA LEU D 1190 34.35 28.44 10.49
C LEU D 1190 33.92 27.73 9.22
N MET D 1191 33.23 26.60 9.36
CA MET D 1191 32.89 25.74 8.24
C MET D 1191 31.40 25.47 8.26
N GLY D 1192 30.89 24.97 7.14
CA GLY D 1192 29.48 24.69 7.03
C GLY D 1192 29.05 23.51 7.89
N ILE D 1193 27.73 23.37 8.02
CA ILE D 1193 27.19 22.25 8.77
C ILE D 1193 27.41 20.94 8.02
N THR D 1194 27.42 20.97 6.70
CA THR D 1194 27.72 19.77 5.93
C THR D 1194 29.17 19.36 6.09
N LYS D 1195 30.09 20.32 5.99
CA LYS D 1195 31.50 20.00 6.16
C LYS D 1195 31.83 19.59 7.59
N ALA D 1196 31.11 20.13 8.57
CA ALA D 1196 31.29 19.69 9.95
C ALA D 1196 30.66 18.32 10.18
N SER D 1197 29.63 17.98 9.41
CA SER D 1197 29.01 16.67 9.53
C SER D 1197 29.90 15.58 8.94
N LEU D 1198 30.46 15.83 7.76
CA LEU D 1198 31.29 14.82 7.11
C LEU D 1198 32.60 14.62 7.84
N ALA D 1199 33.19 15.70 8.37
CA ALA D 1199 34.45 15.62 9.08
C ALA D 1199 34.19 15.24 10.54
N THR D 1200 33.79 13.97 10.72
CA THR D 1200 33.49 13.43 12.04
C THR D 1200 34.35 12.20 12.28
N GLU D 1201 34.49 11.84 13.55
CA GLU D 1201 35.35 10.71 13.91
C GLU D 1201 34.71 9.38 13.54
N SER D 1202 33.41 9.24 13.78
CA SER D 1202 32.73 7.98 13.50
C SER D 1202 32.35 7.92 12.03
N TRP D 1203 32.82 6.89 11.32
CA TRP D 1203 32.55 6.76 9.91
C TRP D 1203 31.16 6.23 9.61
N LEU D 1204 30.46 5.65 10.60
CA LEU D 1204 29.07 5.24 10.38
C LEU D 1204 28.16 6.46 10.21
N SER D 1205 28.32 7.47 11.06
CA SER D 1205 27.53 8.68 10.92
C SER D 1205 27.89 9.44 9.65
N ALA D 1206 29.16 9.41 9.25
CA ALA D 1206 29.55 10.02 7.98
C ALA D 1206 28.95 9.28 6.80
N ALA D 1207 28.89 7.95 6.88
CA ALA D 1207 28.36 7.15 5.78
C ALA D 1207 26.86 7.30 5.67
N SER D 1208 26.16 7.37 6.80
CA SER D 1208 24.71 7.52 6.76
C SER D 1208 24.26 8.92 6.33
N PHE D 1209 25.17 9.88 6.28
CA PHE D 1209 24.88 11.23 5.81
C PHE D 1209 25.06 11.27 4.29
N GLN D 1210 25.19 12.48 3.72
CA GLN D 1210 25.11 12.68 2.27
C GLN D 1210 26.14 11.84 1.52
N GLU D 1211 27.42 12.07 1.76
CA GLU D 1211 28.45 11.30 1.08
C GLU D 1211 28.48 9.90 1.67
N THR D 1212 28.38 8.89 0.80
CA THR D 1212 28.24 7.51 1.23
C THR D 1212 29.32 6.59 0.68
N THR D 1213 29.93 6.92 -0.45
CA THR D 1213 31.00 6.12 -1.04
C THR D 1213 32.37 6.64 -0.67
N ARG D 1214 32.56 7.96 -0.69
CA ARG D 1214 33.88 8.52 -0.43
C ARG D 1214 34.32 8.32 1.02
N VAL D 1215 33.39 8.45 1.97
CA VAL D 1215 33.74 8.30 3.38
C VAL D 1215 34.10 6.85 3.69
N LEU D 1216 33.47 5.88 3.02
CA LEU D 1216 33.80 4.49 3.28
C LEU D 1216 35.19 4.15 2.75
N THR D 1217 35.53 4.66 1.57
CA THR D 1217 36.87 4.48 1.04
C THR D 1217 37.90 5.14 1.95
N ASP D 1218 37.60 6.36 2.42
CA ASP D 1218 38.53 7.07 3.28
C ASP D 1218 38.73 6.34 4.60
N ALA D 1219 37.66 5.78 5.16
CA ALA D 1219 37.77 4.98 6.38
C ALA D 1219 38.56 3.70 6.15
N ALA D 1220 38.37 3.07 4.98
CA ALA D 1220 39.13 1.86 4.67
C ALA D 1220 40.62 2.15 4.53
N ILE D 1221 40.98 3.26 3.87
CA ILE D 1221 42.38 3.63 3.75
C ILE D 1221 42.96 4.00 5.12
N ASN D 1222 42.24 4.81 5.89
CA ASN D 1222 42.71 5.20 7.21
C ASN D 1222 42.61 4.09 8.24
N ALA D 1223 41.87 3.01 7.94
CA ALA D 1223 41.67 1.87 8.84
C ALA D 1223 41.14 2.33 10.19
N LYS D 1224 40.27 3.33 10.18
CA LYS D 1224 39.80 3.94 11.41
C LYS D 1224 38.67 3.12 12.01
N SER D 1225 38.78 2.84 13.30
CA SER D 1225 37.73 2.19 14.06
C SER D 1225 36.99 3.24 14.86
N ASP D 1226 35.67 3.21 14.80
CA ASP D 1226 34.84 4.20 15.46
C ASP D 1226 34.32 3.65 16.78
N SER D 1227 34.54 4.41 17.86
CA SER D 1227 33.82 4.14 19.09
C SER D 1227 32.34 4.37 18.85
N LEU D 1228 31.52 3.50 19.40
CA LEU D 1228 30.10 3.49 19.08
C LEU D 1228 29.30 4.50 19.90
N ILE D 1229 29.95 5.52 20.44
CA ILE D 1229 29.24 6.65 21.02
C ILE D 1229 28.53 7.42 19.92
N GLY D 1230 27.60 8.28 20.31
CA GLY D 1230 26.75 8.97 19.38
C GLY D 1230 25.45 8.22 19.14
N LEU D 1231 24.52 8.91 18.47
CA LEU D 1231 23.17 8.38 18.35
C LEU D 1231 22.86 7.76 17.00
N LYS D 1232 23.50 8.22 15.92
CA LYS D 1232 23.23 7.61 14.61
C LYS D 1232 23.81 6.21 14.53
N GLU D 1233 25.04 6.02 15.00
CA GLU D 1233 25.68 4.71 14.98
C GLU D 1233 25.26 3.82 16.14
N ASN D 1234 24.38 4.30 17.01
CA ASN D 1234 23.69 3.43 17.95
C ASN D 1234 22.27 3.11 17.52
N VAL D 1235 21.67 3.95 16.69
CA VAL D 1235 20.43 3.58 16.00
C VAL D 1235 20.71 2.51 14.95
N ILE D 1236 21.83 2.65 14.23
CA ILE D 1236 22.16 1.71 13.15
C ILE D 1236 22.40 0.31 13.71
N ILE D 1237 23.20 0.21 14.78
CA ILE D 1237 23.54 -1.09 15.33
C ILE D 1237 22.44 -1.71 16.19
N GLY D 1238 21.46 -0.91 16.62
CA GLY D 1238 20.38 -1.42 17.42
C GLY D 1238 20.55 -1.34 18.92
N LYS D 1239 21.64 -0.73 19.39
CA LYS D 1239 21.83 -0.57 20.82
C LYS D 1239 21.07 0.66 21.32
N LEU D 1240 21.15 0.91 22.63
CA LEU D 1240 20.50 2.07 23.21
C LEU D 1240 21.32 3.32 22.91
N ILE D 1241 20.62 4.40 22.59
CA ILE D 1241 21.31 5.67 22.36
C ILE D 1241 21.87 6.18 23.69
N PRO D 1242 23.04 6.83 23.70
CA PRO D 1242 23.63 7.31 24.95
C PRO D 1242 23.07 8.65 25.41
N ALA D 1243 21.74 8.76 25.42
CA ALA D 1243 21.06 9.96 25.86
C ALA D 1243 19.74 9.59 26.49
N GLY D 1244 19.31 10.40 27.44
CA GLY D 1244 18.05 10.13 28.11
C GLY D 1244 18.14 8.90 28.98
N THR D 1245 17.22 7.96 28.77
CA THR D 1245 17.16 6.75 29.57
C THR D 1245 18.27 5.76 29.25
N GLY D 1246 19.00 5.96 28.15
CA GLY D 1246 20.04 5.03 27.75
C GLY D 1246 21.40 5.27 28.34
N LEU D 1247 21.53 6.22 29.26
CA LEU D 1247 22.82 6.50 29.86
C LEU D 1247 23.23 5.38 30.81
N SER D 1248 24.55 5.29 31.06
CA SER D 1248 25.06 4.31 32.01
C SER D 1248 24.64 4.65 33.43
N ARG D 1249 24.58 5.93 33.77
CA ARG D 1249 24.22 6.34 35.12
C ARG D 1249 22.76 6.09 35.45
N TYR D 1250 21.91 5.81 34.46
CA TYR D 1250 20.51 5.52 34.69
C TYR D 1250 20.20 4.03 34.66
N ARG D 1251 21.02 3.23 33.99
CA ARG D 1251 20.77 1.79 33.86
C ARG D 1251 21.47 0.97 34.93
N ASN D 1252 22.19 1.59 35.84
CA ASN D 1252 22.96 0.88 36.86
C ASN D 1252 22.26 0.85 38.22
N ILE D 1253 21.01 1.28 38.30
CA ILE D 1253 20.31 1.26 39.58
C ILE D 1253 19.71 -0.11 39.82
N ARG D 1254 19.60 -0.47 41.10
CA ARG D 1254 19.00 -1.74 41.51
C ARG D 1254 17.79 -1.44 42.39
N VAL D 1255 16.68 -2.12 42.10
CA VAL D 1255 15.39 -1.81 42.70
C VAL D 1255 14.97 -2.95 43.61
N GLU D 1256 14.73 -2.65 44.87
CA GLU D 1256 14.25 -3.60 45.85
C GLU D 1256 13.30 -2.91 46.81
N PRO D 1257 12.36 -3.65 47.41
CA PRO D 1257 11.44 -3.04 48.37
C PRO D 1257 12.15 -2.69 49.67
N THR D 1258 11.54 -1.75 50.40
CA THR D 1258 12.04 -1.37 51.71
C THR D 1258 11.66 -2.42 52.75
N GLU D 1259 12.30 -2.33 53.92
CA GLU D 1259 12.08 -3.31 54.98
C GLU D 1259 10.69 -3.16 55.59
N GLU D 1260 10.22 -1.92 55.77
CA GLU D 1260 8.91 -1.72 56.39
C GLU D 1260 7.77 -2.14 55.47
N ALA D 1261 7.97 -2.04 54.15
CA ALA D 1261 6.97 -2.52 53.20
C ALA D 1261 6.86 -4.03 53.26
N LYS D 1262 7.98 -4.73 53.41
CA LYS D 1262 7.94 -6.18 53.60
C LYS D 1262 7.32 -6.55 54.95
N ALA D 1263 7.60 -5.76 55.98
CA ALA D 1263 7.05 -6.04 57.30
C ALA D 1263 5.54 -5.80 57.35
N ALA D 1264 5.04 -4.85 56.55
CA ALA D 1264 3.59 -4.59 56.52
C ALA D 1264 2.83 -5.78 55.95
N MET D 1265 3.36 -6.41 54.91
CA MET D 1265 2.70 -7.56 54.31
C MET D 1265 3.57 -8.81 54.45
N GLU E 9 -8.26 7.36 37.94
CA GLU E 9 -8.85 6.34 37.08
C GLU E 9 -8.30 6.43 35.66
N GLY E 10 -6.99 6.60 35.55
CA GLY E 10 -6.34 6.69 34.27
C GLY E 10 -4.83 6.61 34.39
N ILE E 11 -4.16 6.99 33.30
CA ILE E 11 -2.71 7.03 33.30
C ILE E 11 -2.21 8.08 34.28
N ILE E 12 -2.87 9.23 34.34
CA ILE E 12 -2.42 10.38 35.11
C ILE E 12 -2.78 10.24 36.58
N ASN E 13 -3.36 9.09 36.96
CA ASN E 13 -3.85 8.93 38.33
C ASN E 13 -2.72 8.98 39.36
N PRO E 14 -1.55 8.35 39.18
CA PRO E 14 -0.37 8.82 39.88
C PRO E 14 -0.01 10.24 39.44
N PRO E 15 -0.06 11.21 40.34
CA PRO E 15 0.43 12.55 39.97
C PRO E 15 1.93 12.53 39.78
N ILE E 16 2.39 13.18 38.71
CA ILE E 16 3.76 13.00 38.28
C ILE E 16 4.74 13.90 39.03
N ASP E 17 4.27 15.05 39.53
CA ASP E 17 5.15 15.95 40.26
C ASP E 17 5.63 15.31 41.57
N GLU E 18 4.77 14.53 42.21
CA GLU E 18 5.18 13.77 43.39
C GLU E 18 6.27 12.76 43.04
N LEU E 19 6.14 12.09 41.89
CA LEU E 19 7.16 11.14 41.47
C LEU E 19 8.49 11.85 41.21
N LEU E 20 8.46 13.01 40.56
CA LEU E 20 9.69 13.76 40.35
C LEU E 20 10.31 14.24 41.65
N GLU E 21 9.50 14.71 42.60
CA GLU E 21 10.09 15.17 43.86
C GLU E 21 10.55 14.01 44.73
N ALA E 22 10.04 12.80 44.50
CA ALA E 22 10.54 11.61 45.17
C ALA E 22 11.69 10.94 44.43
N THR E 23 12.00 11.37 43.21
CA THR E 23 13.08 10.78 42.43
C THR E 23 14.22 11.75 42.13
N ASP E 24 13.91 13.04 41.93
CA ASP E 24 14.77 14.17 41.60
C ASP E 24 15.22 14.14 40.14
N SER E 25 14.86 13.13 39.36
CA SER E 25 15.12 13.11 37.93
C SER E 25 13.96 12.41 37.24
N LYS E 26 13.94 12.48 35.91
CA LYS E 26 12.86 11.90 35.13
C LYS E 26 13.23 10.60 34.46
N TYR E 27 14.47 10.45 34.00
CA TYR E 27 14.90 9.18 33.41
C TYR E 27 15.12 8.12 34.49
N SER E 28 15.63 8.54 35.65
CA SER E 28 15.74 7.64 36.78
C SER E 28 14.37 7.12 37.18
N LEU E 29 13.37 7.99 37.20
CA LEU E 29 12.02 7.58 37.58
C LEU E 29 11.44 6.56 36.60
N VAL E 30 11.64 6.78 35.29
CA VAL E 30 11.03 5.88 34.32
C VAL E 30 11.72 4.52 34.33
N ILE E 31 13.05 4.49 34.43
CA ILE E 31 13.71 3.19 34.47
C ILE E 31 13.45 2.49 35.80
N TYR E 32 13.29 3.27 36.88
CA TYR E 32 12.94 2.74 38.19
C TYR E 32 11.60 2.04 38.17
N ALA E 33 10.58 2.72 37.65
CA ALA E 33 9.25 2.14 37.52
C ALA E 33 9.25 0.97 36.56
N ALA E 34 10.06 1.01 35.49
CA ALA E 34 10.12 -0.10 34.56
C ALA E 34 10.71 -1.35 35.21
N LYS E 35 11.78 -1.18 36.00
CA LYS E 35 12.36 -2.32 36.71
C LYS E 35 11.36 -2.91 37.71
N ARG E 36 10.66 -2.04 38.45
CA ARG E 36 9.68 -2.56 39.40
C ARG E 36 8.53 -3.26 38.69
N ALA E 37 8.08 -2.74 37.54
CA ALA E 37 7.04 -3.39 36.77
C ALA E 37 7.49 -4.75 36.25
N ARG E 38 8.75 -4.84 35.83
CA ARG E 38 9.30 -6.13 35.41
C ARG E 38 9.33 -7.12 36.56
N GLN E 39 9.71 -6.66 37.75
CA GLN E 39 9.70 -7.54 38.92
C GLN E 39 8.30 -8.03 39.25
N ILE E 40 7.31 -7.15 39.20
CA ILE E 40 5.93 -7.55 39.50
C ILE E 40 5.40 -8.52 38.45
N ASN E 41 5.67 -8.25 37.17
CA ASN E 41 5.21 -9.15 36.12
C ASN E 41 5.91 -10.50 36.19
N ALA E 42 7.18 -10.53 36.60
CA ALA E 42 7.85 -11.80 36.81
C ALA E 42 7.26 -12.55 38.00
N TYR E 43 6.85 -11.83 39.04
CA TYR E 43 6.19 -12.46 40.17
C TYR E 43 4.86 -13.08 39.76
N TYR E 44 4.09 -12.38 38.91
CA TYR E 44 2.81 -12.92 38.47
C TYR E 44 2.98 -14.17 37.62
N SER E 45 4.11 -14.30 36.93
CA SER E 45 4.38 -15.46 36.07
C SER E 45 5.23 -16.51 36.78
N GLN E 46 5.26 -16.50 38.11
CA GLN E 46 6.08 -17.46 38.84
C GLN E 46 5.48 -18.86 38.81
N LEU E 47 4.16 -18.96 38.63
CA LEU E 47 3.43 -20.24 38.63
C LEU E 47 3.67 -21.03 39.91
N GLY E 48 3.72 -20.32 41.04
CA GLY E 48 3.90 -20.96 42.32
C GLY E 48 5.29 -21.47 42.61
N GLU E 49 6.31 -20.95 41.93
CA GLU E 49 7.68 -21.41 42.17
C GLU E 49 8.21 -20.87 43.49
N GLY E 50 7.64 -19.79 44.00
CA GLY E 50 8.07 -19.20 45.26
C GLY E 50 9.48 -18.63 45.25
N LEU E 51 9.84 -17.90 44.19
CA LEU E 51 11.16 -17.31 44.12
C LEU E 51 11.29 -16.15 45.09
N LEU E 52 12.42 -16.09 45.79
CA LEU E 52 12.60 -15.10 46.85
C LEU E 52 12.89 -13.71 46.31
N GLU E 53 13.59 -13.59 45.18
CA GLU E 53 14.01 -12.29 44.69
C GLU E 53 12.83 -11.48 44.16
N TYR E 54 11.76 -12.14 43.75
CA TYR E 54 10.60 -11.47 43.18
C TYR E 54 9.60 -11.17 44.29
N VAL E 55 9.37 -9.89 44.56
CA VAL E 55 8.45 -9.44 45.60
C VAL E 55 7.19 -8.92 44.92
N GLY E 56 6.04 -9.36 45.39
CA GLY E 56 4.78 -9.06 44.75
C GLY E 56 4.32 -7.63 44.93
N PRO E 57 3.08 -7.35 44.51
CA PRO E 57 2.55 -5.98 44.62
C PRO E 57 2.36 -5.56 46.07
N LEU E 58 3.11 -4.56 46.50
CA LEU E 58 3.05 -4.12 47.90
C LEU E 58 1.79 -3.33 48.18
N VAL E 59 1.25 -2.63 47.18
CA VAL E 59 -0.02 -1.93 47.32
C VAL E 59 -1.15 -2.87 46.94
N ASP E 60 -2.38 -2.52 47.30
CA ASP E 60 -3.54 -3.33 46.94
C ASP E 60 -3.75 -3.32 45.43
N THR E 61 -4.22 -4.46 44.91
CA THR E 61 -4.38 -4.68 43.49
C THR E 61 -5.77 -5.21 43.20
N HIS E 62 -6.34 -4.80 42.06
CA HIS E 62 -7.63 -5.31 41.63
C HIS E 62 -7.47 -6.70 41.02
N VAL E 63 -8.55 -7.23 40.43
CA VAL E 63 -8.49 -8.55 39.82
C VAL E 63 -7.55 -8.56 38.62
N HIS E 64 -7.50 -7.47 37.86
CA HIS E 64 -6.59 -7.35 36.72
C HIS E 64 -6.08 -5.93 36.66
N GLU E 65 -4.75 -5.77 36.62
CA GLU E 65 -4.14 -4.46 36.57
C GLU E 65 -2.75 -4.61 35.96
N LYS E 66 -2.35 -3.63 35.16
CA LYS E 66 -1.02 -3.65 34.56
C LYS E 66 0.03 -3.55 35.67
N PRO E 67 1.14 -4.29 35.56
CA PRO E 67 2.19 -4.18 36.59
C PRO E 67 2.80 -2.79 36.67
N LEU E 68 2.74 -2.01 35.60
CA LEU E 68 3.36 -0.70 35.61
C LEU E 68 2.55 0.29 36.44
N SER E 69 1.22 0.20 36.41
CA SER E 69 0.40 1.04 37.27
C SER E 69 0.67 0.74 38.74
N ILE E 70 0.81 -0.54 39.08
CA ILE E 70 1.18 -0.94 40.43
C ILE E 70 2.55 -0.39 40.79
N ALA E 71 3.50 -0.47 39.85
CA ALA E 71 4.85 0.03 40.11
C ALA E 71 4.84 1.52 40.41
N LEU E 72 4.13 2.31 39.59
CA LEU E 72 4.03 3.73 39.87
C LEU E 72 3.30 4.01 41.17
N ARG E 73 2.32 3.19 41.54
CA ARG E 73 1.64 3.39 42.82
C ARG E 73 2.59 3.17 43.99
N GLU E 74 3.44 2.13 43.93
CA GLU E 74 4.43 1.93 44.99
C GLU E 74 5.50 3.03 45.00
N ILE E 75 5.89 3.54 43.83
CA ILE E 75 6.84 4.65 43.82
C ILE E 75 6.22 5.90 44.45
N ASN E 76 4.95 6.18 44.13
CA ASN E 76 4.28 7.36 44.67
C ASN E 76 4.06 7.22 46.17
N ALA E 77 3.73 6.02 46.65
CA ALA E 77 3.47 5.83 48.06
C ALA E 77 4.72 5.99 48.92
N GLY E 78 5.90 5.96 48.31
CA GLY E 78 7.14 6.14 49.05
C GLY E 78 7.62 4.93 49.81
N LEU E 79 6.97 3.79 49.64
CA LEU E 79 7.30 2.57 50.37
C LEU E 79 8.30 1.69 49.62
N LEU E 80 9.11 2.26 48.74
CA LEU E 80 10.08 1.48 48.00
C LEU E 80 11.23 2.40 47.60
N THR E 81 12.45 1.86 47.63
CA THR E 81 13.65 2.64 47.40
C THR E 81 14.56 1.94 46.40
N SER E 82 15.54 2.69 45.89
CA SER E 82 16.53 2.16 44.96
C SER E 82 17.84 2.90 45.13
N GLU E 83 18.94 2.19 44.87
CA GLU E 83 20.27 2.75 44.97
C GLU E 83 21.10 2.29 43.78
N ALA E 84 22.05 3.12 43.38
CA ALA E 84 22.92 2.83 42.24
C ALA E 84 24.10 1.99 42.68
N ILE E 85 24.48 1.04 41.84
CA ILE E 85 25.61 0.15 42.15
C ILE E 85 26.90 0.79 41.68
N ALA F 230 42.49 4.40 -24.36
CA ALA F 230 41.76 4.04 -23.15
C ALA F 230 40.63 5.04 -22.89
N THR F 231 39.49 4.84 -23.55
CA THR F 231 38.32 5.68 -23.38
C THR F 231 37.13 4.81 -22.99
N ALA F 232 35.99 5.45 -22.77
CA ALA F 232 34.75 4.73 -22.52
C ALA F 232 34.29 4.02 -23.79
N ASP F 233 33.26 3.16 -23.63
CA ASP F 233 32.75 2.29 -24.68
C ASP F 233 33.89 1.46 -25.26
N PRO F 234 34.36 0.44 -24.54
CA PRO F 234 35.58 -0.26 -24.95
C PRO F 234 35.47 -1.00 -26.28
N VAL F 235 34.26 -1.19 -26.82
CA VAL F 235 34.13 -1.84 -28.12
C VAL F 235 34.72 -0.96 -29.22
N LYS F 236 34.56 0.37 -29.12
CA LYS F 236 35.19 1.27 -30.08
C LYS F 236 36.71 1.20 -29.98
N ASP F 237 37.24 1.13 -28.76
CA ASP F 237 38.68 1.01 -28.57
C ASP F 237 39.20 -0.31 -29.13
N TYR F 238 38.42 -1.38 -28.98
CA TYR F 238 38.82 -2.67 -29.55
C TYR F 238 38.80 -2.63 -31.08
N LEU F 239 37.80 -1.99 -31.67
CA LEU F 239 37.73 -1.88 -33.11
C LEU F 239 38.88 -1.05 -33.66
N LYS F 240 39.26 0.02 -32.94
CA LYS F 240 40.45 0.77 -33.32
C LYS F 240 41.73 -0.04 -33.09
N GLN F 241 41.73 -0.91 -32.09
CA GLN F 241 42.87 -1.78 -31.82
C GLN F 241 43.06 -2.80 -32.93
N ILE F 242 41.97 -3.19 -33.59
CA ILE F 242 42.10 -4.01 -34.80
C ILE F 242 42.90 -3.27 -35.85
N GLY F 243 42.59 -1.99 -36.05
CA GLY F 243 43.39 -1.08 -36.83
C GLY F 243 43.43 -1.43 -38.31
N LYS F 244 44.46 -0.95 -38.97
CA LYS F 244 44.66 -1.18 -40.40
C LYS F 244 45.59 -2.39 -40.56
N VAL F 245 45.03 -3.59 -40.40
CA VAL F 245 45.76 -4.81 -40.62
C VAL F 245 45.57 -5.23 -42.08
N PRO F 246 46.59 -5.78 -42.74
CA PRO F 246 46.45 -6.11 -44.16
C PRO F 246 45.52 -7.30 -44.36
N LEU F 247 44.45 -7.07 -45.12
CA LEU F 247 43.55 -8.15 -45.50
C LEU F 247 44.27 -9.12 -46.44
N LEU F 248 43.82 -10.37 -46.39
CA LEU F 248 44.47 -11.46 -47.11
C LEU F 248 43.65 -11.83 -48.34
N ASN F 249 44.31 -11.85 -49.50
CA ASN F 249 43.73 -12.41 -50.71
C ASN F 249 44.02 -13.91 -50.75
N ALA F 250 43.77 -14.54 -51.90
CA ALA F 250 43.91 -15.99 -51.98
C ALA F 250 45.36 -16.43 -51.84
N GLU F 251 46.27 -15.77 -52.56
CA GLU F 251 47.68 -16.19 -52.56
C GLU F 251 48.32 -16.00 -51.20
N GLN F 252 48.09 -14.85 -50.56
CA GLN F 252 48.65 -14.62 -49.23
C GLN F 252 48.07 -15.58 -48.22
N GLU F 253 46.77 -15.88 -48.32
CA GLU F 253 46.14 -16.81 -47.38
C GLU F 253 46.69 -18.22 -47.54
N VAL F 254 46.88 -18.70 -48.77
CA VAL F 254 47.40 -20.05 -48.94
C VAL F 254 48.88 -20.10 -48.56
N GLU F 255 49.63 -19.01 -48.78
CA GLU F 255 51.02 -18.96 -48.31
C GLU F 255 51.08 -19.01 -46.79
N LEU F 256 50.19 -18.28 -46.11
CA LEU F 256 50.13 -18.34 -44.66
C LEU F 256 49.72 -19.72 -44.16
N ALA F 257 48.80 -20.38 -44.88
CA ALA F 257 48.42 -21.74 -44.50
C ALA F 257 49.57 -22.72 -44.66
N LYS F 258 50.35 -22.57 -45.73
CA LYS F 258 51.53 -23.41 -45.92
C LYS F 258 52.54 -23.17 -44.81
N ARG F 259 52.75 -21.90 -44.42
CA ARG F 259 53.63 -21.61 -43.30
C ARG F 259 53.07 -22.15 -41.99
N ILE F 260 51.75 -22.15 -41.84
CA ILE F 260 51.11 -22.75 -40.66
C ILE F 260 51.45 -24.22 -40.57
N GLU F 261 51.28 -24.94 -41.68
CA GLU F 261 51.54 -26.37 -41.69
C GLU F 261 53.03 -26.65 -41.48
N ALA F 262 53.91 -25.83 -42.06
CA ALA F 262 55.34 -26.01 -41.87
C ALA F 262 55.74 -25.81 -40.42
N GLY F 263 55.23 -24.75 -39.79
CA GLY F 263 55.54 -24.52 -38.39
C GLY F 263 54.97 -25.60 -37.48
N LEU F 264 53.78 -26.10 -37.81
CA LEU F 264 53.19 -27.20 -37.07
C LEU F 264 54.06 -28.45 -37.18
N PHE F 265 54.55 -28.75 -38.38
CA PHE F 265 55.39 -29.92 -38.57
C PHE F 265 56.71 -29.76 -37.82
N ALA F 266 57.26 -28.55 -37.81
CA ALA F 266 58.52 -28.30 -37.10
C ALA F 266 58.34 -28.47 -35.59
N GLU F 267 57.26 -27.92 -35.03
CA GLU F 267 57.05 -28.07 -33.59
C GLU F 267 56.69 -29.50 -33.21
N ASP F 268 56.02 -30.22 -34.13
CA ASP F 268 55.77 -31.64 -33.90
C ASP F 268 57.09 -32.43 -33.89
N LYS F 269 58.00 -32.10 -34.81
CA LYS F 269 59.27 -32.81 -34.88
C LYS F 269 60.13 -32.53 -33.65
N LEU F 270 60.18 -31.27 -33.21
CA LEU F 270 60.96 -30.98 -32.00
C LEU F 270 60.24 -31.48 -30.75
N ALA F 271 58.93 -31.74 -30.83
CA ALA F 271 58.22 -32.35 -29.71
C ALA F 271 58.60 -33.82 -29.52
N ASN F 272 59.10 -34.48 -30.56
CA ASN F 272 59.50 -35.87 -30.44
C ASN F 272 60.78 -35.98 -29.60
N SER F 273 61.00 -37.18 -29.07
CA SER F 273 62.12 -37.44 -28.17
C SER F 273 63.38 -37.93 -28.89
N ASP F 274 63.34 -38.05 -30.22
CA ASP F 274 64.52 -38.50 -30.95
C ASP F 274 65.59 -37.41 -30.95
N LYS F 275 66.85 -37.85 -30.89
CA LYS F 275 67.97 -36.92 -30.81
C LYS F 275 68.35 -36.43 -32.20
N LEU F 276 68.34 -35.12 -32.39
CA LEU F 276 68.74 -34.48 -33.64
C LEU F 276 69.84 -33.46 -33.34
N ALA F 277 70.24 -32.72 -34.38
CA ALA F 277 71.24 -31.68 -34.20
C ALA F 277 70.65 -30.51 -33.43
N PRO F 278 71.41 -29.94 -32.49
CA PRO F 278 70.90 -28.75 -31.77
C PRO F 278 70.64 -27.56 -32.67
N LYS F 279 71.46 -27.38 -33.71
CA LYS F 279 71.18 -26.34 -34.70
C LYS F 279 69.90 -26.65 -35.46
N LEU F 280 69.66 -27.92 -35.77
CA LEU F 280 68.42 -28.30 -36.42
C LEU F 280 67.22 -28.06 -35.52
N LYS F 281 67.37 -28.34 -34.22
CA LYS F 281 66.29 -28.05 -33.28
C LYS F 281 66.04 -26.55 -33.17
N ARG F 282 67.10 -25.74 -33.20
CA ARG F 282 66.93 -24.28 -33.19
C ARG F 282 66.20 -23.82 -34.45
N GLU F 283 66.54 -24.40 -35.61
CA GLU F 283 65.85 -24.05 -36.84
C GLU F 283 64.38 -24.45 -36.80
N LEU F 284 64.09 -25.63 -36.22
CA LEU F 284 62.70 -26.06 -36.07
C LEU F 284 61.94 -25.14 -35.12
N GLU F 285 62.59 -24.68 -34.06
CA GLU F 285 61.96 -23.71 -33.17
C GLU F 285 61.70 -22.39 -33.88
N ILE F 286 62.62 -21.97 -34.76
CA ILE F 286 62.42 -20.76 -35.55
C ILE F 286 61.21 -20.92 -36.48
N ILE F 287 61.10 -22.08 -37.12
CA ILE F 287 59.95 -22.35 -37.99
C ILE F 287 58.66 -22.39 -37.18
N ALA F 288 58.72 -22.93 -35.96
CA ALA F 288 57.54 -22.94 -35.09
C ALA F 288 57.14 -21.53 -34.68
N GLU F 289 58.11 -20.66 -34.41
CA GLU F 289 57.82 -19.27 -34.10
C GLU F 289 57.20 -18.56 -35.29
N ASP F 290 57.72 -18.83 -36.49
CA ASP F 290 57.11 -18.28 -37.71
C ASP F 290 55.69 -18.79 -37.90
N GLY F 291 55.46 -20.07 -37.59
CA GLY F 291 54.11 -20.61 -37.68
C GLY F 291 53.16 -19.98 -36.69
N ARG F 292 53.65 -19.70 -35.47
CA ARG F 292 52.83 -19.01 -34.48
C ARG F 292 52.52 -17.59 -34.92
N ARG F 293 53.49 -16.92 -35.54
CA ARG F 293 53.25 -15.60 -36.11
C ARG F 293 52.20 -15.67 -37.22
N ALA F 294 52.22 -16.74 -38.01
CA ALA F 294 51.19 -16.94 -39.02
C ALA F 294 49.83 -17.18 -38.39
N LYS F 295 49.79 -17.95 -37.29
CA LYS F 295 48.55 -18.13 -36.53
C LYS F 295 47.97 -16.77 -36.14
N ASN F 296 48.81 -15.93 -35.52
CA ASN F 296 48.37 -14.60 -35.14
C ASN F 296 47.86 -13.82 -36.35
N HIS F 297 48.69 -13.72 -37.40
CA HIS F 297 48.37 -12.89 -38.55
C HIS F 297 47.04 -13.29 -39.17
N LEU F 298 46.76 -14.59 -39.23
CA LEU F 298 45.44 -15.03 -39.68
C LEU F 298 44.35 -14.61 -38.70
N LEU F 299 44.63 -14.66 -37.39
CA LEU F 299 43.59 -14.29 -36.43
C LEU F 299 43.24 -12.80 -36.48
N GLU F 300 44.24 -11.92 -36.50
CA GLU F 300 43.91 -10.50 -36.71
C GLU F 300 43.48 -10.19 -38.13
N ALA F 301 43.70 -11.10 -39.09
CA ALA F 301 43.05 -10.94 -40.39
C ALA F 301 41.55 -11.16 -40.28
N ASN F 302 41.15 -12.17 -39.50
CA ASN F 302 39.74 -12.56 -39.43
C ASN F 302 38.96 -11.92 -38.28
N LEU F 303 39.61 -11.07 -37.47
CA LEU F 303 38.88 -10.34 -36.44
C LEU F 303 37.74 -9.50 -37.03
N ARG F 304 37.95 -8.91 -38.20
CA ARG F 304 36.90 -8.08 -38.79
C ARG F 304 35.66 -8.91 -39.15
N LEU F 305 35.87 -10.10 -39.74
CA LEU F 305 34.72 -10.93 -40.10
C LEU F 305 34.03 -11.50 -38.87
N VAL F 306 34.79 -11.82 -37.81
CA VAL F 306 34.09 -12.31 -36.63
C VAL F 306 33.34 -11.16 -35.95
N VAL F 307 33.85 -9.94 -36.04
CA VAL F 307 33.10 -8.78 -35.52
C VAL F 307 31.80 -8.59 -36.29
N SER F 308 31.86 -8.73 -37.62
CA SER F 308 30.65 -8.60 -38.43
C SER F 308 29.63 -9.69 -38.09
N LEU F 309 30.09 -10.94 -37.96
CA LEU F 309 29.14 -11.99 -37.66
C LEU F 309 28.66 -11.94 -36.21
N ALA F 310 29.41 -11.31 -35.32
CA ALA F 310 28.94 -11.11 -33.95
C ALA F 310 27.91 -9.98 -33.88
N LYS F 311 28.09 -8.92 -34.68
CA LYS F 311 27.06 -7.90 -34.77
C LYS F 311 25.82 -8.43 -35.46
N ARG F 312 25.96 -9.50 -36.25
CA ARG F 312 24.78 -10.17 -36.79
C ARG F 312 23.92 -10.80 -35.71
N TYR F 313 24.48 -11.09 -34.53
CA TYR F 313 23.78 -11.82 -33.48
C TYR F 313 23.67 -11.01 -32.18
N THR F 314 23.67 -9.69 -32.28
CA THR F 314 23.66 -8.85 -31.09
C THR F 314 22.24 -8.46 -30.71
N GLY F 315 22.12 -7.76 -29.59
CA GLY F 315 20.84 -7.24 -29.13
C GLY F 315 19.82 -8.27 -28.71
N ARG F 316 20.28 -9.37 -28.09
CA ARG F 316 19.40 -10.44 -27.63
C ARG F 316 19.77 -10.86 -26.21
N GLY F 317 19.98 -9.88 -25.34
CA GLY F 317 20.27 -10.15 -23.94
C GLY F 317 21.71 -10.44 -23.62
N MET F 318 22.60 -10.48 -24.62
CA MET F 318 24.01 -10.73 -24.39
C MET F 318 24.81 -9.61 -25.05
N LEU F 319 25.86 -9.16 -24.37
CA LEU F 319 26.60 -7.97 -24.81
C LEU F 319 27.35 -8.24 -26.10
N PHE F 320 27.71 -7.15 -26.78
CA PHE F 320 28.36 -7.23 -28.08
C PHE F 320 29.78 -7.80 -27.96
N LEU F 321 30.56 -7.30 -27.00
CA LEU F 321 31.95 -7.72 -26.90
C LEU F 321 32.06 -9.17 -26.43
N ASP F 322 31.12 -9.62 -25.60
CA ASP F 322 31.08 -11.03 -25.22
C ASP F 322 30.85 -11.92 -26.44
N LEU F 323 29.91 -11.52 -27.31
CA LEU F 323 29.68 -12.27 -28.54
C LEU F 323 30.91 -12.26 -29.44
N ILE F 324 31.60 -11.12 -29.52
CA ILE F 324 32.82 -11.03 -30.32
C ILE F 324 33.87 -11.99 -29.81
N GLN F 325 34.04 -12.04 -28.48
CA GLN F 325 35.10 -12.88 -27.91
C GLN F 325 34.75 -14.36 -28.04
N GLU F 326 33.47 -14.72 -27.87
CA GLU F 326 33.08 -16.11 -28.05
C GLU F 326 33.23 -16.54 -29.50
N GLY F 327 32.88 -15.66 -30.44
CA GLY F 327 33.18 -15.93 -31.83
C GLY F 327 34.66 -16.03 -32.11
N ASN F 328 35.48 -15.29 -31.36
CA ASN F 328 36.93 -15.39 -31.50
C ASN F 328 37.42 -16.77 -31.07
N LEU F 329 36.84 -17.31 -30.00
CA LEU F 329 37.13 -18.69 -29.61
C LEU F 329 36.71 -19.65 -30.72
N GLY F 330 35.53 -19.45 -31.30
CA GLY F 330 35.11 -20.26 -32.42
C GLY F 330 36.03 -20.13 -33.62
N LEU F 331 36.62 -18.95 -33.81
CA LEU F 331 37.49 -18.71 -34.96
C LEU F 331 38.86 -19.35 -34.77
N ILE F 332 39.38 -19.37 -33.53
CA ILE F 332 40.62 -20.11 -33.32
C ILE F 332 40.36 -21.61 -33.42
N ARG F 333 39.14 -22.05 -33.06
CA ARG F 333 38.76 -23.43 -33.39
C ARG F 333 38.75 -23.65 -34.90
N ALA F 334 38.27 -22.67 -35.65
CA ALA F 334 38.24 -22.77 -37.11
C ALA F 334 39.64 -22.87 -37.69
N VAL F 335 40.55 -22.02 -37.23
CA VAL F 335 41.91 -22.04 -37.76
C VAL F 335 42.66 -23.29 -37.30
N GLU F 336 42.22 -23.91 -36.19
CA GLU F 336 42.83 -25.17 -35.81
C GLU F 336 42.39 -26.31 -36.71
N LYS F 337 41.24 -26.18 -37.37
CA LYS F 337 40.67 -27.24 -38.20
C LYS F 337 40.56 -26.84 -39.67
N PHE F 338 41.50 -26.04 -40.16
CA PHE F 338 41.49 -25.56 -41.54
C PHE F 338 42.66 -26.16 -42.30
N ASP F 339 42.42 -26.52 -43.56
CA ASP F 339 43.43 -27.13 -44.41
C ASP F 339 43.44 -26.43 -45.76
N TYR F 340 44.61 -26.40 -46.38
CA TYR F 340 44.77 -25.79 -47.70
C TYR F 340 44.51 -26.77 -48.84
N THR F 341 44.34 -28.05 -48.54
CA THR F 341 44.11 -29.04 -49.59
C THR F 341 42.80 -28.77 -50.32
N LYS F 342 41.74 -28.45 -49.58
CA LYS F 342 40.48 -28.05 -50.21
C LYS F 342 40.61 -26.62 -50.73
N GLY F 343 40.27 -26.43 -52.00
CA GLY F 343 40.44 -25.14 -52.64
C GLY F 343 39.30 -24.18 -52.40
N TYR F 344 39.11 -23.77 -51.14
CA TYR F 344 38.08 -22.81 -50.79
C TYR F 344 38.67 -21.75 -49.87
N LYS F 345 38.03 -20.58 -49.86
CA LYS F 345 38.49 -19.46 -49.05
C LYS F 345 38.25 -19.72 -47.57
N PHE F 346 38.95 -18.96 -46.74
CA PHE F 346 38.85 -19.14 -45.30
C PHE F 346 37.52 -18.66 -44.74
N SER F 347 36.90 -17.68 -45.38
CA SER F 347 35.70 -17.05 -44.82
C SER F 347 34.52 -18.01 -44.83
N THR F 348 34.28 -18.70 -45.94
CA THR F 348 33.12 -19.58 -46.04
C THR F 348 33.24 -20.81 -45.15
N TYR F 349 34.46 -21.20 -44.77
CA TYR F 349 34.65 -22.28 -43.82
C TYR F 349 34.59 -21.78 -42.38
N ALA F 350 35.11 -20.58 -42.13
CA ALA F 350 35.11 -20.04 -40.78
C ALA F 350 33.71 -19.66 -40.33
N THR F 351 32.84 -19.26 -41.27
CA THR F 351 31.50 -18.77 -40.93
C THR F 351 30.68 -19.79 -40.15
N TRP F 352 30.80 -21.07 -40.50
CA TRP F 352 30.03 -22.10 -39.80
C TRP F 352 30.43 -22.19 -38.34
N TRP F 353 31.75 -22.21 -38.08
CA TRP F 353 32.25 -22.22 -36.71
C TRP F 353 31.90 -20.94 -35.95
N ILE F 354 31.93 -19.78 -36.62
CA ILE F 354 31.58 -18.54 -35.94
C ILE F 354 30.13 -18.58 -35.49
N ARG F 355 29.22 -18.97 -36.39
CA ARG F 355 27.81 -19.05 -36.03
C ARG F 355 27.58 -20.11 -34.96
N GLN F 356 28.26 -21.25 -35.07
CA GLN F 356 28.08 -22.34 -34.11
C GLN F 356 28.52 -21.91 -32.72
N ALA F 357 29.71 -21.32 -32.60
CA ALA F 357 30.21 -20.90 -31.29
C ALA F 357 29.38 -19.76 -30.72
N ILE F 358 28.96 -18.82 -31.57
CA ILE F 358 28.17 -17.69 -31.08
C ILE F 358 26.81 -18.16 -30.57
N THR F 359 26.14 -19.04 -31.31
CA THR F 359 24.84 -19.52 -30.83
C THR F 359 24.99 -20.48 -29.66
N ARG F 360 26.11 -21.19 -29.56
CA ARG F 360 26.35 -22.05 -28.40
C ARG F 360 26.54 -21.20 -27.15
N ALA F 361 27.33 -20.14 -27.24
CA ALA F 361 27.51 -19.24 -26.12
C ALA F 361 26.23 -18.46 -25.80
N MET F 362 25.41 -18.20 -26.81
CA MET F 362 24.11 -17.58 -26.56
C MET F 362 23.20 -18.53 -25.80
N ALA F 363 23.25 -19.82 -26.12
CA ALA F 363 22.48 -20.80 -25.37
C ALA F 363 22.98 -20.95 -23.95
N ASP F 364 24.30 -20.91 -23.75
CA ASP F 364 24.87 -21.23 -22.44
C ASP F 364 25.11 -20.02 -21.55
N GLN F 365 24.97 -18.79 -22.06
CA GLN F 365 25.34 -17.62 -21.28
C GLN F 365 24.33 -16.48 -21.31
N ALA F 366 23.45 -16.39 -22.31
CA ALA F 366 22.57 -15.23 -22.42
C ALA F 366 21.49 -15.24 -21.35
N ARG F 367 20.95 -16.41 -21.04
CA ARG F 367 19.86 -16.52 -20.07
C ARG F 367 20.41 -16.75 -18.68
N THR F 368 19.79 -16.11 -17.69
CA THR F 368 20.24 -16.26 -16.31
C THR F 368 19.99 -17.66 -15.79
N ILE F 369 18.78 -18.19 -16.00
CA ILE F 369 18.50 -19.60 -15.78
C ILE F 369 18.94 -20.34 -17.04
N ARG F 370 20.03 -21.09 -16.93
CA ARG F 370 20.66 -21.66 -18.11
C ARG F 370 19.80 -22.75 -18.73
N ILE F 371 19.75 -22.77 -20.05
CA ILE F 371 18.95 -23.71 -20.82
C ILE F 371 19.90 -24.52 -21.70
N PRO F 372 19.77 -25.85 -21.77
CA PRO F 372 20.65 -26.63 -22.63
C PRO F 372 20.41 -26.33 -24.10
N VAL F 373 21.44 -26.62 -24.90
CA VAL F 373 21.46 -26.17 -26.29
C VAL F 373 20.34 -26.83 -27.10
N HIS F 374 20.02 -28.09 -26.81
CA HIS F 374 18.93 -28.73 -27.52
C HIS F 374 17.59 -28.10 -27.17
N MET F 375 17.39 -27.74 -25.90
CA MET F 375 16.18 -27.05 -25.52
C MET F 375 16.14 -25.64 -26.11
N VAL F 376 17.29 -24.98 -26.24
CA VAL F 376 17.33 -23.65 -26.85
C VAL F 376 16.92 -23.74 -28.33
N GLU F 377 17.45 -24.73 -29.05
CA GLU F 377 17.05 -24.85 -30.45
C GLU F 377 15.60 -25.28 -30.59
N VAL F 378 15.08 -26.08 -29.64
CA VAL F 378 13.67 -26.44 -29.67
C VAL F 378 12.80 -25.19 -29.47
N ILE F 379 13.12 -24.37 -28.47
CA ILE F 379 12.28 -23.22 -28.18
C ILE F 379 12.38 -22.17 -29.28
N ASN F 380 13.56 -21.97 -29.88
CA ASN F 380 13.62 -20.94 -30.92
C ASN F 380 13.03 -21.44 -32.23
N LYS F 381 13.10 -22.75 -32.51
CA LYS F 381 12.37 -23.31 -33.64
C LYS F 381 10.87 -23.15 -33.45
N LEU F 382 10.37 -23.41 -32.24
CA LEU F 382 8.95 -23.21 -31.96
C LEU F 382 8.57 -21.75 -32.11
N ALA F 383 9.42 -20.83 -31.65
CA ALA F 383 9.14 -19.41 -31.79
C ALA F 383 9.09 -18.98 -33.25
N ARG F 384 10.02 -19.48 -34.06
CA ARG F 384 10.05 -19.04 -35.46
C ARG F 384 8.89 -19.65 -36.26
N VAL F 385 8.50 -20.89 -35.96
CA VAL F 385 7.35 -21.44 -36.67
C VAL F 385 6.05 -20.79 -36.19
N GLN F 386 5.98 -20.39 -34.92
CA GLN F 386 4.82 -19.64 -34.44
C GLN F 386 4.73 -18.28 -35.11
N ARG F 387 5.87 -17.60 -35.28
CA ARG F 387 5.88 -16.33 -35.99
C ARG F 387 5.48 -16.52 -37.46
N GLN F 388 5.94 -17.59 -38.09
CA GLN F 388 5.55 -17.86 -39.47
C GLN F 388 4.04 -18.11 -39.59
N MET F 389 3.48 -18.88 -38.66
CA MET F 389 2.04 -19.09 -38.69
C MET F 389 1.26 -17.82 -38.38
N LEU F 390 1.81 -16.95 -37.53
CA LEU F 390 1.15 -15.69 -37.24
C LEU F 390 1.12 -14.78 -38.47
N GLN F 391 2.25 -14.70 -39.19
CA GLN F 391 2.27 -13.85 -40.38
C GLN F 391 1.54 -14.49 -41.56
N ASP F 392 1.34 -15.81 -41.56
CA ASP F 392 0.55 -16.44 -42.61
C ASP F 392 -0.94 -16.29 -42.34
N LEU F 393 -1.41 -16.82 -41.22
CA LEU F 393 -2.84 -16.82 -40.91
C LEU F 393 -3.35 -15.45 -40.48
N GLY F 394 -2.46 -14.53 -40.13
CA GLY F 394 -2.90 -13.22 -39.67
C GLY F 394 -3.48 -13.19 -38.28
N ARG F 395 -3.21 -14.22 -37.48
CA ARG F 395 -3.76 -14.31 -36.12
C ARG F 395 -2.84 -15.17 -35.29
N GLU F 396 -3.05 -15.14 -33.99
CA GLU F 396 -2.28 -15.97 -33.07
C GLU F 396 -2.67 -17.43 -33.26
N PRO F 397 -1.72 -18.32 -33.58
CA PRO F 397 -2.09 -19.73 -33.80
C PRO F 397 -2.46 -20.43 -32.50
N THR F 398 -3.44 -21.30 -32.59
CA THR F 398 -3.83 -22.11 -31.45
C THR F 398 -2.74 -23.13 -31.13
N PRO F 399 -2.53 -23.45 -29.85
CA PRO F 399 -1.48 -24.43 -29.50
C PRO F 399 -1.69 -25.82 -30.08
N GLU F 400 -2.93 -26.21 -30.36
CA GLU F 400 -3.17 -27.53 -30.94
C GLU F 400 -2.63 -27.62 -32.37
N GLU F 401 -2.89 -26.61 -33.19
CA GLU F 401 -2.36 -26.59 -34.55
C GLU F 401 -0.84 -26.56 -34.54
N LEU F 402 -0.26 -25.81 -33.58
CA LEU F 402 1.19 -25.82 -33.41
C LEU F 402 1.69 -27.21 -33.02
N ALA F 403 0.92 -27.92 -32.20
CA ALA F 403 1.31 -29.27 -31.80
C ALA F 403 1.30 -30.23 -32.98
N LYS F 404 0.26 -30.16 -33.84
CA LYS F 404 0.27 -31.02 -35.03
C LYS F 404 1.37 -30.63 -36.01
N GLU F 405 1.61 -29.33 -36.22
CA GLU F 405 2.62 -28.95 -37.20
C GLU F 405 4.03 -29.18 -36.68
N LEU F 406 4.23 -29.24 -35.38
CA LEU F 406 5.53 -29.57 -34.80
C LEU F 406 5.67 -31.06 -34.52
N ASP F 407 4.61 -31.84 -34.73
CA ASP F 407 4.53 -33.29 -34.51
C ASP F 407 4.73 -33.66 -33.04
N MET F 408 4.63 -32.70 -32.13
CA MET F 408 4.76 -32.95 -30.71
C MET F 408 3.40 -32.92 -30.03
N THR F 409 3.35 -33.44 -28.81
CA THR F 409 2.13 -33.40 -28.03
C THR F 409 1.84 -31.97 -27.58
N PRO F 410 0.57 -31.60 -27.43
CA PRO F 410 0.25 -30.25 -26.92
C PRO F 410 0.80 -29.97 -25.54
N GLU F 411 0.88 -31.00 -24.67
CA GLU F 411 1.48 -30.80 -23.36
C GLU F 411 2.96 -30.44 -23.47
N LYS F 412 3.66 -31.05 -24.43
CA LYS F 412 5.05 -30.68 -24.68
C LYS F 412 5.14 -29.24 -25.19
N VAL F 413 4.18 -28.84 -26.02
CA VAL F 413 4.18 -27.48 -26.57
C VAL F 413 3.99 -26.45 -25.46
N ILE F 414 3.03 -26.69 -24.56
CA ILE F 414 2.80 -25.72 -23.50
C ILE F 414 3.96 -25.75 -22.50
N GLU F 415 4.59 -26.91 -22.30
CA GLU F 415 5.79 -26.96 -21.46
C GLU F 415 6.93 -26.14 -22.06
N VAL F 416 7.09 -26.23 -23.39
CA VAL F 416 8.11 -25.43 -24.07
C VAL F 416 7.81 -23.93 -23.95
N GLN F 417 6.54 -23.55 -24.12
CA GLN F 417 6.19 -22.14 -23.96
C GLN F 417 6.39 -21.68 -22.52
N LYS F 418 6.17 -22.55 -21.55
CA LYS F 418 6.45 -22.22 -20.15
C LYS F 418 7.95 -22.01 -19.93
N TYR F 419 8.79 -22.88 -20.48
CA TYR F 419 10.23 -22.78 -20.29
C TYR F 419 10.84 -21.60 -21.04
N GLY F 420 10.14 -21.03 -22.02
CA GLY F 420 10.68 -19.92 -22.77
C GLY F 420 10.33 -18.57 -22.20
N ARG F 421 10.80 -18.27 -20.99
CA ARG F 421 10.54 -17.01 -20.33
C ARG F 421 11.85 -16.29 -20.03
N GLU F 422 11.73 -15.09 -19.45
CA GLU F 422 12.87 -14.27 -19.08
C GLU F 422 12.57 -13.65 -17.73
N PRO F 423 13.50 -13.74 -16.76
CA PRO F 423 13.23 -13.17 -15.44
C PRO F 423 13.16 -11.65 -15.47
N ILE F 424 12.38 -11.10 -14.55
CA ILE F 424 12.23 -9.66 -14.38
C ILE F 424 13.00 -9.24 -13.13
N SER F 425 13.72 -8.12 -13.23
CA SER F 425 14.57 -7.67 -12.15
C SER F 425 13.76 -7.24 -10.94
N LEU F 426 14.34 -7.43 -9.76
CA LEU F 426 13.72 -7.03 -8.50
C LEU F 426 13.78 -5.53 -8.27
N HIS F 427 14.55 -4.79 -9.06
CA HIS F 427 14.79 -3.37 -8.83
C HIS F 427 13.98 -2.47 -9.78
N THR F 428 12.99 -3.01 -10.45
CA THR F 428 12.18 -2.20 -11.36
C THR F 428 11.26 -1.29 -10.58
N PRO F 429 11.34 0.03 -10.75
CA PRO F 429 10.43 0.93 -10.03
C PRO F 429 8.99 0.80 -10.51
N LEU F 430 8.05 1.06 -9.61
CA LEU F 430 6.64 0.94 -9.94
C LEU F 430 6.12 2.13 -10.74
N GLY F 431 6.64 3.33 -10.50
CA GLY F 431 6.05 4.51 -11.08
C GLY F 431 6.70 5.81 -10.64
N GLU F 432 5.88 6.76 -10.19
CA GLU F 432 6.38 8.06 -9.78
C GLU F 432 7.37 7.95 -8.61
N ASP F 433 7.07 7.10 -7.64
CA ASP F 433 7.97 6.92 -6.50
C ASP F 433 9.17 6.04 -6.90
N GLY F 434 10.38 6.56 -6.66
CA GLY F 434 11.58 5.79 -6.91
C GLY F 434 11.93 4.82 -5.80
N ASP F 435 11.59 5.14 -4.55
CA ASP F 435 12.06 4.34 -3.42
C ASP F 435 11.27 3.04 -3.27
N SER F 436 9.97 3.06 -3.56
CA SER F 436 9.18 1.84 -3.47
C SER F 436 9.53 0.93 -4.64
N GLU F 437 10.14 -0.20 -4.33
CA GLU F 437 10.71 -1.09 -5.34
C GLU F 437 9.77 -2.25 -5.57
N PHE F 438 10.04 -3.00 -6.64
CA PHE F 438 9.28 -4.22 -6.89
C PHE F 438 9.64 -5.33 -5.91
N GLY F 439 10.85 -5.30 -5.34
CA GLY F 439 11.26 -6.33 -4.39
C GLY F 439 10.68 -6.16 -3.01
N ASP F 440 10.11 -5.00 -2.70
CA ASP F 440 9.52 -4.74 -1.40
C ASP F 440 8.02 -4.96 -1.36
N LEU F 441 7.42 -5.43 -2.45
CA LEU F 441 6.00 -5.77 -2.49
C LEU F 441 5.73 -7.26 -2.29
N ILE F 442 6.78 -8.09 -2.29
CA ILE F 442 6.63 -9.54 -2.20
C ILE F 442 7.19 -10.00 -0.87
N GLU F 443 6.43 -10.86 -0.18
CA GLU F 443 6.83 -11.39 1.11
C GLU F 443 7.72 -12.61 0.92
N ASP F 444 7.98 -13.33 2.01
CA ASP F 444 8.74 -14.56 1.97
C ASP F 444 8.01 -15.63 2.76
N SER F 445 8.10 -16.88 2.27
CA SER F 445 7.44 -18.00 2.91
C SER F 445 8.32 -18.69 3.95
N GLU F 446 9.64 -18.49 3.90
CA GLU F 446 10.53 -19.11 4.87
C GLU F 446 10.49 -18.41 6.23
N ALA F 447 9.90 -17.22 6.31
CA ALA F 447 9.81 -16.53 7.59
C ALA F 447 8.84 -17.26 8.51
N VAL F 448 9.29 -17.53 9.73
CA VAL F 448 8.46 -18.28 10.68
C VAL F 448 7.40 -17.34 11.24
N VAL F 449 6.15 -17.76 11.16
CA VAL F 449 5.04 -16.98 11.71
C VAL F 449 5.09 -17.07 13.23
N PRO F 450 5.05 -15.95 13.96
CA PRO F 450 4.99 -16.03 15.42
C PRO F 450 3.78 -16.78 15.96
N ALA F 451 2.63 -16.63 15.30
CA ALA F 451 1.43 -17.35 15.72
C ALA F 451 1.60 -18.85 15.57
N ASP F 452 2.22 -19.29 14.47
CA ASP F 452 2.47 -20.72 14.27
C ASP F 452 3.40 -21.28 15.32
N ALA F 453 4.47 -20.55 15.65
CA ALA F 453 5.41 -21.03 16.68
C ALA F 453 4.75 -21.07 18.06
N VAL F 454 3.93 -20.06 18.37
CA VAL F 454 3.21 -20.06 19.64
C VAL F 454 2.24 -21.24 19.70
N SER F 455 1.54 -21.51 18.61
CA SER F 455 0.62 -22.65 18.57
C SER F 455 1.37 -23.97 18.72
N PHE F 456 2.54 -24.09 18.10
CA PHE F 456 3.34 -25.30 18.23
C PHE F 456 3.79 -25.49 19.67
N THR F 457 4.25 -24.42 20.33
CA THR F 457 4.69 -24.53 21.72
C THR F 457 3.53 -24.88 22.64
N LEU F 458 2.36 -24.27 22.42
CA LEU F 458 1.19 -24.62 23.22
C LEU F 458 0.75 -26.07 22.98
N LEU F 459 0.88 -26.55 21.73
CA LEU F 459 0.61 -27.96 21.47
C LEU F 459 1.57 -28.86 22.23
N GLN F 460 2.85 -28.48 22.25
CA GLN F 460 3.86 -29.26 22.98
C GLN F 460 3.54 -29.30 24.47
N GLU F 461 3.09 -28.18 25.04
CA GLU F 461 2.75 -28.16 26.45
C GLU F 461 1.45 -28.92 26.73
N GLN F 462 0.48 -28.86 25.83
CA GLN F 462 -0.83 -29.44 26.07
C GLN F 462 -0.81 -30.96 25.89
N LEU F 463 -0.01 -31.47 24.95
CA LEU F 463 -0.01 -32.90 24.69
C LEU F 463 0.60 -33.67 25.85
N HIS F 464 1.65 -33.12 26.48
CA HIS F 464 2.20 -33.75 27.68
C HIS F 464 1.19 -33.75 28.81
N SER F 465 0.43 -32.66 28.96
CA SER F 465 -0.58 -32.59 30.01
C SER F 465 -1.70 -33.61 29.79
N VAL F 466 -2.16 -33.76 28.55
CA VAL F 466 -3.24 -34.70 28.31
C VAL F 466 -2.72 -36.14 28.35
N LEU F 467 -1.43 -36.34 28.10
CA LEU F 467 -0.84 -37.65 28.33
C LEU F 467 -0.77 -37.97 29.82
N ASP F 468 -0.40 -36.98 30.63
CA ASP F 468 -0.39 -37.16 32.08
C ASP F 468 -1.80 -37.30 32.66
N THR F 469 -2.82 -36.84 31.93
CA THR F 469 -4.19 -37.07 32.35
C THR F 469 -4.52 -38.55 32.36
N LEU F 470 -4.01 -39.30 31.37
CA LEU F 470 -4.19 -40.74 31.32
C LEU F 470 -3.38 -41.42 32.41
N SER F 471 -3.50 -42.75 32.46
CA SER F 471 -2.71 -43.53 33.40
C SER F 471 -1.23 -43.51 32.99
N GLU F 472 -0.37 -43.78 33.97
CA GLU F 472 1.08 -43.74 33.72
C GLU F 472 1.50 -44.81 32.73
N ARG F 473 0.95 -46.01 32.85
CA ARG F 473 1.33 -47.10 31.95
C ARG F 473 0.84 -46.85 30.53
N GLU F 474 -0.40 -46.37 30.38
CA GLU F 474 -0.95 -46.08 29.07
C GLU F 474 -0.17 -44.95 28.39
N ALA F 475 0.14 -43.90 29.15
CA ALA F 475 0.92 -42.80 28.60
C ALA F 475 2.33 -43.28 28.23
N GLY F 476 2.91 -44.15 29.03
CA GLY F 476 4.23 -44.68 28.72
C GLY F 476 4.26 -45.50 27.45
N VAL F 477 3.27 -46.40 27.28
CA VAL F 477 3.27 -47.23 26.08
C VAL F 477 2.91 -46.39 24.85
N VAL F 478 2.08 -45.36 25.01
CA VAL F 478 1.79 -44.48 23.88
C VAL F 478 3.03 -43.68 23.48
N SER F 479 3.76 -43.14 24.46
CA SER F 479 4.99 -42.42 24.18
C SER F 479 6.10 -43.32 23.65
N MET F 480 6.07 -44.62 23.95
CA MET F 480 7.00 -45.56 23.33
C MET F 480 6.50 -46.08 21.99
N ARG F 481 5.24 -45.82 21.64
CA ARG F 481 4.69 -46.40 20.42
C ARG F 481 4.64 -45.39 19.27
N PHE F 482 4.18 -44.16 19.55
CA PHE F 482 4.02 -43.17 18.46
C PHE F 482 4.93 -41.95 18.66
N GLY F 483 6.24 -42.10 18.37
CA GLY F 483 7.19 -40.97 18.46
C GLY F 483 7.23 -40.33 19.83
N LEU F 484 6.86 -39.04 19.91
CA LEU F 484 6.89 -38.29 21.20
C LEU F 484 8.30 -38.24 21.78
N THR F 485 8.46 -38.65 23.04
CA THR F 485 9.77 -38.60 23.75
C THR F 485 10.91 -39.04 22.82
N ASP F 486 10.72 -40.15 22.09
CA ASP F 486 11.81 -40.68 21.24
C ASP F 486 11.44 -40.51 19.75
N GLY F 487 12.33 -39.88 18.98
CA GLY F 487 12.03 -39.59 17.55
C GLY F 487 11.50 -40.81 16.83
N GLN F 488 12.30 -41.87 16.77
CA GLN F 488 11.86 -43.12 16.08
C GLN F 488 10.67 -43.72 16.83
N PRO F 489 9.60 -44.16 16.14
CA PRO F 489 8.47 -44.82 16.80
C PRO F 489 8.75 -46.33 16.82
N LYS F 490 8.91 -46.90 18.02
CA LYS F 490 9.22 -48.35 18.13
C LYS F 490 7.94 -49.14 17.86
N THR F 491 8.05 -50.23 17.10
CA THR F 491 6.87 -51.04 16.71
C THR F 491 6.45 -51.93 17.88
N LEU F 492 5.33 -52.64 17.73
CA LEU F 492 4.83 -53.52 18.77
C LEU F 492 5.85 -54.60 19.10
N ASP F 493 6.53 -55.13 18.09
CA ASP F 493 7.55 -56.14 18.32
C ASP F 493 8.74 -55.55 19.08
N GLU F 494 9.13 -54.33 18.73
CA GLU F 494 10.35 -53.73 19.29
C GLU F 494 10.19 -53.30 20.74
N ILE F 495 8.96 -53.21 21.24
CA ILE F 495 8.73 -52.87 22.65
C ILE F 495 8.33 -54.07 23.49
N GLY F 496 8.12 -55.23 22.88
CA GLY F 496 7.68 -56.40 23.60
C GLY F 496 8.75 -57.15 24.35
N LYS F 497 10.01 -56.73 24.27
CA LYS F 497 11.10 -57.31 25.05
C LYS F 497 11.34 -56.54 26.34
N VAL F 498 11.32 -55.20 26.29
CA VAL F 498 11.55 -54.40 27.48
C VAL F 498 10.34 -54.43 28.42
N TYR F 499 9.15 -54.76 27.90
CA TYR F 499 7.95 -54.77 28.73
C TYR F 499 7.40 -56.18 28.92
N GLY F 500 7.61 -57.07 27.96
CA GLY F 500 7.43 -58.49 28.16
C GLY F 500 6.02 -59.03 28.22
N VAL F 501 5.20 -58.74 27.22
CA VAL F 501 3.90 -59.36 27.06
C VAL F 501 3.74 -59.83 25.62
N THR F 502 2.52 -60.27 25.30
CA THR F 502 2.19 -60.78 23.99
C THR F 502 2.01 -59.62 23.00
N ARG F 503 1.96 -59.97 21.72
CA ARG F 503 1.60 -58.98 20.71
C ARG F 503 0.15 -58.55 20.87
N GLU F 504 -0.72 -59.51 21.19
CA GLU F 504 -2.15 -59.22 21.29
C GLU F 504 -2.46 -58.30 22.45
N ARG F 505 -1.79 -58.49 23.59
CA ARG F 505 -2.04 -57.64 24.75
C ARG F 505 -1.62 -56.19 24.50
N ILE F 506 -0.41 -56.00 23.96
CA ILE F 506 0.08 -54.65 23.71
C ILE F 506 -0.74 -53.98 22.61
N ARG F 507 -1.15 -54.74 21.60
CA ARG F 507 -2.00 -54.19 20.55
C ARG F 507 -3.37 -53.80 21.10
N GLN F 508 -3.93 -54.64 21.97
CA GLN F 508 -5.24 -54.35 22.54
C GLN F 508 -5.20 -53.12 23.44
N ILE F 509 -4.15 -52.98 24.26
CA ILE F 509 -4.09 -51.80 25.12
C ILE F 509 -3.77 -50.56 24.29
N GLU F 510 -3.03 -50.69 23.18
CA GLU F 510 -2.83 -49.56 22.29
C GLU F 510 -4.13 -49.13 21.65
N SER F 511 -4.95 -50.09 21.21
CA SER F 511 -6.26 -49.77 20.65
C SER F 511 -7.17 -49.13 21.69
N LYS F 512 -7.07 -49.60 22.94
CA LYS F 512 -7.85 -49.01 24.01
C LYS F 512 -7.43 -47.56 24.28
N THR F 513 -6.13 -47.29 24.25
CA THR F 513 -5.67 -45.91 24.41
C THR F 513 -6.11 -45.04 23.25
N MET F 514 -6.09 -45.58 22.02
CA MET F 514 -6.58 -44.81 20.87
C MET F 514 -8.06 -44.50 21.01
N SER F 515 -8.86 -45.48 21.46
CA SER F 515 -10.29 -45.25 21.65
C SER F 515 -10.56 -44.25 22.77
N LYS F 516 -9.76 -44.30 23.84
CA LYS F 516 -9.90 -43.35 24.94
C LYS F 516 -9.55 -41.93 24.49
N LEU F 517 -8.48 -41.79 23.70
CA LEU F 517 -8.10 -40.49 23.18
C LEU F 517 -9.04 -40.00 22.09
N ARG F 518 -9.79 -40.91 21.46
CA ARG F 518 -10.79 -40.54 20.48
C ARG F 518 -12.12 -40.12 21.11
N HIS F 519 -12.27 -40.33 22.42
CA HIS F 519 -13.49 -39.91 23.09
C HIS F 519 -13.58 -38.38 23.11
N PRO F 520 -14.78 -37.82 22.93
CA PRO F 520 -14.90 -36.35 22.80
C PRO F 520 -14.55 -35.57 24.07
N SER F 521 -14.36 -36.24 25.21
CA SER F 521 -13.96 -35.52 26.42
C SER F 521 -12.55 -34.94 26.28
N ARG F 522 -11.60 -35.77 25.87
CA ARG F 522 -10.23 -35.32 25.63
C ARG F 522 -10.02 -34.97 24.16
N SER F 523 -10.88 -34.12 23.63
CA SER F 523 -10.80 -33.72 22.23
C SER F 523 -10.74 -32.20 22.05
N GLN F 524 -11.49 -31.44 22.84
CA GLN F 524 -11.52 -29.99 22.69
C GLN F 524 -10.17 -29.34 23.01
N VAL F 525 -9.34 -30.00 23.81
CA VAL F 525 -8.01 -29.47 24.10
C VAL F 525 -7.02 -29.72 22.98
N LEU F 526 -7.38 -30.53 21.98
CA LEU F 526 -6.47 -30.87 20.89
C LEU F 526 -7.09 -30.83 19.51
N ARG F 527 -8.43 -30.73 19.38
CA ARG F 527 -9.05 -30.67 18.06
C ARG F 527 -8.64 -29.42 17.30
N ASP F 528 -8.65 -28.26 17.95
CA ASP F 528 -8.29 -27.02 17.30
C ASP F 528 -6.78 -26.88 17.07
N TYR F 529 -5.97 -27.74 17.67
CA TYR F 529 -4.55 -27.79 17.36
C TYR F 529 -4.25 -28.52 16.06
N LEU F 530 -5.24 -29.23 15.50
CA LEU F 530 -5.11 -30.01 14.26
C LEU F 530 -4.00 -31.06 14.36
N ASP G 19 14.56 -29.22 19.19
CA ASP G 19 15.99 -29.07 19.45
C ASP G 19 16.31 -29.34 20.91
N ARG G 20 15.28 -29.66 21.69
CA ARG G 20 15.44 -29.91 23.12
C ARG G 20 15.45 -31.40 23.42
N GLY G 21 16.64 -31.99 23.52
CA GLY G 21 16.76 -33.39 23.85
C GLY G 21 17.22 -34.23 22.68
N ILE G 22 17.55 -33.56 21.57
CA ILE G 22 17.95 -34.29 20.33
C ILE G 22 19.43 -34.69 20.44
N ASP G 23 19.75 -35.94 20.10
CA ASP G 23 21.16 -36.39 20.12
C ASP G 23 21.67 -36.40 18.67
N LEU G 24 22.79 -35.71 18.42
CA LEU G 24 23.38 -35.67 17.05
C LEU G 24 23.94 -37.03 16.71
N ALA G 25 23.92 -37.43 15.43
CA ALA G 25 24.54 -38.71 15.04
C ALA G 25 26.03 -38.61 15.37
N PRO G 26 26.66 -39.68 15.94
CA PRO G 26 28.07 -39.61 16.35
C PRO G 26 28.96 -39.08 15.21
N ARG G 27 29.87 -38.16 15.52
CA ARG G 27 30.70 -37.54 14.50
C ARG G 27 32.16 -37.96 14.65
N GLN G 28 32.81 -38.17 13.52
CA GLN G 28 34.24 -38.36 13.43
C GLN G 28 34.84 -37.30 12.52
N ALA G 29 35.92 -36.68 12.97
CA ALA G 29 36.62 -35.68 12.18
C ALA G 29 37.68 -36.37 11.34
N VAL G 30 37.49 -36.39 10.03
CA VAL G 30 38.38 -37.08 9.11
C VAL G 30 39.31 -36.05 8.48
N GLU G 31 40.60 -36.34 8.49
CA GLU G 31 41.64 -35.40 8.09
C GLU G 31 41.96 -35.57 6.60
N TYR G 32 41.82 -34.48 5.85
CA TYR G 32 42.14 -34.44 4.42
C TYR G 32 43.30 -33.49 4.19
N ALA G 33 44.27 -33.94 3.39
CA ALA G 33 45.44 -33.15 3.04
C ALA G 33 45.56 -33.11 1.52
N CYS G 34 45.82 -31.91 0.99
CA CYS G 34 45.97 -31.71 -0.45
C CYS G 34 47.44 -31.79 -0.84
N GLU G 35 47.70 -31.63 -2.15
CA GLU G 35 49.07 -31.62 -2.63
C GLU G 35 49.84 -30.38 -2.18
N LYS G 36 49.14 -29.26 -1.95
CA LYS G 36 49.79 -28.01 -1.59
C LYS G 36 50.10 -27.91 -0.11
N GLY G 37 49.74 -28.91 0.69
CA GLY G 37 50.06 -28.93 2.11
C GLY G 37 48.95 -28.51 3.03
N HIS G 38 47.79 -28.11 2.51
CA HIS G 38 46.68 -27.70 3.36
C HIS G 38 46.03 -28.91 4.00
N ARG G 39 45.93 -28.89 5.33
CA ARG G 39 45.32 -29.97 6.10
C ARG G 39 44.07 -29.46 6.80
N PHE G 40 42.99 -30.23 6.71
CA PHE G 40 41.74 -29.78 7.31
C PHE G 40 40.92 -30.98 7.75
N GLU G 41 40.03 -30.74 8.72
CA GLU G 41 39.18 -31.79 9.28
C GLU G 41 37.75 -31.58 8.84
N MET G 42 37.11 -32.65 8.37
CA MET G 42 35.70 -32.61 8.01
C MET G 42 34.90 -33.53 8.91
N PRO G 43 33.78 -33.09 9.49
CA PRO G 43 32.98 -33.95 10.39
C PRO G 43 32.01 -34.81 9.59
N PHE G 44 32.11 -36.12 9.78
CA PHE G 44 31.24 -37.09 9.13
C PHE G 44 30.55 -37.94 10.19
N SER G 45 29.51 -38.66 9.79
CA SER G 45 28.83 -39.54 10.73
C SER G 45 29.58 -40.86 10.88
N VAL G 46 29.34 -41.55 11.99
CA VAL G 46 29.95 -42.87 12.20
C VAL G 46 29.37 -43.90 11.24
N GLU G 47 28.05 -43.91 11.06
CA GLU G 47 27.42 -44.80 10.10
C GLU G 47 27.71 -44.39 8.66
N ALA G 48 28.27 -43.21 8.44
CA ALA G 48 28.55 -42.70 7.11
C ALA G 48 29.73 -43.42 6.47
N GLU G 49 29.69 -43.51 5.14
CA GLU G 49 30.84 -43.99 4.38
C GLU G 49 31.81 -42.85 4.15
N ILE G 50 33.06 -43.04 4.59
CA ILE G 50 34.08 -41.99 4.48
C ILE G 50 34.57 -41.94 3.03
N PRO G 51 34.48 -40.78 2.37
CA PRO G 51 34.97 -40.67 1.01
C PRO G 51 36.48 -40.44 0.99
N PRO G 52 37.20 -41.13 0.11
CA PRO G 52 38.65 -40.90 0.02
C PRO G 52 39.03 -39.59 -0.66
N GLU G 53 38.09 -38.96 -1.35
CA GLU G 53 38.35 -37.77 -2.14
C GLU G 53 37.49 -36.61 -1.64
N TRP G 54 38.09 -35.42 -1.58
CA TRP G 54 37.35 -34.24 -1.18
C TRP G 54 37.97 -33.00 -1.80
N GLU G 55 37.21 -31.90 -1.77
CA GLU G 55 37.65 -30.63 -2.34
C GLU G 55 38.22 -29.75 -1.22
N CYS G 56 39.41 -29.20 -1.45
CA CYS G 56 40.13 -28.49 -0.40
C CYS G 56 39.50 -27.14 -0.09
N LYS G 57 39.26 -26.89 1.19
CA LYS G 57 38.64 -25.63 1.60
C LYS G 57 39.52 -24.41 1.36
N VAL G 58 40.84 -24.59 1.26
CA VAL G 58 41.77 -23.48 1.12
C VAL G 58 41.98 -23.08 -0.33
N CYS G 59 42.30 -24.03 -1.19
CA CYS G 59 42.65 -23.72 -2.57
C CYS G 59 41.78 -24.43 -3.60
N GLY G 60 40.87 -25.31 -3.19
CA GLY G 60 40.00 -26.00 -4.12
C GLY G 60 40.62 -27.20 -4.80
N ALA G 61 41.82 -27.62 -4.41
CA ALA G 61 42.48 -28.72 -5.09
C ALA G 61 42.02 -30.07 -4.52
N GLN G 62 42.55 -31.13 -5.11
CA GLN G 62 42.24 -32.49 -4.69
C GLN G 62 42.88 -32.78 -3.32
N ALA G 63 42.14 -33.46 -2.46
CA ALA G 63 42.59 -33.80 -1.11
C ALA G 63 42.83 -35.30 -1.04
N LEU G 64 43.92 -35.70 -0.38
CA LEU G 64 44.32 -37.10 -0.28
C LEU G 64 44.82 -37.44 1.12
N LEU G 65 45.56 -38.55 1.22
CA LEU G 65 46.19 -39.03 2.46
C LEU G 65 45.16 -39.45 3.50
N VAL G 66 44.08 -40.07 3.04
CA VAL G 66 43.06 -40.67 3.91
C VAL G 66 43.03 -42.15 3.58
N ASP G 67 43.75 -42.95 4.37
CA ASP G 67 43.91 -44.41 4.20
C ASP G 67 44.49 -44.65 2.81
N GLY G 68 43.81 -45.38 1.93
CA GLY G 68 44.29 -45.60 0.57
C GLY G 68 43.61 -44.67 -0.41
N ASP G 69 44.43 -44.08 -1.30
CA ASP G 69 43.91 -43.16 -2.30
C ASP G 69 44.86 -43.16 -3.49
N GLY G 70 44.34 -42.67 -4.62
CA GLY G 70 45.10 -42.59 -5.84
C GLY G 70 44.50 -41.61 -6.83
N PRO G 71 44.95 -41.67 -8.08
CA PRO G 71 44.35 -40.78 -9.10
C PRO G 71 42.97 -41.21 -9.55
N GLU G 72 42.72 -42.53 -9.67
CA GLU G 72 41.52 -43.09 -10.33
C GLU G 72 41.32 -42.48 -11.72
N GLU G 73 42.33 -42.68 -12.57
CA GLU G 73 42.34 -42.20 -13.96
C GLU G 73 42.14 -40.68 -14.02
N LYS G 74 43.06 -39.96 -13.38
CA LYS G 74 42.92 -38.51 -13.29
C LYS G 74 43.14 -37.83 -14.64
N LYS G 75 44.12 -38.32 -15.42
CA LYS G 75 44.39 -37.72 -16.72
C LYS G 75 43.23 -37.98 -17.69
N ALA G 76 42.83 -39.26 -17.82
CA ALA G 76 41.60 -39.67 -18.48
C ALA G 76 41.50 -39.19 -19.93
N LYS G 77 42.48 -39.61 -20.76
CA LYS G 77 42.52 -39.30 -22.19
C LYS G 77 42.43 -37.80 -22.46
N PRO G 78 43.51 -37.05 -22.24
CA PRO G 78 43.41 -35.58 -22.27
C PRO G 78 43.08 -35.04 -23.66
N ALA G 79 42.77 -33.74 -23.69
CA ALA G 79 42.22 -33.11 -24.89
C ALA G 79 43.20 -33.18 -26.06
N ARG G 80 42.65 -33.37 -27.25
CA ARG G 80 43.46 -33.53 -28.44
C ARG G 80 44.16 -32.22 -28.81
N THR G 81 45.48 -32.24 -28.71
CA THR G 81 46.28 -31.11 -29.18
C THR G 81 46.32 -31.11 -30.71
N HIS G 82 47.07 -30.14 -31.25
CA HIS G 82 47.16 -30.00 -32.70
C HIS G 82 47.86 -31.20 -33.33
N TRP G 83 48.73 -31.86 -32.57
CA TRP G 83 49.49 -32.99 -33.08
C TRP G 83 48.59 -34.19 -33.36
N ASP G 84 47.61 -34.43 -32.49
CA ASP G 84 46.69 -35.54 -32.69
C ASP G 84 45.79 -35.30 -33.91
N MET G 85 45.36 -34.06 -34.11
CA MET G 85 44.61 -33.73 -35.33
C MET G 85 45.51 -33.85 -36.56
N LEU G 86 46.82 -33.62 -36.38
CA LEU G 86 47.75 -33.87 -37.49
C LEU G 86 47.82 -35.36 -37.84
N MET G 87 47.85 -36.24 -36.85
CA MET G 87 47.72 -37.68 -37.16
C MET G 87 46.38 -37.96 -37.83
N GLU G 88 45.31 -37.30 -37.39
CA GLU G 88 43.98 -37.57 -37.92
C GLU G 88 43.90 -37.18 -39.40
N ARG G 89 44.56 -36.09 -39.78
CA ARG G 89 44.43 -35.55 -41.13
C ARG G 89 45.57 -35.94 -42.06
N ARG G 90 46.80 -36.09 -41.56
CA ARG G 90 47.95 -36.33 -42.43
C ARG G 90 48.78 -37.47 -41.89
N THR G 91 49.18 -38.40 -42.78
CA THR G 91 49.99 -39.52 -42.33
C THR G 91 51.45 -39.10 -42.20
N ARG G 92 52.18 -39.84 -41.34
CA ARG G 92 53.56 -39.45 -40.96
C ARG G 92 54.47 -39.23 -42.17
N GLU G 93 54.51 -40.18 -43.09
CA GLU G 93 55.45 -40.03 -44.21
C GLU G 93 55.07 -38.87 -45.10
N GLU G 94 53.77 -38.59 -45.22
CA GLU G 94 53.34 -37.33 -45.84
C GLU G 94 53.97 -36.14 -45.14
N LEU G 95 53.94 -36.16 -43.80
CA LEU G 95 54.63 -35.15 -43.01
C LEU G 95 56.11 -35.13 -43.33
N GLU G 96 56.72 -36.31 -43.55
CA GLU G 96 58.14 -36.37 -43.88
C GLU G 96 58.45 -35.59 -45.15
N GLU G 97 57.72 -35.85 -46.24
CA GLU G 97 58.06 -35.15 -47.48
C GLU G 97 57.76 -33.66 -47.39
N VAL G 98 56.68 -33.25 -46.72
CA VAL G 98 56.38 -31.82 -46.71
C VAL G 98 57.39 -31.08 -45.82
N LEU G 99 57.80 -31.71 -44.72
CA LEU G 99 58.82 -31.10 -43.83
C LEU G 99 60.15 -31.00 -44.57
N GLU G 100 60.50 -32.02 -45.37
CA GLU G 100 61.71 -31.96 -46.19
C GLU G 100 61.63 -30.79 -47.16
N GLU G 101 60.45 -30.54 -47.71
CA GLU G 101 60.26 -29.33 -48.52
C GLU G 101 60.42 -28.05 -47.68
N ARG G 102 60.01 -28.11 -46.41
CA ARG G 102 60.15 -26.92 -45.53
C ARG G 102 61.64 -26.69 -45.26
N LEU G 103 62.41 -27.78 -45.08
CA LEU G 103 63.88 -27.65 -44.90
C LEU G 103 64.49 -27.06 -46.17
N ALA G 104 63.99 -27.48 -47.34
CA ALA G 104 64.49 -26.92 -48.62
C ALA G 104 64.17 -25.42 -48.69
N VAL G 105 62.97 -25.03 -48.26
CA VAL G 105 62.59 -23.57 -48.24
C VAL G 105 63.60 -22.84 -47.34
N LEU G 106 63.99 -23.46 -46.22
CA LEU G 106 64.98 -22.85 -45.34
C LEU G 106 66.31 -22.62 -46.04
N ARG G 107 66.82 -23.65 -46.74
CA ARG G 107 68.09 -23.49 -47.43
C ARG G 107 67.97 -22.53 -48.60
N SER G 108 66.78 -22.41 -49.19
CA SER G 108 66.54 -21.39 -50.20
C SER G 108 66.63 -20.00 -49.59
N GLY G 109 66.07 -19.82 -48.40
CA GLY G 109 66.13 -18.54 -47.73
C GLY G 109 67.50 -18.24 -47.13
N ALA G 110 68.29 -19.28 -46.90
CA ALA G 110 69.62 -19.12 -46.32
C ALA G 110 70.67 -18.91 -47.41
N THR H 2 4.23 -15.47 -78.88
CA THR H 2 4.73 -16.37 -77.85
C THR H 2 3.79 -16.41 -76.65
N PHE H 3 3.43 -15.23 -76.15
CA PHE H 3 2.54 -15.10 -75.00
C PHE H 3 1.26 -14.41 -75.44
N LYS H 4 0.13 -14.99 -75.07
CA LYS H 4 -1.19 -14.47 -75.41
C LYS H 4 -1.99 -14.22 -74.13
N VAL H 5 -3.25 -13.86 -74.30
CA VAL H 5 -4.15 -13.56 -73.19
C VAL H 5 -4.98 -14.80 -72.90
N GLY H 6 -5.27 -15.02 -71.61
CA GLY H 6 -6.08 -16.14 -71.18
C GLY H 6 -5.34 -17.46 -71.06
N ASP H 7 -4.04 -17.49 -71.31
CA ASP H 7 -3.26 -18.71 -71.23
C ASP H 7 -2.64 -18.88 -69.85
N THR H 8 -2.18 -20.10 -69.57
CA THR H 8 -1.58 -20.43 -68.29
C THR H 8 -0.06 -20.55 -68.46
N VAL H 9 0.67 -19.90 -67.55
CA VAL H 9 2.13 -19.85 -67.60
C VAL H 9 2.67 -20.27 -66.24
N VAL H 10 3.75 -21.04 -66.24
CA VAL H 10 4.40 -21.47 -65.01
C VAL H 10 5.48 -20.47 -64.66
N TYR H 11 5.37 -19.87 -63.47
CA TYR H 11 6.33 -18.92 -62.91
C TYR H 11 7.10 -19.58 -61.77
N PRO H 12 8.41 -19.38 -61.71
CA PRO H 12 9.22 -20.01 -60.65
C PRO H 12 8.81 -19.52 -59.27
N HIS H 13 8.90 -20.43 -58.30
CA HIS H 13 8.63 -20.19 -56.88
C HIS H 13 7.18 -19.82 -56.60
N HIS H 14 6.31 -19.90 -57.63
CA HIS H 14 4.89 -19.64 -57.47
C HIS H 14 4.00 -20.63 -58.20
N GLY H 15 4.53 -21.43 -59.12
CA GLY H 15 3.75 -22.44 -59.79
C GLY H 15 3.00 -21.92 -61.00
N ALA H 16 1.90 -22.59 -61.30
CA ALA H 16 1.06 -22.19 -62.44
C ALA H 16 0.33 -20.90 -62.13
N ALA H 17 0.07 -20.11 -63.17
CA ALA H 17 -0.59 -18.82 -63.01
C ALA H 17 -1.34 -18.50 -64.29
N LEU H 18 -2.32 -17.60 -64.17
CA LEU H 18 -3.13 -17.18 -65.32
C LEU H 18 -2.90 -15.71 -65.60
N ILE H 19 -2.81 -15.38 -66.89
CA ILE H 19 -2.54 -14.01 -67.34
C ILE H 19 -3.86 -13.29 -67.55
N GLU H 20 -3.96 -12.08 -67.01
CA GLU H 20 -5.16 -11.26 -67.13
C GLU H 20 -5.17 -10.39 -68.38
N ALA H 21 -4.17 -9.52 -68.53
CA ALA H 21 -4.15 -8.59 -69.65
C ALA H 21 -2.70 -8.16 -69.91
N ILE H 22 -2.52 -7.45 -71.02
CA ILE H 22 -1.22 -6.93 -71.43
C ILE H 22 -1.19 -5.45 -71.07
N GLU H 23 -0.17 -5.05 -70.31
CA GLU H 23 -0.03 -3.67 -69.85
C GLU H 23 1.00 -2.93 -70.70
N THR H 24 0.71 -1.67 -70.98
CA THR H 24 1.56 -0.82 -71.82
C THR H 24 2.11 0.37 -71.01
N ARG H 25 2.56 0.11 -69.79
CA ARG H 25 3.15 1.16 -68.98
C ARG H 25 4.47 1.62 -69.57
N GLN H 26 4.70 2.93 -69.53
CA GLN H 26 5.87 3.55 -70.13
C GLN H 26 6.89 3.90 -69.06
N ILE H 27 8.14 3.50 -69.28
CA ILE H 27 9.25 3.83 -68.38
C ILE H 27 10.32 4.51 -69.21
N LYS H 28 10.65 5.76 -68.83
CA LYS H 28 11.63 6.59 -69.54
C LYS H 28 11.28 6.75 -71.01
N GLY H 29 9.99 6.90 -71.30
CA GLY H 29 9.55 7.08 -72.67
C GLY H 29 9.63 5.84 -73.54
N VAL H 30 9.67 4.66 -72.93
CA VAL H 30 9.75 3.40 -73.66
C VAL H 30 8.51 2.58 -73.34
N ASP H 31 7.78 2.16 -74.38
CA ASP H 31 6.53 1.42 -74.21
C ASP H 31 6.86 -0.07 -74.11
N LYS H 32 7.19 -0.49 -72.89
CA LYS H 32 7.47 -1.90 -72.65
C LYS H 32 6.16 -2.70 -72.66
N THR H 33 6.24 -3.92 -73.18
CA THR H 33 5.06 -4.78 -73.31
C THR H 33 4.94 -5.63 -72.04
N TYR H 34 4.40 -5.00 -71.00
CA TYR H 34 4.16 -5.71 -69.74
C TYR H 34 2.95 -6.62 -69.86
N LEU H 35 3.03 -7.77 -69.18
CA LEU H 35 1.92 -8.69 -69.05
C LEU H 35 1.73 -9.01 -67.57
N VAL H 36 0.47 -9.06 -67.15
CA VAL H 36 0.13 -9.27 -65.74
C VAL H 36 -0.50 -10.66 -65.57
N LEU H 37 -0.09 -11.33 -64.50
CA LEU H 37 -0.53 -12.69 -64.21
C LEU H 37 -0.72 -12.83 -62.72
N LYS H 38 -1.47 -13.86 -62.31
CA LYS H 38 -1.75 -14.06 -60.90
C LYS H 38 -1.95 -15.54 -60.61
N VAL H 39 -1.78 -15.88 -59.33
CA VAL H 39 -2.05 -17.20 -58.80
C VAL H 39 -3.21 -17.09 -57.79
N ALA H 40 -3.64 -18.24 -57.29
CA ALA H 40 -4.66 -18.28 -56.25
C ALA H 40 -4.08 -18.55 -54.87
N GLN H 41 -2.76 -18.70 -54.76
CA GLN H 41 -2.15 -19.06 -53.48
C GLN H 41 -1.91 -17.83 -52.61
N GLY H 42 -1.08 -16.90 -53.07
CA GLY H 42 -0.66 -15.77 -52.28
C GLY H 42 -1.36 -14.46 -52.55
N ASP H 43 -2.29 -14.42 -53.51
CA ASP H 43 -3.04 -13.21 -53.87
C ASP H 43 -2.12 -12.06 -54.26
N LEU H 44 -1.28 -12.32 -55.26
CA LEU H 44 -0.33 -11.34 -55.75
C LEU H 44 -0.43 -11.23 -57.27
N THR H 45 -0.06 -10.07 -57.79
CA THR H 45 -0.07 -9.79 -59.21
C THR H 45 1.36 -9.58 -59.68
N VAL H 46 1.71 -10.22 -60.79
CA VAL H 46 3.07 -10.21 -61.34
C VAL H 46 3.04 -9.56 -62.72
N ARG H 47 3.82 -8.50 -62.89
CA ARG H 47 3.93 -7.80 -64.17
C ARG H 47 5.33 -8.02 -64.71
N VAL H 48 5.43 -8.62 -65.89
CA VAL H 48 6.70 -8.96 -66.50
C VAL H 48 6.69 -8.45 -67.93
N PRO H 49 7.72 -7.73 -68.39
CA PRO H 49 7.81 -7.39 -69.81
C PRO H 49 8.15 -8.61 -70.65
N ALA H 50 7.70 -8.58 -71.90
CA ALA H 50 7.91 -9.72 -72.79
C ALA H 50 9.35 -9.81 -73.28
N ASP H 51 10.10 -8.69 -73.23
CA ASP H 51 11.46 -8.71 -73.75
C ASP H 51 12.41 -9.50 -72.85
N ASN H 52 12.26 -9.37 -71.53
CA ASN H 52 13.11 -10.07 -70.58
C ASN H 52 12.38 -11.22 -69.90
N ALA H 53 11.29 -11.72 -70.50
CA ALA H 53 10.53 -12.81 -69.91
C ALA H 53 11.36 -14.10 -69.88
N GLU H 54 12.11 -14.38 -70.95
CA GLU H 54 12.95 -15.56 -70.98
C GLU H 54 14.12 -15.44 -70.02
N PHE H 55 14.58 -14.22 -69.75
CA PHE H 55 15.71 -14.02 -68.85
C PHE H 55 15.31 -14.24 -67.39
N VAL H 56 14.11 -13.79 -67.00
CA VAL H 56 13.69 -13.94 -65.61
C VAL H 56 13.33 -15.38 -65.30
N GLY H 57 12.98 -16.17 -66.32
CA GLY H 57 12.75 -17.59 -66.14
C GLY H 57 11.32 -18.08 -66.30
N VAL H 58 10.45 -17.35 -67.01
CA VAL H 58 9.10 -17.86 -67.24
C VAL H 58 9.14 -19.01 -68.23
N ARG H 59 8.11 -19.84 -68.19
CA ARG H 59 8.06 -21.04 -69.01
C ARG H 59 6.61 -21.44 -69.20
N ASP H 60 6.28 -21.93 -70.40
CA ASP H 60 4.91 -22.21 -70.79
C ASP H 60 4.46 -23.56 -70.20
N VAL H 61 3.34 -24.07 -70.70
CA VAL H 61 2.82 -25.36 -70.24
C VAL H 61 3.39 -26.46 -71.12
N VAL H 62 4.08 -27.41 -70.51
CA VAL H 62 4.61 -28.56 -71.23
C VAL H 62 3.49 -29.57 -71.46
N GLY H 63 3.40 -30.08 -72.68
CA GLY H 63 2.35 -31.00 -73.06
C GLY H 63 2.59 -32.42 -72.58
N GLN H 64 2.32 -33.37 -73.47
CA GLN H 64 2.44 -34.78 -73.12
C GLN H 64 3.89 -35.25 -72.96
N ASP H 65 4.86 -34.41 -73.31
CA ASP H 65 6.27 -34.76 -73.19
C ASP H 65 6.80 -34.56 -71.77
N GLY H 66 6.02 -33.97 -70.87
CA GLY H 66 6.50 -33.67 -69.54
C GLY H 66 6.14 -34.66 -68.47
N LEU H 67 4.88 -35.12 -68.45
CA LEU H 67 4.45 -36.03 -67.40
C LEU H 67 5.15 -37.38 -67.49
N ASP H 68 5.36 -37.89 -68.69
CA ASP H 68 6.08 -39.15 -68.85
C ASP H 68 7.54 -39.05 -68.41
N ARG H 69 8.22 -37.95 -68.72
CA ARG H 69 9.62 -37.84 -68.33
C ARG H 69 9.76 -37.61 -66.83
N VAL H 70 8.86 -36.83 -66.22
CA VAL H 70 8.94 -36.68 -64.77
C VAL H 70 8.52 -37.96 -64.06
N PHE H 71 7.66 -38.78 -64.66
CA PHE H 71 7.34 -40.07 -64.07
C PHE H 71 8.50 -41.05 -64.17
N GLU H 72 9.21 -41.05 -65.30
CA GLU H 72 10.32 -41.99 -65.44
C GLU H 72 11.55 -41.56 -64.66
N VAL H 73 11.73 -40.26 -64.41
CA VAL H 73 12.77 -39.86 -63.47
C VAL H 73 12.29 -39.98 -62.03
N LEU H 74 10.98 -40.03 -61.80
CA LEU H 74 10.46 -40.32 -60.47
C LEU H 74 10.58 -41.81 -60.14
N ARG H 75 10.53 -42.67 -61.15
CA ARG H 75 10.69 -44.10 -60.95
C ARG H 75 12.12 -44.57 -61.18
N ALA H 76 13.06 -43.66 -61.40
CA ALA H 76 14.44 -44.03 -61.68
C ALA H 76 15.12 -44.52 -60.40
N PRO H 77 15.65 -45.74 -60.38
CA PRO H 77 16.33 -46.23 -59.18
C PRO H 77 17.79 -45.78 -59.11
N TYR H 78 18.53 -46.32 -58.13
CA TYR H 78 19.95 -46.09 -57.94
C TYR H 78 20.29 -44.62 -57.69
N ALA H 79 19.40 -43.88 -57.04
CA ALA H 79 19.69 -42.50 -56.67
C ALA H 79 20.38 -42.48 -55.31
N GLU H 80 21.52 -41.77 -55.23
CA GLU H 80 22.31 -41.72 -54.02
C GLU H 80 22.57 -40.28 -53.63
N GLU H 81 22.85 -40.08 -52.35
CA GLU H 81 23.11 -38.77 -51.77
C GLU H 81 24.37 -38.85 -50.92
N PRO H 82 25.06 -37.72 -50.73
CA PRO H 82 26.24 -37.73 -49.84
C PRO H 82 25.87 -38.06 -48.41
N THR H 83 26.83 -38.66 -47.70
CA THR H 83 26.59 -39.10 -46.33
C THR H 83 26.30 -37.91 -45.41
N ASN H 84 27.03 -36.81 -45.57
CA ASN H 84 26.76 -35.62 -44.79
C ASN H 84 25.46 -34.98 -45.25
N TRP H 85 24.60 -34.63 -44.29
CA TRP H 85 23.30 -34.05 -44.63
C TRP H 85 23.42 -32.61 -45.09
N SER H 86 24.52 -31.95 -44.75
CA SER H 86 24.68 -30.53 -45.09
C SER H 86 24.83 -30.32 -46.59
N ARG H 87 25.58 -31.20 -47.26
CA ARG H 87 25.75 -31.06 -48.71
C ARG H 87 24.45 -31.30 -49.46
N ARG H 88 23.68 -32.32 -49.05
CA ARG H 88 22.38 -32.55 -49.67
C ARG H 88 21.41 -31.42 -49.36
N TYR H 89 21.49 -30.88 -48.14
CA TYR H 89 20.63 -29.75 -47.78
C TYR H 89 20.95 -28.52 -48.62
N LYS H 90 22.24 -28.28 -48.88
CA LYS H 90 22.63 -27.17 -49.74
C LYS H 90 22.28 -27.43 -51.21
N ALA H 91 22.25 -28.70 -51.62
CA ALA H 91 21.91 -29.02 -53.01
C ALA H 91 20.42 -28.92 -53.30
N ASN H 92 19.56 -29.28 -52.33
CA ASN H 92 18.15 -29.41 -52.65
C ASN H 92 17.49 -28.05 -52.89
N LEU H 93 17.83 -27.03 -52.10
CA LEU H 93 17.18 -25.73 -52.34
C LEU H 93 17.72 -25.08 -53.61
N GLU H 94 18.98 -25.37 -53.96
CA GLU H 94 19.50 -24.92 -55.26
C GLU H 94 18.75 -25.57 -56.40
N LYS H 95 18.46 -26.87 -56.28
CA LYS H 95 17.68 -27.56 -57.31
C LYS H 95 16.25 -27.02 -57.36
N LEU H 96 15.69 -26.66 -56.21
CA LEU H 96 14.37 -26.02 -56.18
C LEU H 96 14.40 -24.66 -56.88
N ALA H 97 15.43 -23.87 -56.62
CA ALA H 97 15.54 -22.55 -57.22
C ALA H 97 15.90 -22.60 -58.70
N SER H 98 16.42 -23.74 -59.17
CA SER H 98 16.67 -23.89 -60.61
C SER H 98 15.37 -23.86 -61.40
N GLY H 99 14.30 -24.41 -60.84
CA GLY H 99 12.99 -24.36 -61.47
C GLY H 99 12.70 -25.46 -62.48
N ASP H 100 13.63 -26.38 -62.70
CA ASP H 100 13.40 -27.46 -63.65
C ASP H 100 12.41 -28.45 -63.04
N VAL H 101 11.50 -28.95 -63.88
CA VAL H 101 10.48 -29.88 -63.41
C VAL H 101 11.10 -31.23 -63.07
N ILE H 102 12.06 -31.67 -63.88
CA ILE H 102 12.76 -32.93 -63.61
C ILE H 102 13.53 -32.85 -62.30
N LYS H 103 14.22 -31.72 -62.07
CA LYS H 103 14.99 -31.56 -60.85
C LYS H 103 14.11 -31.56 -59.61
N VAL H 104 12.99 -30.82 -59.64
CA VAL H 104 12.11 -30.78 -58.48
C VAL H 104 11.42 -32.13 -58.29
N ALA H 105 11.13 -32.84 -59.38
CA ALA H 105 10.57 -34.18 -59.25
C ALA H 105 11.54 -35.13 -58.57
N GLU H 106 12.83 -35.06 -58.95
CA GLU H 106 13.84 -35.88 -58.30
C GLU H 106 13.99 -35.51 -56.82
N VAL H 107 13.98 -34.21 -56.51
CA VAL H 107 14.12 -33.76 -55.13
C VAL H 107 12.96 -34.27 -54.29
N VAL H 108 11.72 -34.11 -54.79
CA VAL H 108 10.58 -34.56 -53.99
C VAL H 108 10.53 -36.08 -53.88
N ARG H 109 10.96 -36.82 -54.92
CA ARG H 109 10.95 -38.27 -54.83
C ARG H 109 11.97 -38.78 -53.80
N ASP H 110 13.21 -38.28 -53.87
CA ASP H 110 14.24 -38.72 -52.93
C ASP H 110 13.87 -38.31 -51.51
N LEU H 111 13.34 -37.10 -51.35
CA LEU H 111 12.98 -36.59 -50.00
C LEU H 111 11.82 -37.43 -49.45
N TRP H 112 10.80 -37.72 -50.27
CA TRP H 112 9.70 -38.56 -49.82
C TRP H 112 10.19 -39.95 -49.44
N ARG H 113 11.12 -40.51 -50.20
CA ARG H 113 11.68 -41.82 -49.85
C ARG H 113 12.41 -41.76 -48.51
N ARG H 114 13.17 -40.68 -48.30
CA ARG H 114 13.88 -40.51 -47.02
C ARG H 114 12.91 -40.36 -45.86
N GLU H 115 11.81 -39.62 -46.06
CA GLU H 115 10.80 -39.50 -45.02
C GLU H 115 10.09 -40.83 -44.77
N ARG H 116 9.91 -41.64 -45.82
CA ARG H 116 9.27 -42.94 -45.65
C ARG H 116 10.14 -43.92 -44.88
N GLU H 117 11.44 -43.94 -45.17
CA GLU H 117 12.28 -44.99 -44.59
C GLU H 117 12.52 -44.80 -43.09
N ARG H 118 12.87 -43.59 -42.65
CA ARG H 118 13.09 -43.34 -41.24
C ARG H 118 12.30 -42.15 -40.71
N GLY H 119 12.21 -41.05 -41.47
CA GLY H 119 11.58 -39.84 -40.97
C GLY H 119 12.61 -38.80 -40.60
N LEU H 120 12.63 -37.69 -41.32
CA LEU H 120 13.76 -36.76 -41.24
C LEU H 120 13.66 -35.80 -40.06
N SER H 121 12.66 -34.93 -40.07
CA SER H 121 12.52 -33.86 -39.09
C SER H 121 11.17 -33.19 -39.28
N ALA H 122 10.93 -32.13 -38.51
CA ALA H 122 9.76 -31.28 -38.70
C ALA H 122 10.10 -30.02 -39.49
N GLY H 123 11.36 -29.58 -39.44
CA GLY H 123 11.76 -28.40 -40.19
C GLY H 123 11.70 -28.63 -41.70
N GLU H 124 12.20 -29.77 -42.16
CA GLU H 124 12.21 -30.06 -43.60
C GLU H 124 10.81 -30.31 -44.15
N LYS H 125 9.83 -30.53 -43.26
CA LYS H 125 8.45 -30.73 -43.69
C LYS H 125 7.91 -29.49 -44.39
N ARG H 126 8.34 -28.31 -43.97
CA ARG H 126 7.92 -27.07 -44.62
C ARG H 126 8.35 -27.04 -46.07
N MET H 127 9.61 -27.38 -46.36
CA MET H 127 10.04 -27.32 -47.76
C MET H 127 9.53 -28.48 -48.60
N LEU H 128 9.34 -29.66 -48.01
CA LEU H 128 8.73 -30.80 -48.75
C LEU H 128 7.30 -30.38 -49.12
N ALA H 129 6.57 -29.79 -48.18
CA ALA H 129 5.20 -29.34 -48.40
C ALA H 129 5.14 -28.27 -49.48
N LYS H 130 6.06 -27.30 -49.44
CA LYS H 130 6.10 -26.25 -50.46
C LYS H 130 6.42 -26.83 -51.83
N ALA H 131 7.38 -27.76 -51.91
CA ALA H 131 7.75 -28.37 -53.18
C ALA H 131 6.60 -29.21 -53.74
N ARG H 132 5.92 -29.97 -52.89
CA ARG H 132 4.76 -30.75 -53.34
C ARG H 132 3.64 -29.83 -53.81
N GLN H 133 3.42 -28.71 -53.11
CA GLN H 133 2.40 -27.77 -53.53
C GLN H 133 2.70 -27.16 -54.88
N ILE H 134 3.95 -26.69 -55.09
CA ILE H 134 4.27 -26.08 -56.38
C ILE H 134 4.29 -27.11 -57.50
N LEU H 135 4.69 -28.35 -57.20
CA LEU H 135 4.70 -29.39 -58.23
C LEU H 135 3.29 -29.83 -58.60
N VAL H 136 2.39 -29.95 -57.63
CA VAL H 136 1.01 -30.32 -57.95
C VAL H 136 0.29 -29.15 -58.63
N SER H 137 0.68 -27.90 -58.34
CA SER H 137 0.13 -26.77 -59.07
C SER H 137 0.64 -26.74 -60.50
N GLU H 138 1.91 -27.13 -60.72
CA GLU H 138 2.45 -27.21 -62.07
C GLU H 138 1.76 -28.29 -62.89
N LEU H 139 1.53 -29.47 -62.29
CA LEU H 139 0.90 -30.54 -63.04
C LEU H 139 -0.62 -30.40 -63.12
N ALA H 140 -1.22 -29.56 -62.27
CA ALA H 140 -2.67 -29.44 -62.26
C ALA H 140 -3.19 -28.74 -63.51
N LEU H 141 -2.53 -27.65 -63.90
CA LEU H 141 -2.95 -26.89 -65.07
C LEU H 141 -2.29 -27.36 -66.36
N ALA H 142 -1.38 -28.33 -66.28
CA ALA H 142 -0.79 -28.92 -67.48
C ALA H 142 -1.69 -29.98 -68.08
N GLU H 143 -2.29 -30.83 -67.25
CA GLU H 143 -3.25 -31.83 -67.68
C GLU H 143 -4.69 -31.32 -67.61
N ASN H 144 -4.88 -30.09 -67.13
CA ASN H 144 -6.20 -29.47 -66.96
C ASN H 144 -7.12 -30.30 -66.08
N THR H 145 -6.55 -30.91 -65.03
CA THR H 145 -7.33 -31.69 -64.09
C THR H 145 -7.63 -30.86 -62.83
N ASN H 146 -8.58 -31.35 -62.04
CA ASN H 146 -8.93 -30.70 -60.79
C ASN H 146 -7.82 -30.87 -59.77
N GLU H 147 -7.71 -29.90 -58.85
CA GLU H 147 -6.61 -29.90 -57.89
C GLU H 147 -6.70 -31.07 -56.93
N ASP H 148 -7.91 -31.44 -56.50
CA ASP H 148 -8.06 -32.65 -55.69
C ASP H 148 -7.73 -33.90 -56.52
N LYS H 149 -8.16 -33.93 -57.78
CA LYS H 149 -7.75 -35.02 -58.66
C LYS H 149 -6.26 -34.99 -58.94
N ALA H 150 -5.66 -33.79 -59.00
CA ALA H 150 -4.22 -33.67 -59.22
C ALA H 150 -3.43 -34.24 -58.06
N GLU H 151 -3.86 -33.95 -56.82
CA GLU H 151 -3.17 -34.51 -55.67
C GLU H 151 -3.53 -35.98 -55.43
N ALA H 152 -4.67 -36.43 -55.95
CA ALA H 152 -5.04 -37.83 -55.80
C ALA H 152 -4.29 -38.73 -56.79
N LEU H 153 -4.06 -38.24 -58.02
CA LEU H 153 -3.44 -39.08 -59.04
C LEU H 153 -1.99 -39.38 -58.72
N LEU H 154 -1.31 -38.50 -57.99
CA LEU H 154 0.09 -38.72 -57.63
C LEU H 154 0.24 -39.70 -56.46
N ASP H 155 -0.86 -40.08 -55.81
CA ASP H 155 -0.75 -40.92 -54.61
C ASP H 155 -0.42 -42.36 -54.96
N GLU H 156 -0.81 -42.82 -56.15
CA GLU H 156 -0.57 -44.20 -56.54
C GLU H 156 0.65 -44.37 -57.44
N VAL H 157 1.39 -43.30 -57.73
CA VAL H 157 2.53 -43.39 -58.66
C VAL H 157 3.87 -43.15 -58.00
N LEU H 158 3.90 -42.61 -56.77
CA LEU H 158 5.17 -42.30 -56.13
C LEU H 158 5.72 -43.46 -55.30
N ALA H 159 4.98 -44.55 -55.18
CA ALA H 159 5.44 -45.70 -54.42
C ALA H 159 6.20 -46.68 -55.31
N ALA I 37 -24.22 -56.65 -9.63
CA ALA I 37 -24.05 -57.50 -10.80
C ALA I 37 -24.59 -56.83 -12.05
N GLU I 38 -25.48 -55.86 -11.86
CA GLU I 38 -26.07 -55.15 -12.99
C GLU I 38 -25.10 -54.16 -13.62
N GLU I 39 -24.05 -53.76 -12.89
CA GLU I 39 -23.06 -52.80 -13.39
C GLU I 39 -21.77 -53.48 -13.84
N GLU I 40 -21.78 -54.79 -14.02
CA GLU I 40 -20.59 -55.54 -14.43
C GLU I 40 -20.35 -55.29 -15.91
N GLU I 41 -19.64 -54.21 -16.21
CA GLU I 41 -19.34 -53.84 -17.59
C GLU I 41 -18.17 -54.66 -18.11
N SER I 42 -18.22 -54.96 -19.41
CA SER I 42 -17.11 -55.67 -20.04
C SER I 42 -15.91 -54.74 -20.17
N GLY I 43 -14.74 -55.22 -19.76
CA GLY I 43 -13.55 -54.41 -19.73
C GLY I 43 -13.43 -53.51 -18.53
N ALA I 44 -14.38 -53.57 -17.59
CA ALA I 44 -14.33 -52.72 -16.41
C ALA I 44 -13.41 -53.34 -15.35
N LEU I 45 -12.60 -52.50 -14.74
CA LEU I 45 -11.62 -52.92 -13.73
C LEU I 45 -12.04 -52.35 -12.38
N ARG I 46 -12.23 -53.22 -11.40
CA ARG I 46 -12.76 -52.82 -10.10
C ARG I 46 -11.71 -53.02 -9.01
N PHE I 47 -11.65 -52.06 -8.09
CA PHE I 47 -10.69 -52.05 -7.01
C PHE I 47 -11.41 -52.02 -5.67
N GLY I 48 -10.85 -52.75 -4.71
CA GLY I 48 -11.43 -52.81 -3.37
C GLY I 48 -10.50 -52.32 -2.29
N VAL I 49 -10.86 -51.20 -1.67
CA VAL I 49 -10.05 -50.60 -0.62
C VAL I 49 -10.77 -50.55 0.72
N LEU I 50 -12.11 -50.50 0.74
CA LEU I 50 -12.87 -50.39 1.98
C LEU I 50 -12.73 -51.61 2.88
N GLY I 51 -12.25 -52.74 2.36
CA GLY I 51 -11.88 -53.87 3.17
C GLY I 51 -10.44 -54.25 2.88
N PRO I 52 -10.17 -55.54 2.73
CA PRO I 52 -8.88 -55.96 2.17
C PRO I 52 -8.79 -55.52 0.72
N VAL I 53 -7.69 -54.84 0.38
CA VAL I 53 -7.53 -54.29 -0.96
C VAL I 53 -7.40 -55.42 -1.97
N ARG I 54 -8.07 -55.27 -3.11
CA ARG I 54 -8.09 -56.30 -4.14
C ARG I 54 -8.29 -55.68 -5.51
N ALA I 55 -7.91 -56.44 -6.54
CA ALA I 55 -8.09 -56.06 -7.93
C ALA I 55 -8.96 -57.10 -8.61
N TRP I 56 -9.95 -56.63 -9.37
CA TRP I 56 -10.90 -57.49 -10.07
C TRP I 56 -10.92 -57.08 -11.53
N ARG I 57 -10.57 -58.01 -12.41
CA ARG I 57 -10.62 -57.81 -13.85
C ARG I 57 -11.79 -58.62 -14.37
N ASP I 58 -12.87 -57.93 -14.75
CA ASP I 58 -14.05 -58.53 -15.39
C ASP I 58 -14.66 -59.65 -14.56
N GLY I 59 -14.42 -59.65 -13.25
CA GLY I 59 -14.97 -60.64 -12.36
C GLY I 59 -13.95 -61.58 -11.74
N GLU I 60 -12.73 -61.66 -12.27
CA GLU I 60 -11.73 -62.55 -11.70
C GLU I 60 -10.72 -61.74 -10.88
N THR I 61 -10.33 -62.30 -9.73
CA THR I 61 -9.46 -61.60 -8.80
C THR I 61 -8.00 -61.75 -9.20
N LEU I 62 -7.22 -60.72 -8.89
CA LEU I 62 -5.80 -60.70 -9.19
C LEU I 62 -4.99 -60.83 -7.91
N ALA I 63 -3.80 -61.43 -8.04
CA ALA I 63 -2.88 -61.58 -6.92
C ALA I 63 -2.25 -60.23 -6.64
N THR I 64 -2.72 -59.56 -5.58
CA THR I 64 -2.18 -58.25 -5.24
C THR I 64 -0.74 -58.33 -4.79
N GLY I 65 -0.40 -59.32 -3.97
CA GLY I 65 0.98 -59.54 -3.59
C GLY I 65 1.27 -59.33 -2.11
N SER I 66 2.46 -58.81 -1.82
CA SER I 66 2.90 -58.63 -0.45
C SER I 66 2.09 -57.54 0.25
N PRO I 67 2.02 -57.56 1.58
CA PRO I 67 1.28 -56.50 2.30
C PRO I 67 1.78 -55.11 2.03
N GLN I 68 3.09 -54.91 1.88
CA GLN I 68 3.60 -53.60 1.53
C GLN I 68 3.22 -53.22 0.10
N GLN I 69 3.19 -54.20 -0.81
CA GLN I 69 2.70 -53.95 -2.15
C GLN I 69 1.23 -53.57 -2.14
N ARG I 70 0.43 -54.24 -1.31
CA ARG I 70 -0.98 -53.89 -1.17
C ARG I 70 -1.15 -52.49 -0.61
N ALA I 71 -0.32 -52.12 0.37
CA ALA I 71 -0.41 -50.78 0.95
C ALA I 71 0.04 -49.71 -0.03
N LEU I 72 1.03 -50.02 -0.87
CA LEU I 72 1.41 -49.08 -1.94
C LEU I 72 0.29 -48.90 -2.94
N LEU I 73 -0.39 -49.99 -3.31
CA LEU I 73 -1.54 -49.88 -4.20
C LEU I 73 -2.65 -49.04 -3.58
N ALA I 74 -2.90 -49.24 -2.28
CA ALA I 74 -3.91 -48.45 -1.59
C ALA I 74 -3.53 -46.97 -1.53
N ALA I 75 -2.25 -46.68 -1.26
CA ALA I 75 -1.79 -45.30 -1.23
C ALA I 75 -1.89 -44.63 -2.58
N LEU I 76 -1.61 -45.36 -3.66
CA LEU I 76 -1.76 -44.81 -5.00
C LEU I 76 -3.22 -44.67 -5.39
N LEU I 77 -4.12 -45.46 -4.78
CA LEU I 77 -5.51 -45.44 -5.21
C LEU I 77 -6.31 -44.34 -4.52
N LEU I 78 -6.11 -44.15 -3.22
CA LEU I 78 -6.96 -43.25 -2.43
C LEU I 78 -6.79 -41.79 -2.81
N ARG I 79 -5.74 -41.48 -3.58
CA ARG I 79 -5.48 -40.07 -4.00
C ARG I 79 -6.31 -39.75 -5.24
N GLU I 80 -7.24 -40.65 -5.60
CA GLU I 80 -8.12 -40.41 -6.79
C GLU I 80 -7.28 -40.12 -8.03
N GLY I 81 -6.24 -40.91 -8.27
CA GLY I 81 -5.41 -40.74 -9.47
C GLY I 81 -4.54 -39.49 -9.44
N ARG I 82 -4.17 -39.01 -8.25
CA ARG I 82 -3.24 -37.85 -8.19
C ARG I 82 -1.80 -38.38 -8.14
N THR I 83 -0.85 -37.65 -8.73
CA THR I 83 0.56 -38.10 -8.78
C THR I 83 1.20 -38.02 -7.40
N ALA I 84 1.58 -39.16 -6.83
CA ALA I 84 2.30 -39.16 -5.57
C ALA I 84 3.77 -39.45 -5.82
N THR I 85 4.64 -38.58 -5.29
CA THR I 85 6.07 -38.73 -5.51
C THR I 85 6.61 -39.95 -4.77
N ALA I 86 7.79 -40.40 -5.20
CA ALA I 86 8.38 -41.61 -4.63
C ALA I 86 8.76 -41.42 -3.16
N GLY I 87 9.27 -40.23 -2.81
CA GLY I 87 9.60 -39.96 -1.43
C GLY I 87 8.38 -39.94 -0.53
N GLU I 88 7.29 -39.36 -1.05
CA GLU I 88 6.01 -39.32 -0.27
C GLU I 88 5.45 -40.74 -0.18
N LEU I 89 5.55 -41.53 -1.25
CA LEU I 89 5.13 -42.93 -1.17
C LEU I 89 5.92 -43.68 -0.11
N ILE I 90 7.23 -43.41 -0.03
CA ILE I 90 8.06 -44.01 1.01
C ILE I 90 7.56 -43.59 2.40
N ASP I 91 7.26 -42.30 2.55
CA ASP I 91 6.76 -41.79 3.83
C ASP I 91 5.43 -42.42 4.19
N ALA I 92 4.54 -42.60 3.19
CA ALA I 92 3.25 -43.21 3.46
C ALA I 92 3.39 -44.68 3.85
N LEU I 93 4.26 -45.42 3.17
CA LEU I 93 4.37 -46.85 3.44
C LEU I 93 5.12 -47.14 4.73
N TRP I 94 6.23 -46.44 4.98
CA TRP I 94 7.17 -46.78 6.04
C TRP I 94 7.29 -45.74 7.14
N GLY I 95 7.06 -44.47 6.85
CA GLY I 95 7.00 -43.46 7.90
C GLY I 95 8.30 -42.69 8.04
N GLU I 96 8.94 -42.81 9.20
CA GLU I 96 10.06 -41.95 9.56
C GLU I 96 11.42 -42.60 9.37
N GLU I 97 11.51 -43.93 9.43
CA GLU I 97 12.78 -44.65 9.36
C GLU I 97 12.76 -45.61 8.17
N PRO I 98 13.14 -45.14 6.99
CA PRO I 98 13.28 -46.05 5.84
C PRO I 98 14.71 -46.55 5.73
N PRO I 99 14.92 -47.73 5.14
CA PRO I 99 16.29 -48.16 4.84
C PRO I 99 16.88 -47.39 3.68
N SER I 100 18.22 -47.35 3.63
CA SER I 100 18.92 -46.38 2.79
C SER I 100 18.70 -46.63 1.30
N GLN I 101 18.91 -47.86 0.83
CA GLN I 101 18.89 -48.16 -0.60
C GLN I 101 17.58 -48.82 -1.02
N ALA I 102 16.47 -48.44 -0.40
CA ALA I 102 15.19 -49.09 -0.62
C ALA I 102 14.22 -48.27 -1.46
N LEU I 103 14.71 -47.26 -2.18
CA LEU I 103 13.89 -46.65 -3.22
C LEU I 103 13.63 -47.65 -4.34
N ALA I 104 14.62 -48.50 -4.64
CA ALA I 104 14.44 -49.56 -5.61
C ALA I 104 13.39 -50.57 -5.15
N ALA I 105 13.14 -50.66 -3.84
CA ALA I 105 12.03 -51.49 -3.37
C ALA I 105 10.69 -50.94 -3.85
N VAL I 106 10.48 -49.62 -3.74
CA VAL I 106 9.26 -49.03 -4.28
C VAL I 106 9.22 -49.15 -5.79
N ARG I 107 10.39 -49.05 -6.43
CA ARG I 107 10.48 -49.23 -7.88
C ARG I 107 10.00 -50.63 -8.28
N THR I 108 10.46 -51.66 -7.58
CA THR I 108 10.07 -53.02 -7.94
C THR I 108 8.64 -53.33 -7.51
N TYR I 109 8.14 -52.66 -6.47
CA TYR I 109 6.72 -52.78 -6.14
C TYR I 109 5.85 -52.21 -7.27
N ALA I 110 6.24 -51.06 -7.80
CA ALA I 110 5.49 -50.48 -8.92
C ALA I 110 5.60 -51.34 -10.17
N SER I 111 6.78 -51.94 -10.38
CA SER I 111 6.93 -52.87 -11.50
C SER I 111 6.03 -54.09 -11.34
N ARG I 112 5.90 -54.60 -10.11
CA ARG I 112 5.02 -55.74 -9.88
C ARG I 112 3.55 -55.35 -10.05
N LEU I 113 3.18 -54.12 -9.67
CA LEU I 113 1.84 -53.63 -9.98
C LEU I 113 1.60 -53.58 -11.48
N ARG I 114 2.57 -53.07 -12.24
CA ARG I 114 2.40 -53.00 -13.70
C ARG I 114 2.39 -54.38 -14.32
N LYS I 115 3.03 -55.36 -13.68
CA LYS I 115 2.86 -56.75 -14.08
C LYS I 115 1.44 -57.21 -13.85
N VAL I 116 0.91 -57.01 -12.64
CA VAL I 116 -0.42 -57.49 -12.31
C VAL I 116 -1.48 -56.68 -13.03
N LEU I 117 -1.34 -55.36 -13.04
CA LEU I 117 -2.34 -54.49 -13.64
C LEU I 117 -2.00 -54.20 -15.10
N ASP I 118 -2.78 -53.33 -15.73
CA ASP I 118 -2.55 -52.96 -17.10
C ASP I 118 -1.29 -52.10 -17.23
N PRO I 119 -0.61 -52.14 -18.39
CA PRO I 119 0.53 -51.24 -18.58
C PRO I 119 0.18 -49.76 -18.51
N GLY I 120 -1.03 -49.38 -18.93
CA GLY I 120 -1.40 -47.98 -18.97
C GLY I 120 -2.20 -47.47 -17.79
N VAL I 121 -2.69 -48.34 -16.91
CA VAL I 121 -3.47 -47.89 -15.77
C VAL I 121 -2.58 -47.18 -14.75
N LEU I 122 -1.33 -47.60 -14.61
CA LEU I 122 -0.39 -46.99 -13.69
C LEU I 122 0.64 -46.22 -14.51
N VAL I 123 0.66 -44.89 -14.36
CA VAL I 123 1.53 -44.03 -15.14
C VAL I 123 2.57 -43.41 -14.21
N SER I 124 3.75 -43.17 -14.77
CA SER I 124 4.85 -42.56 -14.04
C SER I 124 4.98 -41.11 -14.45
N GLU I 125 4.81 -40.20 -13.49
CA GLU I 125 4.88 -38.76 -13.72
C GLU I 125 5.77 -38.13 -12.66
N SER I 126 6.78 -37.38 -13.10
CA SER I 126 7.67 -36.61 -12.23
C SER I 126 8.33 -37.49 -11.17
N GLY I 127 8.67 -38.72 -11.56
CA GLY I 127 9.31 -39.65 -10.65
C GLY I 127 8.37 -40.39 -9.72
N GLY I 128 7.07 -40.11 -9.77
CA GLY I 128 6.10 -40.78 -8.95
C GLY I 128 5.11 -41.57 -9.81
N TYR I 129 4.13 -42.15 -9.13
CA TYR I 129 3.15 -43.01 -9.79
C TYR I 129 1.74 -42.52 -9.54
N ALA I 130 0.87 -42.75 -10.53
CA ALA I 130 -0.53 -42.40 -10.41
C ALA I 130 -1.37 -43.43 -11.13
N VAL I 131 -2.44 -43.89 -10.49
CA VAL I 131 -3.35 -44.86 -11.10
C VAL I 131 -4.45 -44.08 -11.82
N ARG I 132 -4.35 -44.01 -13.14
CA ARG I 132 -5.27 -43.25 -13.97
C ARG I 132 -6.16 -44.20 -14.75
N GLY I 133 -7.01 -43.64 -15.61
CA GLY I 133 -7.88 -44.45 -16.44
C GLY I 133 -8.98 -45.16 -15.71
N LEU I 134 -9.32 -44.73 -14.49
CA LEU I 134 -10.35 -45.37 -13.70
C LEU I 134 -11.71 -44.74 -14.01
N ALA I 135 -12.67 -45.57 -14.39
CA ALA I 135 -14.01 -45.10 -14.69
C ALA I 135 -14.81 -44.92 -13.40
N GLU I 136 -16.07 -44.52 -13.54
CA GLU I 136 -16.93 -44.35 -12.38
C GLU I 136 -17.28 -45.71 -11.78
N GLY I 137 -17.38 -45.74 -10.45
CA GLY I 137 -17.67 -46.97 -9.74
C GLY I 137 -16.52 -47.96 -9.67
N ALA I 138 -15.34 -47.60 -10.19
CA ALA I 138 -14.20 -48.51 -10.13
C ALA I 138 -13.66 -48.64 -8.71
N LEU I 139 -13.60 -47.53 -7.98
CA LEU I 139 -13.10 -47.51 -6.62
C LEU I 139 -14.28 -47.56 -5.66
N ASP I 140 -14.19 -48.45 -4.66
CA ASP I 140 -15.27 -48.58 -3.69
C ASP I 140 -15.39 -47.36 -2.79
N LEU I 141 -14.27 -46.68 -2.53
CA LEU I 141 -14.33 -45.45 -1.71
C LEU I 141 -15.12 -44.36 -2.42
N ALA I 142 -14.90 -44.19 -3.73
CA ALA I 142 -15.66 -43.20 -4.48
C ALA I 142 -17.14 -43.58 -4.54
N ARG I 143 -17.43 -44.87 -4.67
CA ARG I 143 -18.81 -45.33 -4.65
C ARG I 143 -19.47 -45.03 -3.31
N ALA I 144 -18.74 -45.24 -2.20
CA ALA I 144 -19.26 -44.92 -0.88
C ALA I 144 -19.49 -43.41 -0.72
N GLN I 145 -18.56 -42.59 -1.25
CA GLN I 145 -18.74 -41.15 -1.20
C GLN I 145 -19.99 -40.72 -1.97
N ASP I 146 -20.18 -41.27 -3.18
CA ASP I 146 -21.35 -40.92 -3.97
C ASP I 146 -22.64 -41.39 -3.31
N LEU I 147 -22.62 -42.59 -2.71
CA LEU I 147 -23.81 -43.09 -2.03
C LEU I 147 -24.15 -42.24 -0.81
N ALA I 148 -23.13 -41.82 -0.05
CA ALA I 148 -23.37 -40.94 1.10
C ALA I 148 -23.90 -39.58 0.65
N SER I 149 -23.36 -39.04 -0.45
CA SER I 149 -23.87 -37.76 -0.96
C SER I 149 -25.31 -37.88 -1.42
N ALA I 150 -25.64 -38.98 -2.10
CA ALA I 150 -27.02 -39.20 -2.54
C ALA I 150 -27.96 -39.37 -1.35
N ALA I 151 -27.50 -40.07 -0.30
CA ALA I 151 -28.30 -40.22 0.90
C ALA I 151 -28.55 -38.89 1.58
N GLU I 152 -27.52 -38.03 1.64
CA GLU I 152 -27.70 -36.70 2.22
C GLU I 152 -28.65 -35.85 1.38
N LYS I 153 -28.56 -35.97 0.05
CA LYS I 153 -29.47 -35.23 -0.83
C LYS I 153 -30.90 -35.70 -0.65
N ALA I 154 -31.11 -37.01 -0.47
CA ALA I 154 -32.46 -37.51 -0.25
C ALA I 154 -32.97 -37.16 1.14
N ARG I 155 -32.07 -37.05 2.12
CA ARG I 155 -32.45 -36.52 3.43
C ARG I 155 -32.93 -35.08 3.31
N SER I 156 -32.22 -34.27 2.51
CA SER I 156 -32.66 -32.91 2.25
C SER I 156 -33.99 -32.88 1.50
N ALA I 157 -34.22 -33.85 0.62
CA ALA I 157 -35.48 -33.96 -0.11
C ALA I 157 -36.54 -34.74 0.66
N GLY I 158 -36.19 -35.38 1.77
CA GLY I 158 -37.14 -36.09 2.59
C GLY I 158 -37.51 -37.48 2.12
N ASP I 159 -36.83 -38.01 1.10
CA ASP I 159 -37.12 -39.34 0.58
C ASP I 159 -36.51 -40.37 1.53
N LEU I 160 -37.37 -41.23 2.10
CA LEU I 160 -36.89 -42.21 3.07
C LEU I 160 -36.50 -43.53 2.42
N CYS I 161 -37.35 -44.04 1.52
CA CYS I 161 -37.07 -45.35 0.90
C CYS I 161 -35.84 -45.29 0.01
N HIS I 162 -35.69 -44.21 -0.76
CA HIS I 162 -34.55 -44.10 -1.68
C HIS I 162 -33.22 -44.01 -0.92
N ALA I 163 -33.17 -43.15 0.11
CA ALA I 163 -31.94 -43.03 0.90
C ALA I 163 -31.69 -44.29 1.71
N ARG I 164 -32.75 -44.97 2.16
CA ARG I 164 -32.58 -46.24 2.85
C ARG I 164 -31.93 -47.28 1.93
N ASP I 165 -32.38 -47.34 0.66
CA ASP I 165 -31.77 -48.25 -0.30
C ASP I 165 -30.33 -47.84 -0.60
N LEU I 166 -30.07 -46.53 -0.69
CA LEU I 166 -28.71 -46.05 -0.96
C LEU I 166 -27.77 -46.44 0.17
N LEU I 167 -28.21 -46.28 1.43
CA LEU I 167 -27.37 -46.68 2.55
C LEU I 167 -27.25 -48.18 2.69
N ARG I 168 -28.28 -48.94 2.30
CA ARG I 168 -28.15 -50.40 2.25
C ARG I 168 -27.09 -50.82 1.23
N ARG I 169 -27.06 -50.16 0.08
CA ARG I 169 -26.00 -50.42 -0.89
C ARG I 169 -24.64 -49.99 -0.37
N ALA I 170 -24.60 -48.89 0.38
CA ALA I 170 -23.33 -48.40 0.93
C ALA I 170 -22.76 -49.35 1.97
N LEU I 171 -23.61 -49.90 2.84
CA LEU I 171 -23.13 -50.78 3.89
C LEU I 171 -22.70 -52.14 3.36
N ASP I 172 -23.09 -52.50 2.14
CA ASP I 172 -22.69 -53.76 1.53
C ASP I 172 -21.38 -53.65 0.75
N LEU I 173 -20.56 -52.63 1.04
CA LEU I 173 -19.30 -52.43 0.32
C LEU I 173 -18.11 -52.97 1.07
N TRP I 174 -17.88 -52.50 2.30
CA TRP I 174 -16.73 -52.94 3.07
C TRP I 174 -16.97 -54.30 3.69
N ASP I 175 -15.94 -55.13 3.70
CA ASP I 175 -15.99 -56.46 4.29
C ASP I 175 -14.97 -56.51 5.43
N GLY I 176 -15.46 -56.54 6.66
CA GLY I 176 -14.59 -56.55 7.81
C GLY I 176 -13.92 -55.20 8.03
N GLU I 177 -12.79 -55.24 8.72
CA GLU I 177 -12.03 -54.03 8.98
C GLU I 177 -11.41 -53.50 7.70
N VAL I 178 -11.36 -52.17 7.59
CA VAL I 178 -10.78 -51.54 6.41
C VAL I 178 -9.26 -51.70 6.43
N LEU I 179 -8.68 -51.95 5.25
CA LEU I 179 -7.22 -52.07 5.06
C LEU I 179 -6.65 -53.16 5.97
N ALA I 180 -7.10 -54.38 5.74
CA ALA I 180 -6.77 -55.50 6.62
C ALA I 180 -5.33 -55.95 6.38
N GLY I 181 -4.53 -55.95 7.43
CA GLY I 181 -3.21 -56.55 7.39
C GLY I 181 -2.17 -55.78 6.63
N VAL I 182 -2.36 -54.48 6.41
CA VAL I 182 -1.35 -53.68 5.72
C VAL I 182 -0.62 -52.82 6.73
N PRO I 183 0.69 -52.61 6.57
CA PRO I 183 1.44 -51.77 7.51
C PRO I 183 1.51 -50.32 7.05
N GLY I 184 2.07 -49.49 7.91
CA GLY I 184 2.32 -48.11 7.59
C GLY I 184 1.49 -47.12 8.36
N PRO I 185 2.04 -45.92 8.59
CA PRO I 185 1.26 -44.89 9.29
C PRO I 185 0.16 -44.30 8.43
N TYR I 186 0.37 -44.22 7.11
CA TYR I 186 -0.71 -43.81 6.22
C TYR I 186 -1.85 -44.82 6.24
N ALA I 187 -1.50 -46.12 6.24
CA ALA I 187 -2.52 -47.15 6.33
C ALA I 187 -3.28 -47.06 7.64
N GLN I 188 -2.58 -46.82 8.75
CA GLN I 188 -3.23 -46.67 10.04
C GLN I 188 -4.15 -45.45 10.06
N THR I 189 -3.70 -44.34 9.49
CA THR I 189 -4.51 -43.12 9.46
C THR I 189 -5.76 -43.33 8.62
N GLN I 190 -5.63 -43.96 7.46
CA GLN I 190 -6.79 -44.27 6.64
C GLN I 190 -7.72 -45.24 7.34
N ARG I 191 -7.16 -46.22 8.06
CA ARG I 191 -7.97 -47.19 8.79
C ARG I 191 -8.83 -46.49 9.83
N VAL I 192 -8.22 -45.64 10.66
CA VAL I 192 -8.96 -45.00 11.74
C VAL I 192 -9.94 -43.97 11.17
N ARG I 193 -9.57 -43.26 10.10
CA ARG I 193 -10.49 -42.30 9.50
C ARG I 193 -11.71 -42.99 8.91
N LEU I 194 -11.50 -44.09 8.17
CA LEU I 194 -12.62 -44.77 7.55
C LEU I 194 -13.46 -45.51 8.58
N GLY I 195 -12.85 -45.97 9.68
CA GLY I 195 -13.63 -46.52 10.77
C GLY I 195 -14.51 -45.48 11.43
N GLU I 196 -13.98 -44.28 11.67
CA GLU I 196 -14.79 -43.21 12.22
C GLU I 196 -15.90 -42.80 11.25
N TRP I 197 -15.60 -42.72 9.96
CA TRP I 197 -16.61 -42.37 8.97
C TRP I 197 -17.70 -43.44 8.89
N ARG I 198 -17.32 -44.71 8.99
CA ARG I 198 -18.31 -45.78 9.09
C ARG I 198 -19.14 -45.65 10.35
N LEU I 199 -18.53 -45.20 11.45
CA LEU I 199 -19.28 -44.98 12.68
C LEU I 199 -20.33 -43.89 12.50
N GLN I 200 -19.96 -42.77 11.87
CA GLN I 200 -20.97 -41.73 11.62
C GLN I 200 -22.00 -42.18 10.61
N LEU I 201 -21.62 -43.01 9.63
CA LEU I 201 -22.59 -43.56 8.70
C LEU I 201 -23.60 -44.44 9.41
N LEU I 202 -23.13 -45.28 10.34
CA LEU I 202 -24.05 -46.10 11.12
C LEU I 202 -24.95 -45.23 12.01
N GLU I 203 -24.39 -44.16 12.58
CA GLU I 203 -25.18 -43.25 13.39
C GLU I 203 -26.30 -42.61 12.59
N THR I 204 -25.98 -42.09 11.41
CA THR I 204 -27.00 -41.46 10.57
C THR I 204 -28.02 -42.48 10.05
N ARG I 205 -27.53 -43.65 9.63
CA ARG I 205 -28.40 -44.73 9.17
C ARG I 205 -29.41 -45.12 10.24
N LEU I 206 -28.95 -45.34 11.46
CA LEU I 206 -29.86 -45.84 12.49
C LEU I 206 -30.68 -44.72 13.10
N ASP I 207 -30.21 -43.47 13.05
CA ASP I 207 -31.08 -42.35 13.39
C ASP I 207 -32.23 -42.26 12.40
N MET I 208 -31.96 -42.47 11.11
CA MET I 208 -33.03 -42.54 10.13
C MET I 208 -33.93 -43.75 10.37
N ASP I 209 -33.35 -44.88 10.81
CA ASP I 209 -34.15 -46.06 11.12
C ASP I 209 -35.10 -45.78 12.29
N LEU I 210 -34.63 -45.06 13.31
CA LEU I 210 -35.52 -44.63 14.38
C LEU I 210 -36.53 -43.60 13.91
N ASP I 211 -36.19 -42.80 12.88
CA ASP I 211 -37.16 -41.88 12.31
C ASP I 211 -38.27 -42.60 11.55
N GLN I 212 -37.95 -43.70 10.86
CA GLN I 212 -38.96 -44.41 10.07
C GLN I 212 -39.75 -45.42 10.89
N GLY I 213 -39.18 -45.97 11.95
CA GLY I 213 -39.92 -46.87 12.81
C GLY I 213 -39.39 -48.28 12.89
N CYS I 214 -38.09 -48.47 12.68
CA CYS I 214 -37.46 -49.78 12.78
C CYS I 214 -36.86 -49.93 14.18
N HIS I 215 -37.63 -50.57 15.06
CA HIS I 215 -37.22 -50.68 16.46
C HIS I 215 -36.31 -51.87 16.70
N ALA I 216 -36.76 -53.06 16.31
CA ALA I 216 -36.16 -54.32 16.77
C ALA I 216 -34.74 -54.50 16.27
N GLU I 217 -34.55 -54.37 14.96
CA GLU I 217 -33.23 -54.56 14.37
C GLU I 217 -32.25 -53.50 14.88
N ALA I 218 -32.72 -52.26 15.01
CA ALA I 218 -31.89 -51.19 15.54
C ALA I 218 -31.43 -51.49 16.97
N VAL I 219 -32.36 -51.90 17.83
CA VAL I 219 -32.01 -52.21 19.21
C VAL I 219 -31.00 -53.34 19.27
N SER I 220 -31.22 -54.39 18.48
CA SER I 220 -30.32 -55.55 18.49
C SER I 220 -28.92 -55.16 18.01
N GLU I 221 -28.81 -54.51 16.84
CA GLU I 221 -27.48 -54.22 16.31
C GLU I 221 -26.77 -53.14 17.12
N LEU I 222 -27.49 -52.19 17.70
CA LEU I 222 -26.82 -51.20 18.54
C LEU I 222 -26.41 -51.79 19.88
N THR I 223 -27.16 -52.77 20.39
CA THR I 223 -26.67 -53.52 21.56
C THR I 223 -25.37 -54.22 21.23
N ALA I 224 -25.29 -54.84 20.04
CA ALA I 224 -24.05 -55.48 19.62
C ALA I 224 -22.91 -54.48 19.47
N LEU I 225 -23.17 -53.33 18.84
CA LEU I 225 -22.13 -52.34 18.63
C LEU I 225 -21.63 -51.74 19.93
N THR I 226 -22.54 -51.40 20.85
CA THR I 226 -22.12 -50.84 22.13
C THR I 226 -21.46 -51.89 23.01
N ALA I 227 -21.77 -53.17 22.81
CA ALA I 227 -20.95 -54.21 23.40
C ALA I 227 -19.55 -54.19 22.80
N ALA I 228 -19.44 -53.97 21.49
CA ALA I 228 -18.14 -53.84 20.86
C ALA I 228 -17.48 -52.50 21.17
N HIS I 229 -18.27 -51.42 21.21
CA HIS I 229 -17.77 -50.07 21.46
C HIS I 229 -18.29 -49.59 22.81
N PRO I 230 -17.46 -49.66 23.86
CA PRO I 230 -17.98 -49.34 25.20
C PRO I 230 -18.11 -47.85 25.48
N LEU I 231 -17.29 -47.00 24.86
CA LEU I 231 -17.23 -45.60 25.21
C LEU I 231 -17.75 -44.67 24.11
N ARG I 232 -18.46 -45.20 23.11
CA ARG I 232 -19.03 -44.36 22.06
C ARG I 232 -20.34 -43.78 22.57
N GLU I 233 -20.35 -42.47 22.84
CA GLU I 233 -21.50 -41.85 23.48
C GLU I 233 -22.68 -41.68 22.53
N ARG I 234 -22.41 -41.40 21.26
CA ARG I 234 -23.49 -41.17 20.30
C ARG I 234 -24.33 -42.44 20.09
N LEU I 235 -23.66 -43.59 19.99
CA LEU I 235 -24.39 -44.85 19.83
C LEU I 235 -25.20 -45.17 21.07
N ARG I 236 -24.71 -44.77 22.25
CA ARG I 236 -25.46 -45.03 23.48
C ARG I 236 -26.66 -44.09 23.59
N GLU I 237 -26.54 -42.86 23.11
CA GLU I 237 -27.71 -41.98 23.01
C GLU I 237 -28.72 -42.54 22.03
N LEU I 238 -28.26 -43.13 20.93
CA LEU I 238 -29.15 -43.81 20.00
C LEU I 238 -29.84 -44.99 20.66
N LEU I 239 -29.12 -45.68 21.55
CA LEU I 239 -29.75 -46.78 22.33
C LEU I 239 -30.83 -46.19 23.24
N MET I 240 -30.57 -45.03 23.85
CA MET I 240 -31.54 -44.45 24.76
C MET I 240 -32.83 -44.06 24.03
N LEU I 241 -32.69 -43.39 22.90
CA LEU I 241 -33.87 -42.96 22.15
C LEU I 241 -34.57 -44.14 21.50
N ALA I 242 -33.82 -45.19 21.11
CA ALA I 242 -34.44 -46.38 20.52
C ALA I 242 -35.24 -47.15 21.56
N LEU I 243 -34.66 -47.35 22.75
CA LEU I 243 -35.35 -48.10 23.79
C LEU I 243 -36.52 -47.31 24.37
N TYR I 244 -36.41 -45.97 24.38
CA TYR I 244 -37.53 -45.15 24.85
C TYR I 244 -38.73 -45.27 23.91
N ARG I 245 -38.51 -45.54 22.63
CA ARG I 245 -39.60 -45.70 21.67
C ARG I 245 -39.89 -47.16 21.34
N SER I 246 -39.27 -48.11 22.04
CA SER I 246 -39.49 -49.53 21.78
C SER I 246 -40.18 -50.27 22.92
N GLY I 247 -40.49 -49.59 24.03
CA GLY I 247 -41.16 -50.22 25.14
C GLY I 247 -40.24 -50.83 26.19
N ARG I 248 -38.94 -50.59 26.11
CA ARG I 248 -37.97 -51.17 27.04
C ARG I 248 -37.23 -50.05 27.77
N GLN I 249 -37.23 -50.12 29.10
CA GLN I 249 -36.71 -49.01 29.89
C GLN I 249 -35.63 -49.42 30.89
N ALA I 250 -35.72 -50.62 31.48
CA ALA I 250 -34.83 -50.99 32.57
C ALA I 250 -33.39 -51.17 32.08
N GLU I 251 -33.20 -51.92 30.99
CA GLU I 251 -31.85 -52.09 30.47
C GLU I 251 -31.31 -50.80 29.88
N ALA I 252 -32.20 -49.89 29.46
CA ALA I 252 -31.75 -48.59 28.96
C ALA I 252 -31.06 -47.79 30.06
N LEU I 253 -31.73 -47.61 31.19
CA LEU I 253 -31.09 -46.85 32.28
C LEU I 253 -29.99 -47.66 32.94
N ALA I 254 -30.03 -48.99 32.85
CA ALA I 254 -28.87 -49.78 33.29
C ALA I 254 -27.64 -49.51 32.43
N VAL I 255 -27.83 -49.45 31.10
CA VAL I 255 -26.75 -49.09 30.20
C VAL I 255 -26.27 -47.67 30.46
N TYR I 256 -27.20 -46.76 30.76
CA TYR I 256 -26.84 -45.38 31.05
C TYR I 256 -26.02 -45.28 32.34
N ALA I 257 -26.42 -46.01 33.38
CA ALA I 257 -25.66 -46.03 34.62
C ALA I 257 -24.28 -46.62 34.42
N ASP I 258 -24.19 -47.71 33.63
CA ASP I 258 -22.89 -48.28 33.30
C ASP I 258 -22.05 -47.29 32.51
N THR I 259 -22.69 -46.52 31.62
CA THR I 259 -21.98 -45.51 30.85
C THR I 259 -21.37 -44.44 31.74
N ARG I 260 -22.17 -43.92 32.69
CA ARG I 260 -21.64 -42.92 33.62
C ARG I 260 -20.53 -43.49 34.49
N ARG I 261 -20.70 -44.72 34.98
CA ARG I 261 -19.67 -45.32 35.84
C ARG I 261 -18.38 -45.56 35.08
N LEU I 262 -18.47 -46.07 33.84
CA LEU I 262 -17.26 -46.31 33.06
C LEU I 262 -16.62 -45.00 32.61
N LEU I 263 -17.42 -43.98 32.32
CA LEU I 263 -16.87 -42.69 31.90
C LEU I 263 -16.20 -41.98 33.07
N ALA I 264 -16.71 -42.20 34.29
CA ALA I 264 -16.03 -41.64 35.47
C ALA I 264 -14.78 -42.44 35.82
N ASP I 265 -14.81 -43.76 35.61
CA ASP I 265 -13.67 -44.59 35.97
C ASP I 265 -12.51 -44.38 35.00
N GLU I 266 -12.80 -44.35 33.70
CA GLU I 266 -11.76 -44.28 32.69
C GLU I 266 -11.32 -42.86 32.36
N LEU I 267 -12.17 -41.87 32.60
CA LEU I 267 -11.86 -40.49 32.23
C LEU I 267 -11.86 -39.54 33.42
N GLY I 268 -12.73 -39.75 34.40
CA GLY I 268 -12.83 -38.85 35.52
C GLY I 268 -13.62 -37.60 35.28
N VAL I 269 -14.41 -37.54 34.20
CA VAL I 269 -15.17 -36.36 33.84
C VAL I 269 -16.65 -36.71 33.76
N ASP I 270 -17.47 -35.75 33.36
CA ASP I 270 -18.91 -35.84 33.15
C ASP I 270 -19.22 -36.08 31.68
N PRO I 271 -20.25 -36.88 31.37
CA PRO I 271 -20.63 -37.07 29.95
C PRO I 271 -21.18 -35.81 29.30
N ARG I 272 -21.45 -35.89 28.00
CA ARG I 272 -21.91 -34.72 27.26
C ARG I 272 -23.31 -34.30 27.72
N PRO I 273 -23.59 -32.99 27.77
CA PRO I 273 -24.89 -32.53 28.29
C PRO I 273 -26.09 -32.98 27.47
N GLY I 274 -25.91 -33.31 26.20
CA GLY I 274 -27.04 -33.78 25.41
C GLY I 274 -27.59 -35.11 25.89
N LEU I 275 -26.70 -36.01 26.31
CA LEU I 275 -27.12 -37.30 26.85
C LEU I 275 -27.93 -37.11 28.13
N GLN I 276 -27.47 -36.23 29.02
CA GLN I 276 -28.21 -35.96 30.24
C GLN I 276 -29.55 -35.29 29.93
N GLU I 277 -29.58 -34.40 28.95
CA GLU I 277 -30.82 -33.72 28.57
C GLU I 277 -31.85 -34.72 28.04
N LEU I 278 -31.41 -35.64 27.17
CA LEU I 278 -32.35 -36.61 26.61
C LEU I 278 -32.80 -37.61 27.67
N GLN I 279 -31.91 -37.96 28.61
CA GLN I 279 -32.33 -38.83 29.71
C GLN I 279 -33.35 -38.12 30.60
N GLN I 280 -33.15 -36.83 30.86
CA GLN I 280 -34.11 -36.08 31.67
C GLN I 280 -35.46 -35.97 30.98
N ARG I 281 -35.46 -35.70 29.68
CA ARG I 281 -36.74 -35.65 28.95
C ARG I 281 -37.36 -37.03 28.79
N ILE I 282 -36.57 -38.10 28.89
CA ILE I 282 -37.12 -39.44 28.97
C ILE I 282 -37.80 -39.65 30.33
N LEU I 283 -37.17 -39.15 31.39
CA LEU I 283 -37.68 -39.36 32.75
C LEU I 283 -39.05 -38.72 32.96
N GLN I 284 -39.31 -37.59 32.31
CA GLN I 284 -40.59 -36.89 32.46
C GLN I 284 -41.69 -37.50 31.61
N ALA I 285 -41.39 -38.55 30.84
CA ALA I 285 -42.36 -39.25 29.99
C ALA I 285 -43.01 -38.30 28.99
N ASP I 286 -42.16 -37.67 28.18
CA ASP I 286 -42.63 -36.75 27.16
C ASP I 286 -43.24 -37.53 26.00
N PRO I 287 -44.51 -37.31 25.66
CA PRO I 287 -45.14 -38.07 24.57
C PRO I 287 -44.73 -37.62 23.17
N ALA I 288 -43.87 -36.61 23.05
CA ALA I 288 -43.43 -36.16 21.73
C ALA I 288 -42.62 -37.24 21.02
N LEU I 289 -41.73 -37.92 21.74
CA LEU I 289 -40.93 -38.98 21.12
C LEU I 289 -41.77 -40.21 20.82
N ALA I 290 -42.74 -40.51 21.67
CA ALA I 290 -43.60 -41.68 21.47
C ALA I 290 -44.61 -41.43 20.36
N ALA J 37 -36.27 -80.34 3.94
CA ALA J 37 -35.78 -81.53 3.27
C ALA J 37 -35.81 -81.37 1.75
N GLU J 38 -36.63 -80.42 1.28
CA GLU J 38 -36.73 -80.17 -0.15
C GLU J 38 -35.53 -79.43 -0.71
N GLU J 39 -34.76 -78.76 0.15
CA GLU J 39 -33.58 -78.02 -0.26
C GLU J 39 -32.29 -78.75 0.06
N GLU J 40 -32.35 -80.04 0.38
CA GLU J 40 -31.17 -80.81 0.73
C GLU J 40 -30.40 -81.14 -0.55
N GLU J 41 -29.59 -80.18 -0.98
CA GLU J 41 -28.78 -80.35 -2.17
C GLU J 41 -27.57 -81.22 -1.89
N SER J 42 -27.22 -82.08 -2.83
CA SER J 42 -26.07 -82.95 -2.68
C SER J 42 -24.78 -82.15 -2.77
N GLY J 43 -23.87 -82.38 -1.83
CA GLY J 43 -22.61 -81.65 -1.79
C GLY J 43 -22.68 -80.29 -1.15
N ALA J 44 -23.84 -79.87 -0.67
CA ALA J 44 -24.00 -78.55 -0.05
C ALA J 44 -23.53 -78.60 1.39
N LEU J 45 -22.69 -77.63 1.77
CA LEU J 45 -22.19 -77.52 3.13
C LEU J 45 -23.00 -76.46 3.86
N ARG J 46 -23.61 -76.85 4.99
CA ARG J 46 -24.45 -75.96 5.78
C ARG J 46 -23.85 -75.80 7.17
N PHE J 47 -24.18 -74.67 7.80
CA PHE J 47 -23.66 -74.35 9.13
C PHE J 47 -24.79 -73.91 10.04
N GLY J 48 -24.64 -74.23 11.32
CA GLY J 48 -25.62 -73.86 12.32
C GLY J 48 -25.00 -73.12 13.50
N VAL J 49 -25.44 -71.89 13.71
CA VAL J 49 -24.90 -71.04 14.76
C VAL J 49 -26.03 -70.52 15.65
N LEU J 50 -27.28 -70.68 15.19
CA LEU J 50 -28.43 -70.26 15.97
C LEU J 50 -28.61 -71.09 17.23
N GLY J 51 -28.07 -72.30 17.27
CA GLY J 51 -28.02 -73.08 18.48
C GLY J 51 -26.59 -73.51 18.74
N PRO J 52 -26.36 -74.81 18.96
CA PRO J 52 -24.98 -75.31 18.95
C PRO J 52 -24.40 -75.20 17.55
N VAL J 53 -23.17 -74.71 17.48
CA VAL J 53 -22.52 -74.50 16.19
C VAL J 53 -22.10 -75.84 15.61
N ARG J 54 -22.55 -76.12 14.39
CA ARG J 54 -22.32 -77.40 13.74
C ARG J 54 -22.12 -77.21 12.24
N ALA J 55 -21.47 -78.18 11.62
CA ALA J 55 -21.30 -78.21 10.17
C ALA J 55 -21.90 -79.49 9.63
N TRP J 56 -22.73 -79.36 8.60
CA TRP J 56 -23.43 -80.49 8.00
C TRP J 56 -23.10 -80.59 6.52
N ARG J 57 -22.87 -81.81 6.06
CA ARG J 57 -22.60 -82.10 4.65
C ARG J 57 -23.44 -83.29 4.23
N ASP J 58 -24.35 -83.06 3.28
CA ASP J 58 -25.28 -84.08 2.79
C ASP J 58 -26.12 -84.68 3.93
N GLY J 59 -26.52 -83.83 4.87
CA GLY J 59 -27.32 -84.27 5.99
C GLY J 59 -26.55 -84.94 7.10
N GLU J 60 -25.24 -85.02 7.01
CA GLU J 60 -24.40 -85.67 8.02
C GLU J 60 -23.53 -84.62 8.69
N THR J 61 -23.56 -84.60 10.02
CA THR J 61 -22.80 -83.62 10.79
C THR J 61 -21.31 -83.91 10.74
N LEU J 62 -20.52 -82.86 10.94
CA LEU J 62 -19.07 -82.96 10.93
C LEU J 62 -18.53 -82.81 12.35
N ALA J 63 -17.36 -83.40 12.60
CA ALA J 63 -16.74 -83.35 13.92
C ALA J 63 -16.18 -81.96 14.17
N THR J 64 -16.95 -81.11 14.86
CA THR J 64 -16.49 -79.76 15.17
C THR J 64 -15.31 -79.78 16.12
N GLY J 65 -15.37 -80.63 17.14
CA GLY J 65 -14.22 -80.83 18.03
C GLY J 65 -14.28 -79.94 19.25
N SER J 66 -13.18 -79.26 19.52
CA SER J 66 -13.04 -78.46 20.73
C SER J 66 -13.99 -77.27 20.72
N PRO J 67 -14.51 -76.87 21.89
CA PRO J 67 -15.34 -75.65 21.96
C PRO J 67 -14.59 -74.39 21.57
N GLN J 68 -13.26 -74.37 21.70
CA GLN J 68 -12.50 -73.18 21.38
C GLN J 68 -12.47 -72.94 19.87
N GLN J 69 -12.16 -73.98 19.10
CA GLN J 69 -12.25 -73.88 17.66
C GLN J 69 -13.69 -73.78 17.17
N ARG J 70 -14.65 -74.29 17.96
CA ARG J 70 -16.05 -74.03 17.67
C ARG J 70 -16.37 -72.55 17.78
N ALA J 71 -15.81 -71.89 18.80
CA ALA J 71 -15.98 -70.45 18.95
C ALA J 71 -15.32 -69.69 17.80
N LEU J 72 -14.15 -70.15 17.38
CA LEU J 72 -13.49 -69.54 16.22
C LEU J 72 -14.33 -69.69 14.95
N LEU J 73 -14.88 -70.88 14.73
CA LEU J 73 -15.74 -71.12 13.57
C LEU J 73 -16.99 -70.27 13.62
N ALA J 74 -17.58 -70.12 14.81
CA ALA J 74 -18.74 -69.25 14.96
C ALA J 74 -18.39 -67.79 14.69
N ALA J 75 -17.22 -67.35 15.15
CA ALA J 75 -16.79 -65.98 14.91
C ALA J 75 -16.59 -65.70 13.43
N LEU J 76 -16.01 -66.66 12.70
CA LEU J 76 -15.90 -66.50 11.25
C LEU J 76 -17.27 -66.58 10.57
N LEU J 77 -18.18 -67.39 11.10
CA LEU J 77 -19.48 -67.60 10.46
C LEU J 77 -20.43 -66.43 10.67
N LEU J 78 -20.33 -65.73 11.80
CA LEU J 78 -21.31 -64.71 12.16
C LEU J 78 -21.08 -63.37 11.47
N ARG J 79 -19.99 -63.23 10.71
CA ARG J 79 -19.72 -61.99 10.01
C ARG J 79 -20.33 -61.93 8.62
N GLU J 80 -21.09 -62.96 8.23
CA GLU J 80 -21.80 -63.02 6.94
C GLU J 80 -20.86 -62.86 5.76
N GLY J 81 -19.75 -63.61 5.80
CA GLY J 81 -18.78 -63.61 4.72
C GLY J 81 -17.76 -62.51 4.77
N ARG J 82 -17.84 -61.60 5.74
CA ARG J 82 -16.85 -60.53 5.87
C ARG J 82 -15.55 -61.09 6.43
N THR J 83 -14.43 -60.64 5.89
CA THR J 83 -13.13 -61.13 6.31
C THR J 83 -12.80 -60.67 7.72
N ALA J 84 -12.09 -61.51 8.46
CA ALA J 84 -11.67 -61.22 9.81
C ALA J 84 -10.16 -61.47 9.93
N THR J 85 -9.46 -60.50 10.48
CA THR J 85 -8.03 -60.64 10.72
C THR J 85 -7.78 -61.50 11.95
N ALA J 86 -6.56 -62.03 12.03
CA ALA J 86 -6.21 -62.91 13.15
C ALA J 86 -6.23 -62.17 14.48
N GLY J 87 -5.74 -60.93 14.49
CA GLY J 87 -5.67 -60.18 15.74
C GLY J 87 -7.03 -59.84 16.31
N GLU J 88 -7.96 -59.40 15.45
CA GLU J 88 -9.31 -59.12 15.92
C GLU J 88 -10.02 -60.41 16.33
N LEU J 89 -9.70 -61.53 15.68
CA LEU J 89 -10.23 -62.82 16.11
C LEU J 89 -9.75 -63.17 17.51
N ILE J 90 -8.46 -62.95 17.79
CA ILE J 90 -7.93 -63.21 19.12
C ILE J 90 -8.58 -62.31 20.16
N ASP J 91 -8.73 -61.02 19.82
CA ASP J 91 -9.33 -60.07 20.75
C ASP J 91 -10.79 -60.42 21.03
N ALA J 92 -11.52 -60.89 20.03
CA ALA J 92 -12.90 -61.29 20.23
C ALA J 92 -13.00 -62.57 21.03
N LEU J 93 -12.14 -63.55 20.76
CA LEU J 93 -12.27 -64.86 21.39
C LEU J 93 -11.78 -64.86 22.83
N TRP J 94 -10.51 -64.48 23.05
CA TRP J 94 -9.92 -64.69 24.37
C TRP J 94 -10.03 -63.49 25.28
N GLY J 95 -10.75 -62.44 24.88
CA GLY J 95 -10.95 -61.31 25.76
C GLY J 95 -9.75 -60.38 25.84
N GLU J 96 -9.31 -60.08 27.05
CA GLU J 96 -8.33 -59.02 27.28
C GLU J 96 -6.91 -59.53 27.47
N GLU J 97 -6.73 -60.74 28.00
CA GLU J 97 -5.41 -61.27 28.34
C GLU J 97 -5.18 -62.62 27.66
N PRO J 98 -4.72 -62.64 26.41
CA PRO J 98 -4.34 -63.92 25.78
C PRO J 98 -3.00 -64.40 26.30
N PRO J 99 -2.75 -65.71 26.30
CA PRO J 99 -1.43 -66.21 26.65
C PRO J 99 -0.39 -65.98 25.55
N SER J 100 0.82 -66.49 25.77
CA SER J 100 1.97 -66.13 24.93
C SER J 100 1.95 -66.75 23.54
N GLN J 101 1.04 -67.69 23.26
CA GLN J 101 1.02 -68.39 21.98
C GLN J 101 -0.37 -68.28 21.35
N ALA J 102 -0.89 -67.06 21.29
CA ALA J 102 -2.24 -66.84 20.76
C ALA J 102 -2.28 -67.07 19.25
N LEU J 103 -1.29 -66.52 18.53
CA LEU J 103 -1.30 -66.59 17.07
C LEU J 103 -1.16 -68.03 16.59
N ALA J 104 -0.25 -68.79 17.19
CA ALA J 104 -0.05 -70.17 16.79
C ALA J 104 -1.25 -71.05 17.16
N ALA J 105 -1.90 -70.76 18.30
CA ALA J 105 -3.10 -71.50 18.68
C ALA J 105 -4.23 -71.24 17.69
N VAL J 106 -4.40 -69.98 17.28
CA VAL J 106 -5.42 -69.67 16.27
C VAL J 106 -5.07 -70.33 14.94
N ARG J 107 -3.78 -70.35 14.59
CA ARG J 107 -3.35 -70.99 13.35
C ARG J 107 -3.63 -72.48 13.36
N THR J 108 -3.35 -73.16 14.47
CA THR J 108 -3.59 -74.60 14.50
C THR J 108 -5.08 -74.93 14.62
N TYR J 109 -5.88 -74.05 15.24
CA TYR J 109 -7.33 -74.23 15.20
C TYR J 109 -7.86 -74.09 13.77
N ALA J 110 -7.34 -73.09 13.04
CA ALA J 110 -7.75 -72.92 11.64
C ALA J 110 -7.31 -74.11 10.79
N SER J 111 -6.12 -74.66 11.08
CA SER J 111 -5.67 -75.84 10.35
C SER J 111 -6.55 -77.05 10.65
N ARG J 112 -6.94 -77.23 11.92
CA ARG J 112 -7.84 -78.33 12.28
C ARG J 112 -9.19 -78.17 11.58
N LEU J 113 -9.69 -76.94 11.51
CA LEU J 113 -10.91 -76.71 10.71
C LEU J 113 -10.68 -76.96 9.23
N ARG J 114 -9.47 -76.71 8.74
CA ARG J 114 -9.15 -76.96 7.34
C ARG J 114 -9.21 -78.46 7.02
N LYS J 115 -8.71 -79.30 7.93
CA LYS J 115 -8.96 -80.74 7.74
C LYS J 115 -10.44 -81.08 7.93
N VAL J 116 -11.10 -80.44 8.89
CA VAL J 116 -12.51 -80.76 9.15
C VAL J 116 -13.40 -80.31 8.00
N LEU J 117 -13.24 -79.06 7.56
CA LEU J 117 -14.08 -78.52 6.51
C LEU J 117 -13.42 -78.68 5.15
N ASP J 118 -14.05 -78.12 4.13
CA ASP J 118 -13.47 -78.15 2.79
C ASP J 118 -12.29 -77.18 2.71
N PRO J 119 -11.26 -77.53 1.93
CA PRO J 119 -10.13 -76.59 1.76
C PRO J 119 -10.53 -75.27 1.12
N GLY J 120 -11.51 -75.28 0.22
CA GLY J 120 -11.93 -74.06 -0.45
C GLY J 120 -12.87 -73.18 0.33
N VAL J 121 -13.36 -73.65 1.48
CA VAL J 121 -14.27 -72.85 2.30
C VAL J 121 -13.48 -71.88 3.17
N LEU J 122 -12.53 -72.41 3.94
CA LEU J 122 -11.69 -71.58 4.80
C LEU J 122 -10.47 -71.13 3.99
N VAL J 123 -10.28 -69.82 3.88
CA VAL J 123 -9.19 -69.25 3.11
C VAL J 123 -8.43 -68.25 3.96
N SER J 124 -7.18 -68.02 3.59
CA SER J 124 -6.30 -67.05 4.26
C SER J 124 -6.06 -65.90 3.30
N GLU J 125 -6.39 -64.69 3.74
CA GLU J 125 -6.27 -63.50 2.91
C GLU J 125 -5.84 -62.33 3.78
N SER J 126 -4.77 -61.64 3.36
CA SER J 126 -4.26 -60.44 4.02
C SER J 126 -3.94 -60.68 5.50
N GLY J 127 -3.42 -61.88 5.79
CA GLY J 127 -3.10 -62.24 7.15
C GLY J 127 -4.26 -62.69 8.00
N GLY J 128 -5.49 -62.58 7.49
CA GLY J 128 -6.67 -63.01 8.21
C GLY J 128 -7.27 -64.27 7.61
N TYR J 129 -8.29 -64.78 8.27
CA TYR J 129 -8.96 -66.01 7.86
C TYR J 129 -10.43 -65.72 7.60
N ALA J 130 -10.93 -66.19 6.47
CA ALA J 130 -12.29 -65.91 6.04
C ALA J 130 -12.95 -67.19 5.54
N VAL J 131 -14.28 -67.16 5.52
CA VAL J 131 -15.08 -68.27 5.01
C VAL J 131 -15.72 -67.82 3.70
N ARG J 132 -15.40 -68.52 2.62
CA ARG J 132 -15.91 -68.20 1.29
C ARG J 132 -16.58 -69.44 0.69
N GLY J 133 -17.18 -69.25 -0.48
CA GLY J 133 -17.88 -70.33 -1.14
C GLY J 133 -19.17 -70.74 -0.45
N LEU J 134 -19.77 -69.83 0.31
CA LEU J 134 -21.01 -70.14 1.03
C LEU J 134 -22.20 -70.04 0.08
N ALA J 135 -22.99 -71.10 0.03
CA ALA J 135 -24.17 -71.12 -0.82
C ALA J 135 -25.30 -70.31 -0.20
N GLU J 136 -26.27 -69.95 -1.04
CA GLU J 136 -27.43 -69.19 -0.56
C GLU J 136 -28.36 -70.09 0.24
N GLY J 137 -28.71 -69.65 1.44
CA GLY J 137 -29.58 -70.41 2.31
C GLY J 137 -28.89 -71.50 3.12
N ALA J 138 -27.59 -71.69 2.93
CA ALA J 138 -26.89 -72.71 3.72
C ALA J 138 -26.70 -72.25 5.16
N LEU J 139 -26.35 -70.98 5.36
CA LEU J 139 -26.21 -70.43 6.70
C LEU J 139 -27.59 -70.19 7.31
N ASP J 140 -27.78 -70.63 8.55
CA ASP J 140 -29.08 -70.49 9.20
C ASP J 140 -29.42 -69.04 9.49
N LEU J 141 -28.41 -68.23 9.86
CA LEU J 141 -28.66 -66.82 10.16
C LEU J 141 -29.04 -66.05 8.89
N ALA J 142 -28.32 -66.29 7.79
CA ALA J 142 -28.64 -65.62 6.54
C ALA J 142 -30.00 -66.05 6.02
N ARG J 143 -30.33 -67.34 6.13
CA ARG J 143 -31.65 -67.82 5.73
C ARG J 143 -32.74 -67.20 6.59
N ALA J 144 -32.51 -67.08 7.90
CA ALA J 144 -33.49 -66.46 8.78
C ALA J 144 -33.68 -64.99 8.45
N GLN J 145 -32.58 -64.28 8.14
CA GLN J 145 -32.69 -62.88 7.76
C GLN J 145 -33.45 -62.71 6.45
N ASP J 146 -33.20 -63.59 5.47
CA ASP J 146 -33.92 -63.53 4.20
C ASP J 146 -35.40 -63.82 4.41
N LEU J 147 -35.72 -64.80 5.25
CA LEU J 147 -37.12 -65.10 5.54
C LEU J 147 -37.80 -63.96 6.28
N ALA J 148 -37.08 -63.30 7.19
CA ALA J 148 -37.63 -62.14 7.88
C ALA J 148 -37.89 -60.98 6.92
N SER J 149 -36.97 -60.76 5.98
CA SER J 149 -37.18 -59.71 4.98
C SER J 149 -38.38 -60.04 4.09
N ALA J 150 -38.51 -61.30 3.69
CA ALA J 150 -39.67 -61.71 2.89
C ALA J 150 -40.96 -61.57 3.68
N ALA J 151 -40.93 -61.88 4.97
CA ALA J 151 -42.11 -61.71 5.81
C ALA J 151 -42.48 -60.24 5.96
N GLU J 152 -41.48 -59.36 6.09
CA GLU J 152 -41.75 -57.93 6.16
C GLU J 152 -42.35 -57.43 4.85
N LYS J 153 -41.84 -57.91 3.72
CA LYS J 153 -42.40 -57.53 2.42
C LYS J 153 -43.84 -58.02 2.28
N ALA J 154 -44.11 -59.24 2.74
CA ALA J 154 -45.48 -59.77 2.68
C ALA J 154 -46.42 -58.99 3.59
N ARG J 155 -45.94 -58.60 4.77
CA ARG J 155 -46.75 -57.80 5.68
C ARG J 155 -47.04 -56.43 5.08
N SER J 156 -46.05 -55.83 4.41
CA SER J 156 -46.28 -54.58 3.70
C SER J 156 -47.24 -54.78 2.52
N ALA J 157 -47.26 -55.97 1.94
CA ALA J 157 -48.18 -56.31 0.86
C ALA J 157 -49.50 -56.87 1.35
N GLY J 158 -49.67 -57.05 2.66
CA GLY J 158 -50.91 -57.53 3.23
C GLY J 158 -51.03 -59.03 3.38
N ASP J 159 -50.05 -59.80 2.91
CA ASP J 159 -50.10 -61.26 3.02
C ASP J 159 -49.61 -61.67 4.40
N LEU J 160 -50.55 -61.75 5.35
CA LEU J 160 -50.18 -62.07 6.72
C LEU J 160 -49.83 -63.54 6.89
N CYS J 161 -50.58 -64.44 6.24
CA CYS J 161 -50.37 -65.87 6.43
C CYS J 161 -49.03 -66.32 5.85
N HIS J 162 -48.66 -65.80 4.67
CA HIS J 162 -47.37 -66.15 4.08
C HIS J 162 -46.21 -65.64 4.94
N ALA J 163 -46.32 -64.42 5.45
CA ALA J 163 -45.29 -63.88 6.33
C ALA J 163 -45.18 -64.70 7.62
N ARG J 164 -46.33 -65.11 8.18
CA ARG J 164 -46.32 -65.94 9.38
C ARG J 164 -45.64 -67.28 9.11
N ASP J 165 -45.94 -67.90 7.96
CA ASP J 165 -45.30 -69.17 7.63
C ASP J 165 -43.80 -69.01 7.43
N LEU J 166 -43.38 -67.95 6.73
CA LEU J 166 -41.96 -67.74 6.46
C LEU J 166 -41.18 -67.51 7.75
N LEU J 167 -41.68 -66.62 8.61
CA LEU J 167 -40.95 -66.37 9.85
C LEU J 167 -41.11 -67.50 10.88
N ARG J 168 -42.16 -68.32 10.77
CA ARG J 168 -42.22 -69.53 11.58
C ARG J 168 -41.15 -70.53 11.14
N ARG J 169 -40.95 -70.68 9.83
CA ARG J 169 -39.87 -71.52 9.34
C ARG J 169 -38.51 -70.97 9.77
N ALA J 170 -38.36 -69.65 9.77
CA ALA J 170 -37.11 -69.04 10.24
C ALA J 170 -36.91 -69.28 11.73
N LEU J 171 -37.97 -69.16 12.53
CA LEU J 171 -37.88 -69.38 13.97
C LEU J 171 -37.66 -70.85 14.32
N ASP J 172 -38.05 -71.77 13.44
CA ASP J 172 -37.79 -73.18 13.68
C ASP J 172 -36.31 -73.53 13.56
N LEU J 173 -35.50 -72.63 12.99
CA LEU J 173 -34.07 -72.88 12.82
C LEU J 173 -33.27 -72.69 14.10
N TRP J 174 -33.86 -72.09 15.13
CA TRP J 174 -33.16 -71.87 16.40
C TRP J 174 -33.14 -73.19 17.18
N ASP J 175 -31.94 -73.71 17.43
CA ASP J 175 -31.78 -74.98 18.13
C ASP J 175 -31.49 -74.71 19.60
N GLY J 176 -32.54 -74.32 20.33
CA GLY J 176 -32.39 -74.08 21.75
C GLY J 176 -31.58 -72.84 22.04
N GLU J 177 -30.67 -72.95 23.01
CA GLU J 177 -29.83 -71.82 23.40
C GLU J 177 -28.85 -71.47 22.30
N VAL J 178 -28.69 -70.17 22.05
CA VAL J 178 -27.77 -69.69 21.03
C VAL J 178 -26.34 -69.90 21.51
N LEU J 179 -25.49 -70.46 20.65
CA LEU J 179 -24.06 -70.66 20.90
C LEU J 179 -23.84 -71.53 22.14
N ALA J 180 -24.30 -72.76 22.06
CA ALA J 180 -24.16 -73.69 23.18
C ALA J 180 -22.70 -74.13 23.31
N GLY J 181 -22.15 -73.98 24.51
CA GLY J 181 -20.76 -74.35 24.75
C GLY J 181 -19.74 -73.53 23.99
N VAL J 182 -20.01 -72.24 23.80
CA VAL J 182 -19.15 -71.35 23.03
C VAL J 182 -18.59 -70.30 23.99
N PRO J 183 -17.33 -70.39 24.40
CA PRO J 183 -16.77 -69.41 25.34
C PRO J 183 -16.34 -68.13 24.62
N GLY J 184 -15.94 -67.15 25.43
CA GLY J 184 -15.48 -65.87 24.93
C GLY J 184 -16.47 -64.76 25.16
N PRO J 185 -15.96 -63.53 25.33
CA PRO J 185 -16.87 -62.39 25.56
C PRO J 185 -17.67 -62.03 24.32
N TYR J 186 -17.04 -62.11 23.15
CA TYR J 186 -17.75 -61.89 21.90
C TYR J 186 -18.86 -62.92 21.71
N ALA J 187 -18.65 -64.14 22.23
CA ALA J 187 -19.73 -65.12 22.24
C ALA J 187 -20.90 -64.66 23.09
N GLN J 188 -20.63 -64.05 24.24
CA GLN J 188 -21.71 -63.52 25.07
C GLN J 188 -22.44 -62.39 24.37
N THR J 189 -21.70 -61.49 23.71
CA THR J 189 -22.34 -60.38 23.00
C THR J 189 -23.21 -60.90 21.85
N GLN J 190 -22.71 -61.87 21.10
CA GLN J 190 -23.50 -62.45 20.02
C GLN J 190 -24.70 -63.23 20.55
N ARG J 191 -24.56 -63.88 21.70
CA ARG J 191 -25.69 -64.55 22.33
C ARG J 191 -26.77 -63.56 22.70
N VAL J 192 -26.37 -62.43 23.28
CA VAL J 192 -27.34 -61.39 23.64
C VAL J 192 -28.02 -60.83 22.39
N ARG J 193 -27.24 -60.57 21.34
CA ARG J 193 -27.80 -60.01 20.12
C ARG J 193 -28.81 -60.95 19.47
N LEU J 194 -28.42 -62.22 19.30
CA LEU J 194 -29.32 -63.19 18.67
C LEU J 194 -30.52 -63.51 19.54
N GLY J 195 -30.35 -63.54 20.87
CA GLY J 195 -31.50 -63.74 21.74
C GLY J 195 -32.49 -62.59 21.68
N GLU J 196 -31.99 -61.35 21.64
CA GLU J 196 -32.87 -60.21 21.47
C GLU J 196 -33.58 -60.25 20.13
N TRP J 197 -32.86 -60.63 19.07
CA TRP J 197 -33.48 -60.73 17.75
C TRP J 197 -34.58 -61.79 17.73
N ARG J 198 -34.32 -62.95 18.35
CA ARG J 198 -35.33 -64.02 18.41
C ARG J 198 -36.53 -63.59 19.24
N LEU J 199 -36.29 -62.88 20.35
CA LEU J 199 -37.39 -62.40 21.17
C LEU J 199 -38.24 -61.39 20.42
N GLN J 200 -37.61 -60.51 19.64
CA GLN J 200 -38.35 -59.55 18.85
C GLN J 200 -39.12 -60.22 17.72
N LEU J 201 -38.55 -61.26 17.11
CA LEU J 201 -39.28 -62.03 16.11
C LEU J 201 -40.50 -62.71 16.72
N LEU J 202 -40.35 -63.28 17.92
CA LEU J 202 -41.49 -63.86 18.62
C LEU J 202 -42.52 -62.78 18.94
N GLU J 203 -42.07 -61.58 19.32
CA GLU J 203 -42.98 -60.49 19.64
C GLU J 203 -43.81 -60.07 18.43
N THR J 204 -43.16 -59.92 17.26
CA THR J 204 -43.92 -59.50 16.10
C THR J 204 -44.85 -60.61 15.59
N ARG J 205 -44.38 -61.86 15.62
CA ARG J 205 -45.26 -62.98 15.28
C ARG J 205 -46.46 -63.02 16.20
N LEU J 206 -46.25 -62.71 17.49
CA LEU J 206 -47.37 -62.73 18.47
C LEU J 206 -48.40 -61.66 18.14
N ASP J 207 -47.96 -60.42 17.87
CA ASP J 207 -48.90 -59.32 17.52
C ASP J 207 -49.62 -59.66 16.21
N MET J 208 -48.91 -60.26 15.24
CA MET J 208 -49.54 -60.68 13.97
C MET J 208 -50.59 -61.74 14.28
N ASP J 209 -50.30 -62.65 15.21
CA ASP J 209 -51.27 -63.71 15.60
C ASP J 209 -52.44 -63.08 16.36
N LEU J 210 -52.20 -62.05 17.17
CA LEU J 210 -53.32 -61.39 17.83
C LEU J 210 -54.20 -60.69 16.81
N ASP J 211 -53.59 -60.04 15.81
CA ASP J 211 -54.36 -59.42 14.73
C ASP J 211 -55.11 -60.45 13.89
N GLN J 212 -54.57 -61.67 13.78
CA GLN J 212 -55.22 -62.73 13.03
C GLN J 212 -56.30 -63.45 13.84
N GLY J 213 -56.43 -63.16 15.13
CA GLY J 213 -57.44 -63.78 15.96
C GLY J 213 -57.05 -65.10 16.58
N CYS J 214 -55.83 -65.58 16.36
CA CYS J 214 -55.35 -66.83 16.96
C CYS J 214 -54.77 -66.57 18.35
N HIS J 215 -55.66 -66.24 19.28
CA HIS J 215 -55.25 -65.87 20.63
C HIS J 215 -55.06 -67.07 21.55
N ALA J 216 -55.52 -68.26 21.14
CA ALA J 216 -55.51 -69.41 22.04
C ALA J 216 -54.09 -69.85 22.38
N GLU J 217 -53.26 -70.04 21.35
CA GLU J 217 -51.85 -70.36 21.60
C GLU J 217 -51.07 -69.12 22.01
N ALA J 218 -51.53 -67.94 21.59
CA ALA J 218 -50.83 -66.70 21.90
C ALA J 218 -50.84 -66.40 23.40
N VAL J 219 -51.96 -66.67 24.08
CA VAL J 219 -52.04 -66.45 25.52
C VAL J 219 -51.03 -67.34 26.25
N SER J 220 -50.98 -68.62 25.87
CA SER J 220 -50.03 -69.55 26.51
C SER J 220 -48.58 -69.14 26.25
N GLU J 221 -48.28 -68.76 25.01
CA GLU J 221 -46.92 -68.34 24.66
C GLU J 221 -46.53 -67.08 25.43
N LEU J 222 -47.45 -66.11 25.52
CA LEU J 222 -47.17 -64.87 26.22
C LEU J 222 -46.97 -65.11 27.71
N THR J 223 -47.80 -65.97 28.32
CA THR J 223 -47.62 -66.29 29.74
C THR J 223 -46.29 -66.98 29.98
N ALA J 224 -45.93 -67.92 29.10
CA ALA J 224 -44.65 -68.63 29.25
C ALA J 224 -43.47 -67.68 29.14
N LEU J 225 -43.50 -66.76 28.17
CA LEU J 225 -42.38 -65.84 28.01
C LEU J 225 -42.34 -64.79 29.10
N THR J 226 -43.49 -64.34 29.60
CA THR J 226 -43.49 -63.38 30.70
C THR J 226 -43.02 -64.03 32.00
N ALA J 227 -43.30 -65.32 32.18
CA ALA J 227 -42.67 -66.05 33.28
C ALA J 227 -41.16 -66.16 33.05
N ALA J 228 -40.74 -66.39 31.79
CA ALA J 228 -39.32 -66.48 31.50
C ALA J 228 -38.64 -65.11 31.51
N HIS J 229 -39.31 -64.09 30.95
CA HIS J 229 -38.72 -62.76 30.79
C HIS J 229 -39.67 -61.71 31.38
N PRO J 230 -39.64 -61.49 32.69
CA PRO J 230 -40.45 -60.41 33.27
C PRO J 230 -39.98 -59.03 32.87
N LEU J 231 -38.74 -58.88 32.39
CA LEU J 231 -38.15 -57.58 32.15
C LEU J 231 -38.74 -56.87 30.94
N ARG J 232 -39.25 -57.61 29.95
CA ARG J 232 -39.75 -57.02 28.71
C ARG J 232 -41.13 -56.44 28.95
N GLU J 233 -41.30 -55.15 28.66
CA GLU J 233 -42.58 -54.49 28.88
C GLU J 233 -43.45 -54.47 27.63
N ARG J 234 -42.84 -54.47 26.43
CA ARG J 234 -43.61 -54.58 25.20
C ARG J 234 -44.31 -55.92 25.10
N LEU J 235 -43.64 -56.99 25.53
CA LEU J 235 -44.26 -58.31 25.54
C LEU J 235 -45.44 -58.35 26.52
N ARG J 236 -45.29 -57.71 27.68
CA ARG J 236 -46.41 -57.62 28.61
C ARG J 236 -47.54 -56.75 28.07
N GLU J 237 -47.20 -55.72 27.28
CA GLU J 237 -48.22 -54.91 26.63
C GLU J 237 -49.02 -55.73 25.62
N LEU J 238 -48.33 -56.56 24.83
CA LEU J 238 -49.02 -57.46 23.92
C LEU J 238 -49.85 -58.49 24.67
N LEU J 239 -49.35 -58.95 25.82
CA LEU J 239 -50.12 -59.85 26.66
C LEU J 239 -51.40 -59.17 27.16
N MET J 240 -51.30 -57.90 27.55
CA MET J 240 -52.49 -57.16 27.99
C MET J 240 -53.48 -56.97 26.84
N LEU J 241 -52.95 -56.71 25.64
CA LEU J 241 -53.81 -56.62 24.46
C LEU J 241 -54.54 -57.93 24.20
N ALA J 242 -53.83 -59.05 24.32
CA ALA J 242 -54.47 -60.36 24.16
C ALA J 242 -55.53 -60.60 25.23
N LEU J 243 -55.23 -60.21 26.48
CA LEU J 243 -56.18 -60.36 27.57
C LEU J 243 -57.45 -59.57 27.31
N TYR J 244 -57.33 -58.34 26.83
CA TYR J 244 -58.51 -57.54 26.55
C TYR J 244 -59.25 -58.05 25.32
N ARG J 245 -58.52 -58.55 24.32
CA ARG J 245 -59.17 -58.99 23.09
C ARG J 245 -59.93 -60.29 23.26
N SER J 246 -59.40 -61.23 24.05
CA SER J 246 -60.04 -62.54 24.18
C SER J 246 -61.30 -62.50 25.04
N GLY J 247 -61.45 -61.53 25.94
CA GLY J 247 -62.73 -61.29 26.59
C GLY J 247 -62.75 -61.27 28.11
N ARG J 248 -61.63 -61.51 28.79
CA ARG J 248 -61.61 -61.40 30.25
C ARG J 248 -60.92 -60.10 30.65
N GLN J 249 -61.50 -59.43 31.65
CA GLN J 249 -61.17 -58.05 31.99
C GLN J 249 -60.50 -57.88 33.35
N ALA J 250 -61.06 -58.50 34.40
CA ALA J 250 -60.57 -58.25 35.75
C ALA J 250 -59.15 -58.78 35.96
N GLU J 251 -58.87 -59.98 35.46
CA GLU J 251 -57.53 -60.53 35.63
C GLU J 251 -56.54 -59.81 34.72
N ALA J 252 -57.02 -59.21 33.63
CA ALA J 252 -56.17 -58.31 32.84
C ALA J 252 -55.76 -57.09 33.66
N LEU J 253 -56.70 -56.54 34.43
CA LEU J 253 -56.35 -55.44 35.33
C LEU J 253 -55.41 -55.91 36.43
N ALA J 254 -55.54 -57.17 36.86
CA ALA J 254 -54.57 -57.73 37.80
C ALA J 254 -53.18 -57.81 37.18
N VAL J 255 -53.11 -58.20 35.90
CA VAL J 255 -51.83 -58.23 35.19
C VAL J 255 -51.23 -56.83 35.09
N TYR J 256 -52.06 -55.84 34.78
CA TYR J 256 -51.58 -54.46 34.71
C TYR J 256 -51.09 -53.98 36.06
N ALA J 257 -51.80 -54.33 37.14
CA ALA J 257 -51.36 -53.96 38.48
C ALA J 257 -50.05 -54.65 38.84
N ASP J 258 -49.87 -55.90 38.40
CA ASP J 258 -48.61 -56.61 38.62
C ASP J 258 -47.46 -55.92 37.89
N THR J 259 -47.69 -55.50 36.65
CA THR J 259 -46.67 -54.76 35.92
C THR J 259 -46.35 -53.44 36.61
N ARG J 260 -47.37 -52.74 37.10
CA ARG J 260 -47.15 -51.46 37.78
C ARG J 260 -46.36 -51.64 39.07
N ARG J 261 -46.70 -52.65 39.87
CA ARG J 261 -45.98 -52.85 41.12
C ARG J 261 -44.57 -53.35 40.88
N LEU J 262 -44.36 -54.17 39.83
CA LEU J 262 -43.01 -54.57 39.47
C LEU J 262 -42.17 -53.38 39.04
N LEU J 263 -42.76 -52.49 38.24
CA LEU J 263 -42.06 -51.28 37.80
C LEU J 263 -41.73 -50.38 38.97
N ALA J 264 -42.66 -50.25 39.93
CA ALA J 264 -42.42 -49.40 41.09
C ALA J 264 -41.37 -50.00 42.02
N ASP J 265 -41.40 -51.32 42.21
CA ASP J 265 -40.46 -51.96 43.14
C ASP J 265 -39.06 -52.01 42.57
N GLU J 266 -38.93 -52.34 41.29
CA GLU J 266 -37.59 -52.50 40.72
C GLU J 266 -37.01 -51.18 40.22
N LEU J 267 -37.79 -50.40 39.46
CA LEU J 267 -37.25 -49.24 38.77
C LEU J 267 -37.89 -47.93 39.20
N GLY J 268 -39.22 -47.87 39.29
CA GLY J 268 -39.90 -46.74 39.91
C GLY J 268 -40.36 -45.61 38.99
N VAL J 269 -40.48 -45.84 37.68
CA VAL J 269 -41.04 -44.80 36.83
C VAL J 269 -42.56 -44.99 36.78
N ASP J 270 -43.27 -43.92 36.44
CA ASP J 270 -44.67 -44.05 36.08
C ASP J 270 -44.80 -44.87 34.79
N PRO J 271 -45.94 -45.54 34.59
CA PRO J 271 -46.13 -46.28 33.34
C PRO J 271 -46.05 -45.38 32.11
N ARG J 272 -45.51 -45.94 31.04
CA ARG J 272 -45.24 -45.15 29.84
C ARG J 272 -46.55 -44.72 29.17
N PRO J 273 -46.52 -43.60 28.42
CA PRO J 273 -47.76 -43.10 27.81
C PRO J 273 -48.43 -44.08 26.85
N GLY J 274 -47.68 -44.93 26.17
CA GLY J 274 -48.30 -45.96 25.35
C GLY J 274 -49.04 -47.00 26.18
N LEU J 275 -48.42 -47.46 27.27
CA LEU J 275 -49.05 -48.42 28.16
C LEU J 275 -50.27 -47.81 28.84
N GLN J 276 -50.15 -46.55 29.28
CA GLN J 276 -51.28 -45.88 29.91
C GLN J 276 -52.42 -45.64 28.91
N GLU J 277 -52.07 -45.32 27.66
CA GLU J 277 -53.09 -45.15 26.63
C GLU J 277 -53.82 -46.47 26.35
N LEU J 278 -53.08 -47.58 26.28
CA LEU J 278 -53.71 -48.88 26.11
C LEU J 278 -54.60 -49.22 27.31
N GLN J 279 -54.13 -48.91 28.52
CA GLN J 279 -54.89 -49.21 29.72
C GLN J 279 -56.18 -48.40 29.78
N GLN J 280 -56.13 -47.11 29.41
CA GLN J 280 -57.34 -46.30 29.44
C GLN J 280 -58.27 -46.62 28.28
N ARG J 281 -57.74 -47.10 27.15
CA ARG J 281 -58.62 -47.58 26.08
C ARG J 281 -59.31 -48.87 26.49
N ILE J 282 -58.60 -49.73 27.23
CA ILE J 282 -59.20 -50.97 27.72
C ILE J 282 -60.26 -50.68 28.78
N LEU J 283 -59.99 -49.72 29.67
CA LEU J 283 -60.95 -49.37 30.71
C LEU J 283 -62.20 -48.72 30.13
N GLN J 284 -62.07 -48.00 29.02
CA GLN J 284 -63.21 -47.33 28.40
C GLN J 284 -64.01 -48.26 27.48
N ALA J 285 -63.57 -49.51 27.33
CA ALA J 285 -64.23 -50.51 26.47
C ALA J 285 -64.33 -50.01 25.03
N ASP J 286 -63.16 -49.81 24.43
CA ASP J 286 -63.08 -49.31 23.06
C ASP J 286 -63.51 -50.42 22.09
N PRO J 287 -64.55 -50.20 21.27
CA PRO J 287 -64.95 -51.24 20.31
C PRO J 287 -63.96 -51.42 19.17
N ALA J 288 -63.05 -50.47 18.95
CA ALA J 288 -62.08 -50.62 17.86
C ALA J 288 -61.08 -51.73 18.15
N LEU J 289 -60.67 -51.88 19.41
CA LEU J 289 -59.74 -52.94 19.77
C LEU J 289 -60.41 -54.30 19.70
N ALA J 290 -61.68 -54.38 20.08
CA ALA J 290 -62.42 -55.64 20.04
C ALA J 290 -63.02 -55.89 18.67
N THR K 239 -15.33 -26.91 58.86
CA THR K 239 -16.44 -27.81 58.58
C THR K 239 -17.35 -27.23 57.50
N ASP K 240 -17.19 -25.93 57.22
CA ASP K 240 -17.97 -25.29 56.17
C ASP K 240 -17.60 -25.84 54.79
N ALA K 241 -16.30 -26.09 54.56
CA ALA K 241 -15.88 -26.72 53.32
C ALA K 241 -16.42 -28.15 53.21
N ALA K 242 -16.46 -28.85 54.34
CA ALA K 242 -17.03 -30.20 54.36
C ALA K 242 -18.52 -30.17 54.03
N LEU K 243 -19.24 -29.18 54.55
CA LEU K 243 -20.67 -29.04 54.23
C LEU K 243 -20.86 -28.68 52.76
N ALA K 244 -20.00 -27.81 52.22
CA ALA K 244 -20.09 -27.48 50.80
C ALA K 244 -19.82 -28.70 49.92
N ALA K 245 -18.84 -29.53 50.32
CA ALA K 245 -18.57 -30.76 49.58
C ALA K 245 -19.73 -31.74 49.69
N ASP K 246 -20.34 -31.84 50.86
CA ASP K 246 -21.48 -32.74 51.03
C ASP K 246 -22.73 -32.24 50.32
N LEU K 247 -22.78 -30.94 50.02
CA LEU K 247 -23.87 -30.41 49.21
C LEU K 247 -23.55 -30.46 47.71
N ALA K 248 -22.27 -30.54 47.34
CA ALA K 248 -21.88 -30.36 45.95
C ALA K 248 -21.82 -31.66 45.15
N LEU K 249 -21.56 -32.80 45.80
CA LEU K 249 -21.36 -34.04 45.05
C LEU K 249 -22.67 -34.50 44.41
N PRO K 250 -22.60 -35.15 43.25
CA PRO K 250 -23.82 -35.60 42.58
C PRO K 250 -24.44 -36.79 43.29
N ILE K 251 -25.62 -37.18 42.79
CA ILE K 251 -26.38 -38.28 43.38
C ILE K 251 -25.73 -39.63 43.12
N GLU K 252 -24.87 -39.74 42.10
CA GLU K 252 -24.29 -41.03 41.74
C GLU K 252 -23.38 -41.57 42.83
N GLU K 253 -22.77 -40.69 43.62
CA GLU K 253 -21.94 -41.13 44.74
C GLU K 253 -22.77 -41.52 45.97
N LEU K 254 -24.08 -41.31 45.93
CA LEU K 254 -24.92 -41.67 47.07
C LEU K 254 -25.08 -43.18 47.20
N GLU K 255 -24.92 -43.92 46.09
CA GLU K 255 -24.72 -45.37 46.09
C GLU K 255 -25.90 -46.14 46.66
N LEU K 256 -27.12 -45.75 46.32
CA LEU K 256 -28.29 -46.53 46.67
C LEU K 256 -28.90 -47.17 45.42
N THR K 257 -30.04 -47.83 45.59
CA THR K 257 -30.61 -48.66 44.54
C THR K 257 -31.14 -47.81 43.39
N VAL K 258 -31.45 -48.48 42.28
CA VAL K 258 -31.87 -47.77 41.07
C VAL K 258 -33.28 -47.22 41.22
N ARG K 259 -34.09 -47.81 42.11
CA ARG K 259 -35.49 -47.41 42.23
C ARG K 259 -35.62 -45.98 42.75
N SER K 260 -35.11 -45.72 43.96
CA SER K 260 -35.21 -44.39 44.55
C SER K 260 -34.37 -43.38 43.77
N TYR K 261 -33.25 -43.83 43.20
CA TYR K 261 -32.43 -42.94 42.37
C TYR K 261 -33.20 -42.46 41.14
N ASN K 262 -33.89 -43.37 40.46
CA ASN K 262 -34.72 -42.98 39.32
C ASN K 262 -35.89 -42.11 39.76
N CYS K 263 -36.47 -42.42 40.92
CA CYS K 263 -37.61 -41.63 41.42
C CYS K 263 -37.19 -40.20 41.70
N LEU K 264 -36.02 -40.00 42.30
CA LEU K 264 -35.56 -38.64 42.58
C LEU K 264 -35.04 -37.94 41.33
N LYS K 265 -34.47 -38.68 40.38
CA LYS K 265 -33.99 -38.05 39.16
C LYS K 265 -35.13 -37.66 38.23
N ARG K 266 -36.27 -38.36 38.32
CA ARG K 266 -37.44 -37.96 37.55
C ARG K 266 -37.94 -36.59 37.97
N GLU K 267 -37.95 -36.32 39.28
CA GLU K 267 -38.41 -35.03 39.78
C GLU K 267 -37.45 -33.89 39.53
N GLY K 268 -36.24 -34.19 39.06
CA GLY K 268 -35.24 -33.17 38.79
C GLY K 268 -34.17 -33.01 39.84
N ILE K 269 -34.14 -33.86 40.87
CA ILE K 269 -33.14 -33.77 41.91
C ILE K 269 -31.87 -34.47 41.43
N HIS K 270 -30.77 -33.73 41.38
CA HIS K 270 -29.49 -34.25 40.93
C HIS K 270 -28.36 -34.02 41.92
N SER K 271 -28.64 -33.49 43.09
CA SER K 271 -27.63 -33.22 44.11
C SER K 271 -28.18 -33.60 45.48
N VAL K 272 -27.25 -33.84 46.41
CA VAL K 272 -27.64 -34.19 47.77
C VAL K 272 -28.29 -32.99 48.47
N GLY K 273 -27.75 -31.79 48.24
CA GLY K 273 -28.33 -30.61 48.84
C GLY K 273 -29.73 -30.29 48.37
N GLU K 274 -30.02 -30.60 47.11
CA GLU K 274 -31.38 -30.42 46.59
C GLU K 274 -32.38 -31.32 47.31
N LEU K 275 -31.99 -32.58 47.57
CA LEU K 275 -32.84 -33.48 48.34
C LEU K 275 -32.95 -33.05 49.80
N VAL K 276 -31.86 -32.52 50.36
CA VAL K 276 -31.88 -32.05 51.75
C VAL K 276 -32.85 -30.87 51.89
N ALA K 277 -32.82 -29.94 50.94
CA ALA K 277 -33.68 -28.76 51.00
C ALA K 277 -35.16 -29.11 50.90
N ARG K 278 -35.51 -30.25 50.33
CA ARG K 278 -36.90 -30.69 50.28
C ARG K 278 -37.35 -31.20 51.64
N SER K 279 -38.61 -30.93 51.97
CA SER K 279 -39.19 -31.39 53.22
C SER K 279 -39.61 -32.85 53.10
N GLU K 280 -40.16 -33.40 54.19
CA GLU K 280 -40.59 -34.79 54.20
C GLU K 280 -41.78 -35.00 53.26
N ALA K 281 -42.75 -34.09 53.31
CA ALA K 281 -43.91 -34.19 52.42
C ALA K 281 -43.53 -34.03 50.96
N ASP K 282 -42.36 -33.46 50.68
CA ASP K 282 -41.92 -33.32 49.29
C ASP K 282 -41.60 -34.68 48.66
N LEU K 283 -40.93 -35.56 49.40
CA LEU K 283 -40.61 -36.88 48.86
C LEU K 283 -41.63 -37.95 49.21
N LEU K 284 -42.53 -37.69 50.17
CA LEU K 284 -43.69 -38.57 50.29
C LEU K 284 -44.82 -38.20 49.33
N ASP K 285 -44.69 -37.10 48.58
CA ASP K 285 -45.60 -36.85 47.46
C ASP K 285 -45.09 -37.43 46.15
N ILE K 286 -43.93 -38.06 46.14
CA ILE K 286 -43.38 -38.64 44.92
C ILE K 286 -44.13 -39.92 44.58
N ARG K 287 -44.56 -40.04 43.34
CA ARG K 287 -45.24 -41.24 42.88
C ARG K 287 -44.30 -42.44 42.90
N ASN K 288 -44.84 -43.60 43.27
CA ASN K 288 -44.10 -44.87 43.35
C ASN K 288 -42.90 -44.75 44.30
N PHE K 289 -43.11 -44.08 45.44
CA PHE K 289 -42.07 -43.92 46.46
C PHE K 289 -42.61 -44.47 47.77
N GLY K 290 -42.33 -45.73 48.04
CA GLY K 290 -42.84 -46.39 49.23
C GLY K 290 -42.05 -46.08 50.47
N ALA K 291 -42.48 -46.68 51.59
CA ALA K 291 -41.83 -46.44 52.87
C ALA K 291 -40.45 -47.09 52.92
N LYS K 292 -40.25 -48.20 52.20
CA LYS K 292 -38.94 -48.83 52.14
C LYS K 292 -37.93 -47.91 51.45
N SER K 293 -38.37 -47.18 50.42
CA SER K 293 -37.50 -46.20 49.77
C SER K 293 -37.08 -45.10 50.74
N ILE K 294 -38.04 -44.61 51.54
CA ILE K 294 -37.73 -43.57 52.52
C ILE K 294 -36.75 -44.09 53.56
N ASP K 295 -36.95 -45.32 54.03
CA ASP K 295 -36.06 -45.90 55.03
C ASP K 295 -34.65 -46.09 54.46
N GLU K 296 -34.56 -46.57 53.22
CA GLU K 296 -33.25 -46.76 52.59
C GLU K 296 -32.54 -45.43 52.40
N VAL K 297 -33.25 -44.40 51.94
CA VAL K 297 -32.65 -43.08 51.76
C VAL K 297 -32.19 -42.52 53.11
N LYS K 298 -33.02 -42.68 54.15
CA LYS K 298 -32.68 -42.18 55.48
C LYS K 298 -31.43 -42.86 56.02
N ALA K 299 -31.33 -44.18 55.86
CA ALA K 299 -30.11 -44.89 56.26
C ALA K 299 -28.92 -44.42 55.43
N LYS K 300 -29.14 -44.11 54.15
CA LYS K 300 -28.05 -43.68 53.28
C LYS K 300 -27.45 -42.35 53.74
N LEU K 301 -28.31 -41.38 54.06
CA LEU K 301 -27.84 -40.05 54.54
C LEU K 301 -27.33 -40.19 55.97
N ALA K 302 -27.87 -41.16 56.73
CA ALA K 302 -27.42 -41.39 58.09
C ALA K 302 -25.98 -41.91 58.10
N GLY K 303 -25.62 -42.70 57.09
CA GLY K 303 -24.23 -43.07 56.91
C GLY K 303 -23.33 -41.87 56.63
N MET K 304 -23.88 -40.87 55.94
CA MET K 304 -23.12 -39.66 55.61
C MET K 304 -23.14 -38.63 56.73
N GLY K 305 -23.98 -38.80 57.76
CA GLY K 305 -23.96 -37.93 58.91
C GLY K 305 -24.90 -36.75 58.88
N LEU K 306 -25.60 -36.51 57.77
CA LEU K 306 -26.56 -35.42 57.69
C LEU K 306 -27.99 -35.96 57.66
N ALA K 307 -28.95 -35.03 57.76
CA ALA K 307 -30.34 -35.42 57.93
C ALA K 307 -31.24 -34.57 57.05
N LEU K 308 -32.54 -34.86 57.11
CA LEU K 308 -33.53 -34.18 56.28
C LEU K 308 -33.89 -32.82 56.87
N LYS K 309 -34.67 -32.06 56.10
CA LYS K 309 -35.27 -30.83 56.61
C LYS K 309 -36.48 -31.16 57.47
N ASP K 310 -36.61 -30.42 58.58
CA ASP K 310 -37.71 -30.59 59.55
C ASP K 310 -37.77 -32.02 60.09
N SER K 311 -36.61 -32.60 60.36
CA SER K 311 -36.53 -33.96 60.88
C SER K 311 -35.55 -34.05 62.04
MG MG N . -4.18 18.59 6.70
ZN ZN O . 23.36 -35.14 0.00
ZN ZN P . 29.13 24.12 31.54
#